data_3JA7
#
_entry.id   3JA7
#
_cell.length_a   1
_cell.length_b   1
_cell.length_c   1
_cell.angle_alpha   90
_cell.angle_beta   90
_cell.angle_gamma   90
#
_symmetry.space_group_name_H-M   'P 1'
#
_entity_poly.entity_id   1
_entity_poly.type   'polypeptide(L)'
_entity_poly.pdbx_seq_one_letter_code
;NWISELIDTYRNLMNNYEVDNAVSEIVSDAIVYEDDTEVVALNLDKSKFSPKIKNMMLDEFSDVLNHLSFQRKGSDHFRR
WYVDSRIFFHKIIDPKRPKEGIKELRRLDPRQVQYVREIITETEAGTKIVKGYKEYFIYDTAHESYACDGRMYEAGTKIK
IPKAAVVYAHSGLVDCCGKNIIGYLHRAVKPANQLKLLEDAVVIYRITRAPDRRVWYVDTGNMPARKAAEHMQHVMNTMK
NRVVYDASTGKIKNQQHNMSMTEDYWLQRRDGKAVTEVDTLPGADNTGNMEDIRWFRQALYMALRVPLSRIPQDQQGGVM
FDSGTSITRDELTFAKFIRELQHKFEEVFLDPLKTNLLLKGIITEDEWNDEINNIKIEFHRDSYFAELKEAEILERRINM
LTMAEPFIGKYISHRTAMKDILQMTDEEIEQEAKQIEEESKEARFQDPDQEQEDF
;
_entity_poly.pdbx_strand_id   A,B,C,D,E,F,G,H,I,J,K,L
#
# COMPACT_ATOMS: atom_id res chain seq x y z
N ASN A 1 -29.21 27.72 47.75
CA ASN A 1 -28.68 26.38 47.99
C ASN A 1 -28.39 25.61 46.69
N TRP A 2 -29.36 25.61 45.78
CA TRP A 2 -29.18 25.00 44.47
C TRP A 2 -28.07 25.70 43.71
N ILE A 3 -28.03 27.02 43.85
CA ILE A 3 -26.94 27.85 43.36
C ILE A 3 -25.61 27.35 43.91
N SER A 4 -25.62 26.97 45.19
CA SER A 4 -24.42 26.57 45.90
C SER A 4 -23.96 25.15 45.57
N GLU A 5 -24.90 24.26 45.27
CA GLU A 5 -24.54 22.90 44.85
C GLU A 5 -23.96 22.91 43.42
N LEU A 6 -24.40 23.89 42.65
CA LEU A 6 -23.94 24.07 41.28
C LEU A 6 -22.48 24.45 41.24
N ILE A 7 -22.10 25.44 42.04
CA ILE A 7 -20.71 25.89 42.07
C ILE A 7 -19.84 24.83 42.73
N ASP A 8 -20.47 23.80 43.30
CA ASP A 8 -19.69 22.68 43.78
C ASP A 8 -19.24 21.85 42.58
N THR A 9 -20.22 21.36 41.83
CA THR A 9 -19.93 20.44 40.72
C THR A 9 -19.05 21.03 39.61
N TYR A 10 -19.10 22.34 39.43
CA TYR A 10 -18.17 23.02 38.53
C TYR A 10 -16.76 22.90 39.06
N ARG A 11 -16.61 23.04 40.37
CA ARG A 11 -15.28 23.04 40.96
C ARG A 11 -14.82 21.62 41.13
N ASN A 12 -15.72 20.66 40.94
CA ASN A 12 -15.31 19.27 40.89
C ASN A 12 -15.28 18.81 39.44
N LEU A 13 -15.28 19.79 38.54
CA LEU A 13 -15.01 19.57 37.12
C LEU A 13 -13.56 19.97 36.89
N MET A 14 -13.13 20.95 37.66
CA MET A 14 -11.76 21.42 37.58
C MET A 14 -10.83 20.44 38.22
N ASN A 15 -11.35 19.64 39.16
CA ASN A 15 -10.55 18.72 39.96
C ASN A 15 -9.85 17.73 39.05
N ASN A 16 -10.64 17.33 38.05
CA ASN A 16 -10.25 16.44 36.96
C ASN A 16 -9.25 17.17 36.06
N TYR A 17 -8.51 16.41 35.25
CA TYR A 17 -7.45 16.97 34.44
C TYR A 17 -8.05 17.24 33.05
N GLU A 18 -7.36 18.03 32.25
CA GLU A 18 -7.84 18.34 30.90
C GLU A 18 -8.83 19.47 31.01
N VAL A 19 -9.81 19.33 31.90
CA VAL A 19 -10.78 20.40 32.12
C VAL A 19 -9.92 21.53 32.65
N ASP A 20 -8.98 21.16 33.53
CA ASP A 20 -8.03 22.09 34.11
C ASP A 20 -7.12 22.62 33.00
N ASN A 21 -6.72 21.73 32.08
CA ASN A 21 -5.85 22.16 30.98
C ASN A 21 -6.59 23.14 30.05
N ALA A 22 -7.86 22.86 29.76
CA ALA A 22 -8.65 23.66 28.81
C ALA A 22 -9.21 24.95 29.41
N VAL A 23 -9.52 24.94 30.71
CA VAL A 23 -10.01 26.13 31.37
C VAL A 23 -8.90 27.15 31.54
N SER A 24 -7.70 26.64 31.79
CA SER A 24 -6.55 27.52 31.94
C SER A 24 -5.91 27.76 30.61
N GLU A 25 -6.51 27.21 29.58
CA GLU A 25 -6.18 27.65 28.25
C GLU A 25 -6.70 29.08 28.07
N ILE A 26 -8.00 29.24 28.33
CA ILE A 26 -8.72 30.51 28.34
C ILE A 26 -8.06 31.60 29.22
N VAL A 27 -7.92 31.33 30.52
CA VAL A 27 -7.48 32.35 31.45
C VAL A 27 -6.05 32.71 31.18
N SER A 28 -5.37 31.88 30.40
CA SER A 28 -4.00 32.19 30.03
C SER A 28 -3.96 33.26 28.98
N ASP A 29 -5.05 33.38 28.21
CA ASP A 29 -5.14 34.47 27.24
C ASP A 29 -6.42 35.31 27.36
N ALA A 30 -7.20 35.08 28.40
CA ALA A 30 -8.32 35.98 28.66
C ALA A 30 -7.85 37.15 29.51
N ILE A 31 -6.72 36.97 30.20
CA ILE A 31 -5.95 38.09 30.76
C ILE A 31 -4.45 37.78 30.74
N VAL A 32 -3.73 38.24 29.74
CA VAL A 32 -2.36 37.76 29.62
C VAL A 32 -1.27 38.74 30.07
N TYR A 33 -0.69 38.43 31.23
CA TYR A 33 0.46 39.18 31.71
C TYR A 33 1.55 39.12 30.68
N GLU A 34 2.21 40.25 30.46
CA GLU A 34 3.44 40.25 29.71
C GLU A 34 4.43 41.14 30.42
N ASP A 35 5.71 40.98 30.10
CA ASP A 35 6.75 41.80 30.71
C ASP A 35 6.69 43.22 30.19
N ASP A 36 6.88 44.19 31.08
CA ASP A 36 6.85 45.60 30.69
C ASP A 36 5.42 46.04 30.39
N THR A 37 4.78 45.36 29.45
CA THR A 37 3.42 45.67 29.05
C THR A 37 2.43 45.46 30.20
N GLU A 38 1.44 46.34 30.29
CA GLU A 38 0.42 46.26 31.33
C GLU A 38 -0.83 45.51 30.89
N VAL A 39 -1.63 45.12 31.87
CA VAL A 39 -2.87 44.39 31.66
C VAL A 39 -4.05 45.29 32.10
N VAL A 40 -5.21 45.12 31.47
CA VAL A 40 -6.45 45.87 31.80
C VAL A 40 -6.49 47.42 31.82
N ALA A 41 -5.97 48.07 30.77
CA ALA A 41 -5.98 49.55 30.68
C ALA A 41 -7.37 50.18 30.47
N LEU A 42 -7.55 51.43 30.93
CA LEU A 42 -8.80 52.15 30.81
C LEU A 42 -8.76 53.09 29.62
N ASN A 43 -9.01 52.56 28.44
CA ASN A 43 -9.02 53.38 27.23
C ASN A 43 -10.11 54.44 27.32
N LEU A 44 -9.70 55.70 27.27
CA LEU A 44 -10.66 56.78 27.29
C LEU A 44 -10.61 57.39 25.90
N ASP A 45 -11.64 57.12 25.11
CA ASP A 45 -11.70 57.67 23.76
C ASP A 45 -13.11 58.22 23.57
N LYS A 46 -13.42 59.23 24.37
CA LYS A 46 -14.74 59.85 24.31
C LYS A 46 -14.66 61.27 24.85
N SER A 47 -15.64 62.08 24.48
CA SER A 47 -15.72 63.47 24.93
C SER A 47 -15.71 63.55 26.46
N LYS A 48 -14.64 64.12 27.00
CA LYS A 48 -14.53 64.34 28.43
C LYS A 48 -14.22 65.80 28.69
N PHE A 49 -14.74 66.34 29.80
CA PHE A 49 -14.68 67.77 30.07
C PHE A 49 -13.25 68.32 30.14
N SER A 50 -12.38 67.63 30.87
CA SER A 50 -11.01 68.11 31.07
C SER A 50 -9.97 67.14 30.55
N PRO A 51 -8.85 67.67 30.04
CA PRO A 51 -7.68 66.87 29.70
C PRO A 51 -7.05 66.31 30.97
N LYS A 52 -7.35 66.93 32.10
CA LYS A 52 -6.83 66.49 33.39
C LYS A 52 -7.69 65.40 34.03
N ILE A 53 -9.01 65.50 33.90
CA ILE A 53 -9.88 64.49 34.50
C ILE A 53 -9.77 63.14 33.80
N LYS A 54 -9.58 63.15 32.47
CA LYS A 54 -9.50 61.91 31.71
C LYS A 54 -8.24 61.14 32.10
N ASN A 55 -7.17 61.87 32.46
CA ASN A 55 -5.96 61.23 32.97
C ASN A 55 -6.03 61.09 34.48
N MET A 56 -7.00 61.76 35.10
CA MET A 56 -7.13 61.71 36.55
C MET A 56 -7.63 60.34 36.99
N MET A 57 -8.33 59.65 36.10
CA MET A 57 -8.84 58.31 36.38
C MET A 57 -7.74 57.34 36.77
N LEU A 58 -6.52 57.61 36.34
CA LEU A 58 -5.43 56.69 36.61
C LEU A 58 -5.14 56.70 38.12
N ASP A 59 -5.27 57.88 38.73
CA ASP A 59 -5.20 58.00 40.19
C ASP A 59 -6.31 57.15 40.81
N GLU A 60 -7.40 57.03 40.08
CA GLU A 60 -8.55 56.24 40.51
C GLU A 60 -8.42 54.79 40.05
N PHE A 61 -8.11 54.59 38.78
CA PHE A 61 -8.17 53.26 38.16
C PHE A 61 -6.90 52.43 38.34
N SER A 62 -5.73 53.05 38.14
CA SER A 62 -4.48 52.33 38.39
C SER A 62 -4.37 51.96 39.88
N ASP A 63 -5.26 52.55 40.68
CA ASP A 63 -5.35 52.27 42.11
C ASP A 63 -6.46 51.26 42.41
N VAL A 64 -7.51 51.21 41.58
CA VAL A 64 -8.61 50.29 41.83
C VAL A 64 -8.20 48.85 41.50
N LEU A 65 -7.13 48.74 40.72
CA LEU A 65 -6.53 47.44 40.44
C LEU A 65 -5.76 46.93 41.67
N ASN A 66 -5.06 47.86 42.32
CA ASN A 66 -4.30 47.56 43.53
C ASN A 66 -5.15 46.88 44.60
N HIS A 67 -6.42 47.29 44.71
CA HIS A 67 -7.32 46.74 45.73
C HIS A 67 -7.64 45.29 45.40
N LEU A 68 -7.76 45.00 44.11
CA LEU A 68 -7.94 43.64 43.65
C LEU A 68 -6.61 42.92 43.73
N SER A 69 -5.56 43.71 43.98
CA SER A 69 -4.18 43.26 43.86
C SER A 69 -4.03 42.56 42.50
N PHE A 70 -4.65 43.15 41.49
CA PHE A 70 -4.88 42.48 40.22
C PHE A 70 -3.61 42.04 39.48
N GLN A 71 -2.50 42.72 39.74
CA GLN A 71 -1.28 42.47 38.97
C GLN A 71 -0.69 41.07 39.21
N ARG A 72 -0.86 40.53 40.41
CA ARG A 72 -0.38 39.20 40.69
C ARG A 72 -1.52 38.26 41.08
N LYS A 73 -2.73 38.81 41.17
CA LYS A 73 -3.90 38.04 41.60
C LYS A 73 -5.03 38.13 40.60
N GLY A 74 -4.71 38.41 39.35
CA GLY A 74 -5.75 38.56 38.33
C GLY A 74 -6.24 37.26 37.74
N SER A 75 -5.31 36.42 37.30
CA SER A 75 -5.65 35.20 36.61
C SER A 75 -6.15 34.16 37.59
N ASP A 76 -6.48 34.60 38.79
CA ASP A 76 -7.18 33.71 39.69
C ASP A 76 -8.59 34.26 39.89
N HIS A 77 -8.71 35.59 40.00
CA HIS A 77 -10.01 36.24 40.17
C HIS A 77 -10.93 35.97 38.98
N PHE A 78 -10.34 35.86 37.79
CA PHE A 78 -11.06 35.61 36.54
C PHE A 78 -11.34 34.13 36.39
N ARG A 79 -10.32 33.32 36.58
CA ARG A 79 -10.46 31.88 36.59
C ARG A 79 -11.45 31.45 37.64
N ARG A 80 -11.72 32.32 38.60
CA ARG A 80 -12.78 32.04 39.55
C ARG A 80 -14.16 32.44 38.99
N TRP A 81 -14.23 33.59 38.33
CA TRP A 81 -15.46 34.08 37.68
C TRP A 81 -16.01 33.07 36.71
N TYR A 82 -15.10 32.51 35.93
CA TYR A 82 -15.44 31.64 34.82
C TYR A 82 -15.88 30.31 35.34
N VAL A 83 -15.19 29.79 36.34
CA VAL A 83 -15.46 28.44 36.77
C VAL A 83 -16.48 28.37 37.91
N ASP A 84 -16.46 29.39 38.75
CA ASP A 84 -17.37 29.56 39.88
C ASP A 84 -18.80 29.74 39.41
N SER A 85 -18.95 30.47 38.30
CA SER A 85 -20.23 30.81 37.70
C SER A 85 -20.80 32.08 38.33
N ARG A 86 -19.98 32.71 39.18
CA ARG A 86 -20.36 33.95 39.84
C ARG A 86 -19.15 34.44 40.63
N ILE A 87 -19.11 35.74 40.96
CA ILE A 87 -17.99 36.24 41.73
C ILE A 87 -18.43 37.52 42.40
N PHE A 88 -18.28 37.59 43.72
CA PHE A 88 -18.76 38.71 44.48
C PHE A 88 -17.61 39.39 45.23
N PHE A 89 -17.45 40.69 45.05
CA PHE A 89 -16.54 41.43 45.89
C PHE A 89 -17.34 42.35 46.81
N HIS A 90 -17.20 42.15 48.11
CA HIS A 90 -17.78 43.08 49.09
C HIS A 90 -16.98 44.36 49.08
N LYS A 91 -17.66 45.47 49.29
CA LYS A 91 -16.98 46.76 49.26
C LYS A 91 -17.06 47.44 50.62
N ILE A 92 -15.90 47.75 51.15
CA ILE A 92 -15.80 48.45 52.41
C ILE A 92 -15.74 49.96 52.18
N ILE A 93 -16.79 50.65 52.57
CA ILE A 93 -16.81 52.11 52.51
C ILE A 93 -17.85 52.63 53.51
N ASP A 94 -17.43 53.59 54.33
CA ASP A 94 -16.08 54.11 54.23
C ASP A 94 -15.25 54.06 55.53
N PRO A 95 -15.87 54.19 56.73
CA PRO A 95 -17.21 54.46 57.27
C PRO A 95 -17.51 55.95 57.32
N LYS A 96 -16.43 56.70 57.37
CA LYS A 96 -16.43 58.15 57.34
C LYS A 96 -14.95 58.53 57.23
N ARG A 97 -14.65 59.63 56.54
CA ARG A 97 -15.62 60.57 56.01
C ARG A 97 -15.97 60.19 54.56
N PRO A 98 -17.06 60.74 54.01
CA PRO A 98 -17.30 60.47 52.59
C PRO A 98 -16.16 61.01 51.72
N LYS A 99 -16.01 60.47 50.52
CA LYS A 99 -14.97 60.88 49.58
C LYS A 99 -13.56 60.70 50.15
N GLU A 100 -13.41 59.78 51.10
CA GLU A 100 -12.11 59.52 51.70
C GLU A 100 -11.10 58.98 50.68
N GLY A 101 -11.50 58.00 49.87
CA GLY A 101 -12.81 57.36 49.98
C GLY A 101 -12.72 55.87 49.69
N ILE A 102 -13.52 55.06 50.38
CA ILE A 102 -13.57 53.59 50.20
C ILE A 102 -12.47 52.80 50.92
N LYS A 103 -12.47 51.47 50.75
CA LYS A 103 -11.47 50.63 51.36
C LYS A 103 -11.36 49.33 50.58
N GLU A 104 -10.54 48.42 51.08
CA GLU A 104 -10.22 47.18 50.38
C GLU A 104 -11.46 46.37 49.96
N LEU A 105 -11.42 45.81 48.76
CA LEU A 105 -12.47 44.92 48.28
C LEU A 105 -12.11 43.49 48.61
N ARG A 106 -12.95 42.84 49.41
CA ARG A 106 -12.69 41.47 49.83
C ARG A 106 -13.57 40.49 49.05
N ARG A 107 -12.93 39.52 48.43
CA ARG A 107 -13.63 38.47 47.69
C ARG A 107 -14.58 37.76 48.64
N LEU A 108 -15.73 37.34 48.13
CA LEU A 108 -16.65 36.51 48.90
C LEU A 108 -16.69 35.12 48.28
N ASP A 109 -16.75 34.10 49.12
CA ASP A 109 -16.97 32.75 48.63
C ASP A 109 -18.36 32.72 48.01
N PRO A 110 -18.44 32.39 46.71
CA PRO A 110 -19.77 32.00 46.25
C PRO A 110 -20.21 30.75 47.00
N ARG A 111 -21.51 30.45 47.00
CA ARG A 111 -22.13 29.37 47.80
C ARG A 111 -22.47 29.83 49.22
N GLN A 112 -22.08 31.05 49.56
CA GLN A 112 -22.43 31.60 50.87
C GLN A 112 -23.18 32.90 50.66
N VAL A 113 -23.64 33.11 49.42
CA VAL A 113 -24.37 34.32 49.06
C VAL A 113 -25.70 33.99 48.38
N GLN A 114 -26.78 34.63 48.82
CA GLN A 114 -28.09 34.45 48.20
C GLN A 114 -28.64 35.82 47.76
N TYR A 115 -29.19 35.89 46.55
CA TYR A 115 -29.64 37.18 46.01
C TYR A 115 -31.13 37.20 45.67
N VAL A 116 -31.92 37.77 46.58
CA VAL A 116 -33.33 38.06 46.33
C VAL A 116 -33.66 39.43 46.90
N TYR A 136 -30.91 42.57 47.22
CA TYR A 136 -30.72 42.35 48.64
C TYR A 136 -29.91 41.07 48.85
N PHE A 137 -28.62 41.24 49.13
CA PHE A 137 -27.68 40.12 49.21
C PHE A 137 -27.59 39.50 50.60
N ILE A 138 -27.80 38.18 50.67
CA ILE A 138 -27.76 37.46 51.93
C ILE A 138 -26.45 36.69 52.06
N TYR A 139 -25.45 37.31 52.68
CA TYR A 139 -24.18 36.64 52.87
C TYR A 139 -24.23 35.73 54.09
N ASP A 140 -24.31 34.43 53.85
CA ASP A 140 -24.18 33.44 54.92
C ASP A 140 -22.73 33.41 55.39
N THR A 141 -22.54 33.38 56.70
CA THR A 141 -21.19 33.37 57.26
C THR A 141 -20.83 32.01 57.84
N ALA A 142 -19.80 31.39 57.27
CA ALA A 142 -19.22 30.18 57.85
C ALA A 142 -18.02 30.60 58.67
N HIS A 143 -18.07 30.38 59.99
CA HIS A 143 -16.97 30.80 60.84
C HIS A 143 -16.99 32.31 60.89
N GLU A 144 -15.87 32.96 61.22
CA GLU A 144 -15.83 34.41 61.26
C GLU A 144 -14.95 34.96 60.14
N SER A 145 -15.51 35.81 59.29
CA SER A 145 -14.75 36.39 58.17
C SER A 145 -14.27 37.83 58.29
N TYR A 146 -15.17 38.76 58.62
CA TYR A 146 -14.78 40.17 58.74
C TYR A 146 -15.68 41.02 59.63
N ALA A 147 -15.14 42.14 60.12
CA ALA A 147 -15.88 43.05 60.98
C ALA A 147 -16.40 44.32 60.29
N CYS A 148 -16.16 44.45 58.99
CA CYS A 148 -16.60 45.62 58.25
C CYS A 148 -16.31 46.84 59.11
N ASP A 149 -16.90 47.98 58.76
CA ASP A 149 -16.71 49.20 59.52
C ASP A 149 -17.26 49.09 60.95
N GLY A 150 -18.40 48.42 61.07
CA GLY A 150 -19.07 48.25 62.35
C GLY A 150 -20.21 47.26 62.22
N ARG A 151 -20.67 46.71 63.35
CA ARG A 151 -20.12 47.07 64.65
C ARG A 151 -18.96 46.15 65.04
N MET A 152 -19.06 44.88 64.66
CA MET A 152 -18.05 43.87 65.01
C MET A 152 -18.27 42.61 64.18
N TYR A 153 -17.28 41.73 64.17
CA TYR A 153 -17.33 40.49 63.39
C TYR A 153 -18.47 39.57 63.80
N GLU A 154 -19.44 39.39 62.89
CA GLU A 154 -20.54 38.47 63.11
C GLU A 154 -20.04 37.02 63.00
N ALA A 155 -20.76 36.10 63.64
CA ALA A 155 -20.33 34.70 63.65
C ALA A 155 -21.50 33.73 63.45
N GLY A 156 -21.49 33.03 62.31
CA GLY A 156 -22.47 32.00 62.03
C GLY A 156 -23.84 32.51 61.61
N THR A 157 -23.97 33.83 61.43
CA THR A 157 -25.26 34.42 61.11
C THR A 157 -25.33 35.01 59.71
N LYS A 158 -26.52 34.96 59.11
CA LYS A 158 -26.75 35.51 57.78
C LYS A 158 -26.80 37.03 57.83
N ILE A 159 -25.69 37.67 57.46
CA ILE A 159 -25.65 39.14 57.43
C ILE A 159 -26.15 39.64 56.07
N LYS A 160 -26.89 40.75 56.09
CA LYS A 160 -27.49 41.27 54.87
C LYS A 160 -26.77 42.53 54.38
N ILE A 161 -26.35 42.50 53.12
CA ILE A 161 -25.72 43.65 52.50
C ILE A 161 -26.60 44.16 51.36
N PRO A 162 -26.76 45.49 51.23
CA PRO A 162 -27.54 46.06 50.14
C PRO A 162 -26.91 45.84 48.75
N LYS A 163 -27.75 45.81 47.72
CA LYS A 163 -27.32 45.56 46.33
C LYS A 163 -26.37 46.63 45.83
N ALA A 164 -26.07 47.57 46.71
CA ALA A 164 -24.92 48.44 46.57
C ALA A 164 -24.39 48.63 47.99
N ALA A 165 -23.07 48.57 48.18
CA ALA A 165 -22.15 48.39 47.07
C ALA A 165 -21.45 47.03 47.16
N VAL A 166 -21.88 46.11 46.30
CA VAL A 166 -21.23 44.81 46.12
C VAL A 166 -21.17 44.49 44.63
N VAL A 167 -19.97 44.30 44.09
CA VAL A 167 -19.89 44.03 42.65
C VAL A 167 -20.27 42.57 42.42
N TYR A 168 -21.26 42.35 41.56
CA TYR A 168 -21.75 41.01 41.29
C TYR A 168 -21.59 40.74 39.81
N ALA A 169 -20.60 39.95 39.46
CA ALA A 169 -20.36 39.65 38.06
C ALA A 169 -20.75 38.22 37.72
N HIS A 170 -21.68 38.07 36.80
CA HIS A 170 -22.15 36.73 36.45
C HIS A 170 -21.88 36.41 35.00
N SER A 171 -21.54 35.15 34.73
CA SER A 171 -21.50 34.63 33.36
C SER A 171 -22.86 34.80 32.71
N GLY A 172 -22.98 35.75 31.78
CA GLY A 172 -24.30 36.11 31.27
C GLY A 172 -25.18 35.03 30.63
N LEU A 173 -25.43 33.94 31.35
CA LEU A 173 -26.23 32.84 30.79
C LEU A 173 -27.60 32.55 31.43
N VAL A 174 -28.63 32.51 30.59
CA VAL A 174 -30.01 32.24 31.00
C VAL A 174 -30.34 30.85 31.55
N ASP A 175 -29.76 29.81 30.95
CA ASP A 175 -29.99 28.40 31.34
C ASP A 175 -31.23 27.80 30.65
N CYS A 176 -31.53 26.53 30.95
CA CYS A 176 -32.68 25.85 30.33
C CYS A 176 -34.01 26.52 30.66
N CYS A 177 -34.18 26.89 31.93
CA CYS A 177 -35.38 27.59 32.39
C CYS A 177 -35.04 28.91 33.07
N GLY A 178 -35.67 29.99 32.61
CA GLY A 178 -35.45 31.30 33.19
C GLY A 178 -36.05 31.44 34.58
N LYS A 179 -35.37 32.15 35.46
CA LYS A 179 -34.08 32.75 35.16
C LYS A 179 -33.12 32.18 36.20
N ASN A 180 -32.07 31.53 35.72
CA ASN A 180 -31.07 30.93 36.60
C ASN A 180 -29.70 31.17 35.98
N ILE A 181 -28.65 31.19 36.80
CA ILE A 181 -27.33 31.42 36.22
C ILE A 181 -26.54 30.12 36.03
N ILE A 182 -26.00 29.94 34.83
CA ILE A 182 -25.23 28.74 34.50
C ILE A 182 -24.05 29.00 33.55
N GLY A 183 -23.08 28.09 33.55
CA GLY A 183 -21.91 28.18 32.70
C GLY A 183 -20.72 28.96 33.22
N TYR A 184 -19.68 29.04 32.38
CA TYR A 184 -19.73 28.43 31.07
C TYR A 184 -19.31 26.98 31.02
N LEU A 185 -19.08 26.37 32.18
CA LEU A 185 -18.56 25.02 32.18
C LEU A 185 -19.66 23.99 31.98
N HIS A 186 -20.91 24.38 32.25
CA HIS A 186 -22.08 23.49 32.23
C HIS A 186 -22.16 22.53 31.06
N ARG A 187 -22.16 23.04 29.83
CA ARG A 187 -22.33 22.15 28.69
C ARG A 187 -21.35 20.98 28.71
N ALA A 188 -20.19 21.17 29.33
CA ALA A 188 -19.19 20.10 29.39
C ALA A 188 -19.20 19.21 30.65
N VAL A 189 -20.17 19.43 31.54
CA VAL A 189 -20.27 18.64 32.76
C VAL A 189 -20.71 17.19 32.52
N LYS A 190 -21.76 17.04 31.72
CA LYS A 190 -22.29 15.72 31.40
C LYS A 190 -21.28 14.97 30.55
N PRO A 191 -20.67 15.74 29.57
CA PRO A 191 -19.69 15.01 28.76
C PRO A 191 -18.50 14.55 29.59
N ALA A 192 -18.06 15.39 30.52
CA ALA A 192 -16.89 15.04 31.32
C ALA A 192 -17.16 13.89 32.27
N ASN A 193 -18.38 13.81 32.76
CA ASN A 193 -18.72 12.73 33.66
C ASN A 193 -18.80 11.39 32.96
N GLN A 194 -18.83 11.39 31.63
CA GLN A 194 -18.95 10.12 30.94
C GLN A 194 -17.74 9.87 30.09
N LEU A 195 -16.75 10.74 30.11
CA LEU A 195 -15.46 10.36 29.51
C LEU A 195 -14.71 9.50 30.49
N LYS A 196 -14.84 9.85 31.77
CA LYS A 196 -14.19 9.15 32.88
C LYS A 196 -14.90 7.84 33.22
N LEU A 197 -16.20 7.81 32.97
CA LEU A 197 -17.01 6.60 33.13
C LEU A 197 -16.67 5.54 32.09
N LEU A 198 -15.53 5.73 31.44
CA LEU A 198 -15.03 4.84 30.44
C LEU A 198 -13.62 4.48 30.85
N GLU A 199 -12.93 5.45 31.45
CA GLU A 199 -11.56 5.29 31.92
C GLU A 199 -11.47 4.44 33.17
N ASP A 200 -12.60 4.35 33.86
CA ASP A 200 -12.70 3.41 34.97
C ASP A 200 -13.16 2.06 34.42
N ALA A 201 -14.01 2.10 33.41
CA ALA A 201 -14.37 0.92 32.68
C ALA A 201 -13.17 0.28 32.00
N VAL A 202 -12.31 1.07 31.35
CA VAL A 202 -11.20 0.47 30.62
C VAL A 202 -10.12 -0.09 31.50
N VAL A 203 -9.94 0.46 32.70
CA VAL A 203 -9.00 -0.14 33.62
C VAL A 203 -9.69 -1.26 34.36
N ILE A 204 -10.99 -1.16 34.59
CA ILE A 204 -11.64 -2.19 35.36
C ILE A 204 -11.69 -3.49 34.59
N TYR A 205 -11.76 -3.39 33.29
CA TYR A 205 -11.75 -4.59 32.51
C TYR A 205 -10.39 -5.23 32.64
N ARG A 206 -9.32 -4.42 32.62
CA ARG A 206 -7.97 -4.97 32.58
C ARG A 206 -7.38 -5.37 33.92
N ILE A 207 -7.55 -4.54 34.96
CA ILE A 207 -7.18 -4.90 36.31
C ILE A 207 -7.68 -6.28 36.63
N THR A 208 -9.00 -6.43 36.55
CA THR A 208 -9.67 -7.69 36.81
C THR A 208 -9.36 -8.62 35.65
N ARG A 209 -9.08 -9.88 35.97
CA ARG A 209 -8.75 -10.89 34.98
C ARG A 209 -7.28 -10.75 34.59
N ALA A 210 -6.63 -9.74 35.15
CA ALA A 210 -5.21 -9.51 34.90
C ALA A 210 -4.53 -10.73 35.48
N PRO A 211 -5.05 -11.15 36.63
CA PRO A 211 -4.53 -12.33 37.32
C PRO A 211 -5.38 -13.54 36.97
N ASP A 212 -4.78 -14.67 36.61
CA ASP A 212 -5.61 -15.82 36.23
C ASP A 212 -6.28 -16.36 37.48
N ARG A 213 -7.58 -16.57 37.38
CA ARG A 213 -8.36 -17.09 38.49
C ARG A 213 -8.82 -18.49 38.14
N ARG A 214 -8.82 -19.38 39.13
CA ARG A 214 -9.21 -20.75 38.89
C ARG A 214 -10.15 -21.24 39.97
N VAL A 215 -11.27 -21.83 39.56
CA VAL A 215 -12.24 -22.35 40.51
C VAL A 215 -12.13 -23.85 40.65
N TRP A 216 -11.69 -24.30 41.84
CA TRP A 216 -11.41 -25.71 42.08
C TRP A 216 -12.62 -26.43 42.65
N TYR A 217 -13.26 -27.28 41.88
CA TYR A 217 -14.37 -28.04 42.42
C TYR A 217 -13.88 -29.41 42.89
N VAL A 218 -13.95 -29.67 44.19
CA VAL A 218 -13.68 -31.00 44.75
C VAL A 218 -14.90 -31.49 45.50
N ASP A 219 -15.30 -32.75 45.28
CA ASP A 219 -16.56 -33.23 45.82
C ASP A 219 -16.39 -34.16 47.02
N THR A 220 -17.40 -34.15 47.90
CA THR A 220 -17.47 -35.05 49.05
C THR A 220 -18.92 -35.38 49.36
N GLY A 221 -19.33 -36.60 49.03
CA GLY A 221 -20.70 -37.02 49.27
C GLY A 221 -20.87 -37.75 50.60
N ASN A 222 -21.95 -37.42 51.30
CA ASN A 222 -22.36 -38.13 52.52
C ASN A 222 -21.36 -38.03 53.68
N MET A 223 -20.81 -36.85 53.89
CA MET A 223 -20.04 -36.57 55.09
C MET A 223 -20.41 -35.19 55.62
N PRO A 224 -20.63 -35.09 56.94
CA PRO A 224 -21.13 -33.86 57.57
C PRO A 224 -20.22 -32.66 57.28
N ALA A 225 -20.81 -31.46 57.16
CA ALA A 225 -20.03 -30.26 56.87
C ALA A 225 -19.02 -29.96 57.97
N ARG A 226 -19.27 -30.49 59.16
CA ARG A 226 -18.34 -30.35 60.28
C ARG A 226 -17.00 -31.03 59.98
N LYS A 227 -17.06 -32.21 59.35
CA LYS A 227 -15.85 -32.98 59.07
C LYS A 227 -15.52 -33.03 57.57
N ALA A 228 -16.46 -32.57 56.74
CA ALA A 228 -16.21 -32.46 55.30
C ALA A 228 -15.25 -31.32 55.02
N ALA A 229 -15.37 -30.25 55.79
CA ALA A 229 -14.50 -29.10 55.66
C ALA A 229 -13.06 -29.47 56.00
N GLU A 230 -12.87 -30.55 56.74
CA GLU A 230 -11.53 -31.05 57.07
C GLU A 230 -10.86 -31.66 55.85
N HIS A 231 -11.67 -32.09 54.88
CA HIS A 231 -11.16 -32.60 53.61
C HIS A 231 -10.92 -31.43 52.66
N MET A 232 -11.24 -30.23 53.14
CA MET A 232 -10.96 -29.01 52.40
C MET A 232 -9.76 -28.29 53.00
N GLN A 233 -9.54 -28.46 54.30
CA GLN A 233 -8.39 -27.86 54.96
C GLN A 233 -7.09 -28.50 54.49
N HIS A 234 -7.18 -29.69 53.92
CA HIS A 234 -5.99 -30.43 53.49
C HIS A 234 -5.56 -30.12 52.06
N VAL A 235 -6.49 -29.70 51.20
CA VAL A 235 -6.12 -29.36 49.83
C VAL A 235 -5.60 -27.93 49.73
N MET A 236 -5.79 -27.15 50.79
CA MET A 236 -5.17 -25.82 50.85
C MET A 236 -3.72 -25.95 51.33
N ASN A 237 -3.55 -26.46 52.54
CA ASN A 237 -2.24 -26.56 53.17
C ASN A 237 -1.21 -27.41 52.41
N THR A 238 -1.63 -28.01 51.29
CA THR A 238 -0.75 -28.85 50.48
C THR A 238 -0.52 -28.31 49.07
N MET A 239 -1.45 -27.48 48.58
CA MET A 239 -1.41 -27.09 47.17
C MET A 239 -1.70 -25.61 46.96
N LYS A 240 -1.83 -24.86 48.05
CA LYS A 240 -2.13 -23.43 47.97
C LYS A 240 -0.95 -22.66 47.41
N ASN A 241 -1.20 -21.66 46.56
CA ASN A 241 -0.09 -20.91 45.98
C ASN A 241 0.17 -19.53 46.61
N ARG A 242 1.39 -19.34 47.11
CA ARG A 242 1.79 -18.08 47.74
C ARG A 242 2.51 -17.10 46.80
N VAL A 243 2.76 -17.54 45.57
CA VAL A 243 3.43 -16.68 44.60
C VAL A 243 2.77 -15.31 44.52
N VAL A 244 3.57 -14.26 44.71
CA VAL A 244 3.07 -12.88 44.73
C VAL A 244 3.90 -11.97 43.83
N TYR A 245 3.30 -10.87 43.36
CA TYR A 245 4.03 -9.83 42.67
C TYR A 245 3.76 -8.49 43.32
N ASP A 246 4.82 -7.83 43.80
CA ASP A 246 4.64 -6.56 44.50
C ASP A 246 5.08 -5.39 43.65
N ALA A 247 4.25 -4.34 43.62
CA ALA A 247 4.43 -3.18 42.75
C ALA A 247 5.47 -2.17 43.26
N SER A 248 5.96 -2.38 44.47
CA SER A 248 7.04 -1.54 44.99
C SER A 248 8.31 -1.83 44.18
N THR A 249 8.78 -3.06 44.31
CA THR A 249 9.93 -3.55 43.58
C THR A 249 9.29 -4.69 42.82
N GLY A 250 9.54 -4.78 41.53
CA GLY A 250 8.90 -5.83 40.76
C GLY A 250 9.62 -7.16 40.86
N LYS A 251 9.54 -7.80 42.03
CA LYS A 251 10.18 -9.08 42.19
C LYS A 251 9.10 -10.04 42.63
N ILE A 252 9.38 -11.33 42.54
CA ILE A 252 8.38 -12.31 42.93
C ILE A 252 8.74 -12.86 44.30
N LYS A 253 8.05 -12.33 45.30
CA LYS A 253 8.36 -12.57 46.71
C LYS A 253 8.31 -14.05 47.10
N ASN A 254 9.15 -14.43 48.05
CA ASN A 254 9.27 -15.82 48.53
C ASN A 254 9.66 -16.81 47.44
N GLN A 255 10.20 -16.30 46.34
CA GLN A 255 10.68 -17.17 45.28
C GLN A 255 12.08 -16.76 44.83
N GLN A 256 13.05 -16.99 45.70
CA GLN A 256 14.44 -16.69 45.40
C GLN A 256 15.24 -17.98 45.62
N HIS A 257 15.98 -18.40 44.60
CA HIS A 257 16.08 -17.66 43.35
C HIS A 257 15.72 -18.50 42.13
N ASN A 258 15.35 -17.82 41.05
CA ASN A 258 14.95 -18.42 39.78
C ASN A 258 13.45 -18.70 39.70
N MET A 259 12.99 -19.12 38.54
CA MET A 259 11.57 -19.41 38.34
C MET A 259 11.27 -20.82 37.84
N SER A 260 10.29 -21.45 38.48
CA SER A 260 9.85 -22.79 38.12
C SER A 260 9.60 -22.81 36.62
N MET A 261 10.11 -23.83 35.95
CA MET A 261 9.87 -23.98 34.52
C MET A 261 8.43 -24.37 34.32
N THR A 262 7.85 -25.10 35.28
CA THR A 262 6.46 -25.53 35.13
C THR A 262 5.82 -25.95 36.46
N GLU A 263 4.49 -25.89 36.52
CA GLU A 263 3.72 -26.18 37.74
C GLU A 263 3.14 -27.58 37.80
N ASP A 264 2.66 -27.97 38.97
CA ASP A 264 2.12 -29.32 39.13
C ASP A 264 1.07 -29.42 40.24
N TYR A 265 -0.20 -29.48 39.87
CA TYR A 265 -1.30 -29.57 40.82
C TYR A 265 -1.92 -30.97 40.79
N TRP A 266 -2.19 -31.53 41.97
CA TRP A 266 -2.62 -32.94 42.11
C TRP A 266 -3.98 -33.17 42.79
N LEU A 267 -5.02 -33.43 42.00
CA LEU A 267 -6.37 -33.62 42.51
C LEU A 267 -6.84 -35.06 42.31
N GLN A 268 -7.69 -35.54 43.22
CA GLN A 268 -8.11 -36.94 43.22
C GLN A 268 -9.62 -37.09 43.26
N ARG A 269 -10.20 -37.35 42.11
CA ARG A 269 -11.62 -37.62 41.99
C ARG A 269 -11.94 -38.91 42.75
N ARG A 270 -12.41 -38.78 43.98
CA ARG A 270 -12.62 -39.93 44.86
C ARG A 270 -13.61 -40.95 44.29
N ASP A 271 -14.68 -40.45 43.66
CA ASP A 271 -15.64 -41.30 42.96
C ASP A 271 -15.05 -41.83 41.67
N GLY A 272 -15.70 -42.83 41.08
CA GLY A 272 -15.28 -43.30 39.78
C GLY A 272 -15.95 -42.47 38.69
N LYS A 273 -15.86 -41.14 38.78
CA LYS A 273 -16.44 -40.25 37.76
C LYS A 273 -15.87 -38.83 37.78
N ALA A 274 -15.80 -38.22 36.60
CA ALA A 274 -15.04 -36.99 36.36
C ALA A 274 -15.74 -35.72 36.87
N VAL A 275 -15.73 -35.52 38.18
CA VAL A 275 -16.46 -34.40 38.76
C VAL A 275 -15.56 -33.35 39.46
N THR A 276 -14.37 -33.76 39.86
CA THR A 276 -13.39 -32.85 40.48
C THR A 276 -12.42 -32.28 39.45
N GLU A 277 -12.42 -30.96 39.28
CA GLU A 277 -11.60 -30.33 38.26
C GLU A 277 -11.40 -28.84 38.45
N VAL A 278 -10.38 -28.32 37.78
CA VAL A 278 -10.09 -26.90 37.75
C VAL A 278 -10.61 -26.31 36.44
N ASP A 279 -11.47 -25.32 36.55
CA ASP A 279 -11.92 -24.60 35.37
C ASP A 279 -11.44 -23.16 35.47
N THR A 280 -10.44 -22.84 34.66
CA THR A 280 -9.96 -21.48 34.58
C THR A 280 -11.06 -20.57 34.10
N LEU A 281 -11.21 -19.43 34.77
CA LEU A 281 -12.13 -18.38 34.33
C LEU A 281 -11.49 -17.57 33.20
N PRO A 282 -12.31 -17.04 32.28
CA PRO A 282 -11.82 -16.47 31.02
C PRO A 282 -10.69 -15.46 31.21
N GLY A 283 -9.79 -15.42 30.24
CA GLY A 283 -8.75 -14.41 30.23
C GLY A 283 -9.30 -13.20 29.51
N ALA A 284 -8.82 -12.03 29.90
CA ALA A 284 -9.21 -10.78 29.25
C ALA A 284 -8.58 -10.67 27.88
N ASP A 285 -9.27 -11.18 26.86
CA ASP A 285 -8.76 -11.10 25.50
C ASP A 285 -9.00 -9.69 25.05
N ASN A 286 -7.96 -9.06 24.52
CA ASN A 286 -8.09 -7.67 24.09
C ASN A 286 -8.60 -7.52 22.67
N THR A 287 -9.88 -7.80 22.44
CA THR A 287 -10.40 -7.63 21.09
C THR A 287 -10.43 -6.12 20.78
N GLY A 288 -11.04 -5.34 21.68
CA GLY A 288 -11.07 -3.88 21.60
C GLY A 288 -9.72 -3.28 21.24
N ASN A 289 -9.51 -2.70 20.05
CA ASN A 289 -10.50 -2.15 19.08
C ASN A 289 -11.06 -0.85 19.63
N MET A 290 -10.23 -0.10 20.35
CA MET A 290 -10.70 1.06 21.13
C MET A 290 -10.69 2.41 20.40
N GLU A 291 -11.67 2.64 19.52
CA GLU A 291 -11.88 3.95 18.90
C GLU A 291 -13.02 4.64 19.63
N ASP A 292 -13.24 4.21 20.87
CA ASP A 292 -14.45 4.54 21.61
C ASP A 292 -14.31 5.73 22.56
N ILE A 293 -13.40 5.61 23.52
CA ILE A 293 -12.96 6.72 24.34
C ILE A 293 -12.38 7.83 23.46
N ARG A 294 -11.67 7.45 22.41
CA ARG A 294 -11.17 8.46 21.51
C ARG A 294 -12.30 9.26 20.90
N TRP A 295 -13.54 8.79 21.04
CA TRP A 295 -14.70 9.54 20.55
C TRP A 295 -15.08 10.60 21.58
N PHE A 296 -15.22 10.16 22.82
CA PHE A 296 -15.73 11.01 23.89
C PHE A 296 -14.71 12.01 24.40
N ARG A 297 -13.45 11.81 24.06
CA ARG A 297 -12.50 12.82 24.44
C ARG A 297 -12.58 13.96 23.45
N GLN A 298 -12.84 13.66 22.17
CA GLN A 298 -13.00 14.75 21.22
C GLN A 298 -14.29 15.53 21.49
N ALA A 299 -15.27 14.86 22.12
CA ALA A 299 -16.48 15.54 22.52
C ALA A 299 -16.14 16.53 23.61
N LEU A 300 -15.83 16.02 24.81
CA LEU A 300 -15.53 16.89 25.97
C LEU A 300 -14.66 18.08 25.60
N TYR A 301 -13.81 17.90 24.60
CA TYR A 301 -12.93 18.95 24.14
C TYR A 301 -13.61 20.00 23.24
N MET A 302 -14.73 19.64 22.59
CA MET A 302 -15.48 20.58 21.77
C MET A 302 -16.46 21.29 22.64
N ALA A 303 -16.74 20.67 23.77
CA ALA A 303 -17.74 21.18 24.64
C ALA A 303 -17.14 22.21 25.57
N LEU A 304 -15.83 22.19 25.71
CA LEU A 304 -15.11 23.12 26.57
C LEU A 304 -15.13 24.56 26.04
N ARG A 305 -15.00 24.68 24.72
CA ARG A 305 -14.94 25.96 24.03
C ARG A 305 -13.50 26.30 23.61
N VAL A 306 -12.55 25.44 23.97
CA VAL A 306 -11.19 25.63 23.57
C VAL A 306 -11.06 25.05 22.16
N PRO A 307 -10.39 25.77 21.24
CA PRO A 307 -10.22 25.32 19.85
C PRO A 307 -9.54 23.98 19.78
N LEU A 308 -9.87 23.15 18.79
CA LEU A 308 -9.27 21.83 18.70
C LEU A 308 -7.85 21.89 18.15
N SER A 309 -7.49 23.03 17.56
CA SER A 309 -6.19 23.20 16.93
C SER A 309 -5.06 23.32 17.97
N ARG A 310 -5.44 23.38 19.24
CA ARG A 310 -4.44 23.33 20.29
C ARG A 310 -4.11 21.89 19.96
N ILE A 311 -2.92 21.39 20.23
CA ILE A 311 -2.58 19.99 19.85
C ILE A 311 -2.89 18.82 20.80
N PRO A 312 -4.23 18.43 20.94
CA PRO A 312 -4.43 17.27 21.82
C PRO A 312 -3.83 15.99 21.22
N GLN A 313 -4.02 15.83 19.91
CA GLN A 313 -3.52 14.67 19.18
C GLN A 313 -2.01 14.69 19.07
N ASP A 314 -1.42 13.52 18.83
CA ASP A 314 0.02 13.41 18.72
C ASP A 314 0.46 14.30 17.56
N GLN A 315 -0.32 14.31 16.49
CA GLN A 315 -0.03 15.15 15.34
C GLN A 315 1.39 14.95 14.79
N GLN A 316 1.78 13.70 14.57
CA GLN A 316 3.12 13.44 14.04
C GLN A 316 3.20 14.19 12.72
N GLY A 317 4.33 14.86 12.49
CA GLY A 317 4.50 15.66 11.29
C GLY A 317 3.31 16.59 11.13
N GLY A 318 2.59 16.50 10.02
CA GLY A 318 2.91 15.59 8.93
C GLY A 318 4.19 15.75 8.11
N VAL A 319 4.54 16.96 7.69
CA VAL A 319 3.81 18.19 7.99
C VAL A 319 2.81 18.57 6.89
N MET A 320 2.11 19.68 7.09
CA MET A 320 0.99 20.06 6.25
C MET A 320 1.28 20.36 4.76
N PHE A 321 2.24 21.23 4.41
CA PHE A 321 3.20 21.87 5.31
C PHE A 321 3.39 23.36 5.02
N ASP A 322 3.83 24.09 6.04
CA ASP A 322 4.21 25.50 5.90
C ASP A 322 5.21 25.86 7.00
N SER A 323 6.07 26.82 6.72
CA SER A 323 7.12 27.21 7.68
C SER A 323 6.56 28.05 8.82
N GLY A 324 5.47 28.76 8.54
CA GLY A 324 4.81 29.58 9.55
C GLY A 324 3.34 29.21 9.67
N THR A 325 2.94 28.76 10.86
CA THR A 325 1.57 28.32 11.09
C THR A 325 0.61 29.49 10.94
N SER A 326 -0.44 29.27 10.16
CA SER A 326 -1.36 30.34 9.77
C SER A 326 -2.51 30.52 10.75
N ILE A 327 -3.26 31.60 10.58
CA ILE A 327 -4.47 31.80 11.37
C ILE A 327 -5.58 30.97 10.75
N THR A 328 -6.04 29.97 11.48
CA THR A 328 -7.16 29.15 11.04
C THR A 328 -8.42 29.91 11.34
N ARG A 329 -9.59 29.38 10.99
CA ARG A 329 -10.82 30.08 11.35
C ARG A 329 -11.20 29.66 12.76
N ASP A 330 -10.75 28.46 13.15
CA ASP A 330 -10.92 27.96 14.52
C ASP A 330 -10.39 28.95 15.53
N GLU A 331 -9.09 29.18 15.47
CA GLU A 331 -8.40 30.08 16.39
C GLU A 331 -8.99 31.47 16.36
N LEU A 332 -9.33 31.93 15.17
CA LEU A 332 -9.91 33.25 14.98
C LEU A 332 -11.26 33.39 15.69
N THR A 333 -12.08 32.34 15.59
CA THR A 333 -13.36 32.25 16.32
C THR A 333 -13.14 32.49 17.81
N PHE A 334 -12.26 31.67 18.39
CA PHE A 334 -11.97 31.66 19.82
C PHE A 334 -11.53 33.00 20.37
N ALA A 335 -10.78 33.77 19.58
CA ALA A 335 -10.36 35.08 20.05
C ALA A 335 -11.65 35.86 20.33
N LYS A 336 -12.64 35.67 19.45
CA LYS A 336 -13.93 36.31 19.58
C LYS A 336 -14.69 35.85 20.83
N PHE A 337 -14.62 34.56 21.13
CA PHE A 337 -15.31 34.02 22.31
C PHE A 337 -14.72 34.66 23.56
N ILE A 338 -13.40 34.78 23.56
CA ILE A 338 -12.65 35.43 24.62
C ILE A 338 -13.02 36.88 24.77
N ARG A 339 -12.81 37.67 23.73
CA ARG A 339 -13.05 39.09 23.82
C ARG A 339 -14.51 39.35 24.15
N GLU A 340 -15.36 38.33 24.07
CA GLU A 340 -16.70 38.48 24.57
C GLU A 340 -16.74 38.25 26.08
N LEU A 341 -15.93 37.30 26.56
CA LEU A 341 -15.79 37.08 28.00
C LEU A 341 -15.31 38.34 28.69
N GLN A 342 -14.08 38.76 28.34
CA GLN A 342 -13.48 39.99 28.86
C GLN A 342 -14.49 41.12 28.98
N HIS A 343 -15.46 41.17 28.08
CA HIS A 343 -16.52 42.17 28.15
C HIS A 343 -17.61 41.84 29.16
N LYS A 344 -17.54 40.66 29.78
CA LYS A 344 -18.47 40.30 30.84
C LYS A 344 -17.79 40.51 32.18
N PHE A 345 -16.51 40.18 32.20
CA PHE A 345 -15.64 40.40 33.34
C PHE A 345 -15.19 41.86 33.31
N GLU A 346 -15.64 42.60 32.31
CA GLU A 346 -15.45 44.05 32.26
C GLU A 346 -16.12 44.68 33.47
N GLU A 347 -17.24 44.09 33.85
CA GLU A 347 -18.07 44.60 34.94
C GLU A 347 -17.32 44.78 36.24
N VAL A 348 -16.45 43.84 36.58
CA VAL A 348 -15.74 43.88 37.85
C VAL A 348 -14.80 45.06 37.99
N PHE A 349 -14.66 45.84 36.93
CA PHE A 349 -13.85 47.04 36.97
C PHE A 349 -14.70 48.31 36.99
N LEU A 350 -15.84 48.29 36.33
CA LEU A 350 -16.61 49.51 36.14
C LEU A 350 -17.58 49.85 37.27
N ASP A 351 -17.98 48.88 38.10
CA ASP A 351 -18.77 49.25 39.28
C ASP A 351 -17.95 49.38 40.57
N PRO A 352 -16.68 48.93 40.60
CA PRO A 352 -15.96 49.50 41.74
C PRO A 352 -15.46 50.90 41.42
N LEU A 353 -15.27 51.20 40.13
CA LEU A 353 -14.77 52.50 39.71
C LEU A 353 -15.87 53.57 39.77
N LYS A 354 -17.02 53.29 39.16
CA LYS A 354 -18.09 54.29 39.07
C LYS A 354 -18.68 54.66 40.44
N THR A 355 -18.73 53.70 41.35
CA THR A 355 -19.22 53.99 42.69
C THR A 355 -18.14 54.65 43.53
N ASN A 356 -16.89 54.59 43.07
CA ASN A 356 -15.76 55.24 43.73
C ASN A 356 -15.50 56.60 43.11
N LEU A 357 -16.00 56.77 41.88
CA LEU A 357 -15.88 58.03 41.14
C LEU A 357 -17.14 58.88 41.33
N LEU A 358 -17.94 58.48 42.30
CA LEU A 358 -19.15 59.18 42.69
C LEU A 358 -19.03 59.39 44.19
N LEU A 359 -18.50 58.38 44.86
CA LEU A 359 -18.14 58.47 46.28
C LEU A 359 -17.13 59.60 46.44
N LYS A 360 -16.13 59.62 45.57
CA LYS A 360 -15.02 60.59 45.65
C LYS A 360 -15.44 61.98 45.16
N GLY A 361 -16.37 62.02 44.22
CA GLY A 361 -16.81 63.27 43.65
C GLY A 361 -16.55 63.31 42.16
N ILE A 362 -16.22 64.49 41.65
CA ILE A 362 -16.08 64.73 40.20
C ILE A 362 -17.40 64.40 39.48
N ILE A 363 -17.38 63.47 38.52
CA ILE A 363 -18.53 63.21 37.66
C ILE A 363 -19.74 62.58 38.38
N THR A 364 -20.94 63.09 38.10
CA THR A 364 -22.16 62.53 38.67
C THR A 364 -22.71 61.39 37.83
N GLU A 365 -23.72 60.69 38.35
CA GLU A 365 -24.33 59.58 37.66
C GLU A 365 -25.02 60.02 36.37
N ASP A 366 -25.59 61.22 36.38
CA ASP A 366 -26.31 61.77 35.23
C ASP A 366 -25.36 62.12 34.07
N GLU A 367 -24.08 62.27 34.38
CA GLU A 367 -23.07 62.53 33.36
C GLU A 367 -22.50 61.22 32.81
N TRP A 368 -22.38 60.24 33.70
CA TRP A 368 -21.80 58.94 33.39
C TRP A 368 -22.57 58.21 32.29
N ASN A 369 -23.91 58.34 32.31
CA ASN A 369 -24.78 57.62 31.39
C ASN A 369 -24.44 57.82 29.91
N ASP A 370 -23.92 59.01 29.58
CA ASP A 370 -23.63 59.36 28.20
C ASP A 370 -22.25 58.86 27.77
N GLU A 371 -21.35 58.72 28.73
CA GLU A 371 -19.98 58.32 28.46
C GLU A 371 -19.85 56.85 28.02
N ILE A 372 -20.81 56.03 28.46
CA ILE A 372 -20.79 54.62 28.09
C ILE A 372 -22.17 54.13 27.68
N ASN A 373 -22.45 54.08 26.38
CA ASN A 373 -21.52 54.51 25.33
C ASN A 373 -20.18 53.77 25.32
N ASN A 374 -19.10 54.54 25.24
CA ASN A 374 -17.75 53.99 25.22
C ASN A 374 -16.79 54.58 26.23
N ILE A 375 -16.45 53.78 27.22
CA ILE A 375 -15.26 53.99 28.04
C ILE A 375 -14.54 52.63 28.11
N LYS A 376 -13.98 52.24 26.97
CA LYS A 376 -13.43 50.91 26.75
C LYS A 376 -12.34 50.52 27.75
N ILE A 377 -12.47 49.32 28.30
CA ILE A 377 -11.40 48.72 29.07
C ILE A 377 -10.64 47.71 28.22
N GLU A 378 -9.47 48.11 27.75
CA GLU A 378 -8.64 47.25 26.92
C GLU A 378 -7.87 46.22 27.73
N PHE A 379 -8.16 44.95 27.50
CA PHE A 379 -7.25 43.91 27.95
C PHE A 379 -6.08 43.88 26.98
N HIS A 380 -4.92 43.44 27.46
CA HIS A 380 -3.77 43.28 26.59
C HIS A 380 -3.85 41.90 26.00
N ARG A 381 -3.54 41.76 24.71
CA ARG A 381 -3.53 40.45 24.06
C ARG A 381 -2.14 39.83 24.19
N ASP A 382 -1.89 38.72 23.51
CA ASP A 382 -0.53 38.19 23.52
C ASP A 382 0.27 38.90 22.46
N SER A 383 1.31 39.59 22.92
CA SER A 383 2.26 40.28 22.07
C SER A 383 2.72 39.44 20.87
N TYR A 384 2.92 38.15 21.09
CA TYR A 384 3.49 37.32 20.03
C TYR A 384 2.51 37.05 18.90
N PHE A 385 1.23 36.90 19.17
CA PHE A 385 0.32 36.48 18.11
C PHE A 385 -0.49 37.63 17.53
N ALA A 386 -0.29 38.80 18.12
CA ALA A 386 -0.68 40.00 17.44
C ALA A 386 0.18 40.07 16.20
N GLU A 387 1.49 39.98 16.39
CA GLU A 387 2.44 39.97 15.27
C GLU A 387 2.13 38.85 14.28
N LEU A 388 2.11 37.62 14.77
CA LEU A 388 2.01 36.47 13.90
C LEU A 388 0.67 36.38 13.16
N LYS A 389 -0.31 37.16 13.60
CA LYS A 389 -1.54 37.36 12.82
C LYS A 389 -1.35 38.49 11.82
N GLU A 390 -0.91 39.64 12.32
CA GLU A 390 -0.64 40.82 11.49
C GLU A 390 0.51 40.61 10.51
N ALA A 391 0.96 39.38 10.38
CA ALA A 391 2.03 39.09 9.45
C ALA A 391 1.48 38.34 8.28
N GLU A 392 0.33 37.70 8.47
CA GLU A 392 -0.33 37.00 7.38
C GLU A 392 -1.28 37.94 6.63
N ILE A 393 -1.95 38.81 7.39
CA ILE A 393 -2.71 39.91 6.82
C ILE A 393 -1.83 40.70 5.87
N LEU A 394 -0.71 41.19 6.38
CA LEU A 394 0.19 42.02 5.59
C LEU A 394 0.94 41.23 4.52
N GLU A 395 1.17 39.94 4.73
CA GLU A 395 1.78 39.10 3.71
C GLU A 395 0.89 38.99 2.48
N ARG A 396 -0.41 38.88 2.71
CA ARG A 396 -1.37 38.75 1.62
C ARG A 396 -1.65 40.07 0.90
N ARG A 397 -1.59 41.18 1.63
CA ARG A 397 -1.85 42.48 1.04
C ARG A 397 -0.72 42.90 0.15
N ILE A 398 0.49 42.42 0.44
CA ILE A 398 1.60 42.73 -0.42
C ILE A 398 1.59 41.76 -1.62
N ASN A 399 1.16 40.53 -1.38
CA ASN A 399 1.09 39.54 -2.45
C ASN A 399 0.07 39.91 -3.52
N MET A 400 -1.02 40.54 -3.07
CA MET A 400 -2.00 41.16 -3.97
C MET A 400 -1.34 42.31 -4.70
N LEU A 401 -0.68 43.16 -3.94
CA LEU A 401 -0.13 44.39 -4.47
C LEU A 401 0.99 44.15 -5.50
N THR A 402 1.78 43.08 -5.34
CA THR A 402 2.80 42.78 -6.34
C THR A 402 2.10 42.25 -7.59
N MET A 403 1.04 41.46 -7.34
CA MET A 403 0.30 40.77 -8.38
C MET A 403 -0.50 41.72 -9.26
N ALA A 404 -1.14 42.70 -8.63
CA ALA A 404 -1.91 43.70 -9.35
C ALA A 404 -1.15 44.99 -9.47
N GLU A 405 0.14 44.88 -9.73
CA GLU A 405 1.00 46.06 -9.82
C GLU A 405 1.15 46.70 -11.21
N PRO A 406 1.26 45.89 -12.30
CA PRO A 406 1.52 46.59 -13.56
C PRO A 406 0.35 47.44 -14.00
N PHE A 407 -0.83 47.19 -13.42
CA PHE A 407 -2.03 47.92 -13.75
C PHE A 407 -2.26 49.14 -12.87
N ILE A 408 -1.42 49.37 -11.86
CA ILE A 408 -1.68 50.44 -10.90
C ILE A 408 -1.45 51.80 -11.53
N GLY A 409 -0.71 51.85 -12.63
CA GLY A 409 -0.66 53.09 -13.36
C GLY A 409 -1.85 53.25 -14.28
N LYS A 410 -2.28 52.15 -14.89
CA LYS A 410 -3.21 52.21 -16.00
C LYS A 410 -4.68 52.23 -15.60
N TYR A 411 -5.08 51.44 -14.62
CA TYR A 411 -6.51 51.27 -14.35
C TYR A 411 -6.99 51.77 -12.99
N ILE A 412 -6.35 51.28 -11.93
CA ILE A 412 -6.63 51.70 -10.54
C ILE A 412 -5.62 52.75 -10.09
N SER A 413 -6.06 53.85 -9.50
CA SER A 413 -5.11 54.89 -9.10
C SER A 413 -4.11 54.39 -8.09
N HIS A 414 -3.13 55.22 -7.76
CA HIS A 414 -2.25 54.88 -6.66
C HIS A 414 -3.02 55.04 -5.35
N ARG A 415 -3.67 56.18 -5.17
CA ARG A 415 -4.49 56.43 -4.01
C ARG A 415 -5.53 55.34 -3.81
N THR A 416 -6.09 54.85 -4.91
CA THR A 416 -7.21 53.93 -4.84
C THR A 416 -6.76 52.55 -4.38
N ALA A 417 -5.61 52.10 -4.85
CA ALA A 417 -5.08 50.80 -4.40
C ALA A 417 -4.58 50.89 -2.96
N MET A 418 -3.87 51.97 -2.67
CA MET A 418 -3.29 52.20 -1.35
C MET A 418 -4.34 52.13 -0.25
N LYS A 419 -5.59 52.34 -0.61
CA LYS A 419 -6.67 52.48 0.38
C LYS A 419 -7.63 51.28 0.36
N ASP A 420 -7.49 50.41 -0.65
CA ASP A 420 -8.33 49.22 -0.70
C ASP A 420 -7.53 47.94 -0.98
N ILE A 421 -6.26 48.06 -1.33
CA ILE A 421 -5.39 46.88 -1.39
C ILE A 421 -4.57 46.82 -0.10
N LEU A 422 -4.24 47.98 0.45
CA LEU A 422 -3.50 48.03 1.71
C LEU A 422 -4.40 48.26 2.91
N GLN A 423 -5.64 48.69 2.65
CA GLN A 423 -6.64 48.90 3.70
C GLN A 423 -6.22 49.98 4.68
N MET A 424 -5.38 50.91 4.23
CA MET A 424 -5.05 52.06 5.05
C MET A 424 -6.25 53.01 5.15
N THR A 425 -6.05 54.13 5.82
CA THR A 425 -7.02 55.21 5.80
C THR A 425 -6.37 56.50 5.33
N ASP A 426 -7.19 57.53 5.11
CA ASP A 426 -6.73 58.77 4.48
C ASP A 426 -5.66 59.51 5.28
N GLU A 427 -5.92 59.74 6.56
CA GLU A 427 -4.99 60.50 7.39
C GLU A 427 -3.70 59.72 7.64
N GLU A 428 -3.72 58.42 7.35
CA GLU A 428 -2.50 57.61 7.40
C GLU A 428 -1.65 57.85 6.15
N ILE A 429 -2.31 58.04 5.01
CA ILE A 429 -1.62 58.39 3.78
C ILE A 429 -1.18 59.85 3.82
N GLU A 430 -2.05 60.72 4.33
CA GLU A 430 -1.71 62.12 4.54
C GLU A 430 -0.43 62.23 5.38
N GLN A 431 -0.50 61.69 6.59
CA GLN A 431 0.61 61.70 7.54
C GLN A 431 1.89 61.13 6.91
N GLU A 432 1.75 60.04 6.18
CA GLU A 432 2.91 59.38 5.61
C GLU A 432 3.52 60.15 4.46
N ALA A 433 2.68 60.68 3.57
CA ALA A 433 3.16 61.42 2.41
C ALA A 433 4.05 62.60 2.81
N LYS A 434 3.66 63.29 3.89
CA LYS A 434 4.45 64.38 4.45
C LYS A 434 5.76 63.86 5.05
N GLN A 435 5.64 62.76 5.78
CA GLN A 435 6.78 62.14 6.47
C GLN A 435 7.86 61.68 5.50
N ILE A 436 7.44 60.97 4.46
CA ILE A 436 8.34 60.30 3.53
C ILE A 436 9.18 61.28 2.72
N GLU A 437 8.84 62.57 2.78
CA GLU A 437 9.61 63.58 2.05
C GLU A 437 11.03 63.71 2.62
N GLU A 438 11.17 63.63 3.94
CA GLU A 438 12.45 63.89 4.57
C GLU A 438 13.35 62.67 4.55
N GLU A 439 12.73 61.50 4.40
CA GLU A 439 13.48 60.27 4.15
C GLU A 439 14.38 60.46 2.95
N SER A 440 13.88 61.20 1.97
CA SER A 440 14.60 61.44 0.73
C SER A 440 15.53 62.64 0.86
N LYS A 441 15.87 63.01 2.08
CA LYS A 441 16.75 64.17 2.28
C LYS A 441 17.93 63.99 3.24
N GLU A 442 18.98 63.29 2.83
CA GLU A 442 19.05 62.59 1.55
C GLU A 442 19.42 61.14 1.83
N ALA A 443 20.42 60.96 2.69
CA ALA A 443 20.92 59.65 3.10
C ALA A 443 19.91 59.01 4.05
N ARG A 444 20.02 57.71 4.29
CA ARG A 444 21.08 56.84 3.76
C ARG A 444 20.58 55.87 2.68
N PHE A 445 19.34 56.03 2.26
CA PHE A 445 18.72 55.05 1.37
C PHE A 445 18.84 55.39 -0.11
N GLN A 446 19.47 56.50 -0.43
CA GLN A 446 19.66 56.90 -1.82
C GLN A 446 20.69 55.98 -2.49
N ASP A 447 20.24 55.18 -3.45
CA ASP A 447 21.08 54.17 -4.08
C ASP A 447 21.64 54.62 -5.44
N ASN B 1 -50.40 27.30 24.82
CA ASN B 1 -49.77 26.25 25.60
C ASN B 1 -48.85 25.35 24.76
N TRP B 2 -49.36 24.90 23.61
CA TRP B 2 -48.56 24.12 22.69
C TRP B 2 -47.40 24.93 22.16
N ILE B 3 -47.66 26.21 21.92
CA ILE B 3 -46.63 27.19 21.61
C ILE B 3 -45.56 27.21 22.70
N SER B 4 -46.01 27.10 23.95
CA SER B 4 -45.14 27.21 25.11
C SER B 4 -44.33 25.94 25.38
N GLU B 5 -44.90 24.78 25.06
CA GLU B 5 -44.15 23.52 25.20
C GLU B 5 -43.07 23.41 24.11
N LEU B 6 -43.33 24.06 22.99
CA LEU B 6 -42.41 24.08 21.87
C LEU B 6 -41.15 24.84 22.21
N ILE B 7 -41.32 26.04 22.77
CA ILE B 7 -40.17 26.86 23.13
C ILE B 7 -39.45 26.24 24.32
N ASP B 8 -40.04 25.21 24.92
CA ASP B 8 -39.33 24.47 25.94
C ASP B 8 -38.30 23.58 25.26
N THR B 9 -38.78 22.69 24.40
CA THR B 9 -37.91 21.69 23.78
C THR B 9 -36.79 22.27 22.91
N TYR B 10 -37.01 23.45 22.35
CA TYR B 10 -35.94 24.17 21.65
C TYR B 10 -34.85 24.55 22.64
N ARG B 11 -35.27 25.00 23.82
CA ARG B 11 -34.31 25.48 24.80
C ARG B 11 -33.71 24.31 25.53
N ASN B 12 -34.27 23.13 25.33
CA ASN B 12 -33.62 21.93 25.82
C ASN B 12 -32.93 21.21 24.67
N LEU B 13 -32.74 21.95 23.58
CA LEU B 13 -31.91 21.54 22.46
C LEU B 13 -30.59 22.28 22.63
N MET B 14 -30.67 23.47 23.18
CA MET B 14 -29.51 24.28 23.44
C MET B 14 -28.74 23.75 24.61
N ASN B 15 -29.44 23.04 25.50
CA ASN B 15 -28.86 22.56 26.76
C ASN B 15 -27.70 21.65 26.47
N ASN B 16 -27.93 20.86 25.42
CA ASN B 16 -26.98 19.91 24.84
C ASN B 16 -25.86 20.70 24.15
N TYR B 17 -24.74 20.03 23.90
CA TYR B 17 -23.56 20.69 23.37
C TYR B 17 -23.59 20.51 21.85
N GLU B 18 -22.80 21.28 21.13
CA GLU B 18 -22.75 21.17 19.67
C GLU B 18 -23.89 21.97 19.12
N VAL B 19 -25.10 21.74 19.61
CA VAL B 19 -26.25 22.51 19.18
C VAL B 19 -25.90 23.92 19.61
N ASP B 20 -25.34 24.02 20.82
CA ASP B 20 -24.89 25.27 21.39
C ASP B 20 -23.73 25.80 20.54
N ASN B 21 -22.84 24.90 20.12
CA ASN B 21 -21.71 25.33 19.31
C ASN B 21 -22.17 25.85 17.95
N ALA B 22 -23.15 25.18 17.33
CA ALA B 22 -23.63 25.52 15.98
C ALA B 22 -24.61 26.68 15.96
N VAL B 23 -25.40 26.85 17.01
CA VAL B 23 -26.33 27.97 17.10
C VAL B 23 -25.59 29.27 17.33
N SER B 24 -24.52 29.18 18.10
CA SER B 24 -23.71 30.35 18.37
C SER B 24 -22.64 30.49 17.33
N GLU B 25 -22.66 29.59 16.36
CA GLU B 25 -21.93 29.84 15.15
C GLU B 25 -22.58 31.01 14.40
N ILE B 26 -23.88 30.84 14.15
CA ILE B 26 -24.76 31.83 13.54
C ILE B 26 -24.73 33.22 14.24
N VAL B 27 -25.07 33.25 15.52
CA VAL B 27 -25.23 34.53 16.21
C VAL B 27 -23.90 35.21 16.34
N SER B 28 -22.83 34.47 16.11
CA SER B 28 -21.51 35.07 16.16
C SER B 28 -21.26 35.88 14.91
N ASP B 29 -21.96 35.54 13.83
CA ASP B 29 -21.85 36.34 12.61
C ASP B 29 -23.19 36.79 12.04
N ALA B 30 -24.27 36.56 12.77
CA ALA B 30 -25.54 37.14 12.37
C ALA B 30 -25.69 38.54 12.95
N ILE B 31 -24.91 38.83 13.99
CA ILE B 31 -24.65 40.22 14.44
C ILE B 31 -23.23 40.33 15.01
N VAL B 32 -22.27 40.76 14.22
CA VAL B 32 -20.91 40.68 14.72
C VAL B 32 -20.29 42.00 15.21
N TYR B 33 -20.17 42.11 16.53
CA TYR B 33 -19.47 43.22 17.12
C TYR B 33 -18.07 43.27 16.60
N GLU B 34 -17.60 44.47 16.28
CA GLU B 34 -16.19 44.67 16.04
C GLU B 34 -15.75 45.93 16.75
N ASP B 35 -14.45 46.07 16.93
CA ASP B 35 -13.90 47.25 17.59
C ASP B 35 -14.02 48.47 16.68
N ASP B 36 -14.38 49.61 17.27
CA ASP B 36 -14.51 50.84 16.50
C ASP B 36 -15.76 50.80 15.62
N THR B 37 -15.83 49.79 14.76
CA THR B 37 -16.95 49.62 13.85
C THR B 37 -18.26 49.36 14.61
N GLU B 38 -19.34 49.94 14.10
CA GLU B 38 -20.66 49.79 14.72
C GLU B 38 -21.47 48.64 14.11
N VAL B 39 -22.52 48.24 14.83
CA VAL B 39 -23.41 47.17 14.44
C VAL B 39 -24.81 47.76 14.17
N VAL B 40 -25.57 47.15 13.26
CA VAL B 40 -26.95 47.57 12.93
C VAL B 40 -27.28 49.03 12.48
N ALA B 41 -26.52 49.57 11.52
CA ALA B 41 -26.76 50.93 11.01
C ALA B 41 -28.04 51.10 10.17
N LEU B 42 -28.62 52.31 10.16
CA LEU B 42 -29.82 52.61 9.42
C LEU B 42 -29.49 53.27 8.10
N ASN B 43 -29.15 52.47 7.10
CA ASN B 43 -28.83 52.99 5.79
C ASN B 43 -30.03 53.69 5.18
N LEU B 44 -29.88 54.98 4.92
CA LEU B 44 -30.95 55.73 4.29
C LEU B 44 -30.47 56.04 2.89
N ASP B 45 -31.02 55.35 1.91
CA ASP B 45 -30.65 55.58 0.52
C ASP B 45 -31.93 55.65 -0.28
N LYS B 46 -32.72 56.67 0.03
CA LYS B 46 -33.99 56.88 -0.64
C LYS B 46 -34.40 58.33 -0.55
N SER B 47 -35.28 58.74 -1.45
CA SER B 47 -35.79 60.11 -1.48
C SER B 47 -36.41 60.49 -0.13
N LYS B 48 -35.77 61.44 0.55
CA LYS B 48 -36.29 61.97 1.81
C LYS B 48 -36.38 63.48 1.72
N PHE B 49 -37.38 64.05 2.38
CA PHE B 49 -37.69 65.47 2.22
C PHE B 49 -36.55 66.40 2.61
N SER B 50 -35.92 66.14 3.75
CA SER B 50 -34.87 67.02 4.25
C SER B 50 -33.54 66.30 4.43
N PRO B 51 -32.43 67.01 4.19
CA PRO B 51 -31.10 66.52 4.52
C PRO B 51 -30.93 66.42 6.03
N LYS B 52 -31.77 67.15 6.76
CA LYS B 52 -31.73 67.14 8.22
C LYS B 52 -32.56 66.00 8.81
N ILE B 53 -33.72 65.70 8.22
CA ILE B 53 -34.55 64.62 8.77
C ILE B 53 -33.92 63.25 8.56
N LYS B 54 -33.23 63.05 7.44
CA LYS B 54 -32.62 61.76 7.15
C LYS B 54 -31.49 61.46 8.15
N ASN B 55 -30.82 62.52 8.61
CA ASN B 55 -29.82 62.36 9.66
C ASN B 55 -30.45 62.51 11.03
N MET B 56 -31.69 62.99 11.07
CA MET B 56 -32.39 63.20 12.33
C MET B 56 -32.76 61.86 12.96
N MET B 57 -32.90 60.84 12.12
CA MET B 57 -33.23 59.50 12.60
C MET B 57 -32.22 58.97 13.60
N LEU B 58 -30.99 59.48 13.55
CA LEU B 58 -29.95 58.98 14.43
C LEU B 58 -30.29 59.37 15.87
N ASP B 59 -30.87 60.55 16.03
CA ASP B 59 -31.41 60.98 17.33
C ASP B 59 -32.50 60.00 17.76
N GLU B 60 -33.17 59.43 16.76
CA GLU B 60 -34.22 58.45 17.00
C GLU B 60 -33.66 57.04 17.06
N PHE B 61 -32.83 56.69 16.08
CA PHE B 61 -32.40 55.30 15.89
C PHE B 61 -31.17 54.91 16.72
N SER B 62 -30.16 55.78 16.75
CA SER B 62 -29.00 55.51 17.62
C SER B 62 -29.43 55.50 19.09
N ASP B 63 -30.65 55.95 19.34
CA ASP B 63 -31.25 55.94 20.66
C ASP B 63 -32.19 54.74 20.85
N VAL B 64 -32.79 54.24 19.77
CA VAL B 64 -33.71 53.11 19.90
C VAL B 64 -32.94 51.81 20.15
N LEU B 65 -31.65 51.86 19.84
CA LEU B 65 -30.75 50.75 20.18
C LEU B 65 -30.46 50.74 21.69
N ASN B 66 -30.26 51.93 22.24
CA ASN B 66 -30.01 52.11 23.66
C ASN B 66 -31.08 51.44 24.53
N HIS B 67 -32.32 51.49 24.09
CA HIS B 67 -33.44 50.92 24.84
C HIS B 67 -33.34 49.41 24.87
N LEU B 68 -32.87 48.85 23.76
CA LEU B 68 -32.60 47.43 23.68
C LEU B 68 -31.31 47.14 24.41
N SER B 69 -30.62 48.23 24.77
CA SER B 69 -29.23 48.17 25.25
C SER B 69 -28.43 47.29 24.29
N PHE B 70 -28.70 47.46 23.00
CA PHE B 70 -28.27 46.52 21.98
C PHE B 70 -26.76 46.31 21.88
N GLN B 71 -25.98 47.31 22.28
CA GLN B 71 -24.54 47.27 22.08
C GLN B 71 -23.84 46.17 22.91
N ARG B 72 -24.38 45.85 24.07
CA ARG B 72 -23.80 44.79 24.88
C ARG B 72 -24.82 43.68 25.12
N LYS B 73 -26.04 43.87 24.64
CA LYS B 73 -27.11 42.90 24.84
C LYS B 73 -27.76 42.46 23.54
N GLY B 74 -27.02 42.56 22.43
CA GLY B 74 -27.58 42.22 21.14
C GLY B 74 -27.54 40.73 20.82
N SER B 75 -26.38 40.13 20.99
CA SER B 75 -26.17 38.74 20.61
C SER B 75 -26.83 37.82 21.62
N ASP B 76 -27.68 38.38 22.46
CA ASP B 76 -28.50 37.53 23.29
C ASP B 76 -29.96 37.69 22.83
N HIS B 77 -30.34 38.92 22.50
CA HIS B 77 -31.70 39.19 22.02
C HIS B 77 -32.01 38.46 20.73
N PHE B 78 -30.98 38.28 19.90
CA PHE B 78 -31.08 37.59 18.61
C PHE B 78 -31.01 36.09 18.80
N ARG B 79 -30.00 35.66 19.56
CA ARG B 79 -29.88 34.27 19.94
C ARG B 79 -31.11 33.80 20.67
N ARG B 80 -31.89 34.73 21.19
CA ARG B 80 -33.17 34.36 21.76
C ARG B 80 -34.26 34.23 20.68
N TRP B 81 -34.27 35.16 19.73
CA TRP B 81 -35.21 35.15 18.59
C TRP B 81 -35.13 33.85 17.83
N TYR B 82 -33.90 33.43 17.60
CA TYR B 82 -33.59 32.29 16.75
C TYR B 82 -33.95 31.02 17.45
N VAL B 83 -33.64 30.93 18.74
CA VAL B 83 -33.80 29.67 19.43
C VAL B 83 -35.16 29.54 20.11
N ASP B 84 -35.68 30.68 20.57
CA ASP B 84 -36.96 30.80 21.23
C ASP B 84 -38.10 30.48 20.27
N SER B 85 -37.92 30.89 19.02
CA SER B 85 -38.90 30.73 17.95
C SER B 85 -39.89 31.90 17.95
N ARG B 86 -39.61 32.88 18.81
CA ARG B 86 -40.44 34.07 18.91
C ARG B 86 -39.77 35.04 19.88
N ILE B 87 -40.10 36.33 19.81
CA ILE B 87 -39.49 37.27 20.73
C ILE B 87 -40.40 38.48 20.81
N PHE B 88 -40.79 38.84 22.02
CA PHE B 88 -41.73 39.92 22.22
C PHE B 88 -41.13 41.02 23.06
N PHE B 89 -41.15 42.25 22.59
CA PHE B 89 -40.82 43.38 23.44
C PHE B 89 -42.06 44.20 23.72
N HIS B 90 -42.42 44.31 24.99
CA HIS B 90 -43.51 45.21 25.40
C HIS B 90 -43.02 46.64 25.29
N LYS B 91 -43.92 47.54 24.92
CA LYS B 91 -43.54 48.93 24.75
C LYS B 91 -44.27 49.81 25.73
N ILE B 92 -43.50 50.54 26.52
CA ILE B 92 -44.05 51.48 27.48
C ILE B 92 -44.16 52.85 26.84
N ILE B 93 -45.40 53.30 26.64
CA ILE B 93 -45.66 54.64 26.16
C ILE B 93 -47.10 55.04 26.55
N ASP B 94 -47.23 56.22 27.13
CA ASP B 94 -46.07 57.07 27.36
C ASP B 94 -45.82 57.51 28.82
N PRO B 95 -46.88 57.70 29.65
CA PRO B 95 -48.36 57.68 29.59
C PRO B 95 -48.92 59.00 29.10
N LYS B 96 -48.11 60.03 29.29
CA LYS B 96 -48.36 61.39 28.86
C LYS B 96 -47.06 62.13 29.13
N ARG B 97 -46.71 63.12 28.30
CA ARG B 97 -47.55 63.62 27.22
C ARG B 97 -47.23 62.88 25.93
N PRO B 98 -48.09 62.98 24.90
CA PRO B 98 -47.68 62.38 23.63
C PRO B 98 -46.41 63.03 23.08
N LYS B 99 -45.71 62.32 22.21
CA LYS B 99 -44.46 62.80 21.60
C LYS B 99 -43.40 63.16 22.64
N GLU B 100 -43.47 62.51 23.80
CA GLU B 100 -42.49 62.77 24.86
C GLU B 100 -41.08 62.33 24.44
N GLY B 101 -40.94 61.14 23.86
CA GLY B 101 -42.04 60.19 23.70
C GLY B 101 -41.55 58.76 23.92
N ILE B 102 -42.40 57.91 24.50
CA ILE B 102 -42.11 56.48 24.75
C ILE B 102 -41.26 56.20 26.00
N LYS B 103 -40.96 54.92 26.23
CA LYS B 103 -40.13 54.53 27.36
C LYS B 103 -39.49 53.19 27.07
N GLU B 104 -38.78 52.66 28.06
CA GLU B 104 -37.99 51.45 27.91
C GLU B 104 -38.78 50.26 27.36
N LEU B 105 -38.16 49.50 26.45
CA LEU B 105 -38.75 48.27 25.93
C LEU B 105 -38.29 47.09 26.75
N ARG B 106 -39.25 46.41 27.38
CA ARG B 106 -38.93 45.28 28.25
C ARG B 106 -39.23 43.96 27.54
N ARG B 107 -38.22 43.10 27.47
CA ARG B 107 -38.37 41.78 26.88
C ARG B 107 -39.47 41.03 27.62
N LEU B 108 -40.23 40.21 26.90
CA LEU B 108 -41.20 39.33 27.53
C LEU B 108 -40.73 37.89 27.36
N ASP B 109 -40.93 37.08 28.38
CA ASP B 109 -40.69 35.66 28.27
C ASP B 109 -41.68 35.11 27.25
N PRO B 110 -41.18 34.52 26.16
CA PRO B 110 -42.12 33.69 25.40
C PRO B 110 -42.58 32.54 26.30
N ARG B 111 -43.69 31.89 25.94
CA ARG B 111 -44.36 30.86 26.77
C ARG B 111 -45.32 31.48 27.79
N GLN B 112 -45.33 32.81 27.87
CA GLN B 112 -46.27 33.48 28.76
C GLN B 112 -47.10 34.44 27.94
N VAL B 113 -47.05 34.27 26.62
CA VAL B 113 -47.78 35.12 25.70
C VAL B 113 -48.65 34.31 24.73
N GLN B 114 -49.92 34.69 24.58
CA GLN B 114 -50.82 34.04 23.63
C GLN B 114 -51.39 35.07 22.66
N TYR B 115 -51.41 34.75 21.37
CA TYR B 115 -51.84 35.72 20.35
C TYR B 115 -53.05 35.25 19.54
N VAL B 116 -54.22 35.74 19.93
CA VAL B 116 -55.44 35.58 19.15
C VAL B 116 -56.22 36.88 19.13
N TYR B 136 -54.46 40.66 19.44
CA TYR B 136 -54.82 40.80 20.84
C TYR B 136 -53.94 39.86 21.68
N PHE B 137 -52.92 40.44 22.31
CA PHE B 137 -51.90 39.67 23.02
C PHE B 137 -52.26 39.39 24.48
N ILE B 138 -52.23 38.12 24.86
CA ILE B 138 -52.56 37.70 26.20
C ILE B 138 -51.30 37.37 27.00
N TYR B 139 -50.76 38.35 27.70
CA TYR B 139 -49.57 38.12 28.50
C TYR B 139 -49.93 37.50 29.84
N ASP B 140 -49.67 36.20 29.97
CA ASP B 140 -49.80 35.53 31.27
C ASP B 140 -48.68 36.00 32.19
N THR B 141 -49.02 36.28 33.43
CA THR B 141 -48.03 36.76 34.39
C THR B 141 -47.68 35.71 35.43
N ALA B 142 -46.42 35.30 35.45
CA ALA B 142 -45.91 34.45 36.50
C ALA B 142 -45.23 35.34 37.53
N HIS B 143 -45.76 35.38 38.76
CA HIS B 143 -45.19 36.25 39.77
C HIS B 143 -45.52 37.68 39.37
N GLU B 144 -44.75 38.67 39.85
CA GLU B 144 -45.01 40.05 39.48
C GLU B 144 -43.87 40.59 38.61
N SER B 145 -44.19 41.07 37.41
CA SER B 145 -43.16 41.59 36.50
C SER B 145 -43.05 43.11 36.34
N TYR B 146 -44.16 43.79 36.06
CA TYR B 146 -44.12 45.25 35.90
C TYR B 146 -45.45 45.97 36.14
N ALA B 147 -45.35 47.27 36.44
CA ALA B 147 -46.53 48.10 36.70
C ALA B 147 -46.96 49.00 35.53
N CYS B 148 -46.25 48.93 34.41
CA CYS B 148 -46.56 49.76 33.26
C CYS B 148 -46.87 51.16 33.77
N ASP B 149 -47.48 51.99 32.92
CA ASP B 149 -47.83 53.34 33.32
C ASP B 149 -48.87 53.36 34.44
N GLY B 150 -49.83 52.44 34.37
CA GLY B 150 -50.90 52.34 35.32
C GLY B 150 -51.70 51.07 35.11
N ARG B 151 -52.46 50.65 36.13
CA ARG B 151 -52.54 51.40 37.37
C ARG B 151 -51.49 50.94 38.38
N MET B 152 -51.19 49.64 38.38
CA MET B 152 -50.24 49.06 39.33
C MET B 152 -49.88 47.65 38.88
N TYR B 153 -48.82 47.09 39.45
CA TYR B 153 -48.33 45.76 39.09
C TYR B 153 -49.34 44.65 39.35
N GLU B 154 -49.81 44.04 38.27
CA GLU B 154 -50.71 42.91 38.36
C GLU B 154 -49.96 41.67 38.85
N ALA B 155 -50.69 40.72 39.44
CA ALA B 155 -50.06 39.53 40.01
C ALA B 155 -50.84 38.25 39.72
N GLY B 156 -50.26 37.38 38.91
CA GLY B 156 -50.83 36.08 38.63
C GLY B 156 -51.98 36.08 37.64
N THR B 157 -52.27 37.24 37.05
CA THR B 157 -53.42 37.37 36.16
C THR B 157 -53.03 37.63 34.70
N LYS B 158 -53.85 37.12 33.78
CA LYS B 158 -53.63 37.30 32.35
C LYS B 158 -53.97 38.73 31.93
N ILE B 159 -52.95 39.58 31.78
CA ILE B 159 -53.17 40.96 31.35
C ILE B 159 -53.17 41.02 29.83
N LYS B 160 -54.05 41.85 29.27
CA LYS B 160 -54.19 41.93 27.83
C LYS B 160 -53.58 43.22 27.26
N ILE B 161 -52.70 43.06 26.29
CA ILE B 161 -52.11 44.20 25.60
C ILE B 161 -52.53 44.19 24.14
N PRO B 162 -52.87 45.37 23.59
CA PRO B 162 -53.24 45.47 22.17
C PRO B 162 -52.09 45.17 21.21
N LYS B 163 -52.42 44.69 20.01
CA LYS B 163 -51.44 44.30 18.99
C LYS B 163 -50.58 45.48 18.55
N ALA B 164 -50.83 46.62 19.16
CA ALA B 164 -49.91 47.73 19.18
C ALA B 164 -50.03 48.34 20.57
N ALA B 165 -48.91 48.68 21.19
CA ALA B 165 -47.60 48.56 20.57
C ALA B 165 -46.77 47.51 21.28
N VAL B 166 -46.64 46.34 20.63
CA VAL B 166 -45.74 45.27 21.07
C VAL B 166 -45.03 44.70 19.86
N VAL B 167 -43.70 44.74 19.82
CA VAL B 167 -43.01 44.22 18.65
C VAL B 167 -42.99 42.71 18.73
N TYR B 168 -43.50 42.05 17.70
CA TYR B 168 -43.57 40.59 17.67
C TYR B 168 -42.79 40.09 16.48
N ALA B 169 -41.61 39.56 16.74
CA ALA B 169 -40.79 39.07 15.65
C ALA B 169 -40.75 37.55 15.64
N HIS B 170 -41.18 36.96 14.55
CA HIS B 170 -41.22 35.51 14.46
C HIS B 170 -40.33 34.99 13.34
N SER B 171 -39.70 33.85 13.58
CA SER B 171 -39.01 33.10 12.53
C SER B 171 -40.00 32.75 11.43
N GLY B 172 -39.92 33.41 10.27
CA GLY B 172 -40.97 33.28 9.27
C GLY B 172 -41.30 31.89 8.72
N LEU B 173 -41.62 30.95 9.60
CA LEU B 173 -41.91 29.58 9.14
C LEU B 173 -43.34 29.04 9.34
N VAL B 174 -43.92 28.55 8.25
CA VAL B 174 -45.28 27.99 8.24
C VAL B 174 -45.53 26.70 9.03
N ASP B 175 -44.58 25.76 8.98
CA ASP B 175 -44.69 24.46 9.66
C ASP B 175 -45.40 23.41 8.81
N CYS B 176 -45.57 22.19 9.34
CA CYS B 176 -46.23 21.10 8.60
C CYS B 176 -47.67 21.43 8.25
N CYS B 177 -48.40 21.97 9.22
CA CYS B 177 -49.79 22.39 9.03
C CYS B 177 -50.00 23.86 9.36
N GLY B 178 -50.58 24.60 8.42
CA GLY B 178 -50.87 26.01 8.63
C GLY B 178 -51.98 26.25 9.64
N LYS B 179 -51.85 27.29 10.45
CA LYS B 179 -50.69 28.16 10.44
C LYS B 179 -50.13 28.09 11.86
N ASN B 180 -48.88 27.68 11.97
CA ASN B 180 -48.22 27.58 13.27
C ASN B 180 -46.79 28.06 13.11
N ILE B 181 -46.18 28.55 14.19
CA ILE B 181 -44.80 29.02 14.05
C ILE B 181 -43.78 27.99 14.53
N ILE B 182 -42.78 27.72 13.69
CA ILE B 182 -41.73 26.75 14.00
C ILE B 182 -40.34 27.13 13.47
N GLY B 183 -39.30 26.56 14.07
CA GLY B 183 -37.93 26.80 13.66
C GLY B 183 -37.20 27.97 14.31
N TYR B 184 -35.95 28.17 13.89
CA TYR B 184 -35.36 27.32 12.87
C TYR B 184 -34.70 26.07 13.40
N LEU B 185 -34.84 25.80 14.69
CA LEU B 185 -34.13 24.67 15.25
C LEU B 185 -34.85 23.35 15.00
N HIS B 186 -36.15 23.43 14.72
CA HIS B 186 -37.03 22.25 14.56
C HIS B 186 -36.45 21.09 13.76
N ARG B 187 -36.05 21.33 12.52
CA ARG B 187 -35.59 20.22 11.70
C ARG B 187 -34.50 19.40 12.38
N ALA B 188 -33.74 20.03 13.28
CA ALA B 188 -32.67 19.32 13.98
C ALA B 188 -33.01 18.73 15.36
N VAL B 189 -34.28 18.84 15.77
CA VAL B 189 -34.71 18.32 17.06
C VAL B 189 -34.75 16.79 17.12
N LYS B 190 -35.35 16.19 16.09
CA LYS B 190 -35.44 14.74 16.01
C LYS B 190 -34.06 14.16 15.81
N PRO B 191 -33.27 14.85 14.91
CA PRO B 191 -31.92 14.27 14.73
C PRO B 191 -31.10 14.35 16.00
N ALA B 192 -31.23 15.44 16.75
CA ALA B 192 -30.44 15.61 17.96
C ALA B 192 -30.84 14.64 19.05
N ASN B 193 -32.12 14.32 19.11
CA ASN B 193 -32.59 13.39 20.11
C ASN B 193 -32.13 11.97 19.84
N GLN B 194 -31.63 11.69 18.64
CA GLN B 194 -31.23 10.33 18.35
C GLN B 194 -29.76 10.26 18.07
N LEU B 195 -29.04 11.37 18.17
CA LEU B 195 -27.58 11.25 18.18
C LEU B 195 -27.12 10.85 19.57
N LYS B 196 -27.81 11.40 20.57
CA LYS B 196 -27.55 11.14 21.98
C LYS B 196 -28.08 9.79 22.43
N LEU B 197 -29.14 9.34 21.77
CA LEU B 197 -29.71 8.01 21.99
C LEU B 197 -28.79 6.90 21.49
N LEU B 198 -27.55 7.27 21.24
CA LEU B 198 -26.53 6.38 20.77
C LEU B 198 -25.36 6.52 21.71
N GLU B 199 -25.16 7.74 22.21
CA GLU B 199 -24.08 8.07 23.13
C GLU B 199 -24.35 7.55 24.53
N ASP B 200 -25.62 7.28 24.80
CA ASP B 200 -25.98 6.59 26.02
C ASP B 200 -25.92 5.08 25.77
N ALA B 201 -26.29 4.69 24.57
CA ALA B 201 -26.11 3.33 24.13
C ALA B 201 -24.64 2.94 24.11
N VAL B 202 -23.75 3.78 23.60
CA VAL B 202 -22.36 3.39 23.49
C VAL B 202 -21.63 3.34 24.82
N VAL B 203 -22.05 4.16 25.79
CA VAL B 203 -21.45 4.03 27.10
C VAL B 203 -22.17 2.93 27.86
N ILE B 204 -23.45 2.71 27.59
CA ILE B 204 -24.16 1.72 28.37
C ILE B 204 -23.64 0.33 28.04
N TYR B 205 -23.21 0.14 26.81
CA TYR B 205 -22.67 -1.13 26.47
C TYR B 205 -21.37 -1.33 27.23
N ARG B 206 -20.57 -0.27 27.34
CA ARG B 206 -19.23 -0.41 27.93
C ARG B 206 -19.16 -0.36 29.44
N ILE B 207 -19.87 0.58 30.06
CA ILE B 207 -20.01 0.61 31.51
C ILE B 207 -20.35 -0.76 32.03
N THR B 208 -21.48 -1.28 31.55
CA THR B 208 -21.94 -2.61 31.93
C THR B 208 -21.03 -3.63 31.26
N ARG B 209 -20.68 -4.66 32.02
CA ARG B 209 -19.79 -5.71 31.54
C ARG B 209 -18.34 -5.25 31.64
N ALA B 210 -18.17 -4.00 32.07
CA ALA B 210 -16.84 -3.44 32.25
C ALA B 210 -16.23 -4.27 33.35
N PRO B 211 -17.08 -4.58 34.34
CA PRO B 211 -16.67 -5.41 35.48
C PRO B 211 -17.07 -6.85 35.23
N ASP B 212 -16.18 -7.81 35.44
CA ASP B 212 -16.56 -9.21 35.15
C ASP B 212 -17.56 -9.65 36.20
N ARG B 213 -18.66 -10.23 35.72
CA ARG B 213 -19.69 -10.73 36.62
C ARG B 213 -19.71 -12.24 36.56
N ARG B 214 -19.94 -12.87 37.70
CA ARG B 214 -19.95 -14.31 37.75
C ARG B 214 -21.12 -14.83 38.55
N VAL B 215 -21.86 -15.77 37.97
CA VAL B 215 -23.01 -16.35 38.64
C VAL B 215 -22.69 -17.70 39.25
N TRP B 216 -22.69 -17.76 40.58
CA TRP B 216 -22.28 -18.96 41.30
C TRP B 216 -23.45 -19.85 41.63
N TYR B 217 -23.57 -20.99 40.96
CA TYR B 217 -24.64 -21.91 41.29
C TYR B 217 -24.13 -22.96 42.27
N VAL B 218 -24.67 -22.97 43.50
CA VAL B 218 -24.39 -24.03 44.47
C VAL B 218 -25.71 -24.69 44.88
N ASP B 219 -25.74 -26.02 44.91
CA ASP B 219 -27.00 -26.72 45.11
C ASP B 219 -27.15 -27.31 46.52
N THR B 220 -28.41 -27.41 46.96
CA THR B 220 -28.76 -28.04 48.23
C THR B 220 -30.14 -28.70 48.11
N GLY B 221 -30.15 -30.03 48.03
CA GLY B 221 -31.40 -30.75 47.91
C GLY B 221 -31.94 -31.23 49.24
N ASN B 222 -33.25 -31.07 49.42
CA ASN B 222 -33.98 -31.61 50.58
C ASN B 222 -33.56 -31.01 51.92
N MET B 223 -33.37 -29.70 51.96
CA MET B 223 -33.21 -28.98 53.22
C MET B 223 -34.01 -27.69 53.15
N PRO B 224 -34.74 -27.39 54.24
CA PRO B 224 -35.67 -26.25 54.27
C PRO B 224 -34.97 -24.93 53.96
N ALA B 225 -35.65 -24.00 53.32
CA ALA B 225 -35.08 -22.71 52.97
C ALA B 225 -34.66 -21.91 54.21
N ARG B 226 -35.26 -22.24 55.35
CA ARG B 226 -34.90 -21.64 56.62
C ARG B 226 -33.45 -21.96 57.00
N LYS B 227 -33.03 -23.20 56.75
CA LYS B 227 -31.69 -23.65 57.14
C LYS B 227 -30.80 -23.89 55.92
N ALA B 228 -31.38 -23.89 54.73
CA ALA B 228 -30.60 -24.01 53.49
C ALA B 228 -29.84 -22.72 53.23
N ALA B 229 -30.46 -21.60 53.56
CA ALA B 229 -29.84 -20.30 53.41
C ALA B 229 -28.61 -20.17 54.32
N GLU B 230 -28.53 -20.99 55.36
CA GLU B 230 -27.38 -21.01 56.24
C GLU B 230 -26.17 -21.64 55.55
N HIS B 231 -26.43 -22.46 54.54
CA HIS B 231 -25.38 -23.05 53.72
C HIS B 231 -24.99 -22.08 52.61
N MET B 232 -25.69 -20.95 52.58
CA MET B 232 -25.36 -19.87 51.66
C MET B 232 -24.66 -18.74 52.39
N GLN B 233 -24.96 -18.58 53.68
CA GLN B 233 -24.30 -17.56 54.48
C GLN B 233 -22.82 -17.88 54.69
N HIS B 234 -22.45 -19.15 54.49
CA HIS B 234 -21.08 -19.59 54.73
C HIS B 234 -20.18 -19.45 53.51
N VAL B 235 -20.75 -19.50 52.30
CA VAL B 235 -19.94 -19.35 51.09
C VAL B 235 -19.70 -17.88 50.76
N MET B 236 -20.43 -16.98 51.42
CA MET B 236 -20.14 -15.56 51.29
C MET B 236 -19.01 -15.17 52.25
N ASN B 237 -19.24 -15.37 53.55
CA ASN B 237 -18.29 -14.96 54.59
C ASN B 237 -16.92 -15.63 54.49
N THR B 238 -16.73 -16.53 53.52
CA THR B 238 -15.46 -17.23 53.34
C THR B 238 -14.80 -16.93 52.00
N MET B 239 -15.58 -16.52 51.01
CA MET B 239 -15.07 -16.41 49.65
C MET B 239 -15.52 -15.16 48.92
N LYS B 240 -16.20 -14.28 49.63
CA LYS B 240 -16.71 -13.03 49.05
C LYS B 240 -15.56 -12.09 48.72
N ASN B 241 -15.63 -11.39 47.59
CA ASN B 241 -14.55 -10.48 47.22
C ASN B 241 -14.82 -9.00 47.47
N ARG B 242 -13.96 -8.37 48.27
CA ARG B 242 -14.08 -6.95 48.60
C ARG B 242 -13.25 -6.02 47.72
N VAL B 243 -12.44 -6.60 46.83
CA VAL B 243 -11.61 -5.80 45.95
C VAL B 243 -12.43 -4.71 45.26
N VAL B 244 -11.99 -3.47 45.38
CA VAL B 244 -12.69 -2.31 44.83
C VAL B 244 -11.76 -1.40 44.04
N TYR B 245 -12.31 -0.63 43.10
CA TYR B 245 -11.57 0.41 42.41
C TYR B 245 -12.32 1.72 42.52
N ASP B 246 -11.69 2.74 43.11
CA ASP B 246 -12.36 4.02 43.31
C ASP B 246 -11.84 5.08 42.36
N ALA B 247 -12.77 5.82 41.75
CA ALA B 247 -12.48 6.78 40.69
C ALA B 247 -11.93 8.13 41.20
N SER B 248 -11.94 8.31 42.51
CA SER B 248 -11.32 9.50 43.10
C SER B 248 -9.81 9.43 42.88
N THR B 249 -9.21 8.44 43.52
CA THR B 249 -7.79 8.15 43.40
C THR B 249 -7.86 6.75 42.84
N GLY B 250 -7.10 6.48 41.79
CA GLY B 250 -7.18 5.15 41.19
C GLY B 250 -6.32 4.13 41.91
N LYS B 251 -6.74 3.75 43.12
CA LYS B 251 -6.00 2.75 43.84
C LYS B 251 -6.96 1.64 44.15
N ILE B 252 -6.44 0.49 44.54
CA ILE B 252 -7.31 -0.63 44.84
C ILE B 252 -7.43 -0.78 46.35
N LYS B 253 -8.56 -0.28 46.86
CA LYS B 253 -8.79 -0.14 48.29
C LYS B 253 -8.71 -1.46 49.05
N ASN B 254 -8.27 -1.39 50.31
CA ASN B 254 -8.10 -2.56 51.17
C ASN B 254 -7.13 -3.60 50.62
N GLN B 255 -6.30 -3.20 49.67
CA GLN B 255 -5.29 -4.09 49.13
C GLN B 255 -3.92 -3.40 49.08
N GLN B 256 -3.36 -3.16 50.26
CA GLN B 256 -2.04 -2.55 50.38
C GLN B 256 -1.18 -3.49 51.22
N HIS B 257 -0.03 -3.88 50.68
CA HIS B 257 0.43 -3.40 49.38
C HIS B 257 0.75 -4.54 48.41
N ASN B 258 0.71 -4.21 47.12
CA ASN B 258 0.98 -5.15 46.03
C ASN B 258 -0.29 -5.84 45.53
N MET B 259 -0.16 -6.61 44.45
CA MET B 259 -1.30 -7.31 43.88
C MET B 259 -1.12 -8.83 43.74
N SER B 260 -2.14 -9.57 44.15
CA SER B 260 -2.13 -11.02 44.09
C SER B 260 -1.76 -11.40 42.66
N MET B 261 -0.84 -12.36 42.53
CA MET B 261 -0.46 -12.85 41.22
C MET B 261 -1.60 -13.66 40.66
N THR B 262 -2.37 -14.32 41.54
CA THR B 262 -3.48 -15.14 41.07
C THR B 262 -4.51 -15.45 42.16
N GLU B 263 -5.73 -15.76 41.75
CA GLU B 263 -6.86 -16.01 42.66
C GLU B 263 -7.15 -17.47 42.93
N ASP B 264 -7.98 -17.74 43.93
CA ASP B 264 -8.27 -19.12 44.28
C ASP B 264 -9.65 -19.28 44.96
N TYR B 265 -10.63 -19.77 44.21
CA TYR B 265 -11.97 -19.98 44.72
C TYR B 265 -12.26 -21.47 44.89
N TRP B 266 -12.87 -21.85 46.02
CA TRP B 266 -13.04 -23.27 46.40
C TRP B 266 -14.50 -23.73 46.63
N LEU B 267 -15.07 -24.42 45.64
CA LEU B 267 -16.45 -24.88 45.70
C LEU B 267 -16.54 -26.40 45.78
N GLN B 268 -17.57 -26.90 46.46
CA GLN B 268 -17.69 -28.34 46.72
C GLN B 268 -19.03 -28.90 46.29
N ARG B 269 -19.05 -29.54 45.13
CA ARG B 269 -20.24 -30.21 44.63
C ARG B 269 -20.58 -31.37 45.57
N ARG B 270 -21.51 -31.13 46.49
CA ARG B 270 -21.83 -32.10 47.54
C ARG B 270 -22.32 -33.44 46.99
N ASP B 271 -23.11 -33.40 45.92
CA ASP B 271 -23.55 -34.60 45.22
C ASP B 271 -22.40 -35.20 44.41
N GLY B 272 -22.56 -36.43 43.97
CA GLY B 272 -21.58 -37.01 43.06
C GLY B 272 -21.90 -36.65 41.62
N LYS B 273 -22.10 -35.35 41.35
CA LYS B 273 -22.38 -34.89 39.98
C LYS B 273 -22.13 -33.38 39.79
N ALA B 274 -21.72 -33.03 38.57
CA ALA B 274 -21.18 -31.71 38.24
C ALA B 274 -22.23 -30.61 38.10
N VAL B 275 -22.78 -30.16 39.21
CA VAL B 275 -23.88 -29.19 39.16
C VAL B 275 -23.55 -27.82 39.79
N THR B 276 -22.55 -27.78 40.68
CA THR B 276 -22.09 -26.53 41.29
C THR B 276 -20.91 -25.93 40.53
N GLU B 277 -21.10 -24.72 39.99
CA GLU B 277 -20.06 -24.11 39.18
C GLU B 277 -20.24 -22.62 38.98
N VAL B 278 -19.15 -21.97 38.57
CA VAL B 278 -19.14 -20.57 38.22
C VAL B 278 -19.19 -20.43 36.70
N ASP B 279 -20.19 -19.71 36.22
CA ASP B 279 -20.26 -19.39 34.80
C ASP B 279 -20.13 -17.89 34.63
N THR B 280 -18.97 -17.46 34.17
CA THR B 280 -18.76 -16.07 33.86
C THR B 280 -19.73 -15.62 32.78
N LEU B 281 -20.34 -14.46 33.01
CA LEU B 281 -21.19 -13.83 32.00
C LEU B 281 -20.31 -13.11 30.97
N PRO B 282 -20.78 -13.03 29.71
CA PRO B 282 -19.94 -12.60 28.59
C PRO B 282 -19.19 -11.30 28.83
N GLY B 283 -17.99 -11.20 28.27
CA GLY B 283 -17.25 -9.96 28.31
C GLY B 283 -17.68 -9.13 27.12
N ALA B 284 -17.62 -7.81 27.29
CA ALA B 284 -17.94 -6.88 26.22
C ALA B 284 -16.85 -6.88 25.17
N ASP B 285 -16.97 -7.75 24.17
CA ASP B 285 -15.99 -7.80 23.11
C ASP B 285 -16.28 -6.63 22.22
N ASN B 286 -15.26 -5.85 21.91
CA ASN B 286 -15.44 -4.68 21.07
C ASN B 286 -15.37 -4.96 19.58
N THR B 287 -16.38 -5.63 19.03
CA THR B 287 -16.35 -5.88 17.60
C THR B 287 -16.52 -4.54 16.88
N GLY B 288 -17.57 -3.80 17.24
CA GLY B 288 -17.84 -2.45 16.73
C GLY B 288 -16.59 -1.58 16.68
N ASN B 289 -16.04 -1.22 15.52
CA ASN B 289 -16.63 -1.17 14.16
C ASN B 289 -17.60 0.00 14.08
N MET B 290 -17.29 1.08 14.79
CA MET B 290 -18.23 2.19 15.00
C MET B 290 -18.19 3.32 13.96
N GLU B 291 -18.75 3.09 12.77
CA GLU B 291 -18.93 4.13 11.77
C GLU B 291 -20.37 4.60 11.83
N ASP B 292 -20.99 4.38 12.98
CA ASP B 292 -22.43 4.50 13.16
C ASP B 292 -22.91 5.84 13.70
N ILE B 293 -22.45 6.18 14.90
CA ILE B 293 -22.59 7.51 15.46
C ILE B 293 -21.92 8.54 14.55
N ARG B 294 -20.80 8.18 13.96
CA ARG B 294 -20.17 9.08 13.03
C ARG B 294 -21.09 9.39 11.86
N TRP B 295 -22.17 8.63 11.71
CA TRP B 295 -23.17 8.92 10.66
C TRP B 295 -24.11 10.00 11.14
N PHE B 296 -24.65 9.80 12.34
CA PHE B 296 -25.69 10.66 12.87
C PHE B 296 -25.16 11.99 13.38
N ARG B 297 -23.85 12.10 13.57
CA ARG B 297 -23.34 13.38 13.93
C ARG B 297 -23.23 14.23 12.68
N GLN B 298 -22.90 13.62 11.53
CA GLN B 298 -22.87 14.42 10.31
C GLN B 298 -24.28 14.84 9.90
N ALA B 299 -25.28 14.06 10.32
CA ALA B 299 -26.65 14.43 10.06
C ALA B 299 -26.96 15.67 10.88
N LEU B 300 -27.07 15.52 12.20
CA LEU B 300 -27.42 16.65 13.08
C LEU B 300 -26.71 17.94 12.71
N TYR B 301 -25.52 17.81 12.15
CA TYR B 301 -24.74 18.95 11.72
C TYR B 301 -25.19 19.57 10.38
N MET B 302 -25.87 18.79 9.54
CA MET B 302 -26.39 19.29 8.27
C MET B 302 -27.74 19.86 8.52
N ALA B 303 -28.33 19.42 9.62
CA ALA B 303 -29.68 19.80 9.91
C ALA B 303 -29.70 21.12 10.64
N LEU B 304 -28.57 21.50 11.22
CA LEU B 304 -28.43 22.74 11.96
C LEU B 304 -28.51 23.97 11.05
N ARG B 305 -27.88 23.86 9.88
CA ARG B 305 -27.80 24.96 8.91
C ARG B 305 -26.40 25.59 8.92
N VAL B 306 -25.53 25.12 9.81
CA VAL B 306 -24.18 25.60 9.86
C VAL B 306 -23.39 24.81 8.81
N PRO B 307 -22.57 25.50 8.00
CA PRO B 307 -21.78 24.84 6.94
C PRO B 307 -20.88 23.76 7.50
N LEU B 308 -20.64 22.70 6.74
CA LEU B 308 -19.81 21.60 7.26
C LEU B 308 -18.33 21.95 7.22
N SER B 309 -17.99 23.01 6.48
CA SER B 309 -16.60 23.41 6.31
C SER B 309 -16.02 24.05 7.59
N ARG B 310 -16.88 24.25 8.59
CA ARG B 310 -16.38 24.69 9.87
C ARG B 310 -15.69 23.36 10.10
N ILE B 311 -14.64 23.29 10.90
CA ILE B 311 -13.92 22.00 11.08
C ILE B 311 -14.37 20.99 12.16
N PRO B 312 -15.55 20.27 11.94
CA PRO B 312 -15.87 19.32 13.01
C PRO B 312 -14.86 18.16 13.04
N GLN B 313 -14.47 17.70 11.86
CA GLN B 313 -13.53 16.61 11.71
C GLN B 313 -12.12 17.02 12.11
N ASP B 314 -11.28 16.05 12.44
CA ASP B 314 -9.92 16.32 12.85
C ASP B 314 -9.23 17.05 11.71
N GLN B 315 -9.51 16.63 10.48
CA GLN B 315 -8.93 17.27 9.31
C GLN B 315 -7.42 17.37 9.36
N GLN B 316 -6.74 16.26 9.65
CA GLN B 316 -5.28 16.29 9.70
C GLN B 316 -4.82 16.76 8.33
N GLY B 317 -3.84 17.66 8.32
CA GLY B 317 -3.36 18.21 7.07
C GLY B 317 -4.54 18.73 6.25
N GLY B 318 -4.71 18.21 5.04
CA GLY B 318 -3.83 17.23 4.43
C GLY B 318 -2.38 17.58 4.09
N VAL B 319 -2.12 18.73 3.47
CA VAL B 319 -3.12 19.74 3.14
C VAL B 319 -3.64 19.59 1.71
N MET B 320 -4.56 20.47 1.33
CA MET B 320 -5.31 20.34 0.08
C MET B 320 -4.51 20.42 -1.24
N PHE B 321 -3.68 21.44 -1.49
CA PHE B 321 -3.29 22.49 -0.55
C PHE B 321 -3.28 23.88 -1.16
N ASP B 322 -3.42 24.89 -0.32
CA ASP B 322 -3.28 26.30 -0.73
C ASP B 322 -2.90 27.13 0.48
N SER B 323 -2.19 28.22 0.25
CA SER B 323 -1.70 29.07 1.35
C SER B 323 -2.81 29.93 1.94
N GLY B 324 -3.81 30.24 1.12
CA GLY B 324 -4.95 31.02 1.56
C GLY B 324 -6.26 30.29 1.28
N THR B 325 -7.01 29.99 2.34
CA THR B 325 -8.25 29.24 2.21
C THR B 325 -9.27 30.04 1.41
N SER B 326 -9.86 29.38 0.41
CA SER B 326 -10.72 30.04 -0.54
C SER B 326 -12.18 30.08 -0.10
N ILE B 327 -12.98 30.85 -0.82
CA ILE B 327 -14.41 30.85 -0.59
C ILE B 327 -15.02 29.64 -1.28
N THR B 328 -15.54 28.72 -0.50
CA THR B 328 -16.21 27.54 -1.03
C THR B 328 -17.62 27.96 -1.40
N ARG B 329 -18.43 27.06 -1.96
CA ARG B 329 -19.80 27.44 -2.25
C ARG B 329 -20.63 27.23 -0.99
N ASP B 330 -20.16 26.31 -0.15
CA ASP B 330 -20.76 26.06 1.17
C ASP B 330 -20.88 27.34 1.96
N GLU B 331 -19.73 27.92 2.28
CA GLU B 331 -19.64 29.13 3.07
C GLU B 331 -20.41 30.27 2.45
N LEU B 332 -20.32 30.37 1.14
CA LEU B 332 -21.02 31.41 0.38
C LEU B 332 -22.54 31.29 0.52
N THR B 333 -23.05 30.06 0.46
CA THR B 333 -24.47 29.77 0.71
C THR B 333 -24.91 30.34 2.05
N PHE B 334 -24.20 29.93 3.09
CA PHE B 334 -24.50 30.29 4.48
C PHE B 334 -24.58 31.79 4.72
N ALA B 335 -23.73 32.57 4.06
CA ALA B 335 -23.79 34.01 4.24
C ALA B 335 -25.20 34.42 3.82
N LYS B 336 -25.69 33.79 2.75
CA LYS B 336 -27.03 34.06 2.24
C LYS B 336 -28.13 33.67 3.25
N PHE B 337 -27.95 32.53 3.91
CA PHE B 337 -28.94 32.07 4.89
C PHE B 337 -29.02 33.09 6.03
N ILE B 338 -27.86 33.56 6.44
CA ILE B 338 -27.72 34.60 7.46
C ILE B 338 -28.38 35.89 7.05
N ARG B 339 -27.92 36.47 5.95
CA ARG B 339 -28.45 37.76 5.54
C ARG B 339 -29.94 37.67 5.26
N GLU B 340 -30.47 36.45 5.20
CA GLU B 340 -31.91 36.31 5.15
C GLU B 340 -32.50 36.38 6.56
N LEU B 341 -31.79 35.82 7.54
CA LEU B 341 -32.20 35.94 8.94
C LEU B 341 -32.27 37.39 9.36
N GLN B 342 -31.12 38.07 9.33
CA GLN B 342 -31.01 39.49 9.64
C GLN B 342 -32.18 40.29 9.08
N HIS B 343 -32.69 39.89 7.93
CA HIS B 343 -33.85 40.54 7.34
C HIS B 343 -35.18 40.13 7.97
N LYS B 344 -35.14 39.16 8.90
CA LYS B 344 -36.33 38.77 9.64
C LYS B 344 -36.30 39.42 11.00
N PHE B 345 -35.11 39.49 11.55
CA PHE B 345 -34.81 40.16 12.80
C PHE B 345 -34.66 41.66 12.50
N GLU B 346 -34.80 42.02 11.23
CA GLU B 346 -34.88 43.42 10.83
C GLU B 346 -36.09 44.07 11.51
N GLU B 347 -37.14 43.28 11.65
CA GLU B 347 -38.41 43.74 12.19
C GLU B 347 -38.28 44.38 13.55
N VAL B 348 -37.46 43.80 14.42
CA VAL B 348 -37.34 44.29 15.79
C VAL B 348 -36.77 45.70 15.89
N PHE B 349 -36.36 46.25 14.75
CA PHE B 349 -35.88 47.62 14.72
C PHE B 349 -36.88 48.58 14.08
N LEU B 350 -37.64 48.10 13.11
CA LEU B 350 -38.48 49.00 12.32
C LEU B 350 -39.86 49.27 12.91
N ASP B 351 -40.38 48.41 13.80
CA ASP B 351 -41.63 48.77 14.48
C ASP B 351 -41.43 49.38 15.88
N PRO B 352 -40.21 49.32 16.46
CA PRO B 352 -40.13 50.28 17.55
C PRO B 352 -39.81 51.68 17.03
N LEU B 353 -39.17 51.75 15.86
CA LEU B 353 -38.80 53.03 15.27
C LEU B 353 -40.01 53.74 14.64
N LYS B 354 -40.75 53.03 13.79
CA LYS B 354 -41.86 53.66 13.06
C LYS B 354 -43.00 54.10 13.98
N THR B 355 -43.24 53.37 15.05
CA THR B 355 -44.27 53.77 16.00
C THR B 355 -43.75 54.87 16.93
N ASN B 356 -42.43 55.06 16.95
CA ASN B 356 -41.81 56.13 17.74
C ASN B 356 -41.58 57.35 16.87
N LEU B 357 -41.57 57.14 15.55
CA LEU B 357 -41.39 58.20 14.56
C LEU B 357 -42.75 58.68 14.06
N LEU B 358 -43.79 58.27 14.77
CA LEU B 358 -45.16 58.67 14.52
C LEU B 358 -45.70 59.20 15.84
N LEU B 359 -45.30 58.53 16.92
CA LEU B 359 -45.55 59.00 18.27
C LEU B 359 -44.92 60.38 18.44
N LYS B 360 -43.68 60.51 17.99
CA LYS B 360 -42.89 61.74 18.14
C LYS B 360 -43.33 62.83 17.16
N GLY B 361 -43.79 62.41 15.99
CA GLY B 361 -44.20 63.36 14.97
C GLY B 361 -43.38 63.16 13.71
N ILE B 362 -43.10 64.26 13.02
CA ILE B 362 -42.44 64.24 11.70
C ILE B 362 -43.27 63.41 10.71
N ILE B 363 -42.69 62.36 10.13
CA ILE B 363 -43.34 61.61 9.04
C ILE B 363 -44.60 60.83 9.47
N THR B 364 -45.66 60.92 8.67
CA THR B 364 -46.88 60.16 8.93
C THR B 364 -46.83 58.77 8.32
N GLU B 365 -47.82 57.94 8.65
CA GLU B 365 -47.89 56.57 8.15
C GLU B 365 -48.08 56.54 6.63
N ASP B 366 -48.82 57.51 6.10
CA ASP B 366 -49.09 57.59 4.67
C ASP B 366 -47.84 57.95 3.85
N GLU B 367 -46.84 58.52 4.51
CA GLU B 367 -45.58 58.84 3.86
C GLU B 367 -44.61 57.67 3.95
N TRP B 368 -44.68 56.97 5.07
CA TRP B 368 -43.80 55.84 5.36
C TRP B 368 -43.91 54.71 4.33
N ASN B 369 -45.14 54.47 3.87
CA ASN B 369 -45.42 53.36 2.96
C ASN B 369 -44.57 53.35 1.69
N ASP B 370 -44.19 54.54 1.22
CA ASP B 370 -43.44 54.67 -0.03
C ASP B 370 -41.94 54.51 0.20
N GLU B 371 -41.49 54.83 1.41
CA GLU B 371 -40.07 54.79 1.75
C GLU B 371 -39.52 53.36 1.83
N ILE B 372 -40.39 52.40 2.14
CA ILE B 372 -39.97 51.01 2.22
C ILE B 372 -40.96 50.08 1.52
N ASN B 373 -40.68 49.70 0.29
CA ASN B 373 -39.51 50.15 -0.46
C ASN B 373 -38.16 49.83 0.20
N ASN B 374 -37.30 50.84 0.27
CA ASN B 374 -35.99 50.70 0.85
C ASN B 374 -35.63 51.73 1.92
N ILE B 375 -35.56 51.26 3.15
CA ILE B 375 -34.87 51.97 4.22
C ILE B 375 -34.00 50.91 4.92
N LYS B 376 -32.97 50.47 4.20
CA LYS B 376 -32.14 49.34 4.59
C LYS B 376 -31.50 49.48 5.96
N ILE B 377 -31.60 48.42 6.76
CA ILE B 377 -30.83 48.31 7.99
C ILE B 377 -29.63 47.41 7.77
N GLU B 378 -28.47 48.03 7.63
CA GLU B 378 -27.23 47.28 7.41
C GLU B 378 -26.67 46.69 8.70
N PHE B 379 -26.60 45.37 8.77
CA PHE B 379 -25.77 44.75 9.79
C PHE B 379 -24.33 44.85 9.32
N HIS B 380 -23.39 44.86 10.27
CA HIS B 380 -21.99 44.86 9.92
C HIS B 380 -21.57 43.42 9.76
N ARG B 381 -20.75 43.12 8.76
CA ARG B 381 -20.23 41.76 8.57
C ARG B 381 -18.93 41.60 9.32
N ASP B 382 -18.23 40.49 9.12
CA ASP B 382 -16.91 40.39 9.75
C ASP B 382 -15.90 41.07 8.86
N SER B 383 -15.27 42.10 9.43
CA SER B 383 -14.22 42.84 8.78
C SER B 383 -13.16 41.95 8.12
N TYR B 384 -12.83 40.83 8.75
CA TYR B 384 -11.75 40.00 8.23
C TYR B 384 -12.12 39.25 6.97
N PHE B 385 -13.36 38.81 6.83
CA PHE B 385 -13.68 37.95 5.69
C PHE B 385 -14.38 38.69 4.58
N ALA B 386 -14.66 39.95 4.82
CA ALA B 386 -14.96 40.83 3.73
C ALA B 386 -13.69 40.88 2.89
N GLU B 387 -12.58 41.20 3.52
CA GLU B 387 -11.28 41.24 2.84
C GLU B 387 -10.96 39.92 2.19
N LEU B 388 -10.95 38.84 2.97
CA LEU B 388 -10.48 37.56 2.49
C LEU B 388 -11.36 36.96 1.40
N LYS B 389 -12.57 37.50 1.24
CA LYS B 389 -13.40 37.19 0.08
C LYS B 389 -13.04 38.10 -1.09
N GLU B 390 -13.05 39.41 -0.82
CA GLU B 390 -12.69 40.42 -1.82
C GLU B 390 -11.24 40.36 -2.25
N ALA B 391 -10.55 39.30 -1.85
CA ALA B 391 -9.17 39.15 -2.24
C ALA B 391 -9.06 38.05 -3.26
N GLU B 392 -10.05 37.17 -3.29
CA GLU B 392 -10.08 36.11 -4.30
C GLU B 392 -10.81 36.58 -5.55
N ILE B 393 -11.87 37.35 -5.34
CA ILE B 393 -12.53 38.05 -6.44
C ILE B 393 -11.50 38.86 -7.22
N LEU B 394 -10.79 39.73 -6.52
CA LEU B 394 -9.82 40.61 -7.17
C LEU B 394 -8.58 39.86 -7.65
N GLU B 395 -8.22 38.77 -7.00
CA GLU B 395 -7.10 37.94 -7.46
C GLU B 395 -7.40 37.35 -8.84
N ARG B 396 -8.63 36.92 -9.04
CA ARG B 396 -9.04 36.30 -10.31
C ARG B 396 -9.24 37.32 -11.42
N ARG B 397 -9.69 38.53 -11.07
CA ARG B 397 -9.93 39.55 -12.07
C ARG B 397 -8.63 40.09 -12.61
N ILE B 398 -7.58 40.04 -11.80
CA ILE B 398 -6.28 40.47 -12.29
C ILE B 398 -5.65 39.33 -13.07
N ASN B 399 -5.90 38.09 -12.66
CA ASN B 399 -5.36 36.93 -13.34
C ASN B 399 -5.91 36.78 -14.76
N MET B 400 -7.18 37.15 -14.91
CA MET B 400 -7.82 37.28 -16.21
C MET B 400 -7.15 38.39 -16.99
N LEU B 401 -7.01 39.54 -16.32
CA LEU B 401 -6.54 40.74 -16.98
C LEU B 401 -5.08 40.62 -17.45
N THR B 402 -4.23 39.87 -16.73
CA THR B 402 -2.86 39.67 -17.20
C THR B 402 -2.89 38.73 -18.39
N MET B 403 -3.80 37.75 -18.29
CA MET B 403 -3.92 36.68 -19.28
C MET B 403 -4.47 37.17 -20.62
N ALA B 404 -5.48 38.04 -20.55
CA ALA B 404 -6.07 38.61 -21.74
C ALA B 404 -5.58 40.01 -21.97
N GLU B 405 -4.29 40.23 -21.74
CA GLU B 405 -3.70 41.56 -21.87
C GLU B 405 -3.14 41.92 -23.26
N PRO B 406 -2.44 40.98 -23.95
CA PRO B 406 -1.84 41.45 -25.20
C PRO B 406 -2.89 41.84 -26.23
N PHE B 407 -4.11 41.38 -26.03
CA PHE B 407 -5.20 41.66 -26.95
C PHE B 407 -5.99 42.93 -26.60
N ILE B 408 -5.67 43.57 -25.48
CA ILE B 408 -6.48 44.69 -25.01
C ILE B 408 -6.28 45.91 -25.91
N GLY B 409 -5.18 45.95 -26.64
CA GLY B 409 -5.08 46.99 -27.64
C GLY B 409 -5.82 46.62 -28.92
N LYS B 410 -5.75 45.34 -29.29
CA LYS B 410 -6.16 44.91 -30.61
C LYS B 410 -7.64 44.59 -30.77
N TYR B 411 -8.24 43.93 -29.78
CA TYR B 411 -9.60 43.42 -29.98
C TYR B 411 -10.67 44.04 -29.06
N ILE B 412 -10.43 43.97 -27.76
CA ILE B 412 -11.30 44.55 -26.74
C ILE B 412 -10.78 45.92 -26.30
N SER B 413 -11.61 46.94 -26.24
CA SER B 413 -11.10 48.26 -25.87
C SER B 413 -10.52 48.28 -24.47
N HIS B 414 -9.93 49.41 -24.09
CA HIS B 414 -9.51 49.54 -22.71
C HIS B 414 -10.75 49.75 -21.83
N ARG B 415 -11.62 50.66 -22.24
CA ARG B 415 -12.86 50.90 -21.55
C ARG B 415 -13.68 49.62 -21.40
N THR B 416 -13.66 48.79 -22.43
CA THR B 416 -14.52 47.62 -22.47
C THR B 416 -14.04 46.54 -21.51
N ALA B 417 -12.73 46.35 -21.41
CA ALA B 417 -12.20 45.37 -20.45
C ALA B 417 -12.33 45.88 -19.02
N MET B 418 -12.02 47.15 -18.83
CA MET B 418 -12.07 47.80 -17.53
C MET B 418 -13.44 47.66 -16.87
N LYS B 419 -14.46 47.44 -17.68
CA LYS B 419 -15.84 47.45 -17.19
C LYS B 419 -16.47 46.06 -17.19
N ASP B 420 -15.79 45.08 -17.79
CA ASP B 420 -16.30 43.71 -17.77
C ASP B 420 -15.23 42.67 -17.39
N ILE B 421 -13.98 43.08 -17.30
CA ILE B 421 -12.95 42.21 -16.72
C ILE B 421 -12.72 42.63 -15.27
N LEU B 422 -12.86 43.93 -15.01
CA LEU B 422 -12.70 44.43 -13.64
C LEU B 422 -14.03 44.64 -12.93
N GLN B 423 -15.12 44.65 -13.71
CA GLN B 423 -16.48 44.77 -13.18
C GLN B 423 -16.70 46.10 -12.47
N MET B 424 -15.93 47.11 -12.85
CA MET B 424 -16.17 48.45 -12.35
C MET B 424 -17.46 49.02 -12.94
N THR B 425 -17.75 50.27 -12.59
CA THR B 425 -18.83 50.99 -13.27
C THR B 425 -18.29 52.30 -13.84
N ASP B 426 -19.12 52.98 -14.61
CA ASP B 426 -18.70 54.16 -15.38
C ASP B 426 -18.19 55.31 -14.52
N GLU B 427 -18.98 55.71 -13.53
CA GLU B 427 -18.61 56.85 -12.70
C GLU B 427 -17.41 56.53 -11.81
N GLU B 428 -17.07 55.25 -11.69
CA GLU B 428 -15.84 54.84 -11.01
C GLU B 428 -14.63 55.06 -11.91
N ILE B 429 -14.80 54.83 -13.20
CA ILE B 429 -13.76 55.11 -14.17
C ILE B 429 -13.65 56.61 -14.42
N GLU B 430 -14.79 57.28 -14.50
CA GLU B 430 -14.82 58.73 -14.60
C GLU B 430 -14.03 59.36 -13.46
N GLN B 431 -14.48 59.07 -12.24
CA GLN B 431 -13.85 59.58 -11.02
C GLN B 431 -12.36 59.28 -10.99
N GLU B 432 -11.98 58.07 -11.37
CA GLU B 432 -10.59 57.66 -11.29
C GLU B 432 -9.73 58.34 -12.34
N ALA B 433 -10.22 58.42 -13.57
CA ALA B 433 -9.47 59.02 -14.67
C ALA B 433 -9.06 60.46 -14.35
N LYS B 434 -9.96 61.21 -13.72
CA LYS B 434 -9.68 62.56 -13.28
C LYS B 434 -8.64 62.56 -12.14
N GLN B 435 -8.84 61.65 -11.20
CA GLN B 435 -7.98 61.52 -10.03
C GLN B 435 -6.53 61.20 -10.40
N ILE B 436 -6.36 60.21 -11.26
CA ILE B 436 -5.06 59.65 -11.60
C ILE B 436 -4.16 60.65 -12.32
N GLU B 437 -4.73 61.77 -12.76
CA GLU B 437 -3.94 62.80 -13.44
C GLU B 437 -2.92 63.43 -12.50
N GLU B 438 -3.30 63.65 -11.24
CA GLU B 438 -2.45 64.39 -10.32
C GLU B 438 -1.41 63.49 -9.68
N GLU B 439 -1.68 62.19 -9.68
CA GLU B 439 -0.69 61.19 -9.30
C GLU B 439 0.57 61.39 -10.12
N SER B 440 0.36 61.74 -11.39
CA SER B 440 1.46 61.92 -12.33
C SER B 440 2.02 63.33 -12.25
N LYS B 441 1.78 64.03 -11.14
CA LYS B 441 2.27 65.40 -11.01
C LYS B 441 2.98 65.76 -9.69
N GLU B 442 4.22 65.31 -9.50
CA GLU B 442 4.92 64.43 -10.42
C GLU B 442 5.42 63.21 -9.63
N ALA B 443 6.00 63.50 -8.46
CA ALA B 443 6.53 62.50 -7.54
C ALA B 443 5.36 61.80 -6.84
N ARG B 444 5.62 60.66 -6.21
CA ARG B 444 6.93 60.03 -6.08
C ARG B 444 7.09 58.78 -6.93
N PHE B 445 6.11 58.49 -7.77
CA PHE B 445 6.09 57.22 -8.49
C PHE B 445 6.73 57.27 -9.88
N GLN B 446 7.22 58.44 -10.27
CA GLN B 446 7.88 58.58 -11.56
C GLN B 446 9.23 57.88 -11.55
N ASP B 447 9.35 56.81 -12.34
CA ASP B 447 10.55 55.96 -12.32
C ASP B 447 11.52 56.27 -13.47
N ASN C 1 -60.21 16.39 -2.74
CA ASN C 1 -59.76 15.72 -1.52
C ASN C 1 -58.44 14.98 -1.70
N TRP C 2 -58.36 14.18 -2.76
CA TRP C 2 -57.12 13.48 -3.11
C TRP C 2 -56.01 14.46 -3.41
N ILE C 3 -56.39 15.55 -4.09
CA ILE C 3 -55.53 16.70 -4.30
C ILE C 3 -55.00 17.23 -2.98
N SER C 4 -55.89 17.26 -1.98
CA SER C 4 -55.59 17.83 -0.67
C SER C 4 -54.74 16.92 0.20
N GLU C 5 -54.91 15.61 0.07
CA GLU C 5 -54.06 14.67 0.81
C GLU C 5 -52.63 14.65 0.23
N LEU C 6 -52.54 14.96 -1.05
CA LEU C 6 -51.26 15.01 -1.75
C LEU C 6 -50.41 16.15 -1.24
N ILE C 7 -51.01 17.34 -1.14
CA ILE C 7 -50.27 18.51 -0.67
C ILE C 7 -49.98 18.37 0.82
N ASP C 8 -50.57 17.35 1.46
CA ASP C 8 -50.19 17.06 2.83
C ASP C 8 -48.83 16.38 2.82
N THR C 9 -48.76 15.24 2.15
CA THR C 9 -47.55 14.42 2.17
C THR C 9 -46.30 15.11 1.61
N TYR C 10 -46.49 16.05 0.69
CA TYR C 10 -45.38 16.89 0.22
C TYR C 10 -44.87 17.74 1.35
N ARG C 11 -45.80 18.28 2.14
CA ARG C 11 -45.42 19.20 3.20
C ARG C 11 -44.94 18.42 4.40
N ASN C 12 -45.15 17.10 4.37
CA ASN C 12 -44.54 16.26 5.38
C ASN C 12 -43.33 15.56 4.79
N LEU C 13 -42.87 16.08 3.67
CA LEU C 13 -41.59 15.71 3.07
C LEU C 13 -40.62 16.81 3.45
N MET C 14 -41.13 18.02 3.57
CA MET C 14 -40.34 19.15 3.95
C MET C 14 -40.01 19.10 5.42
N ASN C 15 -40.87 18.42 6.18
CA ASN C 15 -40.77 18.39 7.65
C ASN C 15 -39.43 17.80 8.04
N ASN C 16 -39.07 16.78 7.26
CA ASN C 16 -37.82 16.04 7.33
C ASN C 16 -36.69 16.96 6.87
N TYR C 17 -35.45 16.61 7.22
CA TYR C 17 -34.31 17.45 6.94
C TYR C 17 -33.70 16.96 5.63
N GLU C 18 -32.84 17.77 5.02
CA GLU C 18 -32.19 17.38 3.77
C GLU C 18 -33.14 17.70 2.65
N VAL C 19 -34.39 17.24 2.76
CA VAL C 19 -35.38 17.56 1.76
C VAL C 19 -35.51 19.07 1.85
N ASP C 20 -35.50 19.56 3.09
CA ASP C 20 -35.55 20.97 3.39
C ASP C 20 -34.27 21.63 2.88
N ASN C 21 -33.14 20.95 3.06
CA ASN C 21 -31.87 21.50 2.59
C ASN C 21 -31.85 21.60 1.05
N ALA C 22 -32.35 20.57 0.37
CA ALA C 22 -32.31 20.48 -1.10
C ALA C 22 -33.40 21.29 -1.80
N VAL C 23 -34.56 21.44 -1.16
CA VAL C 23 -35.64 22.24 -1.73
C VAL C 23 -35.30 23.71 -1.65
N SER C 24 -34.64 24.10 -0.56
CA SER C 24 -34.23 25.48 -0.40
C SER C 24 -32.88 25.70 -1.01
N GLU C 25 -32.35 24.66 -1.62
CA GLU C 25 -31.25 24.86 -2.53
C GLU C 25 -31.76 25.61 -3.76
N ILE C 26 -32.79 25.04 -4.38
CA ILE C 26 -33.53 25.61 -5.50
C ILE C 26 -34.03 27.05 -5.27
N VAL C 27 -34.86 27.24 -4.26
CA VAL C 27 -35.51 28.53 -4.06
C VAL C 27 -34.50 29.58 -3.69
N SER C 28 -33.31 29.14 -3.32
CA SER C 28 -32.24 30.08 -3.01
C SER C 28 -31.68 30.66 -4.28
N ASP C 29 -31.80 29.93 -5.37
CA ASP C 29 -31.37 30.46 -6.67
C ASP C 29 -32.43 30.40 -7.76
N ALA C 30 -33.65 30.03 -7.41
CA ALA C 30 -34.75 30.14 -8.36
C ALA C 30 -35.36 31.52 -8.30
N ILE C 31 -35.13 32.22 -7.18
CA ILE C 31 -35.32 33.68 -7.11
C ILE C 31 -34.31 34.30 -6.16
N VAL C 32 -33.22 34.83 -6.66
CA VAL C 32 -32.17 35.23 -5.73
C VAL C 32 -32.05 36.73 -5.46
N TYR C 33 -32.50 37.13 -4.28
CA TYR C 33 -32.31 38.50 -3.83
C TYR C 33 -30.85 38.84 -3.85
N GLU C 34 -30.53 40.03 -4.32
CA GLU C 34 -29.19 40.56 -4.11
C GLU C 34 -29.32 42.01 -3.71
N ASP C 35 -28.24 42.55 -3.14
CA ASP C 35 -28.23 43.94 -2.70
C ASP C 35 -28.21 44.87 -3.91
N ASP C 36 -28.97 45.96 -3.84
CA ASP C 36 -29.01 46.92 -4.93
C ASP C 36 -29.77 46.36 -6.13
N THR C 37 -29.31 45.22 -6.63
CA THR C 37 -29.92 44.56 -7.77
C THR C 37 -31.35 44.11 -7.46
N GLU C 38 -32.23 44.24 -8.46
CA GLU C 38 -33.62 43.84 -8.30
C GLU C 38 -33.91 42.42 -8.78
N VAL C 39 -35.06 41.90 -8.37
CA VAL C 39 -35.51 40.56 -8.71
C VAL C 39 -36.77 40.67 -9.60
N VAL C 40 -36.98 39.70 -10.49
CA VAL C 40 -38.16 39.65 -11.37
C VAL C 40 -38.54 40.83 -12.31
N ALA C 41 -37.58 41.36 -13.08
CA ALA C 41 -37.85 42.47 -14.00
C ALA C 41 -38.70 42.09 -15.24
N LEU C 42 -39.42 43.07 -15.80
CA LEU C 42 -40.28 42.85 -16.96
C LEU C 42 -39.57 43.31 -18.22
N ASN C 43 -38.71 42.45 -18.76
CA ASN C 43 -37.99 42.77 -19.98
C ASN C 43 -38.97 42.97 -21.13
N LEU C 44 -38.97 44.18 -21.69
CA LEU C 44 -39.81 44.45 -22.83
C LEU C 44 -38.88 44.60 -24.02
N ASP C 45 -38.86 43.60 -24.88
CA ASP C 45 -38.01 43.63 -26.06
C ASP C 45 -38.86 43.19 -27.23
N LYS C 46 -39.88 43.98 -27.52
CA LYS C 46 -40.79 43.68 -28.61
C LYS C 46 -41.46 44.95 -29.08
N SER C 47 -41.97 44.91 -30.31
CA SER C 47 -42.67 46.05 -30.90
C SER C 47 -43.84 46.50 -30.02
N LYS C 48 -43.71 47.70 -29.47
CA LYS C 48 -44.77 48.30 -28.68
C LYS C 48 -45.09 49.68 -29.23
N PHE C 49 -46.36 50.06 -29.14
CA PHE C 49 -46.85 51.27 -29.80
C PHE C 49 -46.14 52.55 -29.34
N SER C 50 -45.99 52.71 -28.03
CA SER C 50 -45.41 53.93 -27.48
C SER C 50 -44.15 53.67 -26.67
N PRO C 51 -43.19 54.59 -26.72
CA PRO C 51 -42.03 54.58 -25.82
C PRO C 51 -42.46 54.84 -24.39
N LYS C 52 -43.65 55.43 -24.23
CA LYS C 52 -44.19 55.72 -22.90
C LYS C 52 -44.96 54.54 -22.32
N ILE C 53 -45.71 53.81 -23.15
CA ILE C 53 -46.47 52.67 -22.64
C ILE C 53 -45.57 51.52 -22.20
N LYS C 54 -44.47 51.30 -22.92
CA LYS C 54 -43.56 50.20 -22.59
C LYS C 54 -42.91 50.45 -21.23
N ASN C 55 -42.67 51.72 -20.90
CA ASN C 55 -42.16 52.06 -19.57
C ASN C 55 -43.31 52.30 -18.61
N MET C 56 -44.53 52.41 -19.14
CA MET C 56 -45.69 52.66 -18.29
C MET C 56 -46.02 51.42 -17.47
N MET C 57 -45.63 50.26 -17.97
CA MET C 57 -45.86 49.00 -17.27
C MET C 57 -45.26 48.98 -15.88
N LEU C 58 -44.23 49.80 -15.66
CA LEU C 58 -43.56 49.80 -14.37
C LEU C 58 -44.51 50.36 -13.30
N ASP C 59 -45.32 51.34 -13.70
CA ASP C 59 -46.39 51.85 -12.85
C ASP C 59 -47.36 50.70 -12.55
N GLU C 60 -47.47 49.78 -13.50
CA GLU C 60 -48.32 48.62 -13.35
C GLU C 60 -47.58 47.46 -12.70
N PHE C 61 -46.37 47.16 -13.19
CA PHE C 61 -45.66 45.95 -12.82
C PHE C 61 -44.82 46.09 -11.55
N SER C 62 -44.08 47.20 -11.42
CA SER C 62 -43.33 47.45 -10.19
C SER C 62 -44.31 47.61 -9.00
N ASP C 63 -45.59 47.74 -9.33
CA ASP C 63 -46.65 47.83 -8.34
C ASP C 63 -47.34 46.47 -8.14
N VAL C 64 -47.36 45.62 -9.16
CA VAL C 64 -48.03 44.32 -9.04
C VAL C 64 -47.20 43.37 -8.16
N LEU C 65 -45.92 43.71 -8.01
CA LEU C 65 -45.05 43.00 -7.09
C LEU C 65 -45.39 43.37 -5.65
N ASN C 66 -45.65 44.65 -5.43
CA ASN C 66 -46.02 45.17 -4.12
C ASN C 66 -47.20 44.42 -3.51
N HIS C 67 -48.16 44.03 -4.34
CA HIS C 67 -49.35 43.33 -3.87
C HIS C 67 -48.99 41.95 -3.38
N LEU C 68 -48.03 41.33 -4.05
CA LEU C 68 -47.50 40.06 -3.61
C LEU C 68 -46.56 40.30 -2.45
N SER C 69 -46.28 41.58 -2.21
CA SER C 69 -45.23 42.01 -1.29
C SER C 69 -43.97 41.22 -1.63
N PHE C 70 -43.72 41.05 -2.92
CA PHE C 70 -42.76 40.08 -3.42
C PHE C 70 -41.32 40.29 -2.93
N GLN C 71 -40.97 41.53 -2.60
CA GLN C 71 -39.58 41.86 -2.28
C GLN C 71 -39.08 41.19 -0.99
N ARG C 72 -39.97 40.97 -0.04
CA ARG C 72 -39.58 40.29 1.19
C ARG C 72 -40.38 39.01 1.40
N LYS C 73 -41.32 38.75 0.49
CA LYS C 73 -42.19 37.58 0.59
C LYS C 73 -42.17 36.73 -0.66
N GLY C 74 -41.09 36.81 -1.43
CA GLY C 74 -41.00 36.07 -2.68
C GLY C 74 -40.57 34.63 -2.51
N SER C 75 -39.48 34.42 -1.80
CA SER C 75 -38.88 33.10 -1.67
C SER C 75 -39.71 32.25 -0.72
N ASP C 76 -40.91 32.70 -0.41
CA ASP C 76 -41.83 31.84 0.30
C ASP C 76 -42.97 31.49 -0.65
N HIS C 77 -43.42 32.47 -1.44
CA HIS C 77 -44.51 32.25 -2.41
C HIS C 77 -44.12 31.21 -3.44
N PHE C 78 -42.84 31.17 -3.79
CA PHE C 78 -42.29 30.24 -4.78
C PHE C 78 -42.02 28.89 -4.14
N ARG C 79 -41.34 28.92 -3.01
CA ARG C 79 -41.13 27.73 -2.22
C ARG C 79 -42.43 27.08 -1.84
N ARG C 80 -43.51 27.84 -1.91
CA ARG C 80 -44.82 27.24 -1.72
C ARG C 80 -45.34 26.61 -3.02
N TRP C 81 -45.15 27.28 -4.15
CA TRP C 81 -45.54 26.78 -5.48
C TRP C 81 -44.92 25.43 -5.76
N TYR C 82 -43.64 25.33 -5.42
CA TYR C 82 -42.82 24.18 -5.75
C TYR C 82 -43.19 23.04 -4.86
N VAL C 83 -43.40 23.29 -3.58
CA VAL C 83 -43.59 22.20 -2.66
C VAL C 83 -45.06 21.84 -2.46
N ASP C 84 -45.92 22.85 -2.55
CA ASP C 84 -47.36 22.73 -2.44
C ASP C 84 -47.94 21.91 -3.59
N SER C 85 -47.35 22.11 -4.77
CA SER C 85 -47.78 21.47 -6.01
C SER C 85 -48.89 22.29 -6.68
N ARG C 86 -49.16 23.45 -6.11
CA ARG C 86 -50.17 24.36 -6.64
C ARG C 86 -50.13 25.65 -5.83
N ILE C 87 -50.63 26.75 -6.38
CA ILE C 87 -50.63 27.99 -5.62
C ILE C 87 -51.70 28.89 -6.21
N PHE C 88 -52.61 29.36 -5.37
CA PHE C 88 -53.73 30.15 -5.82
C PHE C 88 -53.73 31.52 -5.18
N PHE C 89 -53.78 32.57 -5.98
CA PHE C 89 -54.02 33.89 -5.43
C PHE C 89 -55.41 34.37 -5.84
N HIS C 90 -56.27 34.63 -4.85
CA HIS C 90 -57.55 35.24 -5.11
C HIS C 90 -57.35 36.70 -5.46
N LYS C 91 -58.17 37.21 -6.36
CA LYS C 91 -58.02 38.59 -6.79
C LYS C 91 -59.24 39.41 -6.41
N ILE C 92 -58.99 40.47 -5.66
CA ILE C 92 -60.04 41.39 -5.26
C ILE C 92 -60.14 42.52 -6.27
N ILE C 93 -61.26 42.55 -7.00
CA ILE C 93 -61.55 43.65 -7.91
C ILE C 93 -63.06 43.69 -8.16
N ASP C 94 -63.64 44.89 -8.02
CA ASP C 94 -62.83 46.05 -7.67
C ASP C 94 -63.29 46.83 -6.41
N PRO C 95 -64.60 46.86 -6.09
CA PRO C 95 -65.90 46.42 -6.62
C PRO C 95 -66.45 47.41 -7.64
N LYS C 96 -65.99 48.64 -7.49
CA LYS C 96 -66.29 49.75 -8.37
C LYS C 96 -65.38 50.87 -7.90
N ARG C 97 -64.91 51.72 -8.82
CA ARG C 97 -65.33 51.75 -10.20
C ARG C 97 -64.38 50.88 -11.04
N PRO C 98 -64.77 50.53 -12.28
CA PRO C 98 -63.78 49.83 -13.11
C PRO C 98 -62.55 50.69 -13.36
N LYS C 99 -61.43 50.05 -13.69
CA LYS C 99 -60.16 50.73 -13.96
C LYS C 99 -59.68 51.57 -12.77
N GLU C 100 -60.10 51.19 -11.57
CA GLU C 100 -59.68 51.90 -10.37
C GLU C 100 -58.16 51.81 -10.13
N GLY C 101 -57.60 50.62 -10.26
CA GLY C 101 -58.33 49.38 -10.50
C GLY C 101 -57.72 48.22 -9.72
N ILE C 102 -58.56 47.30 -9.25
CA ILE C 102 -58.14 46.09 -8.51
C ILE C 102 -57.81 46.31 -7.02
N LYS C 103 -57.39 45.24 -6.33
CA LYS C 103 -57.04 45.33 -4.93
C LYS C 103 -56.10 44.19 -4.58
N GLU C 104 -55.76 44.10 -3.30
CA GLU C 104 -54.76 43.15 -2.82
C GLU C 104 -55.03 41.70 -3.23
N LEU C 105 -53.97 40.99 -3.61
CA LEU C 105 -54.07 39.57 -3.93
C LEU C 105 -53.77 38.75 -2.68
N ARG C 106 -54.75 37.97 -2.25
CA ARG C 106 -54.60 37.17 -1.04
C ARG C 106 -54.34 35.71 -1.38
N ARG C 107 -53.25 35.17 -0.85
CA ARG C 107 -52.90 33.76 -1.05
C ARG C 107 -54.04 32.90 -0.54
N LEU C 108 -54.30 31.78 -1.21
CA LEU C 108 -55.25 30.80 -0.71
C LEU C 108 -54.50 29.55 -0.29
N ASP C 109 -54.93 28.93 0.80
CA ASP C 109 -54.41 27.64 1.19
C ASP C 109 -54.79 26.65 0.11
N PRO C 110 -53.79 26.02 -0.53
CA PRO C 110 -54.19 24.82 -1.28
C PRO C 110 -54.75 23.79 -0.30
N ARG C 111 -55.48 22.80 -0.80
CA ARG C 111 -56.22 21.81 0.01
C ARG C 111 -57.61 22.33 0.41
N GLN C 112 -57.89 23.58 0.10
CA GLN C 112 -59.21 24.13 0.39
C GLN C 112 -59.81 24.63 -0.91
N VAL C 113 -59.21 24.22 -2.03
CA VAL C 113 -59.66 24.63 -3.35
C VAL C 113 -59.91 23.44 -4.26
N GLN C 114 -61.05 23.40 -4.94
CA GLN C 114 -61.36 22.34 -5.91
C GLN C 114 -61.68 22.97 -7.27
N TYR C 115 -61.13 22.40 -8.34
CA TYR C 115 -61.28 22.98 -9.67
C TYR C 115 -61.95 22.04 -10.66
N VAL C 116 -63.25 22.26 -10.86
CA VAL C 116 -64.01 21.59 -11.93
C VAL C 116 -64.95 22.60 -12.58
N TYR C 136 -64.18 26.71 -12.82
CA TYR C 136 -65.08 27.01 -11.72
C TYR C 136 -64.46 26.55 -10.40
N PHE C 137 -63.91 27.50 -9.66
CA PHE C 137 -63.13 27.20 -8.46
C PHE C 137 -63.98 27.13 -7.19
N ILE C 138 -63.87 26.02 -6.47
CA ILE C 138 -64.63 25.80 -5.25
C ILE C 138 -63.75 26.01 -4.03
N TYR C 139 -63.73 27.22 -3.50
CA TYR C 139 -62.94 27.50 -2.31
C TYR C 139 -63.68 27.08 -1.06
N ASP C 140 -63.26 25.97 -0.47
CA ASP C 140 -63.77 25.56 0.84
C ASP C 140 -63.21 26.50 1.90
N THR C 141 -64.07 26.92 2.82
CA THR C 141 -63.65 27.84 3.87
C THR C 141 -63.55 27.15 5.22
N ALA C 142 -62.35 27.12 5.79
CA ALA C 142 -62.16 26.69 7.16
C ALA C 142 -62.12 27.92 8.05
N HIS C 143 -63.09 28.05 8.95
CA HIS C 143 -63.14 29.23 9.80
C HIS C 143 -63.54 30.40 8.91
N GLU C 144 -63.24 31.64 9.32
CA GLU C 144 -63.57 32.78 8.49
C GLU C 144 -62.30 33.44 7.94
N SER C 145 -62.20 33.55 6.61
CA SER C 145 -61.01 34.16 6.00
C SER C 145 -61.13 35.59 5.46
N TYR C 146 -62.14 35.86 4.63
CA TYR C 146 -62.31 37.20 4.07
C TYR C 146 -63.73 37.56 3.63
N ALA C 147 -64.00 38.86 3.54
CA ALA C 147 -65.32 39.36 3.14
C ALA C 147 -65.41 39.85 1.69
N CYS C 148 -64.30 39.76 0.94
CA CYS C 148 -64.29 40.22 -0.43
C CYS C 148 -65.02 41.55 -0.48
N ASP C 149 -65.38 41.99 -1.68
CA ASP C 149 -66.11 43.24 -1.86
C ASP C 149 -67.49 43.19 -1.20
N GLY C 150 -68.15 42.04 -1.32
CA GLY C 150 -69.48 41.83 -0.80
C GLY C 150 -69.88 40.38 -0.88
N ARG C 151 -70.88 39.97 -0.11
CA ARG C 151 -71.60 40.90 0.76
C ARG C 151 -70.97 40.96 2.15
N MET C 152 -70.46 39.83 2.62
CA MET C 152 -69.88 39.74 3.96
C MET C 152 -69.10 38.42 4.09
N TYR C 153 -68.28 38.31 5.13
CA TYR C 153 -67.45 37.14 5.37
C TYR C 153 -68.26 35.86 5.57
N GLU C 154 -68.14 34.94 4.63
CA GLU C 154 -68.79 33.64 4.74
C GLU C 154 -68.07 32.78 5.78
N ALA C 155 -68.78 31.80 6.35
CA ALA C 155 -68.22 30.98 7.40
C ALA C 155 -68.58 29.50 7.26
N GLY C 156 -67.56 28.69 6.99
CA GLY C 156 -67.73 27.24 6.92
C GLY C 156 -68.37 26.73 5.64
N THR C 157 -68.61 27.63 4.69
CA THR C 157 -69.31 27.24 3.46
C THR C 157 -68.42 27.30 2.21
N LYS C 158 -68.70 26.41 1.27
CA LYS C 158 -67.97 26.36 0.00
C LYS C 158 -68.37 27.52 -0.90
N ILE C 159 -67.56 28.57 -0.94
CA ILE C 159 -67.83 29.72 -1.80
C ILE C 159 -67.24 29.48 -3.19
N LYS C 160 -67.95 29.90 -4.22
CA LYS C 160 -67.53 29.64 -5.59
C LYS C 160 -66.99 30.91 -6.26
N ILE C 161 -65.78 30.81 -6.79
CA ILE C 161 -65.18 31.92 -7.53
C ILE C 161 -64.98 31.50 -8.99
N PRO C 162 -65.28 32.40 -9.94
CA PRO C 162 -65.07 32.11 -11.36
C PRO C 162 -63.59 31.95 -11.73
N LYS C 163 -63.32 31.17 -12.79
CA LYS C 163 -61.97 30.88 -13.26
C LYS C 163 -61.23 32.14 -13.70
N ALA C 164 -61.91 33.26 -13.57
CA ALA C 164 -61.29 34.57 -13.57
C ALA C 164 -62.07 35.39 -12.54
N ALA C 165 -61.38 36.15 -11.71
CA ALA C 165 -59.94 36.27 -11.80
C ALA C 165 -59.27 35.66 -10.56
N VAL C 166 -58.68 34.48 -10.76
CA VAL C 166 -57.86 33.81 -9.76
C VAL C 166 -56.62 33.23 -10.44
N VAL C 167 -55.43 33.64 -10.03
CA VAL C 167 -54.24 33.11 -10.70
C VAL C 167 -53.97 31.71 -10.17
N TYR C 168 -53.90 30.75 -11.08
CA TYR C 168 -53.69 29.36 -10.70
C TYR C 168 -52.42 28.86 -11.36
N ALA C 169 -51.36 28.75 -10.57
CA ALA C 169 -50.11 28.31 -11.13
C ALA C 169 -49.78 26.89 -10.69
N HIS C 170 -49.62 25.99 -11.64
CA HIS C 170 -49.36 24.60 -11.30
C HIS C 170 -48.02 24.15 -11.85
N SER C 171 -47.33 23.30 -11.10
CA SER C 171 -46.16 22.58 -11.59
C SER C 171 -46.54 21.75 -12.80
N GLY C 172 -46.14 22.17 -14.00
CA GLY C 172 -46.65 21.55 -15.22
C GLY C 172 -46.47 20.04 -15.41
N LEU C 173 -46.92 19.24 -14.46
CA LEU C 173 -46.75 17.78 -14.56
C LEU C 173 -48.02 16.92 -14.71
N VAL C 174 -48.03 16.08 -15.74
CA VAL C 174 -49.13 15.16 -16.06
C VAL C 174 -49.44 14.04 -15.06
N ASP C 175 -48.39 13.42 -14.50
CA ASP C 175 -48.52 12.31 -13.55
C ASP C 175 -48.62 10.94 -14.25
N CYS C 176 -48.76 9.86 -13.48
CA CYS C 176 -48.85 8.51 -14.04
C CYS C 176 -50.08 8.33 -14.94
N CYS C 177 -51.21 8.83 -14.48
CA CYS C 177 -52.46 8.79 -15.24
C CYS C 177 -53.06 10.18 -15.44
N GLY C 178 -53.35 10.53 -16.69
CA GLY C 178 -53.94 11.81 -17.01
C GLY C 178 -55.38 11.92 -16.55
N LYS C 179 -55.78 13.10 -16.08
CA LYS C 179 -54.90 14.23 -15.96
C LYS C 179 -54.95 14.61 -14.48
N ASN C 180 -53.79 14.61 -13.83
CA ASN C 180 -53.69 14.95 -12.42
C ASN C 180 -52.44 15.78 -12.22
N ILE C 181 -52.41 16.61 -11.19
CA ILE C 181 -51.21 17.42 -10.99
C ILE C 181 -50.28 16.83 -9.91
N ILE C 182 -49.00 16.70 -10.26
CA ILE C 182 -48.01 16.15 -9.33
C ILE C 182 -46.62 16.79 -9.45
N GLY C 183 -45.82 16.66 -8.40
CA GLY C 183 -44.47 17.20 -8.37
C GLY C 183 -44.29 18.62 -7.88
N TYR C 184 -43.04 19.08 -7.90
CA TYR C 184 -41.95 18.25 -8.36
C TYR C 184 -41.33 17.37 -7.31
N LEU C 185 -41.92 17.33 -6.12
CA LEU C 185 -41.30 16.59 -5.04
C LEU C 185 -41.60 15.10 -5.13
N HIS C 186 -42.67 14.74 -5.84
CA HIS C 186 -43.18 13.36 -5.94
C HIS C 186 -42.13 12.27 -6.13
N ARG C 187 -41.32 12.36 -7.17
CA ARG C 187 -40.37 11.29 -7.42
C ARG C 187 -39.52 10.96 -6.20
N ALA C 188 -39.30 11.94 -5.34
CA ALA C 188 -38.50 11.73 -4.14
C ALA C 188 -39.24 11.35 -2.84
N VAL C 189 -40.56 11.18 -2.93
CA VAL C 189 -41.37 10.82 -1.77
C VAL C 189 -41.15 9.39 -1.29
N LYS C 190 -41.16 8.46 -2.23
CA LYS C 190 -40.94 7.04 -1.93
C LYS C 190 -39.51 6.85 -1.45
N PRO C 191 -38.57 7.55 -2.20
CA PRO C 191 -37.20 7.35 -1.74
C PRO C 191 -36.97 7.90 -0.34
N ALA C 192 -37.59 9.04 -0.04
CA ALA C 192 -37.39 9.65 1.26
C ALA C 192 -38.00 8.84 2.38
N ASN C 193 -39.12 8.20 2.10
CA ASN C 193 -39.77 7.40 3.10
C ASN C 193 -38.98 6.14 3.44
N GLN C 194 -38.01 5.79 2.62
CA GLN C 194 -37.28 4.56 2.89
C GLN C 194 -35.83 4.85 3.16
N LEU C 195 -35.42 6.11 3.16
CA LEU C 195 -34.10 6.42 3.70
C LEU C 195 -34.17 6.45 5.20
N LYS C 196 -35.29 6.97 5.72
CA LYS C 196 -35.57 7.08 7.14
C LYS C 196 -35.97 5.75 7.76
N LEU C 197 -36.59 4.90 6.94
CA LEU C 197 -36.93 3.54 7.33
C LEU C 197 -35.70 2.65 7.51
N LEU C 198 -34.55 3.30 7.60
CA LEU C 198 -33.29 2.66 7.79
C LEU C 198 -32.64 3.31 8.98
N GLU C 199 -32.89 4.61 9.14
CA GLU C 199 -32.34 5.40 10.24
C GLU C 199 -33.04 5.12 11.54
N ASP C 200 -34.25 4.56 11.44
CA ASP C 200 -34.92 4.06 12.60
C ASP C 200 -34.50 2.61 12.84
N ALA C 201 -34.28 1.89 11.75
CA ALA C 201 -33.69 0.58 11.83
C ALA C 201 -32.29 0.63 12.43
N VAL C 202 -31.45 1.57 12.01
CA VAL C 202 -30.07 1.57 12.50
C VAL C 202 -29.94 1.99 13.94
N VAL C 203 -30.86 2.83 14.43
CA VAL C 203 -30.83 3.15 15.85
C VAL C 203 -31.56 2.07 16.60
N ILE C 204 -32.57 1.44 15.99
CA ILE C 204 -33.33 0.46 16.74
C ILE C 204 -32.48 -0.76 17.03
N TYR C 205 -31.57 -1.06 16.13
CA TYR C 205 -30.71 -2.17 16.38
C TYR C 205 -29.81 -1.84 17.56
N ARG C 206 -29.32 -0.60 17.62
CA ARG C 206 -28.34 -0.24 18.63
C ARG C 206 -28.89 0.14 20.00
N ILE C 207 -29.95 0.94 20.03
CA ILE C 207 -30.66 1.22 21.27
C ILE C 207 -30.90 -0.06 22.02
N THR C 208 -31.63 -0.96 21.38
CA THR C 208 -31.95 -2.26 21.95
C THR C 208 -30.68 -3.10 21.95
N ARG C 209 -30.47 -3.82 23.04
CA ARG C 209 -29.29 -4.65 23.22
C ARG C 209 -28.12 -3.78 23.66
N ALA C 210 -28.37 -2.48 23.75
CA ALA C 210 -27.35 -1.54 24.19
C ALA C 210 -27.09 -1.94 25.63
N PRO C 211 -28.18 -2.27 26.31
CA PRO C 211 -28.12 -2.70 27.70
C PRO C 211 -28.11 -4.22 27.77
N ASP C 212 -27.22 -4.83 28.54
CA ASP C 212 -27.18 -6.30 28.57
C ASP C 212 -28.42 -6.79 29.29
N ARG C 213 -29.10 -7.74 28.67
CA ARG C 213 -30.31 -8.31 29.26
C ARG C 213 -30.02 -9.75 29.64
N ARG C 214 -30.56 -10.18 30.77
CA ARG C 214 -30.32 -11.52 31.24
C ARG C 214 -31.61 -12.18 31.70
N VAL C 215 -31.86 -13.39 31.21
CA VAL C 215 -33.06 -14.12 31.58
C VAL C 215 -32.76 -15.18 32.64
N TRP C 216 -33.28 -14.97 33.85
CA TRP C 216 -32.97 -15.83 34.98
C TRP C 216 -34.00 -16.94 35.13
N TYR C 217 -33.62 -18.18 34.83
CA TYR C 217 -34.55 -19.27 35.03
C TYR C 217 -34.28 -19.92 36.40
N VAL C 218 -35.26 -19.84 37.31
CA VAL C 218 -35.20 -20.56 38.58
C VAL C 218 -36.42 -21.47 38.69
N ASP C 219 -36.22 -22.72 39.10
CA ASP C 219 -37.30 -23.70 39.06
C ASP C 219 -37.89 -24.00 40.43
N THR C 220 -39.18 -24.37 40.44
CA THR C 220 -39.88 -24.80 41.64
C THR C 220 -40.94 -25.84 41.26
N GLY C 221 -40.68 -27.10 41.57
CA GLY C 221 -41.61 -28.16 41.26
C GLY C 221 -42.55 -28.49 42.41
N ASN C 222 -43.82 -28.68 42.08
CA ASN C 222 -44.83 -29.16 43.02
C ASN C 222 -45.11 -28.21 44.19
N MET C 223 -45.20 -26.92 43.90
CA MET C 223 -45.68 -25.95 44.88
C MET C 223 -46.62 -24.97 44.18
N PRO C 224 -47.77 -24.69 44.81
CA PRO C 224 -48.82 -23.87 44.19
C PRO C 224 -48.31 -22.49 43.78
N ALA C 225 -48.85 -21.94 42.69
CA ALA C 225 -48.43 -20.63 42.20
C ALA C 225 -48.69 -19.53 43.22
N ARG C 226 -49.62 -19.78 44.14
CA ARG C 226 -49.92 -18.85 45.22
C ARG C 226 -48.71 -18.67 46.14
N LYS C 227 -48.01 -19.77 46.42
CA LYS C 227 -46.88 -19.73 47.35
C LYS C 227 -45.53 -19.95 46.63
N ALA C 228 -45.59 -20.35 45.36
CA ALA C 228 -44.38 -20.49 44.55
C ALA C 228 -43.83 -19.12 44.20
N ALA C 229 -44.73 -18.18 43.96
CA ALA C 229 -44.35 -16.81 43.66
C ALA C 229 -43.63 -16.16 44.84
N GLU C 230 -43.82 -16.70 46.04
CA GLU C 230 -43.13 -16.22 47.23
C GLU C 230 -41.66 -16.61 47.20
N HIS C 231 -41.33 -17.66 46.45
CA HIS C 231 -39.95 -18.08 46.25
C HIS C 231 -39.34 -17.27 45.10
N MET C 232 -40.17 -16.42 44.50
CA MET C 232 -39.70 -15.50 43.47
C MET C 232 -39.58 -14.09 44.04
N GLN C 233 -40.38 -13.77 45.05
CA GLN C 233 -40.30 -12.46 45.69
C GLN C 233 -39.00 -12.31 46.46
N HIS C 234 -38.36 -13.43 46.78
CA HIS C 234 -37.13 -13.41 47.59
C HIS C 234 -35.86 -13.28 46.76
N VAL C 235 -35.88 -13.72 45.50
CA VAL C 235 -34.70 -13.60 44.64
C VAL C 235 -34.62 -12.21 44.00
N MET C 236 -35.71 -11.45 44.08
CA MET C 236 -35.67 -10.05 43.65
C MET C 236 -35.10 -9.18 44.78
N ASN C 237 -35.79 -9.17 45.92
CA ASN C 237 -35.43 -8.31 47.05
C ASN C 237 -34.03 -8.57 47.63
N THR C 238 -33.32 -9.55 47.08
CA THR C 238 -31.97 -9.89 47.56
C THR C 238 -30.90 -9.70 46.49
N MET C 239 -31.28 -9.73 45.21
CA MET C 239 -30.28 -9.76 44.14
C MET C 239 -30.65 -8.84 42.97
N LYS C 240 -31.71 -8.07 43.12
CA LYS C 240 -32.16 -7.16 42.06
C LYS C 240 -31.17 -6.02 41.89
N ASN C 241 -30.91 -5.60 40.64
CA ASN C 241 -29.96 -4.52 40.42
C ASN C 241 -30.58 -3.16 40.11
N ARG C 242 -30.24 -2.17 40.95
CA ARG C 242 -30.74 -0.81 40.78
C ARG C 242 -29.81 0.13 40.01
N VAL C 243 -28.63 -0.36 39.65
CA VAL C 243 -27.67 0.44 38.90
C VAL C 243 -28.34 1.09 37.69
N VAL C 244 -28.22 2.42 37.59
CA VAL C 244 -28.85 3.19 36.52
C VAL C 244 -27.86 4.16 35.87
N TYR C 245 -28.13 4.54 34.61
CA TYR C 245 -27.39 5.59 33.94
C TYR C 245 -28.34 6.63 33.41
N ASP C 246 -28.19 7.87 33.86
CA ASP C 246 -29.11 8.93 33.44
C ASP C 246 -28.46 9.88 32.44
N ALA C 247 -29.19 10.19 31.37
CA ALA C 247 -28.68 10.96 30.24
C ALA C 247 -28.64 12.48 30.49
N SER C 248 -29.20 12.91 31.61
CA SER C 248 -29.12 14.32 32.00
C SER C 248 -27.65 14.64 32.33
N THR C 249 -27.18 14.00 33.40
CA THR C 249 -25.81 14.11 33.84
C THR C 249 -25.38 12.66 33.73
N GLY C 250 -24.23 12.40 33.12
CA GLY C 250 -23.82 11.03 32.95
C GLY C 250 -23.15 10.45 34.18
N LYS C 251 -23.93 10.21 35.23
CA LYS C 251 -23.37 9.63 36.42
C LYS C 251 -24.16 8.37 36.69
N ILE C 252 -23.63 7.52 37.56
CA ILE C 252 -24.32 6.28 37.86
C ILE C 252 -25.01 6.42 39.21
N LYS C 253 -26.31 6.67 39.15
CA LYS C 253 -27.12 7.02 40.30
C LYS C 253 -27.11 5.96 41.40
N ASN C 254 -27.23 6.39 42.66
CA ASN C 254 -27.20 5.51 43.82
C ASN C 254 -25.92 4.70 43.95
N GLN C 255 -24.87 5.13 43.27
CA GLN C 255 -23.58 4.47 43.39
C GLN C 255 -22.46 5.49 43.61
N GLN C 256 -22.48 6.11 44.78
CA GLN C 256 -21.45 7.07 45.15
C GLN C 256 -20.83 6.60 46.46
N HIS C 257 -19.51 6.45 46.48
CA HIS C 257 -18.68 6.77 45.34
C HIS C 257 -17.79 5.59 44.90
N ASN C 258 -17.36 5.64 43.65
CA ASN C 258 -16.52 4.62 43.03
C ASN C 258 -17.33 3.51 42.37
N MET C 259 -16.64 2.61 41.66
CA MET C 259 -17.31 1.51 40.97
C MET C 259 -16.81 0.12 41.36
N SER C 260 -17.76 -0.78 41.59
CA SER C 260 -17.46 -2.16 41.95
C SER C 260 -16.48 -2.70 40.92
N MET C 261 -15.43 -3.36 41.39
CA MET C 261 -14.48 -3.97 40.49
C MET C 261 -15.13 -5.16 39.84
N THR C 262 -16.04 -5.83 40.55
CA THR C 262 -16.69 -7.01 40.01
C THR C 262 -18.00 -7.36 40.72
N GLU C 263 -18.89 -8.09 40.02
CA GLU C 263 -20.21 -8.45 40.54
C GLU C 263 -20.30 -9.85 41.11
N ASP C 264 -21.40 -10.14 41.80
CA ASP C 264 -21.55 -11.45 42.42
C ASP C 264 -23.02 -11.86 42.61
N TYR C 265 -23.51 -12.75 41.74
CA TYR C 265 -24.89 -13.22 41.81
C TYR C 265 -24.93 -14.66 42.30
N TRP C 266 -25.87 -14.95 43.22
CA TRP C 266 -25.92 -16.26 43.91
C TRP C 266 -27.23 -17.06 43.76
N LEU C 267 -27.21 -18.07 42.88
CA LEU C 267 -28.40 -18.87 42.61
C LEU C 267 -28.22 -20.31 43.09
N GLN C 268 -29.33 -20.94 43.50
CA GLN C 268 -29.27 -22.27 44.11
C GLN C 268 -30.21 -23.26 43.43
N ARG C 269 -29.64 -24.09 42.58
CA ARG C 269 -30.38 -25.15 41.93
C ARG C 269 -30.85 -26.15 42.99
N ARG C 270 -32.11 -26.01 43.43
CA ARG C 270 -32.63 -26.80 44.54
C ARG C 270 -32.60 -28.31 44.27
N ASP C 271 -32.90 -28.70 43.03
CA ASP C 271 -32.78 -30.10 42.61
C ASP C 271 -31.32 -30.49 42.45
N GLY C 272 -31.05 -31.78 42.36
CA GLY C 272 -29.72 -32.23 42.04
C GLY C 272 -29.49 -32.26 40.54
N LYS C 273 -29.80 -31.16 39.85
CA LYS C 273 -29.60 -31.08 38.40
C LYS C 273 -29.58 -29.64 37.87
N ALA C 274 -28.78 -29.43 36.82
CA ALA C 274 -28.41 -28.10 36.34
C ALA C 274 -29.50 -27.40 35.52
N VAL C 275 -30.53 -26.91 36.20
CA VAL C 275 -31.66 -26.32 35.51
C VAL C 275 -31.87 -24.81 35.78
N THR C 276 -31.34 -24.32 36.90
CA THR C 276 -31.41 -22.90 37.23
C THR C 276 -30.14 -22.15 36.78
N GLU C 277 -30.32 -21.17 35.89
CA GLU C 277 -29.18 -20.47 35.32
C GLU C 277 -29.54 -19.16 34.65
N VAL C 278 -28.51 -18.33 34.47
CA VAL C 278 -28.63 -17.08 33.75
C VAL C 278 -28.10 -17.26 32.33
N ASP C 279 -28.93 -16.97 31.36
CA ASP C 279 -28.49 -16.97 29.98
C ASP C 279 -28.58 -15.56 29.42
N THR C 280 -27.43 -14.93 29.28
CA THR C 280 -27.37 -13.63 28.66
C THR C 280 -27.90 -13.68 27.24
N LEU C 281 -28.76 -12.72 26.89
CA LEU C 281 -29.23 -12.57 25.52
C LEU C 281 -28.16 -11.85 24.69
N PRO C 282 -28.10 -12.16 23.38
CA PRO C 282 -26.98 -11.74 22.53
C PRO C 282 -26.64 -10.26 22.63
N GLY C 283 -25.36 -9.95 22.49
CA GLY C 283 -24.94 -8.57 22.42
C GLY C 283 -25.00 -8.14 20.97
N ALA C 284 -25.26 -6.86 20.76
CA ALA C 284 -25.30 -6.28 19.42
C ALA C 284 -23.90 -6.18 18.85
N ASP C 285 -23.45 -7.24 18.18
CA ASP C 285 -22.13 -7.22 17.57
C ASP C 285 -22.26 -6.37 16.33
N ASN C 286 -21.35 -5.42 16.18
CA ASN C 286 -21.40 -4.54 15.01
C ASN C 286 -20.70 -5.08 13.79
N THR C 287 -21.26 -6.10 13.15
CA THR C 287 -20.61 -6.62 11.96
C THR C 287 -20.72 -5.56 10.85
N GLY C 288 -21.95 -5.08 10.61
CA GLY C 288 -22.24 -3.99 9.67
C GLY C 288 -21.26 -2.83 9.80
N ASN C 289 -20.37 -2.57 8.84
CA ASN C 289 -20.37 -2.96 7.41
C ASN C 289 -21.43 -2.15 6.67
N MET C 290 -21.63 -0.90 7.10
CA MET C 290 -22.76 -0.09 6.63
C MET C 290 -22.51 0.78 5.39
N GLU C 291 -22.50 0.16 4.21
CA GLU C 291 -22.46 0.89 2.94
C GLU C 291 -23.86 0.94 2.38
N ASP C 292 -24.83 0.79 3.27
CA ASP C 292 -26.22 0.53 2.90
C ASP C 292 -27.12 1.76 2.83
N ILE C 293 -27.25 2.44 3.96
CA ILE C 293 -27.85 3.77 4.03
C ILE C 293 -27.07 4.74 3.14
N ARG C 294 -25.75 4.60 3.10
CA ARG C 294 -24.99 5.44 2.21
C ARG C 294 -25.41 5.24 0.77
N TRP C 295 -26.18 4.19 0.49
CA TRP C 295 -26.71 3.97 -0.87
C TRP C 295 -27.95 4.82 -1.07
N PHE C 296 -28.87 4.71 -0.12
CA PHE C 296 -30.18 5.35 -0.24
C PHE C 296 -30.15 6.84 -0.01
N ARG C 297 -29.07 7.34 0.57
CA ARG C 297 -29.00 8.77 0.70
C ARG C 297 -28.55 9.34 -0.64
N GLN C 298 -27.69 8.64 -1.37
CA GLN C 298 -27.31 9.15 -2.68
C GLN C 298 -28.50 9.06 -3.66
N ALA C 299 -29.41 8.13 -3.38
CA ALA C 299 -30.62 8.05 -4.19
C ALA C 299 -31.45 9.28 -3.92
N LEU C 300 -32.05 9.38 -2.73
CA LEU C 300 -32.92 10.52 -2.38
C LEU C 300 -32.38 11.85 -2.86
N TYR C 301 -31.06 11.95 -2.92
CA TYR C 301 -30.40 13.16 -3.37
C TYR C 301 -30.39 13.35 -4.90
N MET C 302 -30.51 12.25 -5.66
CA MET C 302 -30.57 12.33 -7.12
C MET C 302 -31.99 12.53 -7.52
N ALA C 303 -32.87 12.17 -6.61
CA ALA C 303 -34.27 12.20 -6.91
C ALA C 303 -34.82 13.58 -6.65
N LEU C 304 -34.11 14.36 -5.87
CA LEU C 304 -34.52 15.72 -5.52
C LEU C 304 -34.44 16.68 -6.71
N ARG C 305 -33.40 16.51 -7.51
CA ARG C 305 -33.13 17.37 -8.67
C ARG C 305 -32.00 18.37 -8.38
N VAL C 306 -31.50 18.34 -7.15
CA VAL C 306 -30.38 19.19 -6.79
C VAL C 306 -29.12 18.46 -7.23
N PRO C 307 -28.18 19.17 -7.88
CA PRO C 307 -26.92 18.57 -8.37
C PRO C 307 -26.14 17.91 -7.25
N LEU C 308 -25.42 16.83 -7.54
CA LEU C 308 -24.69 16.14 -6.48
C LEU C 308 -23.40 16.88 -6.11
N SER C 309 -23.00 17.83 -6.96
CA SER C 309 -21.75 18.55 -6.77
C SER C 309 -21.87 19.57 -5.63
N ARG C 310 -23.07 19.72 -5.07
CA ARG C 310 -23.21 20.52 -3.89
C ARG C 310 -22.44 19.51 -3.06
N ILE C 311 -21.80 19.91 -1.97
CA ILE C 311 -20.99 18.94 -1.19
C ILE C 311 -21.64 18.08 -0.08
N PRO C 312 -22.48 17.03 -0.47
CA PRO C 312 -23.01 16.26 0.67
C PRO C 312 -21.91 15.46 1.37
N GLN C 313 -21.01 14.90 0.57
CA GLN C 313 -19.89 14.11 1.08
C GLN C 313 -18.86 14.98 1.80
N ASP C 314 -18.06 14.36 2.66
CA ASP C 314 -17.06 15.09 3.40
C ASP C 314 -16.11 15.74 2.40
N GLN C 315 -15.80 15.02 1.33
CA GLN C 315 -14.93 15.55 0.29
C GLN C 315 -13.60 16.08 0.81
N GLN C 316 -12.91 15.29 1.63
CA GLN C 316 -11.63 15.74 2.16
C GLN C 316 -10.75 16.03 0.95
N GLY C 317 -10.03 17.15 1.00
CA GLY C 317 -9.20 17.56 -0.11
C GLY C 317 -10.03 17.55 -1.38
N GLY C 318 -9.61 16.77 -2.38
CA GLY C 318 -8.39 15.97 -2.34
C GLY C 318 -7.02 16.65 -2.26
N VAL C 319 -6.76 17.67 -3.07
CA VAL C 319 -7.71 18.28 -3.99
C VAL C 319 -7.58 17.70 -5.41
N MET C 320 -8.42 18.20 -6.31
CA MET C 320 -8.57 17.61 -7.66
C MET C 320 -7.33 17.64 -8.58
N PHE C 321 -6.67 18.80 -8.81
CA PHE C 321 -6.89 20.07 -8.15
C PHE C 321 -6.89 21.26 -9.10
N ASP C 322 -7.54 22.34 -8.69
CA ASP C 322 -7.51 23.61 -9.41
C ASP C 322 -7.81 24.75 -8.44
N SER C 323 -7.28 25.93 -8.73
CA SER C 323 -7.43 27.07 -7.83
C SER C 323 -8.83 27.68 -7.93
N GLY C 324 -9.46 27.53 -9.09
CA GLY C 324 -10.81 28.03 -9.32
C GLY C 324 -11.73 26.92 -9.79
N THR C 325 -12.77 26.64 -9.00
CA THR C 325 -13.69 25.56 -9.33
C THR C 325 -14.44 25.86 -10.62
N SER C 326 -14.45 24.88 -11.51
CA SER C 326 -14.97 25.06 -12.87
C SER C 326 -16.46 24.78 -12.97
N ILE C 327 -17.03 25.14 -14.10
CA ILE C 327 -18.42 24.78 -14.39
C ILE C 327 -18.47 23.34 -14.85
N THR C 328 -19.07 22.48 -14.05
CA THR C 328 -19.25 21.08 -14.42
C THR C 328 -20.44 21.01 -15.35
N ARG C 329 -20.78 19.83 -15.86
CA ARG C 329 -21.96 19.73 -16.68
C ARG C 329 -23.16 19.55 -15.78
N ASP C 330 -22.91 18.99 -14.60
CA ASP C 330 -23.93 18.85 -13.55
C ASP C 330 -24.59 20.17 -13.25
N GLU C 331 -23.79 21.10 -12.75
CA GLU C 331 -24.25 22.42 -12.36
C GLU C 331 -24.90 23.15 -13.51
N LEU C 332 -24.32 23.01 -14.69
CA LEU C 332 -24.84 23.63 -15.90
C LEU C 332 -26.24 23.13 -16.25
N THR C 333 -26.44 21.82 -16.12
CA THR C 333 -27.77 21.19 -16.29
C THR C 333 -28.80 21.87 -15.41
N PHE C 334 -28.50 21.90 -14.11
CA PHE C 334 -29.40 22.42 -13.08
C PHE C 334 -29.84 23.85 -13.32
N ALA C 335 -28.96 24.69 -13.86
CA ALA C 335 -29.34 26.06 -14.14
C ALA C 335 -30.52 25.98 -15.11
N LYS C 336 -30.42 25.04 -16.04
CA LYS C 336 -31.47 24.80 -17.04
C LYS C 336 -32.78 24.33 -16.38
N PHE C 337 -32.69 23.44 -15.40
CA PHE C 337 -33.87 22.93 -14.72
C PHE C 337 -34.59 24.08 -14.04
N ILE C 338 -33.79 24.94 -13.41
CA ILE C 338 -34.28 26.16 -12.75
C ILE C 338 -34.94 27.10 -13.72
N ARG C 339 -34.19 27.56 -14.72
CA ARG C 339 -34.74 28.53 -15.64
C ARG C 339 -35.95 27.97 -16.36
N GLU C 340 -36.18 26.66 -16.25
CA GLU C 340 -37.43 26.12 -16.73
C GLU C 340 -38.54 26.30 -15.70
N LEU C 341 -38.19 26.17 -14.42
CA LEU C 341 -39.13 26.45 -13.33
C LEU C 341 -39.63 27.87 -13.40
N GLN C 342 -38.70 28.83 -13.24
CA GLN C 342 -39.00 30.25 -13.34
C GLN C 342 -39.97 30.57 -14.46
N HIS C 343 -39.89 29.81 -15.56
CA HIS C 343 -40.83 29.98 -16.66
C HIS C 343 -42.20 29.34 -16.42
N LYS C 344 -42.35 28.63 -15.30
CA LYS C 344 -43.64 28.07 -14.93
C LYS C 344 -44.28 28.97 -13.88
N PHE C 345 -43.43 29.48 -13.00
CA PHE C 345 -43.79 30.45 -11.98
C PHE C 345 -43.82 31.83 -12.63
N GLU C 346 -43.51 31.88 -13.93
CA GLU C 346 -43.68 33.09 -14.72
C GLU C 346 -45.15 33.50 -14.71
N GLU C 347 -46.01 32.49 -14.71
CA GLU C 347 -47.44 32.66 -14.79
C GLU C 347 -47.99 33.58 -13.71
N VAL C 348 -47.50 33.44 -12.49
CA VAL C 348 -48.02 34.21 -11.36
C VAL C 348 -47.81 35.70 -11.49
N PHE C 349 -47.09 36.11 -12.54
CA PHE C 349 -46.90 37.53 -12.80
C PHE C 349 -47.73 38.02 -13.99
N LEU C 350 -47.93 37.17 -14.98
CA LEU C 350 -48.54 37.61 -16.22
C LEU C 350 -50.06 37.59 -16.24
N ASP C 351 -50.72 36.82 -15.37
CA ASP C 351 -52.17 36.94 -15.29
C ASP C 351 -52.67 37.85 -14.15
N PRO C 352 -51.80 38.25 -13.19
CA PRO C 352 -52.34 39.40 -12.47
C PRO C 352 -52.11 40.69 -13.24
N LEU C 353 -51.08 40.71 -14.09
CA LEU C 353 -50.75 41.90 -14.87
C LEU C 353 -51.71 42.09 -16.05
N LYS C 354 -51.91 41.05 -16.85
CA LYS C 354 -52.73 41.17 -18.07
C LYS C 354 -54.20 41.45 -17.76
N THR C 355 -54.71 40.91 -16.66
CA THR C 355 -56.09 41.19 -16.27
C THR C 355 -56.19 42.55 -15.59
N ASN C 356 -55.05 43.11 -15.18
CA ASN C 356 -55.00 44.44 -14.58
C ASN C 356 -54.67 45.48 -15.63
N LEU C 357 -54.09 45.02 -16.74
CA LEU C 357 -53.74 45.87 -17.87
C LEU C 357 -54.86 45.84 -18.93
N LEU C 358 -55.99 45.30 -18.53
CA LEU C 358 -57.20 45.25 -19.33
C LEU C 358 -58.30 45.85 -18.48
N LEU C 359 -58.25 45.55 -17.19
CA LEU C 359 -59.11 46.19 -16.19
C LEU C 359 -58.86 47.70 -16.24
N LYS C 360 -57.58 48.07 -16.25
CA LYS C 360 -57.18 49.49 -16.22
C LYS C 360 -57.37 50.19 -17.56
N GLY C 361 -57.25 49.44 -18.63
CA GLY C 361 -57.38 50.00 -19.96
C GLY C 361 -56.11 49.80 -20.77
N ILE C 362 -55.78 50.78 -21.60
CA ILE C 362 -54.66 50.68 -22.55
C ILE C 362 -54.86 49.46 -23.49
N ILE C 363 -53.92 48.52 -23.50
CA ILE C 363 -53.93 47.43 -24.47
C ILE C 363 -55.08 46.42 -24.29
N THR C 364 -55.73 46.05 -25.39
CA THR C 364 -56.79 45.05 -25.35
C THR C 364 -56.24 43.63 -25.46
N GLU C 365 -57.11 42.64 -25.26
CA GLU C 365 -56.72 41.24 -25.34
C GLU C 365 -56.28 40.85 -26.76
N ASP C 366 -56.92 41.45 -27.76
CA ASP C 366 -56.60 41.16 -29.16
C ASP C 366 -55.23 41.69 -29.58
N GLU C 367 -54.69 42.63 -28.81
CA GLU C 367 -53.36 43.16 -29.06
C GLU C 367 -52.31 42.35 -28.31
N TRP C 368 -52.68 41.90 -27.12
CA TRP C 368 -51.79 41.14 -26.25
C TRP C 368 -51.29 39.85 -26.87
N ASN C 369 -52.15 39.18 -27.64
CA ASN C 369 -51.84 37.89 -28.22
C ASN C 369 -50.57 37.86 -29.06
N ASP C 370 -50.26 38.99 -29.70
CA ASP C 370 -49.11 39.08 -30.60
C ASP C 370 -47.83 39.40 -29.85
N GLU C 371 -47.97 40.06 -28.71
CA GLU C 371 -46.82 40.49 -27.91
C GLU C 371 -46.09 39.32 -27.24
N ILE C 372 -46.83 38.24 -26.97
CA ILE C 372 -46.21 37.07 -26.36
C ILE C 372 -46.66 35.78 -27.04
N ASN C 373 -45.84 35.25 -27.94
CA ASN C 373 -44.57 35.85 -28.35
C ASN C 373 -43.57 36.07 -27.22
N ASN C 374 -43.02 37.27 -27.16
CA ASN C 374 -42.04 37.63 -26.14
C ASN C 374 -42.33 38.91 -25.37
N ILE C 375 -42.68 38.73 -24.11
CA ILE C 375 -42.61 39.81 -23.12
C ILE C 375 -41.92 39.19 -21.89
N LYS C 376 -40.62 38.92 -22.06
CA LYS C 376 -39.82 38.17 -21.11
C LYS C 376 -39.81 38.75 -19.70
N ILE C 377 -40.03 37.90 -18.71
CA ILE C 377 -39.81 38.25 -17.32
C ILE C 377 -38.48 37.70 -16.85
N GLU C 378 -37.49 38.58 -16.76
CA GLU C 378 -36.15 38.19 -16.32
C GLU C 378 -36.06 38.05 -14.81
N PHE C 379 -35.78 36.84 -14.34
CA PHE C 379 -35.32 36.69 -12.96
C PHE C 379 -33.86 37.10 -12.92
N HIS C 380 -33.40 37.57 -11.77
CA HIS C 380 -32.00 37.89 -11.60
C HIS C 380 -31.29 36.63 -11.18
N ARG C 381 -30.10 36.37 -11.72
CA ARG C 381 -29.31 35.21 -11.32
C ARG C 381 -28.41 35.58 -10.16
N ASP C 382 -27.49 34.69 -9.78
CA ASP C 382 -26.54 35.09 -8.75
C ASP C 382 -25.40 35.84 -9.39
N SER C 383 -25.26 37.09 -8.97
CA SER C 383 -24.19 37.96 -9.42
C SER C 383 -22.82 37.29 -9.40
N TYR C 384 -22.56 36.45 -8.38
CA TYR C 384 -21.24 35.88 -8.25
C TYR C 384 -20.92 34.82 -9.29
N PHE C 385 -21.90 34.02 -9.70
CA PHE C 385 -21.57 32.90 -10.57
C PHE C 385 -21.89 33.17 -12.03
N ALA C 386 -22.47 34.33 -12.26
CA ALA C 386 -22.47 34.85 -13.61
C ALA C 386 -21.01 35.09 -13.95
N GLU C 387 -20.32 35.84 -13.09
CA GLU C 387 -18.89 36.10 -13.27
C GLU C 387 -18.09 34.82 -13.36
N LEU C 388 -18.20 33.97 -12.35
CA LEU C 388 -17.35 32.80 -12.25
C LEU C 388 -17.60 31.77 -13.35
N LYS C 389 -18.72 31.90 -14.05
CA LYS C 389 -18.94 31.15 -15.29
C LYS C 389 -18.32 31.87 -16.47
N GLU C 390 -18.68 33.14 -16.62
CA GLU C 390 -18.15 34.00 -17.69
C GLU C 390 -16.65 34.27 -17.56
N ALA C 391 -16.00 33.55 -16.66
CA ALA C 391 -14.58 33.72 -16.51
C ALA C 391 -13.87 32.51 -17.05
N GLU C 392 -14.58 31.40 -17.17
CA GLU C 392 -14.02 30.20 -17.76
C GLU C 392 -14.25 30.17 -19.27
N ILE C 393 -15.43 30.65 -19.66
CA ILE C 393 -15.72 30.90 -21.07
C ILE C 393 -14.64 31.80 -21.66
N LEU C 394 -14.44 32.96 -21.05
CA LEU C 394 -13.47 33.92 -21.56
C LEU C 394 -12.02 33.48 -21.35
N GLU C 395 -11.75 32.67 -20.33
CA GLU C 395 -10.42 32.13 -20.13
C GLU C 395 -10.02 31.20 -21.30
N ARG C 396 -10.97 30.41 -21.77
CA ARG C 396 -10.73 29.48 -22.85
C ARG C 396 -10.65 30.15 -24.22
N ARG C 397 -11.41 31.23 -24.41
CA ARG C 397 -11.42 31.92 -25.68
C ARG C 397 -10.14 32.69 -25.87
N ILE C 398 -9.51 33.09 -24.78
CA ILE C 398 -8.23 33.76 -24.92
C ILE C 398 -7.13 32.71 -25.07
N ASN C 399 -7.30 31.56 -24.42
CA ASN C 399 -6.32 30.49 -24.51
C ASN C 399 -6.23 29.92 -25.92
N MET C 400 -7.38 29.88 -26.59
CA MET C 400 -7.45 29.55 -28.02
C MET C 400 -6.75 30.64 -28.81
N LEU C 401 -7.10 31.88 -28.49
CA LEU C 401 -6.63 33.00 -29.27
C LEU C 401 -5.11 33.22 -29.17
N THR C 402 -4.51 32.90 -28.02
CA THR C 402 -3.05 33.00 -27.91
C THR C 402 -2.42 31.87 -28.72
N MET C 403 -3.09 30.71 -28.66
CA MET C 403 -2.62 29.48 -29.26
C MET C 403 -2.67 29.52 -30.79
N ALA C 404 -3.76 30.06 -31.32
CA ALA C 404 -3.92 30.20 -32.76
C ALA C 404 -3.65 31.61 -33.20
N GLU C 405 -2.62 32.22 -32.62
CA GLU C 405 -2.29 33.60 -32.93
C GLU C 405 -1.29 33.82 -34.09
N PRO C 406 -0.22 33.00 -34.20
CA PRO C 406 0.73 33.37 -35.25
C PRO C 406 0.13 33.23 -36.64
N PHE C 407 -0.96 32.49 -36.75
CA PHE C 407 -1.63 32.27 -38.02
C PHE C 407 -2.70 33.30 -38.33
N ILE C 408 -2.99 34.22 -37.41
CA ILE C 408 -4.12 35.14 -37.60
C ILE C 408 -3.80 36.16 -38.68
N GLY C 409 -2.53 36.36 -38.99
CA GLY C 409 -2.23 37.16 -40.14
C GLY C 409 -2.32 36.35 -41.43
N LYS C 410 -1.86 35.10 -41.37
CA LYS C 410 -1.63 34.32 -42.57
C LYS C 410 -2.84 33.57 -43.11
N TYR C 411 -3.65 32.98 -42.23
CA TYR C 411 -4.70 32.08 -42.72
C TYR C 411 -6.13 32.53 -42.44
N ILE C 412 -6.43 32.80 -41.18
CA ILE C 412 -7.73 33.30 -40.73
C ILE C 412 -7.68 34.82 -40.55
N SER C 413 -8.65 35.56 -41.08
CA SER C 413 -8.58 37.02 -40.97
C SER C 413 -8.62 37.47 -39.53
N HIS C 414 -8.44 38.78 -39.30
CA HIS C 414 -8.65 39.30 -37.96
C HIS C 414 -10.15 39.31 -37.66
N ARG C 415 -10.93 39.85 -38.58
CA ARG C 415 -12.37 39.86 -38.45
C ARG C 415 -12.93 38.46 -38.23
N THR C 416 -12.34 37.48 -38.90
CA THR C 416 -12.88 36.14 -38.88
C THR C 416 -12.64 35.44 -37.56
N ALA C 417 -11.48 35.66 -36.96
CA ALA C 417 -11.20 35.08 -35.64
C ALA C 417 -11.98 35.81 -34.55
N MET C 418 -12.00 37.12 -34.65
CA MET C 418 -12.69 37.97 -33.68
C MET C 418 -14.15 37.58 -33.51
N LYS C 419 -14.71 36.93 -34.52
CA LYS C 419 -16.14 36.65 -34.55
C LYS C 419 -16.45 35.16 -34.36
N ASP C 420 -15.42 34.32 -34.38
CA ASP C 420 -15.64 32.90 -34.14
C ASP C 420 -14.64 32.29 -33.14
N ILE C 421 -13.61 33.05 -32.75
CA ILE C 421 -12.76 32.64 -31.63
C ILE C 421 -13.22 33.39 -30.39
N LEU C 422 -13.69 34.62 -30.57
CA LEU C 422 -14.19 35.40 -29.45
C LEU C 422 -15.70 35.37 -29.32
N GLN C 423 -16.37 34.91 -30.38
CA GLN C 423 -17.82 34.75 -30.40
C GLN C 423 -18.55 36.08 -30.23
N MET C 424 -17.90 37.17 -30.61
CA MET C 424 -18.56 38.46 -30.62
C MET C 424 -19.58 38.52 -31.76
N THR C 425 -20.22 39.67 -31.91
CA THR C 425 -21.05 39.92 -33.08
C THR C 425 -20.58 41.18 -33.79
N ASP C 426 -21.14 41.43 -34.97
CA ASP C 426 -20.68 42.50 -35.86
C ASP C 426 -20.77 43.90 -35.24
N GLU C 427 -21.95 44.25 -34.74
CA GLU C 427 -22.17 45.59 -34.21
C GLU C 427 -21.38 45.81 -32.90
N GLU C 428 -20.88 44.71 -32.32
CA GLU C 428 -19.98 44.82 -31.18
C GLU C 428 -18.57 45.19 -31.64
N ILE C 429 -18.16 44.66 -32.78
CA ILE C 429 -16.89 45.02 -33.38
C ILE C 429 -16.98 46.42 -34.00
N GLU C 430 -18.10 46.70 -34.66
CA GLU C 430 -18.35 48.04 -35.19
C GLU C 430 -18.21 49.08 -34.07
N GLN C 431 -19.05 48.93 -33.05
CA GLN C 431 -19.06 49.82 -31.90
C GLN C 431 -17.68 49.98 -31.27
N GLU C 432 -16.97 48.86 -31.14
CA GLU C 432 -15.68 48.90 -30.48
C GLU C 432 -14.61 49.56 -31.33
N ALA C 433 -14.57 49.25 -32.62
CA ALA C 433 -13.57 49.80 -33.52
C ALA C 433 -13.59 51.34 -33.52
N LYS C 434 -14.79 51.91 -33.48
CA LYS C 434 -14.96 53.35 -33.37
C LYS C 434 -14.48 53.86 -32.01
N GLN C 435 -14.86 53.14 -30.96
CA GLN C 435 -14.54 53.50 -29.59
C GLN C 435 -13.03 53.53 -29.34
N ILE C 436 -12.36 52.48 -29.77
CA ILE C 436 -10.95 52.25 -29.47
C ILE C 436 -10.04 53.30 -30.10
N GLU C 437 -10.58 54.10 -31.01
CA GLU C 437 -9.79 55.15 -31.65
C GLU C 437 -9.36 56.22 -30.65
N GLU C 438 -10.25 56.57 -29.72
CA GLU C 438 -9.99 57.70 -28.82
C GLU C 438 -9.14 57.26 -27.64
N GLU C 439 -9.15 55.97 -27.35
CA GLU C 439 -8.23 55.39 -26.38
C GLU C 439 -6.80 55.76 -26.75
N SER C 440 -6.54 55.78 -28.06
CA SER C 440 -5.21 56.07 -28.58
C SER C 440 -5.01 57.57 -28.73
N LYS C 441 -5.79 58.37 -28.02
CA LYS C 441 -5.66 59.83 -28.14
C LYS C 441 -5.61 60.63 -26.83
N GLU C 442 -4.49 60.60 -26.10
CA GLU C 442 -3.33 59.78 -26.44
C GLU C 442 -2.98 58.94 -25.21
N ALA C 443 -2.98 59.61 -24.06
CA ALA C 443 -2.68 59.00 -22.75
C ALA C 443 -3.87 58.15 -22.32
N ARG C 444 -3.70 57.28 -21.34
CA ARG C 444 -2.45 57.09 -20.60
C ARG C 444 -1.73 55.79 -20.93
N PHE C 445 -2.21 55.06 -21.93
CA PHE C 445 -1.72 53.73 -22.21
C PHE C 445 -0.60 53.68 -23.25
N GLN C 446 -0.22 54.83 -23.78
CA GLN C 446 0.85 54.89 -24.76
C GLN C 446 2.20 54.62 -24.08
N ASP C 447 2.82 53.49 -24.44
CA ASP C 447 4.04 53.04 -23.77
C ASP C 447 5.31 53.37 -24.58
N ASN D 1 -56.03 -2.13 -27.54
CA ASN D 1 -55.98 -2.37 -26.10
C ASN D 1 -54.58 -2.74 -25.60
N TRP D 2 -53.94 -3.67 -26.29
CA TRP D 2 -52.57 -4.05 -25.98
C TRP D 2 -51.63 -2.87 -26.16
N ILE D 3 -51.90 -2.10 -27.21
CA ILE D 3 -51.26 -0.82 -27.45
C ILE D 3 -51.41 0.09 -26.24
N SER D 4 -52.61 0.06 -25.65
CA SER D 4 -52.97 0.95 -24.55
C SER D 4 -52.38 0.51 -23.21
N GLU D 5 -52.22 -0.80 -23.01
CA GLU D 5 -51.59 -1.30 -21.78
C GLU D 5 -50.08 -1.02 -21.81
N LEU D 6 -49.54 -0.96 -23.02
CA LEU D 6 -48.13 -0.69 -23.23
C LEU D 6 -47.78 0.72 -22.82
N ILE D 7 -48.56 1.68 -23.28
CA ILE D 7 -48.31 3.08 -22.95
C ILE D 7 -48.62 3.33 -21.48
N ASP D 8 -49.21 2.33 -20.81
CA ASP D 8 -49.37 2.45 -19.37
C ASP D 8 -48.02 2.19 -18.72
N THR D 9 -47.47 1.00 -18.97
CA THR D 9 -46.24 0.58 -18.29
C THR D 9 -45.02 1.46 -18.58
N TYR D 10 -44.99 2.11 -19.74
CA TYR D 10 -43.97 3.11 -20.03
C TYR D 10 -44.13 4.29 -19.10
N ARG D 11 -45.37 4.68 -18.86
CA ARG D 11 -45.63 5.87 -18.05
C ARG D 11 -45.53 5.51 -16.59
N ASN D 12 -45.47 4.21 -16.29
CA ASN D 12 -45.17 3.79 -14.94
C ASN D 12 -43.71 3.35 -14.86
N LEU D 13 -42.95 3.75 -15.87
CA LEU D 13 -41.49 3.65 -15.85
C LEU D 13 -40.96 5.03 -15.50
N MET D 14 -41.71 6.04 -15.93
CA MET D 14 -41.35 7.40 -15.65
C MET D 14 -41.64 7.74 -14.22
N ASN D 15 -42.58 7.01 -13.62
CA ASN D 15 -43.06 7.30 -12.27
C ASN D 15 -41.92 7.20 -11.29
N ASN D 16 -41.10 6.19 -11.57
CA ASN D 16 -39.86 5.87 -10.87
C ASN D 16 -38.83 6.96 -11.17
N TYR D 17 -37.79 7.04 -10.33
CA TYR D 17 -36.81 8.10 -10.44
C TYR D 17 -35.65 7.55 -11.27
N GLU D 18 -34.78 8.43 -11.76
CA GLU D 18 -33.63 8.00 -12.55
C GLU D 18 -34.10 7.81 -13.97
N VAL D 19 -35.18 7.05 -14.15
CA VAL D 19 -35.73 6.86 -15.49
C VAL D 19 -36.16 8.27 -15.88
N ASP D 20 -36.74 8.98 -14.90
CA ASP D 20 -37.17 10.35 -15.07
C ASP D 20 -35.93 11.22 -15.30
N ASN D 21 -34.86 10.94 -14.54
CA ASN D 21 -33.64 11.72 -14.70
C ASN D 21 -33.02 11.51 -16.10
N ALA D 22 -33.01 10.27 -16.58
CA ALA D 22 -32.37 9.90 -17.85
C ALA D 22 -33.23 10.22 -19.08
N VAL D 23 -34.55 10.16 -18.95
CA VAL D 23 -35.43 10.50 -20.04
C VAL D 23 -35.44 11.99 -20.29
N SER D 24 -35.34 12.75 -19.21
CA SER D 24 -35.30 14.19 -19.33
C SER D 24 -33.89 14.66 -19.49
N GLU D 25 -32.97 13.71 -19.55
CA GLU D 25 -31.66 14.03 -20.05
C GLU D 25 -31.76 14.34 -21.54
N ILE D 26 -32.34 13.39 -22.27
CA ILE D 26 -32.66 13.49 -23.70
C ILE D 26 -33.46 14.75 -24.08
N VAL D 27 -34.66 14.91 -23.50
CA VAL D 27 -35.55 15.97 -23.93
C VAL D 27 -34.98 17.31 -23.56
N SER D 28 -33.98 17.31 -22.69
CA SER D 28 -33.32 18.55 -22.34
C SER D 28 -32.42 19.01 -23.44
N ASP D 29 -31.95 18.06 -24.26
CA ASP D 29 -31.15 18.43 -25.43
C ASP D 29 -31.66 17.85 -26.75
N ALA D 30 -32.83 17.23 -26.73
CA ALA D 30 -33.45 16.83 -27.99
C ALA D 30 -34.28 17.97 -28.54
N ILE D 31 -34.65 18.92 -27.67
CA ILE D 31 -35.12 20.25 -28.09
C ILE D 31 -34.71 21.31 -27.08
N VAL D 32 -33.62 22.01 -27.31
CA VAL D 32 -33.12 22.87 -26.24
C VAL D 32 -33.40 24.36 -26.41
N TYR D 33 -34.35 24.85 -25.61
CA TYR D 33 -34.61 26.28 -25.54
C TYR D 33 -33.35 27.00 -25.16
N GLU D 34 -33.09 28.12 -25.82
CA GLU D 34 -32.08 29.03 -25.35
C GLU D 34 -32.62 30.43 -25.44
N ASP D 35 -31.98 31.36 -24.73
CA ASP D 35 -32.40 32.75 -24.75
C ASP D 35 -32.07 33.39 -26.09
N ASP D 36 -32.99 34.21 -26.60
CA ASP D 36 -32.77 34.89 -27.87
C ASP D 36 -32.87 33.90 -29.04
N THR D 37 -32.04 32.87 -28.99
CA THR D 37 -32.02 31.85 -30.04
C THR D 37 -33.34 31.08 -30.10
N GLU D 38 -33.75 30.76 -31.33
CA GLU D 38 -35.00 30.03 -31.55
C GLU D 38 -34.79 28.52 -31.66
N VAL D 39 -35.90 27.79 -31.52
CA VAL D 39 -35.92 26.33 -31.59
C VAL D 39 -36.72 25.91 -32.84
N VAL D 40 -36.37 24.76 -33.42
CA VAL D 40 -37.07 24.20 -34.60
C VAL D 40 -37.25 25.01 -35.92
N ALA D 41 -36.19 25.63 -36.42
CA ALA D 41 -36.26 26.41 -37.68
C ALA D 41 -36.46 25.57 -38.95
N LEU D 42 -37.08 26.17 -39.99
CA LEU D 42 -37.34 25.51 -41.25
C LEU D 42 -36.28 25.88 -42.27
N ASN D 43 -35.14 25.21 -42.22
CA ASN D 43 -34.07 25.47 -43.16
C ASN D 43 -34.53 25.15 -44.58
N LEU D 44 -34.52 26.16 -45.44
CA LEU D 44 -34.87 25.95 -46.82
C LEU D 44 -33.59 26.12 -47.61
N ASP D 45 -33.04 25.01 -48.08
CA ASP D 45 -31.82 25.06 -48.86
C ASP D 45 -32.03 24.16 -50.07
N LYS D 46 -32.98 24.57 -50.90
CA LYS D 46 -33.31 23.81 -52.10
C LYS D 46 -33.96 24.72 -53.12
N SER D 47 -33.92 24.29 -54.38
CA SER D 47 -34.52 25.05 -55.47
C SER D 47 -36.00 25.32 -55.21
N LYS D 48 -36.33 26.59 -55.02
CA LYS D 48 -37.71 27.02 -54.84
C LYS D 48 -38.04 28.10 -55.85
N PHE D 49 -39.29 28.13 -56.31
CA PHE D 49 -39.68 29.00 -57.42
C PHE D 49 -39.46 30.48 -57.14
N SER D 50 -39.88 30.94 -55.96
CA SER D 50 -39.81 32.36 -55.63
C SER D 50 -38.95 32.62 -54.40
N PRO D 51 -38.24 33.76 -54.39
CA PRO D 51 -37.55 34.24 -53.19
C PRO D 51 -38.56 34.65 -52.14
N LYS D 52 -39.79 34.90 -52.56
CA LYS D 52 -40.87 35.29 -51.65
C LYS D 52 -41.57 34.08 -51.04
N ILE D 53 -41.78 33.02 -51.82
CA ILE D 53 -42.46 31.84 -51.29
C ILE D 53 -41.61 31.09 -50.26
N LYS D 54 -40.29 31.07 -50.46
CA LYS D 54 -39.41 30.35 -49.55
C LYS D 54 -39.40 31.03 -48.18
N ASN D 55 -39.56 32.37 -48.17
CA ASN D 55 -39.70 33.09 -46.91
C ASN D 55 -41.16 33.19 -46.50
N MET D 56 -42.06 32.84 -47.42
CA MET D 56 -43.48 32.91 -47.13
C MET D 56 -43.88 31.82 -46.15
N MET D 57 -43.12 30.74 -46.12
CA MET D 57 -43.37 29.63 -45.20
C MET D 57 -43.38 30.07 -43.75
N LEU D 58 -42.70 31.16 -43.45
CA LEU D 58 -42.61 31.61 -42.07
C LEU D 58 -43.99 32.08 -41.60
N ASP D 59 -44.74 32.69 -42.51
CA ASP D 59 -46.14 33.04 -42.26
C ASP D 59 -46.92 31.75 -41.98
N GLU D 60 -46.46 30.67 -42.59
CA GLU D 60 -47.07 29.36 -42.42
C GLU D 60 -46.45 28.61 -41.25
N PHE D 61 -45.12 28.57 -41.20
CA PHE D 61 -44.40 27.71 -40.26
C PHE D 61 -44.17 28.34 -38.88
N SER D 62 -43.77 29.62 -38.84
CA SER D 62 -43.63 30.30 -37.56
C SER D 62 -45.00 30.41 -36.87
N ASP D 63 -46.05 30.11 -37.64
CA ASP D 63 -47.42 30.09 -37.14
C ASP D 63 -47.87 28.66 -36.80
N VAL D 64 -47.32 27.65 -37.47
CA VAL D 64 -47.73 26.28 -37.20
C VAL D 64 -47.17 25.79 -35.87
N LEU D 65 -46.14 26.51 -35.40
CA LEU D 65 -45.59 26.26 -34.07
C LEU D 65 -46.53 26.80 -33.00
N ASN D 66 -47.10 27.98 -33.27
CA ASN D 66 -48.04 28.62 -32.37
C ASN D 66 -49.21 27.70 -32.00
N HIS D 67 -49.67 26.90 -32.96
CA HIS D 67 -50.80 26.00 -32.74
C HIS D 67 -50.41 24.90 -31.77
N LEU D 68 -49.17 24.45 -31.87
CA LEU D 68 -48.63 23.50 -30.93
C LEU D 68 -48.30 24.22 -29.63
N SER D 69 -48.38 25.55 -29.70
CA SER D 69 -47.88 26.44 -28.66
C SER D 69 -46.46 25.98 -28.29
N PHE D 70 -45.70 25.64 -29.32
CA PHE D 70 -44.45 24.90 -29.15
C PHE D 70 -43.40 25.60 -28.30
N GLN D 71 -43.44 26.93 -28.25
CA GLN D 71 -42.38 27.69 -27.59
C GLN D 71 -42.32 27.46 -26.07
N ARG D 72 -43.47 27.20 -25.45
CA ARG D 72 -43.48 26.92 -24.02
C ARG D 72 -44.03 25.52 -23.74
N LYS D 73 -44.47 24.83 -24.79
CA LYS D 73 -45.08 23.51 -24.65
C LYS D 73 -44.40 22.47 -25.51
N GLY D 74 -43.14 22.70 -25.86
CA GLY D 74 -42.43 21.78 -26.74
C GLY D 74 -41.84 20.58 -26.02
N SER D 75 -41.11 20.83 -24.95
CA SER D 75 -40.39 19.79 -24.26
C SER D 75 -41.34 18.95 -23.43
N ASP D 76 -42.63 19.09 -23.70
CA ASP D 76 -43.57 18.16 -23.12
C ASP D 76 -44.17 17.33 -24.25
N HIS D 77 -44.44 17.96 -25.40
CA HIS D 77 -44.98 17.26 -26.56
C HIS D 77 -44.03 16.18 -27.06
N PHE D 78 -42.73 16.44 -26.92
CA PHE D 78 -41.67 15.52 -27.35
C PHE D 78 -41.43 14.46 -26.30
N ARG D 79 -41.28 14.90 -25.06
CA ARG D 79 -41.18 14.00 -23.93
C ARG D 79 -42.39 13.11 -23.85
N ARG D 80 -43.47 13.50 -24.50
CA ARG D 80 -44.61 12.61 -24.60
C ARG D 80 -44.45 11.60 -25.75
N TRP D 81 -43.95 12.07 -26.89
CA TRP D 81 -43.67 11.22 -28.06
C TRP D 81 -42.76 10.08 -27.71
N TYR D 82 -41.72 10.41 -26.96
CA TYR D 82 -40.65 9.50 -26.64
C TYR D 82 -41.11 8.48 -25.64
N VAL D 83 -41.86 8.92 -24.64
CA VAL D 83 -42.20 8.03 -23.55
C VAL D 83 -43.54 7.32 -23.77
N ASP D 84 -44.45 8.01 -24.43
CA ASP D 84 -45.77 7.51 -24.78
C ASP D 84 -45.68 6.36 -25.76
N SER D 85 -44.73 6.47 -26.68
CA SER D 85 -44.49 5.50 -27.75
C SER D 85 -45.37 5.82 -28.96
N ARG D 86 -46.06 6.95 -28.89
CA ARG D 86 -46.92 7.41 -29.97
C ARG D 86 -47.44 8.80 -29.59
N ILE D 87 -47.89 9.58 -30.59
CA ILE D 87 -48.41 10.89 -30.27
C ILE D 87 -49.30 11.32 -31.41
N PHE D 88 -50.54 11.67 -31.10
CA PHE D 88 -51.51 12.00 -32.12
C PHE D 88 -52.02 13.42 -31.94
N PHE D 89 -51.95 14.23 -32.98
CA PHE D 89 -52.63 15.52 -32.95
C PHE D 89 -53.80 15.49 -33.93
N HIS D 90 -55.00 15.69 -33.41
CA HIS D 90 -56.18 15.85 -34.26
C HIS D 90 -56.12 17.21 -34.92
N LYS D 91 -56.60 17.28 -36.15
CA LYS D 91 -56.54 18.53 -36.89
C LYS D 91 -57.94 19.03 -37.20
N ILE D 92 -58.21 20.25 -36.75
CA ILE D 92 -59.48 20.89 -37.02
C ILE D 92 -59.39 21.73 -38.29
N ILE D 93 -60.10 21.29 -39.32
CA ILE D 93 -60.20 22.05 -40.56
C ILE D 93 -61.47 21.63 -41.30
N ASP D 94 -62.26 22.61 -41.72
CA ASP D 94 -61.90 24.00 -41.48
C ASP D 94 -62.95 24.85 -40.73
N PRO D 95 -64.27 24.58 -40.89
CA PRO D 95 -65.14 23.70 -41.68
C PRO D 95 -65.41 24.26 -43.07
N LYS D 96 -65.28 25.57 -43.14
CA LYS D 96 -65.41 26.35 -44.35
C LYS D 96 -64.98 27.76 -43.95
N ARG D 97 -64.36 28.51 -44.86
CA ARG D 97 -64.18 28.14 -46.25
C ARG D 97 -62.83 27.43 -46.42
N PRO D 98 -62.62 26.74 -47.56
CA PRO D 98 -61.28 26.19 -47.76
C PRO D 98 -60.22 27.30 -47.82
N LYS D 99 -58.97 26.95 -47.56
CA LYS D 99 -57.86 27.89 -47.57
C LYS D 99 -58.05 29.05 -46.59
N GLU D 100 -58.83 28.81 -45.53
CA GLU D 100 -59.07 29.84 -44.53
C GLU D 100 -57.78 30.23 -43.78
N GLY D 101 -57.00 29.25 -43.35
CA GLY D 101 -57.35 27.84 -43.46
C GLY D 101 -56.89 27.06 -42.23
N ILE D 102 -57.66 26.06 -41.81
CA ILE D 102 -57.35 25.19 -40.65
C ILE D 102 -57.70 25.79 -39.28
N LYS D 103 -57.39 25.04 -38.21
CA LYS D 103 -57.65 25.51 -36.86
C LYS D 103 -56.73 24.77 -35.90
N GLU D 104 -56.92 25.03 -34.61
CA GLU D 104 -56.04 24.52 -33.57
C GLU D 104 -55.85 23.00 -33.61
N LEU D 105 -54.62 22.55 -33.38
CA LEU D 105 -54.32 21.13 -33.28
C LEU D 105 -54.39 20.70 -31.83
N ARG D 106 -55.30 19.77 -31.55
CA ARG D 106 -55.50 19.30 -30.18
C ARG D 106 -54.86 17.93 -29.98
N ARG D 107 -54.00 17.84 -28.97
CA ARG D 107 -53.35 16.58 -28.62
C ARG D 107 -54.42 15.56 -28.30
N LEU D 108 -54.16 14.30 -28.65
CA LEU D 108 -55.04 13.21 -28.25
C LEU D 108 -54.30 12.33 -27.25
N ASP D 109 -55.02 11.85 -26.25
CA ASP D 109 -54.46 10.86 -25.34
C ASP D 109 -54.19 9.60 -26.15
N PRO D 110 -52.92 9.17 -26.20
CA PRO D 110 -52.75 7.79 -26.66
C PRO D 110 -53.45 6.85 -25.67
N ARG D 111 -53.74 5.62 -26.07
CA ARG D 111 -54.54 4.64 -25.31
C ARG D 111 -56.04 4.81 -25.56
N GLN D 112 -56.41 5.85 -26.31
CA GLN D 112 -57.81 6.05 -26.66
C GLN D 112 -57.92 6.10 -28.17
N VAL D 113 -56.86 5.66 -28.85
CA VAL D 113 -56.81 5.65 -30.30
C VAL D 113 -56.45 4.28 -30.85
N GLN D 114 -57.20 3.79 -31.83
CA GLN D 114 -56.90 2.52 -32.49
C GLN D 114 -56.75 2.74 -34.00
N TYR D 115 -55.72 2.15 -34.60
CA TYR D 115 -55.44 2.39 -36.03
C TYR D 115 -55.48 1.12 -36.87
N VAL D 116 -56.60 0.91 -37.55
CA VAL D 116 -56.73 -0.14 -38.56
C VAL D 116 -57.51 0.42 -39.75
N TYR D 136 -57.48 4.44 -40.90
CA TYR D 136 -58.79 4.69 -40.31
C TYR D 136 -58.66 4.69 -38.79
N PHE D 137 -58.64 5.89 -38.22
CA PHE D 137 -58.37 6.07 -36.79
C PHE D 137 -59.63 6.02 -35.93
N ILE D 138 -59.60 5.15 -34.92
CA ILE D 138 -60.73 4.97 -34.02
C ILE D 138 -60.47 5.65 -32.69
N TYR D 139 -60.88 6.91 -32.56
CA TYR D 139 -60.70 7.63 -31.32
C TYR D 139 -61.79 7.28 -30.32
N ASP D 140 -61.43 6.46 -29.32
CA ASP D 140 -62.33 6.20 -28.20
C ASP D 140 -62.44 7.45 -27.34
N THR D 141 -63.65 7.78 -26.93
CA THR D 141 -63.87 8.97 -26.12
C THR D 141 -64.19 8.63 -24.67
N ALA D 142 -63.33 9.06 -23.75
CA ALA D 142 -63.62 8.97 -22.34
C ALA D 142 -64.17 10.31 -21.89
N HIS D 143 -65.43 10.34 -21.44
CA HIS D 143 -66.03 11.61 -21.05
C HIS D 143 -66.24 12.41 -22.32
N GLU D 144 -66.36 13.74 -22.21
CA GLU D 144 -66.55 14.57 -23.39
C GLU D 144 -65.31 15.43 -23.65
N SER D 145 -64.71 15.30 -24.83
CA SER D 145 -63.51 16.08 -25.17
C SER D 145 -63.66 17.28 -26.10
N TYR D 146 -64.30 17.08 -27.27
CA TYR D 146 -64.46 18.18 -28.21
C TYR D 146 -65.63 18.03 -29.19
N ALA D 147 -66.09 19.16 -29.74
CA ALA D 147 -67.20 19.17 -30.69
C ALA D 147 -66.79 19.32 -32.16
N CYS D 148 -65.49 19.40 -32.43
CA CYS D 148 -65.01 19.56 -33.79
C CYS D 148 -65.90 20.59 -34.47
N ASP D 149 -65.82 20.66 -35.80
CA ASP D 149 -66.64 21.60 -36.55
C ASP D 149 -68.13 21.29 -36.43
N GLY D 150 -68.46 20.00 -36.43
CA GLY D 150 -69.83 19.54 -36.34
C GLY D 150 -69.87 18.04 -36.12
N ARG D 151 -71.02 17.53 -35.65
CA ARG D 151 -72.18 18.38 -35.39
C ARG D 151 -72.18 18.89 -33.95
N MET D 152 -71.70 18.07 -33.03
CA MET D 152 -71.69 18.40 -31.60
C MET D 152 -70.81 17.42 -30.83
N TYR D 153 -70.47 17.76 -29.60
CA TYR D 153 -69.60 16.93 -28.77
C TYR D 153 -70.17 15.55 -28.49
N GLU D 154 -69.51 14.52 -29.02
CA GLU D 154 -69.89 13.14 -28.77
C GLU D 154 -69.51 12.75 -27.33
N ALA D 155 -70.20 11.75 -26.79
CA ALA D 155 -69.96 11.34 -25.40
C ALA D 155 -69.94 9.83 -25.23
N GLY D 156 -68.78 9.29 -24.88
CA GLY D 156 -68.63 7.88 -24.59
C GLY D 156 -68.61 6.96 -25.79
N THR D 157 -68.61 7.54 -27.00
CA THR D 157 -68.67 6.74 -28.22
C THR D 157 -67.40 6.80 -29.05
N LYS D 158 -67.10 5.70 -29.74
CA LYS D 158 -65.93 5.61 -30.61
C LYS D 158 -66.15 6.40 -31.89
N ILE D 159 -65.59 7.61 -31.95
CA ILE D 159 -65.71 8.43 -33.15
C ILE D 159 -64.57 8.10 -34.12
N LYS D 160 -64.89 8.08 -35.42
CA LYS D 160 -63.91 7.69 -36.41
C LYS D 160 -63.39 8.90 -37.21
N ILE D 161 -62.08 9.04 -37.25
CA ILE D 161 -61.44 10.10 -38.03
C ILE D 161 -60.61 9.47 -39.14
N PRO D 162 -60.67 10.05 -40.36
CA PRO D 162 -59.86 9.54 -41.47
C PRO D 162 -58.35 9.74 -41.27
N LYS D 163 -57.54 8.88 -41.89
CA LYS D 163 -56.08 8.89 -41.77
C LYS D 163 -55.48 10.19 -42.29
N ALA D 164 -56.36 11.08 -42.72
CA ALA D 164 -56.04 12.48 -42.90
C ALA D 164 -57.30 13.23 -42.48
N ALA D 165 -57.15 14.31 -41.72
CA ALA D 165 -55.84 14.82 -41.34
C ALA D 165 -55.62 14.67 -39.84
N VAL D 166 -54.80 13.69 -39.47
CA VAL D 166 -54.33 13.50 -38.10
C VAL D 166 -52.85 13.16 -38.13
N VAL D 167 -52.01 13.97 -37.48
CA VAL D 167 -50.58 13.68 -37.53
C VAL D 167 -50.29 12.54 -36.55
N TYR D 168 -49.68 11.47 -37.06
CA TYR D 168 -49.39 10.30 -36.24
C TYR D 168 -47.90 10.06 -36.27
N ALA D 169 -47.24 10.41 -35.18
CA ALA D 169 -45.80 10.24 -35.11
C ALA D 169 -45.42 9.09 -34.19
N HIS D 170 -44.74 8.10 -34.74
CA HIS D 170 -44.38 6.94 -33.94
C HIS D 170 -42.87 6.78 -33.85
N SER D 171 -42.40 6.33 -32.68
CA SER D 171 -41.01 5.89 -32.53
C SER D 171 -40.73 4.75 -33.50
N GLY D 172 -39.96 5.03 -34.55
CA GLY D 172 -39.82 4.06 -35.64
C GLY D 172 -39.30 2.65 -35.32
N LEU D 173 -39.94 1.96 -34.38
CA LEU D 173 -39.48 0.62 -33.99
C LEU D 173 -40.40 -0.58 -34.30
N VAL D 174 -39.84 -1.57 -34.98
CA VAL D 174 -40.54 -2.80 -35.36
C VAL D 174 -40.99 -3.75 -34.25
N ASP D 175 -40.16 -3.92 -33.22
CA ASP D 175 -40.45 -4.82 -32.08
C ASP D 175 -40.02 -6.27 -32.35
N CYS D 176 -40.25 -7.16 -31.38
CA CYS D 176 -39.86 -8.57 -31.53
C CYS D 176 -40.57 -9.26 -32.69
N CYS D 177 -41.87 -9.02 -32.81
CA CYS D 177 -42.67 -9.56 -33.91
C CYS D 177 -43.39 -8.46 -34.69
N GLY D 178 -43.21 -8.47 -36.01
CA GLY D 178 -43.85 -7.49 -36.86
C GLY D 178 -45.35 -7.71 -36.97
N LYS D 179 -46.12 -6.62 -37.04
CA LYS D 179 -45.58 -5.28 -36.95
C LYS D 179 -46.29 -4.64 -35.76
N ASN D 180 -45.50 -4.20 -34.79
CA ASN D 180 -46.05 -3.57 -33.59
C ASN D 180 -45.15 -2.39 -33.22
N ILE D 181 -45.69 -1.39 -32.54
CA ILE D 181 -44.84 -0.26 -32.18
C ILE D 181 -44.32 -0.34 -30.74
N ILE D 182 -43.01 -0.17 -30.58
CA ILE D 182 -42.39 -0.22 -29.26
C ILE D 182 -41.22 0.75 -29.08
N GLY D 183 -40.89 1.06 -27.83
CA GLY D 183 -39.79 1.95 -27.50
C GLY D 183 -40.09 3.43 -27.43
N TYR D 184 -39.04 4.22 -27.15
CA TYR D 184 -37.72 3.65 -26.95
C TYR D 184 -37.42 3.20 -25.54
N LEU D 185 -38.42 3.24 -24.67
CA LEU D 185 -38.15 2.94 -23.28
C LEU D 185 -38.12 1.44 -23.02
N HIS D 186 -38.72 0.66 -23.92
CA HIS D 186 -38.88 -0.80 -23.78
C HIS D 186 -37.67 -1.56 -23.27
N ARG D 187 -36.54 -1.46 -23.96
CA ARG D 187 -35.39 -2.25 -23.55
C ARG D 187 -35.05 -2.07 -22.07
N ALA D 188 -35.38 -0.92 -21.51
CA ALA D 188 -35.10 -0.66 -20.10
C ALA D 188 -36.21 -0.97 -19.09
N VAL D 189 -37.33 -1.52 -19.57
CA VAL D 189 -38.46 -1.85 -18.69
C VAL D 189 -38.18 -3.03 -17.77
N LYS D 190 -37.64 -4.10 -18.35
CA LYS D 190 -37.32 -5.30 -17.59
C LYS D 190 -36.18 -5.00 -16.63
N PRO D 191 -35.16 -4.22 -17.18
CA PRO D 191 -34.07 -3.92 -16.24
C PRO D 191 -34.53 -3.07 -15.08
N ALA D 192 -35.42 -2.11 -15.35
CA ALA D 192 -35.87 -1.22 -14.30
C ALA D 192 -36.73 -1.93 -13.27
N ASN D 193 -37.49 -2.91 -13.71
CA ASN D 193 -38.33 -3.64 -12.79
C ASN D 193 -37.52 -4.53 -11.86
N GLN D 194 -36.25 -4.75 -12.16
CA GLN D 194 -35.48 -5.64 -11.32
C GLN D 194 -34.34 -4.91 -10.68
N LEU D 195 -34.21 -3.61 -10.90
CA LEU D 195 -33.29 -2.84 -10.06
C LEU D 195 -33.96 -2.53 -8.75
N LYS D 196 -35.27 -2.26 -8.83
CA LYS D 196 -36.10 -1.95 -7.67
C LYS D 196 -36.46 -3.19 -6.87
N LEU D 197 -36.54 -4.32 -7.56
CA LEU D 197 -36.76 -5.62 -6.92
C LEU D 197 -35.56 -6.07 -6.09
N LEU D 198 -34.68 -5.12 -5.82
CA LEU D 198 -33.50 -5.33 -5.03
C LEU D 198 -33.51 -4.29 -3.93
N GLU D 199 -34.04 -3.12 -4.26
CA GLU D 199 -34.13 -2.00 -3.33
C GLU D 199 -35.23 -2.20 -2.31
N ASP D 200 -36.16 -3.08 -2.64
CA ASP D 200 -37.15 -3.51 -1.68
C ASP D 200 -36.59 -4.71 -0.90
N ALA D 201 -35.83 -5.53 -1.59
CA ALA D 201 -35.08 -6.58 -0.95
C ALA D 201 -34.07 -6.03 0.04
N VAL D 202 -33.33 -4.99 -0.31
CA VAL D 202 -32.29 -4.50 0.59
C VAL D 202 -32.82 -3.78 1.80
N VAL D 203 -33.99 -3.16 1.69
CA VAL D 203 -34.59 -2.57 2.87
C VAL D 203 -35.35 -3.64 3.61
N ILE D 204 -35.90 -4.63 2.92
CA ILE D 204 -36.69 -5.61 3.61
C ILE D 204 -35.82 -6.47 4.51
N TYR D 205 -34.59 -6.66 4.10
CA TYR D 205 -33.71 -7.42 4.94
C TYR D 205 -33.44 -6.62 6.19
N ARG D 206 -33.26 -5.31 6.06
CA ARG D 206 -32.83 -4.49 7.19
C ARG D 206 -33.94 -4.02 8.11
N ILE D 207 -35.07 -3.55 7.56
CA ILE D 207 -36.25 -3.25 8.35
C ILE D 207 -36.53 -4.36 9.31
N THR D 208 -36.76 -5.55 8.75
CA THR D 208 -37.04 -6.75 9.52
C THR D 208 -35.74 -7.17 10.20
N ARG D 209 -35.85 -7.57 11.46
CA ARG D 209 -34.71 -7.99 12.26
C ARG D 209 -34.00 -6.75 12.80
N ALA D 210 -34.48 -5.58 12.41
CA ALA D 210 -33.93 -4.32 12.88
C ALA D 210 -34.19 -4.33 14.37
N PRO D 211 -35.38 -4.82 14.71
CA PRO D 211 -35.80 -4.93 16.10
C PRO D 211 -35.54 -6.34 16.61
N ASP D 212 -34.93 -6.51 17.78
CA ASP D 212 -34.64 -7.87 18.24
C ASP D 212 -35.95 -8.54 18.61
N ARG D 213 -36.14 -9.74 18.10
CA ARG D 213 -37.35 -10.51 18.39
C ARG D 213 -36.97 -11.70 19.25
N ARG D 214 -37.83 -12.03 20.20
CA ARG D 214 -37.55 -13.13 21.09
C ARG D 214 -38.77 -14.02 21.26
N VAL D 215 -38.59 -15.32 21.09
CA VAL D 215 -39.68 -16.27 21.24
C VAL D 215 -39.63 -16.97 22.59
N TRP D 216 -40.62 -16.68 23.44
CA TRP D 216 -40.64 -17.17 24.81
C TRP D 216 -41.41 -18.47 24.92
N TYR D 217 -40.72 -19.58 25.14
CA TYR D 217 -41.44 -20.83 25.33
C TYR D 217 -41.63 -21.09 26.82
N VAL D 218 -42.87 -21.11 27.29
CA VAL D 218 -43.20 -21.52 28.65
C VAL D 218 -44.18 -22.69 28.61
N ASP D 219 -43.92 -23.73 29.40
CA ASP D 219 -44.69 -24.96 29.28
C ASP D 219 -45.72 -25.14 30.41
N THR D 220 -46.81 -25.84 30.08
CA THR D 220 -47.84 -26.22 31.05
C THR D 220 -48.45 -27.55 30.65
N GLY D 221 -48.11 -28.60 31.39
CA GLY D 221 -48.63 -29.93 31.09
C GLY D 221 -49.87 -30.27 31.91
N ASN D 222 -50.84 -30.87 31.23
CA ASN D 222 -52.04 -31.42 31.88
C ASN D 222 -52.93 -30.37 32.56
N MET D 223 -53.13 -29.24 31.90
CA MET D 223 -54.13 -28.28 32.33
C MET D 223 -54.87 -27.76 31.10
N PRO D 224 -56.21 -27.69 31.19
CA PRO D 224 -57.06 -27.35 30.04
C PRO D 224 -56.70 -25.99 29.44
N ALA D 225 -56.85 -25.84 28.12
CA ALA D 225 -56.51 -24.59 27.45
C ALA D 225 -57.35 -23.43 27.95
N ARG D 226 -58.51 -23.74 28.52
CA ARG D 226 -59.38 -22.74 29.12
C ARG D 226 -58.70 -22.04 30.30
N LYS D 227 -57.98 -22.82 31.12
CA LYS D 227 -57.34 -22.28 32.32
C LYS D 227 -55.81 -22.26 32.19
N ALA D 228 -55.27 -22.90 31.16
CA ALA D 228 -53.84 -22.85 30.88
C ALA D 228 -53.46 -21.48 30.36
N ALA D 229 -54.34 -20.89 29.57
CA ALA D 229 -54.13 -19.56 29.03
C ALA D 229 -54.08 -18.52 30.14
N GLU D 230 -54.62 -18.84 31.30
CA GLU D 230 -54.57 -17.95 32.46
C GLU D 230 -53.17 -17.91 33.04
N HIS D 231 -52.38 -18.95 32.78
CA HIS D 231 -50.98 -19.00 33.19
C HIS D 231 -50.13 -18.30 32.13
N MET D 232 -50.79 -17.85 31.07
CA MET D 232 -50.14 -17.06 30.04
C MET D 232 -50.50 -15.59 30.17
N GLN D 233 -51.69 -15.31 30.71
CA GLN D 233 -52.11 -13.94 30.94
C GLN D 233 -51.28 -13.27 32.03
N HIS D 234 -50.63 -14.08 32.86
CA HIS D 234 -49.85 -13.56 33.98
C HIS D 234 -48.40 -13.25 33.62
N VAL D 235 -47.83 -13.92 32.62
CA VAL D 235 -46.46 -13.63 32.22
C VAL D 235 -46.39 -12.44 31.27
N MET D 236 -47.54 -12.01 30.75
CA MET D 236 -47.59 -10.77 29.97
C MET D 236 -47.69 -9.58 30.92
N ASN D 237 -48.76 -9.53 31.70
CA ASN D 237 -49.04 -8.41 32.59
C ASN D 237 -47.98 -8.13 33.65
N THR D 238 -46.93 -8.96 33.69
CA THR D 238 -45.85 -8.81 34.67
C THR D 238 -44.49 -8.54 34.02
N MET D 239 -44.32 -8.93 32.76
CA MET D 239 -43.00 -8.89 32.14
C MET D 239 -43.02 -8.36 30.71
N LYS D 240 -44.18 -7.90 30.26
CA LYS D 240 -44.33 -7.39 28.89
C LYS D 240 -43.59 -6.07 28.73
N ASN D 241 -42.93 -5.86 27.59
CA ASN D 241 -42.18 -4.63 27.39
C ASN D 241 -42.88 -3.58 26.52
N ARG D 242 -43.08 -2.39 27.08
CA ARG D 242 -43.73 -1.28 26.38
C ARG D 242 -42.75 -0.29 25.72
N VAL D 243 -41.46 -0.50 25.94
CA VAL D 243 -40.45 0.37 25.36
C VAL D 243 -40.68 0.56 23.86
N VAL D 244 -40.78 1.82 23.43
CA VAL D 244 -41.06 2.15 22.03
C VAL D 244 -40.09 3.20 21.50
N TYR D 245 -39.90 3.23 20.18
CA TYR D 245 -39.16 4.30 19.52
C TYR D 245 -40.00 4.90 18.41
N ASP D 246 -40.28 6.20 18.50
CA ASP D 246 -41.13 6.84 17.50
C ASP D 246 -40.32 7.72 16.57
N ALA D 247 -40.61 7.59 15.27
CA ALA D 247 -39.85 8.24 14.20
C ALA D 247 -40.19 9.73 14.00
N SER D 248 -41.23 10.20 14.68
CA SER D 248 -41.55 11.62 14.65
C SER D 248 -40.44 12.39 15.35
N THR D 249 -40.31 12.14 16.64
CA THR D 249 -39.28 12.72 17.48
C THR D 249 -38.58 11.46 17.94
N GLY D 250 -37.27 11.43 17.86
CA GLY D 250 -36.57 10.21 18.25
C GLY D 250 -36.35 10.11 19.74
N LYS D 251 -37.43 9.87 20.48
CA LYS D 251 -37.30 9.72 21.91
C LYS D 251 -37.88 8.37 22.26
N ILE D 252 -37.59 7.89 23.46
CA ILE D 252 -38.10 6.59 23.85
C ILE D 252 -39.28 6.80 24.80
N LYS D 253 -40.47 6.65 24.22
CA LYS D 253 -41.73 6.99 24.88
C LYS D 253 -41.96 6.21 26.17
N ASN D 254 -42.64 6.83 27.13
CA ASN D 254 -42.93 6.25 28.45
C ASN D 254 -41.68 5.88 29.23
N GLN D 255 -40.54 6.44 28.85
CA GLN D 255 -39.30 6.21 29.59
C GLN D 255 -38.58 7.52 29.86
N GLN D 256 -39.17 8.33 30.73
CA GLN D 256 -38.57 9.60 31.12
C GLN D 256 -38.46 9.59 32.65
N HIS D 257 -37.25 9.82 33.15
CA HIS D 257 -36.10 10.13 32.31
C HIS D 257 -34.92 9.20 32.57
N ASN D 258 -34.03 9.10 31.57
CA ASN D 258 -32.84 8.26 31.60
C ASN D 258 -33.10 6.86 31.05
N MET D 259 -32.04 6.07 30.92
CA MET D 259 -32.16 4.71 30.39
C MET D 259 -31.61 3.62 31.32
N SER D 260 -32.39 2.56 31.48
CA SER D 260 -32.01 1.42 32.29
C SER D 260 -30.62 0.98 31.86
N MET D 261 -29.74 0.75 32.82
CA MET D 261 -28.41 0.27 32.51
C MET D 261 -28.52 -1.17 32.06
N THR D 262 -29.51 -1.90 32.59
CA THR D 262 -29.65 -3.31 32.21
C THR D 262 -31.04 -3.87 32.53
N GLU D 263 -31.43 -4.93 31.82
CA GLU D 263 -32.76 -5.55 31.93
C GLU D 263 -32.81 -6.77 32.82
N ASP D 264 -34.01 -7.21 33.15
CA ASP D 264 -34.15 -8.36 34.04
C ASP D 264 -35.47 -9.12 33.83
N TYR D 265 -35.41 -10.26 33.16
CA TYR D 265 -36.59 -11.07 32.88
C TYR D 265 -36.55 -12.35 33.72
N TRP D 266 -37.70 -12.71 34.32
CA TRP D 266 -37.79 -13.81 35.30
C TRP D 266 -38.75 -14.96 34.96
N LEU D 267 -38.21 -16.08 34.48
CA LEU D 267 -39.01 -17.22 34.05
C LEU D 267 -38.78 -18.42 34.97
N GLN D 268 -39.81 -19.24 35.14
CA GLN D 268 -39.77 -20.36 36.09
C GLN D 268 -40.15 -21.68 35.46
N ARG D 269 -39.15 -22.47 35.14
CA ARG D 269 -39.35 -23.81 34.62
C ARG D 269 -40.02 -24.66 35.70
N ARG D 270 -41.34 -24.80 35.62
CA ARG D 270 -42.12 -25.46 36.66
C ARG D 270 -41.70 -26.92 36.88
N ASP D 271 -41.40 -27.62 35.79
CA ASP D 271 -40.87 -28.99 35.85
C ASP D 271 -39.42 -28.98 36.32
N GLY D 272 -38.91 -30.14 36.70
CA GLY D 272 -37.50 -30.24 37.01
C GLY D 272 -36.69 -30.50 35.74
N LYS D 273 -36.90 -29.70 34.70
CA LYS D 273 -36.15 -29.85 33.44
C LYS D 273 -36.18 -28.60 32.56
N ALA D 274 -35.09 -28.39 31.82
CA ALA D 274 -34.81 -27.13 31.13
C ALA D 274 -35.60 -26.94 29.83
N VAL D 275 -36.89 -26.63 29.95
CA VAL D 275 -37.73 -26.54 28.77
C VAL D 275 -38.31 -25.13 28.50
N THR D 276 -38.36 -24.30 29.54
CA THR D 276 -38.82 -22.91 29.41
C THR D 276 -37.65 -21.95 29.20
N GLU D 277 -37.63 -21.26 28.07
CA GLU D 277 -36.51 -20.39 27.74
C GLU D 277 -36.81 -19.39 26.64
N VAL D 278 -35.97 -18.36 26.57
CA VAL D 278 -36.02 -17.36 25.53
C VAL D 278 -34.94 -17.66 24.49
N ASP D 279 -35.36 -17.82 23.25
CA ASP D 279 -34.40 -17.98 22.16
C ASP D 279 -34.53 -16.78 21.23
N THR D 280 -33.55 -15.90 21.29
CA THR D 280 -33.50 -14.78 20.39
C THR D 280 -33.40 -15.27 18.96
N LEU D 281 -34.20 -14.68 18.08
CA LEU D 281 -34.11 -14.94 16.65
C LEU D 281 -32.95 -14.13 16.05
N PRO D 282 -32.32 -14.66 14.99
CA PRO D 282 -31.04 -14.13 14.49
C PRO D 282 -31.06 -12.62 14.26
N GLY D 283 -29.91 -12.00 14.48
CA GLY D 283 -29.76 -10.59 14.16
C GLY D 283 -29.32 -10.50 12.71
N ALA D 284 -29.71 -9.41 12.06
CA ALA D 284 -29.30 -9.16 10.68
C ALA D 284 -27.84 -8.77 10.62
N ASP D 285 -26.97 -9.77 10.47
CA ASP D 285 -25.55 -9.51 10.36
C ASP D 285 -25.32 -9.00 8.97
N ASN D 286 -24.62 -7.88 8.85
CA ASN D 286 -24.38 -7.30 7.54
C ASN D 286 -23.15 -7.85 6.84
N THR D 287 -23.21 -9.10 6.38
CA THR D 287 -22.05 -9.64 5.68
C THR D 287 -21.92 -8.89 4.34
N GLY D 288 -23.01 -8.83 3.57
CA GLY D 288 -23.09 -8.08 2.32
C GLY D 288 -22.49 -6.69 2.43
N ASN D 289 -21.35 -6.38 1.79
CA ASN D 289 -20.71 -7.04 0.62
C ASN D 289 -21.51 -6.72 -0.63
N MET D 290 -22.08 -5.53 -0.68
CA MET D 290 -23.07 -5.17 -1.71
C MET D 290 -22.51 -4.54 -3.00
N GLU D 291 -21.92 -5.35 -3.87
CA GLU D 291 -21.51 -4.91 -5.20
C GLU D 291 -22.56 -5.37 -6.20
N ASP D 292 -23.76 -5.60 -5.68
CA ASP D 292 -24.81 -6.31 -6.41
C ASP D 292 -25.82 -5.42 -7.13
N ILE D 293 -26.51 -4.59 -6.35
CA ILE D 293 -27.32 -3.50 -6.88
C ILE D 293 -26.45 -2.55 -7.70
N ARG D 294 -25.22 -2.32 -7.26
CA ARG D 294 -24.34 -1.49 -8.04
C ARG D 294 -24.10 -2.08 -9.41
N TRP D 295 -24.48 -3.35 -9.62
CA TRP D 295 -24.38 -3.97 -10.94
C TRP D 295 -25.57 -3.56 -11.79
N PHE D 296 -26.76 -3.73 -11.22
CA PHE D 296 -28.00 -3.53 -11.96
C PHE D 296 -28.34 -2.07 -12.16
N ARG D 297 -27.69 -1.19 -11.43
CA ARG D 297 -27.94 0.20 -11.71
C ARG D 297 -27.12 0.60 -12.92
N GLN D 298 -25.92 0.04 -13.08
CA GLN D 298 -25.16 0.36 -14.28
C GLN D 298 -25.82 -0.25 -15.52
N ALA D 299 -26.58 -1.32 -15.32
CA ALA D 299 -27.33 -1.90 -16.42
C ALA D 299 -28.41 -0.93 -16.83
N LEU D 300 -29.44 -0.77 -15.99
CA LEU D 300 -30.57 0.13 -16.31
C LEU D 300 -30.14 1.44 -16.94
N TYR D 301 -28.94 1.89 -16.57
CA TYR D 301 -28.40 3.12 -17.11
C TYR D 301 -27.81 3.00 -18.53
N MET D 302 -27.41 1.78 -18.93
CA MET D 302 -26.90 1.54 -20.28
C MET D 302 -28.05 1.25 -21.17
N ALA D 303 -29.14 0.85 -20.55
CA ALA D 303 -30.28 0.43 -21.30
C ALA D 303 -31.14 1.61 -21.65
N LEU D 304 -30.95 2.71 -20.94
CA LEU D 304 -31.70 3.94 -21.16
C LEU D 304 -31.36 4.62 -22.49
N ARG D 305 -30.06 4.60 -22.81
CA ARG D 305 -29.52 5.24 -24.00
C ARG D 305 -28.80 6.56 -23.65
N VAL D 306 -28.83 6.92 -22.36
CA VAL D 306 -28.13 8.10 -21.92
C VAL D 306 -26.68 7.68 -21.68
N PRO D 307 -25.71 8.49 -22.14
CA PRO D 307 -24.28 8.18 -21.98
C PRO D 307 -23.91 8.01 -20.53
N LEU D 308 -22.94 7.14 -20.23
CA LEU D 308 -22.58 6.91 -18.83
C LEU D 308 -21.70 8.03 -18.29
N SER D 309 -21.18 8.86 -19.19
CA SER D 309 -20.27 9.94 -18.80
C SER D 309 -21.01 11.09 -18.11
N ARG D 310 -22.34 11.00 -18.06
CA ARG D 310 -23.10 11.95 -17.30
C ARG D 310 -22.55 11.39 -16.00
N ILE D 311 -22.48 12.15 -14.91
CA ILE D 311 -21.88 11.62 -13.66
C ILE D 311 -22.74 10.87 -12.63
N PRO D 312 -23.16 9.57 -12.96
CA PRO D 312 -23.94 8.90 -11.90
C PRO D 312 -23.08 8.62 -10.66
N GLN D 313 -21.85 8.18 -10.91
CA GLN D 313 -20.90 7.86 -9.85
C GLN D 313 -20.43 9.11 -9.12
N ASP D 314 -19.93 8.92 -7.90
CA ASP D 314 -19.47 10.04 -7.10
C ASP D 314 -18.34 10.72 -7.87
N GLN D 315 -17.49 9.91 -8.51
CA GLN D 315 -16.40 10.45 -9.31
C GLN D 315 -15.51 11.42 -8.54
N GLN D 316 -15.07 11.04 -7.35
CA GLN D 316 -14.21 11.93 -6.57
C GLN D 316 -13.00 12.21 -7.44
N GLY D 317 -12.57 13.47 -7.47
CA GLY D 317 -11.46 13.87 -8.32
C GLY D 317 -11.69 13.37 -9.74
N GLY D 318 -10.78 12.56 -10.26
CA GLY D 318 -9.56 12.17 -9.58
C GLY D 318 -8.48 13.19 -9.24
N VAL D 319 -8.12 14.08 -10.17
CA VAL D 319 -8.71 14.19 -11.50
C VAL D 319 -7.93 13.40 -12.56
N MET D 320 -8.41 13.45 -13.80
CA MET D 320 -7.90 12.60 -14.87
C MET D 320 -6.43 12.79 -15.29
N PHE D 321 -5.95 14.01 -15.61
CA PHE D 321 -6.66 15.28 -15.47
C PHE D 321 -6.49 16.20 -16.67
N ASP D 322 -7.44 17.11 -16.83
CA ASP D 322 -7.36 18.17 -17.85
C ASP D 322 -8.22 19.35 -17.40
N SER D 323 -7.85 20.54 -17.82
CA SER D 323 -8.56 21.76 -17.41
C SER D 323 -9.89 21.92 -18.14
N GLY D 324 -9.96 21.36 -19.35
CA GLY D 324 -11.17 21.41 -20.15
C GLY D 324 -11.61 20.01 -20.56
N THR D 325 -12.80 19.61 -20.13
CA THR D 325 -13.31 18.27 -20.41
C THR D 325 -13.52 18.09 -21.91
N SER D 326 -12.99 16.99 -22.43
CA SER D 326 -12.95 16.75 -23.86
C SER D 326 -14.19 16.04 -24.38
N ILE D 327 -14.32 15.98 -25.70
CA ILE D 327 -15.39 15.20 -26.31
C ILE D 327 -14.98 13.74 -26.32
N THR D 328 -15.69 12.93 -25.56
CA THR D 328 -15.44 11.49 -25.54
C THR D 328 -16.12 10.90 -26.75
N ARG D 329 -16.01 9.60 -26.98
CA ARG D 329 -16.72 9.01 -28.10
C ARG D 329 -18.13 8.67 -27.64
N ASP D 330 -18.28 8.46 -26.33
CA ASP D 330 -19.58 8.25 -25.70
C ASP D 330 -20.54 9.37 -26.03
N GLU D 331 -20.19 10.56 -25.58
CA GLU D 331 -21.00 11.76 -25.78
C GLU D 331 -21.26 12.02 -27.24
N LEU D 332 -20.24 11.82 -28.06
CA LEU D 332 -20.34 12.02 -29.50
C LEU D 332 -21.36 11.08 -30.14
N THR D 333 -21.36 9.82 -29.71
CA THR D 333 -22.36 8.82 -30.12
C THR D 333 -23.77 9.35 -29.88
N PHE D 334 -24.03 9.71 -28.63
CA PHE D 334 -25.34 10.16 -28.16
C PHE D 334 -25.90 11.33 -28.94
N ALA D 335 -25.05 12.25 -29.37
CA ALA D 335 -25.54 13.38 -30.15
C ALA D 335 -26.19 12.78 -31.39
N LYS D 336 -25.56 11.73 -31.92
CA LYS D 336 -26.07 11.03 -33.09
C LYS D 336 -27.41 10.33 -32.82
N PHE D 337 -27.55 9.73 -31.64
CA PHE D 337 -28.79 9.04 -31.28
C PHE D 337 -29.92 10.07 -31.24
N ILE D 338 -29.62 11.22 -30.67
CA ILE D 338 -30.54 12.35 -30.60
C ILE D 338 -30.92 12.85 -31.97
N ARG D 339 -29.94 13.30 -32.74
CA ARG D 339 -30.24 13.88 -34.03
C ARG D 339 -30.94 12.87 -34.92
N GLU D 340 -30.96 11.60 -34.52
CA GLU D 340 -31.78 10.64 -35.21
C GLU D 340 -33.22 10.71 -34.71
N LEU D 341 -33.39 10.94 -33.41
CA LEU D 341 -34.72 11.15 -32.83
C LEU D 341 -35.40 12.33 -33.49
N GLN D 342 -34.82 13.52 -33.30
CA GLN D 342 -35.30 14.75 -33.91
C GLN D 342 -35.78 14.55 -35.33
N HIS D 343 -35.15 13.65 -36.07
CA HIS D 343 -35.58 13.32 -37.42
C HIS D 343 -36.78 12.39 -37.48
N LYS D 344 -37.24 11.90 -36.33
CA LYS D 344 -38.45 11.09 -36.26
C LYS D 344 -39.60 11.96 -35.80
N PHE D 345 -39.28 12.85 -34.88
CA PHE D 345 -40.19 13.86 -34.37
C PHE D 345 -40.21 15.01 -35.37
N GLU D 346 -39.43 14.90 -36.43
CA GLU D 346 -39.49 15.83 -37.55
C GLU D 346 -40.88 15.79 -38.16
N GLU D 347 -41.46 14.60 -38.15
CA GLU D 347 -42.76 14.35 -38.76
C GLU D 347 -43.85 15.27 -38.24
N VAL D 348 -43.87 15.52 -36.94
CA VAL D 348 -44.93 16.32 -36.34
C VAL D 348 -44.97 17.76 -36.81
N PHE D 349 -43.98 18.14 -37.63
CA PHE D 349 -43.96 19.47 -38.21
C PHE D 349 -44.32 19.46 -39.70
N LEU D 350 -43.95 18.40 -40.40
CA LEU D 350 -44.08 18.40 -41.85
C LEU D 350 -45.44 17.95 -42.38
N ASP D 351 -46.24 17.21 -41.59
CA ASP D 351 -47.60 16.94 -42.05
C ASP D 351 -48.67 17.87 -41.46
N PRO D 352 -48.34 18.68 -40.43
CA PRO D 352 -49.33 19.76 -40.29
C PRO D 352 -49.05 20.88 -41.28
N LEU D 353 -47.79 21.01 -41.71
CA LEU D 353 -47.40 22.07 -42.64
C LEU D 353 -47.84 21.75 -44.07
N LYS D 354 -47.50 20.55 -44.55
CA LYS D 354 -47.77 20.20 -45.95
C LYS D 354 -49.27 20.11 -46.25
N THR D 355 -50.06 19.68 -45.28
CA THR D 355 -51.51 19.63 -45.49
C THR D 355 -52.12 21.01 -45.30
N ASN D 356 -51.37 21.94 -44.72
CA ASN D 356 -51.81 23.32 -44.54
C ASN D 356 -51.28 24.18 -45.68
N LEU D 357 -50.24 23.69 -46.35
CA LEU D 357 -49.63 24.36 -47.50
C LEU D 357 -50.21 23.80 -48.81
N LEU D 358 -51.29 23.07 -48.66
CA LEU D 358 -52.03 22.50 -49.78
C LEU D 358 -53.48 22.93 -49.57
N LEU D 359 -53.89 22.92 -48.31
CA LEU D 359 -55.17 23.48 -47.89
C LEU D 359 -55.21 24.95 -48.29
N LYS D 360 -54.14 25.67 -47.99
CA LYS D 360 -54.05 27.12 -48.22
C LYS D 360 -53.82 27.46 -49.69
N GLY D 361 -53.14 26.57 -50.40
CA GLY D 361 -52.82 26.79 -51.79
C GLY D 361 -51.33 26.81 -52.02
N ILE D 362 -50.88 27.65 -52.95
CA ILE D 362 -49.48 27.68 -53.39
C ILE D 362 -49.07 26.30 -53.94
N ILE D 363 -48.04 25.67 -53.37
CA ILE D 363 -47.45 24.45 -53.92
C ILE D 363 -48.37 23.22 -53.85
N THR D 364 -48.45 22.46 -54.95
CA THR D 364 -49.24 21.23 -54.97
C THR D 364 -48.43 20.03 -54.48
N GLU D 365 -49.11 18.90 -54.30
CA GLU D 365 -48.47 17.69 -53.83
C GLU D 365 -47.44 17.16 -54.83
N ASP D 366 -47.72 17.34 -56.12
CA ASP D 366 -46.83 16.88 -57.19
C ASP D 366 -45.52 17.68 -57.25
N GLU D 367 -45.53 18.87 -56.66
CA GLU D 367 -44.33 19.70 -56.58
C GLU D 367 -43.52 19.38 -55.32
N TRP D 368 -44.25 19.08 -54.26
CA TRP D 368 -43.67 18.80 -52.95
C TRP D 368 -42.72 17.61 -52.96
N ASN D 369 -43.07 16.58 -53.75
CA ASN D 369 -42.32 15.33 -53.79
C ASN D 369 -40.83 15.51 -54.10
N ASP D 370 -40.52 16.53 -54.90
CA ASP D 370 -39.15 16.75 -55.35
C ASP D 370 -38.35 17.56 -54.33
N GLU D 371 -39.05 18.37 -53.55
CA GLU D 371 -38.41 19.26 -52.58
C GLU D 371 -37.81 18.50 -51.38
N ILE D 372 -38.37 17.33 -51.08
CA ILE D 372 -37.86 16.52 -49.98
C ILE D 372 -37.75 15.05 -50.37
N ASN D 373 -36.56 14.60 -50.75
CA ASN D 373 -35.36 15.45 -50.86
C ASN D 373 -34.96 16.16 -49.57
N ASN D 374 -34.70 17.45 -49.68
CA ASN D 374 -34.29 18.27 -48.54
C ASN D 374 -35.10 19.54 -48.33
N ILE D 375 -35.89 19.53 -47.27
CA ILE D 375 -36.41 20.75 -46.66
C ILE D 375 -36.16 20.62 -45.15
N LYS D 376 -34.89 20.70 -44.79
CA LYS D 376 -34.41 20.41 -43.45
C LYS D 376 -35.07 21.24 -42.35
N ILE D 377 -35.50 20.57 -41.29
CA ILE D 377 -35.93 21.24 -40.08
C ILE D 377 -34.81 21.20 -39.05
N GLU D 378 -34.12 22.31 -38.89
CA GLU D 378 -33.03 22.41 -37.93
C GLU D 378 -33.52 22.61 -36.50
N PHE D 379 -33.23 21.65 -35.64
CA PHE D 379 -33.34 21.90 -34.21
C PHE D 379 -32.12 22.71 -33.80
N HIS D 380 -32.25 23.51 -32.74
CA HIS D 380 -31.12 24.24 -32.22
C HIS D 380 -30.42 23.34 -31.24
N ARG D 381 -29.09 23.33 -31.24
CA ARG D 381 -28.33 22.53 -30.29
C ARG D 381 -28.05 23.37 -29.04
N ASP D 382 -27.21 22.87 -28.13
CA ASP D 382 -26.84 23.72 -27.00
C ASP D 382 -25.70 24.61 -27.42
N SER D 383 -25.97 25.91 -27.36
CA SER D 383 -24.99 26.94 -27.64
C SER D 383 -23.63 26.69 -26.97
N TYR D 384 -23.66 26.19 -25.74
CA TYR D 384 -22.42 26.05 -24.99
C TYR D 384 -21.53 24.94 -25.52
N PHE D 385 -22.09 23.83 -25.98
CA PHE D 385 -21.24 22.69 -26.33
C PHE D 385 -21.00 22.57 -27.82
N ALA D 386 -21.65 23.45 -28.57
CA ALA D 386 -21.20 23.67 -29.91
C ALA D 386 -19.80 24.24 -29.80
N GLU D 387 -19.66 25.31 -29.01
CA GLU D 387 -18.36 25.92 -28.78
C GLU D 387 -17.36 24.92 -28.21
N LEU D 388 -17.71 24.30 -27.09
CA LEU D 388 -16.77 23.46 -26.37
C LEU D 388 -16.36 22.20 -27.14
N LYS D 389 -17.11 21.87 -28.19
CA LYS D 389 -16.67 20.85 -29.14
C LYS D 389 -15.78 21.47 -30.21
N GLU D 390 -16.28 22.54 -30.84
CA GLU D 390 -15.54 23.28 -31.87
C GLU D 390 -14.29 23.97 -31.32
N ALA D 391 -13.93 23.66 -30.09
CA ALA D 391 -12.75 24.25 -29.52
C ALA D 391 -11.67 23.21 -29.42
N GLU D 392 -12.06 21.94 -29.43
CA GLU D 392 -11.09 20.86 -29.42
C GLU D 392 -10.70 20.47 -30.85
N ILE D 393 -11.69 20.50 -31.75
CA ILE D 393 -11.44 20.38 -33.17
C ILE D 393 -10.39 21.40 -33.60
N LEU D 394 -10.67 22.67 -33.32
CA LEU D 394 -9.78 23.75 -33.73
C LEU D 394 -8.47 23.78 -32.92
N GLU D 395 -8.49 23.30 -31.68
CA GLU D 395 -7.27 23.20 -30.90
C GLU D 395 -6.28 22.22 -31.53
N ARG D 396 -6.81 21.12 -32.05
CA ARG D 396 -5.97 20.09 -32.66
C ARG D 396 -5.49 20.47 -34.06
N ARG D 397 -6.29 21.24 -34.79
CA ARG D 397 -5.92 21.63 -36.14
C ARG D 397 -4.83 22.67 -36.11
N ILE D 398 -4.78 23.44 -35.03
CA ILE D 398 -3.71 24.41 -34.91
C ILE D 398 -2.45 23.70 -34.37
N ASN D 399 -2.66 22.71 -33.51
CA ASN D 399 -1.54 21.95 -32.95
C ASN D 399 -0.79 21.16 -34.02
N MET D 400 -1.55 20.67 -34.99
CA MET D 400 -0.99 20.06 -36.20
C MET D 400 -0.25 21.12 -36.98
N LEU D 401 -0.91 22.24 -37.19
CA LEU D 401 -0.39 23.28 -38.06
C LEU D 401 0.89 23.92 -37.51
N THR D 402 1.04 24.03 -36.18
CA THR D 402 2.28 24.55 -35.63
C THR D 402 3.38 23.50 -35.82
N MET D 403 2.97 22.24 -35.65
CA MET D 403 3.87 21.10 -35.67
C MET D 403 4.42 20.82 -37.06
N ALA D 404 3.56 20.91 -38.06
CA ALA D 404 3.95 20.71 -39.45
C ALA D 404 4.12 22.02 -40.16
N GLU D 405 4.70 23.00 -39.47
CA GLU D 405 4.86 24.34 -40.04
C GLU D 405 6.17 24.59 -40.80
N PRO D 406 7.33 24.09 -40.31
CA PRO D 406 8.55 24.50 -41.03
C PRO D 406 8.59 23.92 -42.43
N PHE D 407 7.78 22.90 -42.69
CA PHE D 407 7.73 22.25 -43.98
C PHE D 407 6.69 22.86 -44.92
N ILE D 408 5.90 23.82 -44.47
CA ILE D 408 4.80 24.33 -45.28
C ILE D 408 5.32 25.16 -46.45
N GLY D 409 6.55 25.64 -46.34
CA GLY D 409 7.14 26.25 -47.51
C GLY D 409 7.72 25.21 -48.45
N LYS D 410 8.32 24.17 -47.89
CA LYS D 410 9.17 23.26 -48.65
C LYS D 410 8.42 22.12 -49.32
N TYR D 411 7.46 21.50 -48.65
CA TYR D 411 6.88 20.27 -49.18
C TYR D 411 5.40 20.35 -49.54
N ILE D 412 4.58 20.77 -48.58
CA ILE D 412 3.13 20.96 -48.77
C ILE D 412 2.83 22.43 -49.03
N SER D 413 2.03 22.76 -50.05
CA SER D 413 1.77 24.17 -50.35
C SER D 413 1.09 24.87 -49.21
N HIS D 414 0.92 26.19 -49.33
CA HIS D 414 0.10 26.89 -48.35
C HIS D 414 -1.37 26.53 -48.59
N ARG D 415 -1.81 26.64 -49.83
CA ARG D 415 -3.15 26.26 -50.21
C ARG D 415 -3.49 24.84 -49.78
N THR D 416 -2.51 23.95 -49.90
CA THR D 416 -2.75 22.54 -49.68
C THR D 416 -2.94 22.23 -48.20
N ALA D 417 -2.16 22.86 -47.35
CA ALA D 417 -2.33 22.67 -45.90
C ALA D 417 -3.60 23.34 -45.40
N MET D 418 -3.83 24.56 -45.88
CA MET D 418 -4.99 25.35 -45.49
C MET D 418 -6.30 24.61 -45.72
N LYS D 419 -6.28 23.64 -46.62
CA LYS D 419 -7.50 22.96 -47.06
C LYS D 419 -7.58 21.52 -46.55
N ASP D 420 -6.49 21.02 -45.98
CA ASP D 420 -6.52 19.66 -45.42
C ASP D 420 -5.91 19.59 -44.01
N ILE D 421 -5.29 20.66 -43.54
CA ILE D 421 -4.89 20.73 -42.14
C ILE D 421 -5.93 21.56 -41.38
N LEU D 422 -6.51 22.55 -42.06
CA LEU D 422 -7.55 23.37 -41.46
C LEU D 422 -8.95 22.93 -41.85
N GLN D 423 -9.05 22.10 -42.89
CA GLN D 423 -10.32 21.54 -43.35
C GLN D 423 -11.28 22.61 -43.82
N MET D 424 -10.74 23.74 -44.26
CA MET D 424 -11.58 24.77 -44.88
C MET D 424 -12.05 24.31 -46.26
N THR D 425 -12.77 25.18 -46.94
CA THR D 425 -13.10 24.95 -48.34
C THR D 425 -12.62 26.12 -49.19
N ASP D 426 -12.72 25.97 -50.51
CA ASP D 426 -12.13 26.92 -51.45
C ASP D 426 -12.72 28.33 -51.36
N GLU D 427 -14.05 28.43 -51.39
CA GLU D 427 -14.70 29.73 -51.38
C GLU D 427 -14.56 30.41 -50.02
N GLU D 428 -14.14 29.65 -49.01
CA GLU D 428 -13.81 30.22 -47.70
C GLU D 428 -12.42 30.88 -47.75
N ILE D 429 -11.50 30.27 -48.49
CA ILE D 429 -10.19 30.85 -48.69
C ILE D 429 -10.27 32.01 -49.68
N GLU D 430 -11.07 31.83 -50.74
CA GLU D 430 -11.33 32.90 -51.68
C GLU D 430 -11.84 34.15 -50.94
N GLN D 431 -12.97 33.97 -50.26
CA GLN D 431 -13.62 35.04 -49.50
C GLN D 431 -12.65 35.69 -48.52
N GLU D 432 -11.87 34.88 -47.84
CA GLU D 432 -10.97 35.40 -46.82
C GLU D 432 -9.79 36.16 -47.41
N ALA D 433 -9.19 35.62 -48.46
CA ALA D 433 -8.03 36.24 -49.09
C ALA D 433 -8.33 37.68 -49.54
N LYS D 434 -9.54 37.88 -50.08
CA LYS D 434 -10.00 39.21 -50.46
C LYS D 434 -10.21 40.10 -49.24
N GLN D 435 -10.83 39.52 -48.22
CA GLN D 435 -11.16 40.22 -46.98
C GLN D 435 -9.91 40.73 -46.25
N ILE D 436 -8.93 39.84 -46.10
CA ILE D 436 -7.75 40.09 -45.29
C ILE D 436 -6.87 41.20 -45.86
N GLU D 437 -7.14 41.62 -47.09
CA GLU D 437 -6.37 42.70 -47.70
C GLU D 437 -6.59 44.03 -46.97
N GLU D 438 -7.81 44.29 -46.54
CA GLU D 438 -8.15 45.59 -45.97
C GLU D 438 -7.78 45.67 -44.50
N GLU D 439 -7.66 44.50 -43.88
CA GLU D 439 -7.11 44.41 -42.52
C GLU D 439 -5.75 45.09 -42.49
N SER D 440 -5.00 44.92 -43.57
CA SER D 440 -3.66 45.47 -43.68
C SER D 440 -3.69 46.91 -44.18
N LYS D 441 -4.83 47.58 -44.05
CA LYS D 441 -4.93 48.96 -44.53
C LYS D 441 -5.56 49.98 -43.57
N GLU D 442 -4.83 50.41 -42.54
CA GLU D 442 -3.50 49.90 -42.20
C GLU D 442 -3.53 49.46 -40.74
N ALA D 443 -4.10 50.32 -39.90
CA ALA D 443 -4.24 50.08 -38.46
C ALA D 443 -5.33 49.04 -38.23
N ARG D 444 -5.40 48.47 -37.04
CA ARG D 444 -4.54 48.79 -35.89
C ARG D 444 -3.51 47.69 -35.57
N PHE D 445 -3.43 46.69 -36.43
CA PHE D 445 -2.61 45.51 -36.11
C PHE D 445 -1.19 45.58 -36.66
N GLN D 446 -0.85 46.66 -37.34
CA GLN D 446 0.49 46.83 -37.88
C GLN D 446 1.48 47.08 -36.73
N ASP D 447 2.39 46.13 -36.50
CA ASP D 447 3.31 46.18 -35.37
C ASP D 447 4.70 46.70 -35.75
N ASN E 1 -38.95 -23.26 -42.93
CA ASN E 1 -39.44 -23.20 -41.56
C ASN E 1 -38.32 -23.05 -40.53
N TRP E 2 -37.29 -23.88 -40.66
CA TRP E 2 -36.12 -23.78 -39.80
C TRP E 2 -35.42 -22.46 -40.00
N ILE E 3 -35.38 -22.01 -41.26
CA ILE E 3 -34.94 -20.68 -41.62
C ILE E 3 -35.74 -19.62 -40.85
N SER E 4 -37.04 -19.87 -40.73
CA SER E 4 -37.96 -18.92 -40.12
C SER E 4 -37.89 -18.90 -38.59
N GLU E 5 -37.60 -20.04 -37.98
CA GLU E 5 -37.42 -20.09 -36.52
C GLU E 5 -36.10 -19.41 -36.12
N LEU E 6 -35.15 -19.44 -37.04
CA LEU E 6 -33.84 -18.83 -36.83
C LEU E 6 -33.96 -17.33 -36.76
N ILE E 7 -34.66 -16.74 -37.72
CA ILE E 7 -34.81 -15.28 -37.74
C ILE E 7 -35.73 -14.85 -36.59
N ASP E 8 -36.34 -15.81 -35.91
CA ASP E 8 -37.07 -15.47 -34.71
C ASP E 8 -36.07 -15.20 -33.59
N THR E 9 -35.26 -16.21 -33.28
CA THR E 9 -34.35 -16.12 -32.14
C THR E 9 -33.31 -15.01 -32.24
N TYR E 10 -32.94 -14.63 -33.47
CA TYR E 10 -32.09 -13.45 -33.67
C TYR E 10 -32.82 -12.21 -33.23
N ARG E 11 -34.11 -12.14 -33.55
CA ARG E 11 -34.87 -10.94 -33.26
C ARG E 11 -35.30 -10.96 -31.82
N ASN E 12 -35.12 -12.10 -31.15
CA ASN E 12 -35.31 -12.14 -29.72
C ASN E 12 -33.96 -12.12 -29.02
N LEU E 13 -32.94 -11.73 -29.78
CA LEU E 13 -31.62 -11.43 -29.26
C LEU E 13 -31.55 -9.91 -29.17
N MET E 14 -32.22 -9.26 -30.09
CA MET E 14 -32.27 -7.81 -30.11
C MET E 14 -33.17 -7.29 -29.03
N ASN E 15 -34.12 -8.12 -28.60
CA ASN E 15 -35.15 -7.72 -27.63
C ASN E 15 -34.48 -7.29 -26.34
N ASN E 16 -33.44 -8.07 -26.03
CA ASN E 16 -32.56 -7.88 -24.88
C ASN E 16 -31.71 -6.63 -25.12
N TYR E 17 -31.12 -6.10 -24.05
CA TYR E 17 -30.40 -4.84 -24.12
C TYR E 17 -28.93 -5.20 -24.31
N GLU E 18 -28.12 -4.23 -24.72
CA GLU E 18 -26.69 -4.46 -24.91
C GLU E 18 -26.51 -5.05 -26.28
N VAL E 19 -27.26 -6.11 -26.59
CA VAL E 19 -27.20 -6.70 -27.91
C VAL E 19 -27.68 -5.59 -28.82
N ASP E 20 -28.72 -4.89 -28.36
CA ASP E 20 -29.29 -3.76 -29.04
C ASP E 20 -28.25 -2.64 -29.08
N ASN E 21 -27.54 -2.45 -27.97
CA ASN E 21 -26.53 -1.40 -27.93
C ASN E 21 -25.37 -1.69 -28.90
N ALA E 22 -24.95 -2.96 -28.97
CA ALA E 22 -23.80 -3.38 -29.79
C ALA E 22 -24.13 -3.56 -31.26
N VAL E 23 -25.36 -3.97 -31.57
CA VAL E 23 -25.78 -4.12 -32.96
C VAL E 23 -25.96 -2.77 -33.62
N SER E 24 -26.44 -1.82 -32.83
CA SER E 24 -26.62 -0.47 -33.34
C SER E 24 -25.38 0.33 -33.14
N GLU E 25 -24.36 -0.31 -32.62
CA GLU E 25 -23.04 0.25 -32.71
C GLU E 25 -22.60 0.23 -34.18
N ILE E 26 -22.65 -0.97 -34.75
CA ILE E 26 -22.38 -1.25 -36.16
C ILE E 26 -23.19 -0.38 -37.15
N VAL E 27 -24.51 -0.45 -37.07
CA VAL E 27 -25.35 0.21 -38.06
C VAL E 27 -25.23 1.70 -37.93
N SER E 28 -24.67 2.15 -36.82
CA SER E 28 -24.46 3.58 -36.64
C SER E 28 -23.29 4.04 -37.46
N ASP E 29 -22.37 3.12 -37.76
CA ASP E 29 -21.26 3.46 -38.64
C ASP E 29 -21.07 2.51 -39.82
N ALA E 30 -22.02 1.60 -40.02
CA ALA E 30 -22.00 0.80 -41.24
C ALA E 30 -22.74 1.53 -42.35
N ILE E 31 -23.59 2.49 -41.97
CA ILE E 31 -24.10 3.51 -42.90
C ILE E 31 -24.32 4.83 -42.15
N VAL E 32 -23.38 5.74 -42.20
CA VAL E 32 -23.52 6.91 -41.33
C VAL E 32 -23.99 8.20 -42.00
N TYR E 33 -25.24 8.55 -41.75
CA TYR E 33 -25.76 9.82 -42.20
C TYR E 33 -24.92 10.94 -41.64
N GLU E 34 -24.63 11.93 -42.47
CA GLU E 34 -24.08 13.16 -41.97
C GLU E 34 -24.79 14.31 -42.65
N ASP E 35 -24.67 15.49 -42.07
CA ASP E 35 -25.30 16.68 -42.63
C ASP E 35 -24.58 17.11 -43.90
N ASP E 36 -25.35 17.52 -44.90
CA ASP E 36 -24.77 17.96 -46.17
C ASP E 36 -24.22 16.78 -46.96
N THR E 37 -23.29 16.04 -46.34
CA THR E 37 -22.67 14.89 -46.97
C THR E 37 -23.69 13.78 -47.25
N GLU E 38 -23.52 13.12 -48.39
CA GLU E 38 -24.42 12.04 -48.79
C GLU E 38 -23.91 10.66 -48.38
N VAL E 39 -24.81 9.68 -48.42
CA VAL E 39 -24.54 8.31 -48.07
C VAL E 39 -24.68 7.43 -49.33
N VAL E 40 -23.92 6.33 -49.41
CA VAL E 40 -23.97 5.38 -50.53
C VAL E 40 -23.77 5.83 -52.01
N ALA E 41 -22.72 6.61 -52.28
CA ALA E 41 -22.43 7.07 -53.65
C ALA E 41 -21.95 5.97 -54.62
N LEU E 42 -22.20 6.15 -55.93
CA LEU E 42 -21.81 5.20 -56.95
C LEU E 42 -20.53 5.65 -57.62
N ASN E 43 -19.40 5.34 -57.00
CA ASN E 43 -18.10 5.70 -57.55
C ASN E 43 -17.89 4.99 -58.88
N LEU E 44 -17.73 5.78 -59.94
CA LEU E 44 -17.46 5.21 -61.24
C LEU E 44 -16.02 5.57 -61.56
N ASP E 45 -15.14 4.59 -61.47
CA ASP E 45 -13.74 4.82 -61.78
C ASP E 45 -13.28 3.68 -62.67
N LYS E 46 -13.88 3.63 -63.85
CA LYS E 46 -13.56 2.59 -64.81
C LYS E 46 -13.90 3.05 -66.21
N SER E 47 -13.28 2.41 -67.19
CA SER E 47 -13.52 2.73 -68.60
C SER E 47 -15.01 2.62 -68.94
N LYS E 48 -15.62 3.76 -69.26
CA LYS E 48 -17.01 3.80 -69.69
C LYS E 48 -17.10 4.53 -71.02
N PHE E 49 -18.04 4.11 -71.85
CA PHE E 49 -18.12 4.60 -73.23
C PHE E 49 -18.31 6.11 -73.34
N SER E 50 -19.23 6.65 -72.56
CA SER E 50 -19.56 8.07 -72.65
C SER E 50 -19.33 8.81 -71.34
N PRO E 51 -18.91 10.08 -71.42
CA PRO E 51 -18.85 10.96 -70.26
C PRO E 51 -20.26 11.28 -69.77
N LYS E 52 -21.25 11.08 -70.64
CA LYS E 52 -22.64 11.32 -70.30
C LYS E 52 -23.29 10.11 -69.64
N ILE E 53 -22.97 8.89 -70.10
CA ILE E 53 -23.58 7.71 -69.51
C ILE E 53 -23.09 7.45 -68.08
N LYS E 54 -21.82 7.75 -67.81
CA LYS E 54 -21.26 7.51 -66.49
C LYS E 54 -21.92 8.43 -65.46
N ASN E 55 -22.31 9.63 -65.90
CA ASN E 55 -23.07 10.53 -65.03
C ASN E 55 -24.56 10.29 -65.18
N MET E 56 -24.94 9.53 -66.19
CA MET E 56 -26.35 9.25 -66.44
C MET E 56 -26.91 8.31 -65.38
N MET E 57 -26.02 7.51 -64.79
CA MET E 57 -26.42 6.59 -63.73
C MET E 57 -27.09 7.28 -62.56
N LEU E 58 -26.80 8.57 -62.37
CA LEU E 58 -27.35 9.29 -61.23
C LEU E 58 -28.86 9.43 -61.42
N ASP E 59 -29.28 9.62 -62.67
CA ASP E 59 -30.70 9.59 -63.02
C ASP E 59 -31.28 8.22 -62.66
N GLU E 60 -30.42 7.21 -62.74
CA GLU E 60 -30.79 5.85 -62.40
C GLU E 60 -30.57 5.56 -60.93
N PHE E 61 -29.39 5.90 -60.43
CA PHE E 61 -28.95 5.48 -59.09
C PHE E 61 -29.42 6.41 -57.96
N SER E 62 -29.30 7.73 -58.17
CA SER E 62 -29.82 8.67 -57.17
C SER E 62 -31.35 8.52 -57.05
N ASP E 63 -31.94 7.80 -58.00
CA ASP E 63 -33.35 7.48 -58.01
C ASP E 63 -33.63 6.09 -57.44
N VAL E 64 -32.68 5.16 -57.56
CA VAL E 64 -32.91 3.81 -57.06
C VAL E 64 -32.83 3.77 -55.53
N LEU E 65 -32.23 4.82 -54.98
CA LEU E 65 -32.22 5.02 -53.53
C LEU E 65 -33.60 5.47 -53.04
N ASN E 66 -34.21 6.37 -53.82
CA ASN E 66 -35.54 6.88 -53.53
C ASN E 66 -36.57 5.76 -53.32
N HIS E 67 -36.44 4.69 -54.09
CA HIS E 67 -37.39 3.57 -54.02
C HIS E 67 -37.22 2.84 -52.70
N LEU E 68 -35.98 2.76 -52.24
CA LEU E 68 -35.70 2.20 -50.93
C LEU E 68 -36.05 3.23 -49.88
N SER E 69 -36.35 4.44 -50.36
CA SER E 69 -36.47 5.62 -49.50
C SER E 69 -35.27 5.67 -48.57
N PHE E 70 -34.10 5.35 -49.13
CA PHE E 70 -32.91 5.04 -48.35
C PHE E 70 -32.43 6.17 -47.43
N GLN E 71 -32.73 7.41 -47.78
CA GLN E 71 -32.19 8.55 -47.06
C GLN E 71 -32.70 8.66 -45.61
N ARG E 72 -33.92 8.21 -45.37
CA ARG E 72 -34.46 8.23 -44.01
C ARG E 72 -34.81 6.82 -43.55
N LYS E 73 -34.66 5.85 -44.43
CA LYS E 73 -35.02 4.46 -44.12
C LYS E 73 -33.87 3.49 -44.37
N GLY E 74 -32.63 4.00 -44.32
CA GLY E 74 -31.48 3.16 -44.59
C GLY E 74 -31.01 2.34 -43.41
N SER E 75 -30.83 3.00 -42.27
CA SER E 75 -30.26 2.37 -41.10
C SER E 75 -31.30 1.47 -40.44
N ASP E 76 -32.38 1.19 -41.16
CA ASP E 76 -33.28 0.17 -40.68
C ASP E 76 -33.21 -1.01 -41.66
N HIS E 77 -33.11 -0.71 -42.95
CA HIS E 77 -33.01 -1.76 -43.97
C HIS E 77 -31.75 -2.60 -43.79
N PHE E 78 -30.69 -1.97 -43.31
CA PHE E 78 -29.40 -2.61 -43.06
C PHE E 78 -29.40 -3.34 -41.73
N ARG E 79 -29.85 -2.63 -40.70
CA ARG E 79 -30.04 -3.22 -39.39
C ARG E 79 -30.99 -4.39 -39.46
N ARG E 80 -31.78 -4.45 -40.53
CA ARG E 80 -32.60 -5.63 -40.74
C ARG E 80 -31.80 -6.76 -41.42
N TRP E 81 -30.99 -6.41 -42.41
CA TRP E 81 -30.11 -7.36 -43.12
C TRP E 81 -29.22 -8.11 -42.16
N TYR E 82 -28.66 -7.35 -41.24
CA TYR E 82 -27.65 -7.84 -40.32
C TYR E 82 -28.28 -8.72 -39.29
N VAL E 83 -29.44 -8.32 -38.78
CA VAL E 83 -30.00 -9.04 -37.66
C VAL E 83 -30.98 -10.13 -38.10
N ASP E 84 -31.67 -9.87 -39.20
CA ASP E 84 -32.63 -10.78 -39.81
C ASP E 84 -31.94 -12.04 -40.33
N SER E 85 -30.73 -11.85 -40.86
CA SER E 85 -29.92 -12.90 -41.45
C SER E 85 -30.28 -13.09 -42.92
N ARG E 86 -31.14 -12.20 -43.42
CA ARG E 86 -31.58 -12.23 -44.81
C ARG E 86 -32.45 -11.01 -45.07
N ILE E 87 -32.59 -10.59 -46.32
CA ILE E 87 -33.44 -9.44 -46.60
C ILE E 87 -33.86 -9.52 -48.05
N PHE E 88 -35.16 -9.47 -48.29
CA PHE E 88 -35.69 -9.64 -49.62
C PHE E 88 -36.47 -8.42 -50.05
N PHE E 89 -36.15 -7.84 -51.19
CA PHE E 89 -37.01 -6.82 -51.78
C PHE E 89 -37.67 -7.37 -53.04
N HIS E 90 -38.99 -7.42 -53.03
CA HIS E 90 -39.74 -7.77 -54.24
C HIS E 90 -39.67 -6.61 -55.21
N LYS E 91 -39.62 -6.93 -56.49
CA LYS E 91 -39.52 -5.88 -57.50
C LYS E 91 -40.73 -5.87 -58.39
N ILE E 92 -41.38 -4.72 -58.44
CA ILE E 92 -42.54 -4.52 -59.29
C ILE E 92 -42.10 -3.96 -60.63
N ILE E 93 -42.25 -4.78 -61.68
CA ILE E 93 -41.99 -4.34 -63.04
C ILE E 93 -42.75 -5.25 -64.01
N ASP E 94 -43.47 -4.63 -64.93
CA ASP E 94 -43.50 -3.18 -65.01
C ASP E 94 -44.90 -2.52 -64.93
N PRO E 95 -45.97 -3.18 -65.44
CA PRO E 95 -46.27 -4.41 -66.19
C PRO E 95 -46.07 -4.23 -67.68
N LYS E 96 -46.17 -2.98 -68.08
CA LYS E 96 -45.95 -2.52 -69.44
C LYS E 96 -45.98 -1.00 -69.35
N ARG E 97 -45.20 -0.30 -70.17
CA ARG E 97 -44.41 -0.88 -71.25
C ARG E 97 -43.01 -1.20 -70.75
N PRO E 98 -42.23 -2.02 -71.49
CA PRO E 98 -40.85 -2.19 -71.06
C PRO E 98 -40.08 -0.86 -71.08
N LYS E 99 -38.99 -0.79 -70.32
CA LYS E 99 -38.16 0.41 -70.23
C LYS E 99 -38.94 1.63 -69.75
N GLU E 100 -40.01 1.40 -69.00
CA GLU E 100 -40.83 2.50 -68.48
C GLU E 100 -40.04 3.37 -67.50
N GLY E 101 -39.32 2.75 -66.56
CA GLY E 101 -39.33 1.31 -66.36
C GLY E 101 -39.27 0.97 -64.87
N ILE E 102 -39.94 -0.11 -64.47
CA ILE E 102 -39.97 -0.61 -63.07
C ILE E 102 -40.94 0.13 -62.13
N LYS E 103 -40.95 -0.28 -60.87
CA LYS E 103 -41.80 0.36 -59.88
C LYS E 103 -41.23 0.12 -58.49
N GLU E 104 -41.96 0.57 -57.48
CA GLU E 104 -41.49 0.54 -56.10
C GLU E 104 -41.02 -0.84 -55.63
N LEU E 105 -39.92 -0.87 -54.88
CA LEU E 105 -39.43 -2.10 -54.27
C LEU E 105 -39.99 -2.24 -52.87
N ARG E 106 -40.75 -3.30 -52.65
CA ARG E 106 -41.39 -3.52 -51.36
C ARG E 106 -40.65 -4.59 -50.57
N ARG E 107 -40.25 -4.24 -49.35
CA ARG E 107 -39.58 -5.16 -48.45
C ARG E 107 -40.47 -6.37 -48.22
N LEU E 108 -39.87 -7.54 -48.08
CA LEU E 108 -40.63 -8.73 -47.70
C LEU E 108 -40.20 -9.15 -46.30
N ASP E 109 -41.14 -9.60 -45.51
CA ASP E 109 -40.83 -10.20 -44.22
C ASP E 109 -40.03 -11.45 -44.49
N PRO E 110 -38.79 -11.52 -43.98
CA PRO E 110 -38.20 -12.86 -43.93
C PRO E 110 -39.05 -13.73 -43.01
N ARG E 111 -38.91 -15.06 -43.11
CA ARG E 111 -39.76 -16.05 -42.41
C ARG E 111 -41.04 -16.36 -43.19
N GLN E 112 -41.26 -15.64 -44.29
CA GLN E 112 -42.42 -15.92 -45.13
C GLN E 112 -41.92 -16.20 -46.53
N VAL E 113 -40.62 -16.45 -46.65
CA VAL E 113 -40.00 -16.73 -47.93
C VAL E 113 -39.19 -18.03 -47.90
N GLN E 114 -39.39 -18.90 -48.89
CA GLN E 114 -38.62 -20.14 -49.02
C GLN E 114 -37.93 -20.19 -50.38
N TYR E 115 -36.65 -20.57 -50.40
CA TYR E 115 -35.87 -20.55 -51.65
C TYR E 115 -35.34 -21.92 -52.05
N VAL E 116 -36.04 -22.57 -52.97
CA VAL E 116 -35.57 -23.78 -53.62
C VAL E 116 -35.88 -23.73 -55.10
N TYR E 136 -36.15 -20.18 -57.30
CA TYR E 136 -37.60 -20.19 -57.29
C TYR E 136 -38.10 -19.85 -55.88
N PHE E 137 -38.53 -18.60 -55.71
CA PHE E 137 -38.88 -18.07 -54.40
C PHE E 137 -40.35 -18.30 -54.03
N ILE E 138 -40.58 -18.91 -52.87
CA ILE E 138 -41.91 -19.22 -52.39
C ILE E 138 -42.33 -18.23 -51.31
N TYR E 139 -42.98 -17.15 -51.70
CA TYR E 139 -43.45 -16.17 -50.73
C TYR E 139 -44.76 -16.61 -50.10
N ASP E 140 -44.69 -17.08 -48.86
CA ASP E 140 -45.90 -17.36 -48.08
C ASP E 140 -46.56 -16.04 -47.71
N THR E 141 -47.88 -15.98 -47.84
CA THR E 141 -48.61 -14.77 -47.54
C THR E 141 -49.42 -14.89 -46.25
N ALA E 142 -49.09 -14.07 -45.27
CA ALA E 142 -49.90 -13.95 -44.07
C ALA E 142 -50.82 -12.76 -44.24
N HIS E 143 -52.14 -12.99 -44.28
CA HIS E 143 -53.07 -11.90 -44.49
C HIS E 143 -52.91 -11.45 -45.94
N GLU E 144 -53.30 -10.22 -46.27
CA GLU E 144 -53.14 -9.73 -47.64
C GLU E 144 -52.09 -8.63 -47.70
N SER E 145 -51.06 -8.82 -48.52
CA SER E 145 -49.98 -7.81 -48.63
C SER E 145 -49.97 -6.92 -49.88
N TYR E 146 -50.04 -7.51 -51.07
CA TYR E 146 -50.02 -6.71 -52.30
C TYR E 146 -50.65 -7.38 -53.52
N ALA E 147 -51.06 -6.56 -54.49
CA ALA E 147 -51.68 -7.05 -55.72
C ALA E 147 -50.75 -7.08 -56.95
N CYS E 148 -49.49 -6.69 -56.77
CA CYS E 148 -48.54 -6.68 -57.87
C CYS E 148 -49.26 -6.10 -59.09
N ASP E 149 -48.67 -6.28 -60.27
CA ASP E 149 -49.28 -5.78 -61.50
C ASP E 149 -50.62 -6.46 -61.79
N GLY E 150 -50.68 -7.76 -61.53
CA GLY E 150 -51.85 -8.57 -61.78
C GLY E 150 -51.70 -9.95 -61.16
N ARG E 151 -52.82 -10.65 -60.98
CA ARG E 151 -54.12 -10.13 -61.38
C ARG E 151 -54.80 -9.37 -60.24
N MET E 152 -54.58 -9.81 -59.01
CA MET E 152 -55.21 -9.21 -57.84
C MET E 152 -54.54 -9.74 -56.57
N TYR E 153 -54.78 -9.08 -55.44
CA TYR E 153 -54.17 -9.45 -54.16
C TYR E 153 -54.54 -10.85 -53.70
N GLU E 154 -53.56 -11.72 -53.66
CA GLU E 154 -53.74 -13.07 -53.15
C GLU E 154 -53.90 -13.05 -51.63
N ALA E 155 -54.54 -14.08 -51.08
CA ALA E 155 -54.81 -14.12 -49.65
C ALA E 155 -54.59 -15.50 -49.04
N GLY E 156 -53.58 -15.61 -48.19
CA GLY E 156 -53.31 -16.83 -47.46
C GLY E 156 -52.63 -17.93 -48.26
N THR E 157 -52.26 -17.62 -49.51
CA THR E 157 -51.68 -18.64 -50.39
C THR E 157 -50.21 -18.39 -50.72
N LYS E 158 -49.47 -19.48 -50.91
CA LYS E 158 -48.05 -19.41 -51.27
C LYS E 158 -47.88 -18.98 -52.73
N ILE E 159 -47.58 -17.70 -52.95
CA ILE E 159 -47.36 -17.20 -54.30
C ILE E 159 -45.90 -17.39 -54.69
N LYS E 160 -45.66 -17.74 -55.94
CA LYS E 160 -44.31 -18.03 -56.40
C LYS E 160 -43.75 -16.92 -57.28
N ILE E 161 -42.59 -16.42 -56.92
CA ILE E 161 -41.90 -15.41 -57.71
C ILE E 161 -40.59 -15.98 -58.25
N PRO E 162 -40.26 -15.70 -59.51
CA PRO E 162 -39.00 -16.16 -60.10
C PRO E 162 -37.77 -15.51 -59.47
N LYS E 163 -36.63 -16.22 -59.50
CA LYS E 163 -35.37 -15.77 -58.91
C LYS E 163 -34.86 -14.49 -59.54
N ALA E 164 -35.64 -13.99 -60.49
CA ALA E 164 -35.55 -12.62 -60.95
C ALA E 164 -36.98 -12.18 -61.21
N ALA E 165 -37.34 -10.98 -60.79
CA ALA E 165 -36.42 -10.06 -60.16
C ALA E 165 -36.79 -9.84 -58.71
N VAL E 166 -36.01 -10.45 -57.81
CA VAL E 166 -36.11 -10.22 -56.37
C VAL E 166 -34.71 -10.12 -55.79
N VAL E 167 -34.36 -9.01 -55.16
CA VAL E 167 -33.00 -8.89 -54.63
C VAL E 167 -32.92 -9.68 -53.34
N TYR E 168 -31.98 -10.61 -53.27
CA TYR E 168 -31.82 -11.47 -52.10
C TYR E 168 -30.43 -11.27 -51.55
N ALA E 169 -30.33 -10.54 -50.45
CA ALA E 169 -29.04 -10.28 -49.86
C ALA E 169 -28.85 -11.07 -48.58
N HIS E 170 -27.84 -11.92 -48.55
CA HIS E 170 -27.62 -12.75 -47.37
C HIS E 170 -26.27 -12.46 -46.73
N SER E 171 -26.22 -12.52 -45.40
CA SER E 171 -24.96 -12.50 -44.67
C SER E 171 -24.11 -13.68 -45.11
N GLY E 172 -23.04 -13.42 -45.88
CA GLY E 172 -22.31 -14.51 -46.52
C GLY E 172 -21.72 -15.62 -45.64
N LEU E 173 -22.54 -16.26 -44.83
CA LEU E 173 -22.02 -17.32 -43.93
C LEU E 173 -22.51 -18.76 -44.16
N VAL E 174 -21.55 -19.67 -44.29
CA VAL E 174 -21.80 -21.10 -44.51
C VAL E 174 -22.48 -21.88 -43.39
N ASP E 175 -22.11 -21.61 -42.14
CA ASP E 175 -22.66 -22.31 -40.96
C ASP E 175 -21.89 -23.60 -40.63
N CYS E 176 -22.32 -24.31 -39.59
CA CYS E 176 -21.64 -25.56 -39.17
C CYS E 176 -21.69 -26.63 -40.25
N CYS E 177 -22.86 -26.79 -40.86
CA CYS E 177 -23.05 -27.74 -41.96
C CYS E 177 -23.58 -27.08 -43.22
N GLY E 178 -22.89 -27.29 -44.34
CA GLY E 178 -23.31 -26.73 -45.61
C GLY E 178 -24.58 -27.37 -46.15
N LYS E 179 -25.44 -26.58 -46.78
CA LYS E 179 -25.24 -25.16 -46.91
C LYS E 179 -26.47 -24.52 -46.27
N ASN E 180 -26.23 -23.69 -45.27
CA ASN E 180 -27.31 -23.01 -44.57
C ASN E 180 -26.87 -21.59 -44.28
N ILE E 181 -27.82 -20.66 -44.14
CA ILE E 181 -27.40 -19.29 -43.86
C ILE E 181 -27.50 -18.93 -42.38
N ILE E 182 -26.42 -18.37 -41.84
CA ILE E 182 -26.37 -17.98 -40.42
C ILE E 182 -25.57 -16.70 -40.15
N GLY E 183 -25.83 -16.07 -39.02
CA GLY E 183 -25.13 -14.86 -38.61
C GLY E 183 -25.71 -13.53 -39.08
N TYR E 184 -25.02 -12.45 -38.70
CA TYR E 184 -23.81 -12.57 -37.92
C TYR E 184 -24.03 -12.62 -36.42
N LEU E 185 -25.27 -12.69 -35.99
CA LEU E 185 -25.53 -12.63 -34.56
C LEU E 185 -25.32 -13.98 -33.88
N HIS E 186 -25.37 -15.05 -34.66
CA HIS E 186 -25.30 -16.44 -34.17
C HIS E 186 -24.27 -16.72 -33.08
N ARG E 187 -23.01 -16.44 -33.35
CA ARG E 187 -21.99 -16.77 -32.37
C ARG E 187 -22.30 -16.22 -30.98
N ALA E 188 -23.04 -15.12 -30.93
CA ALA E 188 -23.38 -14.51 -29.64
C ALA E 188 -24.74 -14.91 -29.02
N VAL E 189 -25.45 -15.84 -29.67
CA VAL E 189 -26.75 -16.29 -29.17
C VAL E 189 -26.66 -17.14 -27.90
N LYS E 190 -25.74 -18.11 -27.93
CA LYS E 190 -25.53 -18.99 -26.78
C LYS E 190 -24.95 -18.19 -25.64
N PRO E 191 -23.96 -17.29 -26.01
CA PRO E 191 -23.40 -16.52 -24.89
C PRO E 191 -24.44 -15.61 -24.26
N ALA E 192 -25.30 -15.01 -25.07
CA ALA E 192 -26.30 -14.10 -24.55
C ALA E 192 -27.35 -14.79 -23.70
N ASN E 193 -27.68 -16.01 -24.07
CA ASN E 193 -28.66 -16.76 -23.32
C ASN E 193 -28.14 -17.18 -21.96
N GLN E 194 -26.83 -17.09 -21.74
CA GLN E 194 -26.32 -17.54 -20.46
C GLN E 194 -25.68 -16.41 -19.71
N LEU E 195 -25.72 -15.19 -20.25
CA LEU E 195 -25.37 -14.05 -19.41
C LEU E 195 -26.56 -13.68 -18.55
N LYS E 196 -27.74 -13.81 -19.14
CA LYS E 196 -29.01 -13.52 -18.48
C LYS E 196 -29.43 -14.63 -17.52
N LEU E 197 -29.01 -15.85 -17.84
CA LEU E 197 -29.22 -17.00 -16.96
C LEU E 197 -28.39 -16.92 -15.68
N LEU E 198 -27.89 -15.73 -15.41
CA LEU E 198 -27.10 -15.44 -14.26
C LEU E 198 -27.74 -14.25 -13.58
N GLU E 199 -28.30 -13.36 -14.39
CA GLU E 199 -28.96 -12.15 -13.91
C GLU E 199 -30.32 -12.45 -13.31
N ASP E 200 -30.86 -13.60 -13.67
CA ASP E 200 -32.05 -14.09 -13.01
C ASP E 200 -31.64 -14.90 -11.78
N ALA E 201 -30.53 -15.60 -11.90
CA ALA E 201 -29.92 -16.25 -10.76
C ALA E 201 -29.51 -15.25 -9.70
N VAL E 202 -28.89 -14.13 -10.07
CA VAL E 202 -28.40 -13.20 -9.06
C VAL E 202 -29.50 -12.43 -8.36
N VAL E 203 -30.63 -12.20 -9.04
CA VAL E 203 -31.74 -11.58 -8.35
C VAL E 203 -32.52 -12.65 -7.63
N ILE E 204 -32.55 -13.87 -8.15
CA ILE E 204 -33.37 -14.88 -7.52
C ILE E 204 -32.78 -15.26 -6.16
N TYR E 205 -31.47 -15.18 -6.06
CA TYR E 205 -30.88 -15.48 -4.79
C TYR E 205 -31.28 -14.40 -3.80
N ARG E 206 -31.31 -13.14 -4.25
CA ARG E 206 -31.53 -12.02 -3.33
C ARG E 206 -32.98 -11.71 -3.01
N ILE E 207 -33.85 -11.71 -4.02
CA ILE E 207 -35.29 -11.59 -3.80
C ILE E 207 -35.72 -12.53 -2.72
N THR E 208 -35.48 -13.82 -2.96
CA THR E 208 -35.81 -14.86 -2.00
C THR E 208 -34.84 -14.76 -0.84
N ARG E 209 -35.38 -14.92 0.37
CA ARG E 209 -34.59 -14.83 1.59
C ARG E 209 -34.39 -13.36 1.96
N ALA E 210 -34.90 -12.48 1.10
CA ALA E 210 -34.81 -11.05 1.35
C ALA E 210 -35.64 -10.83 2.59
N PRO E 211 -36.76 -11.55 2.63
CA PRO E 211 -37.67 -11.50 3.77
C PRO E 211 -37.38 -12.65 4.72
N ASP E 212 -37.26 -12.40 6.02
CA ASP E 212 -36.93 -13.51 6.93
C ASP E 212 -38.14 -14.43 7.02
N ARG E 213 -37.88 -15.72 6.85
CA ARG E 213 -38.94 -16.71 6.93
C ARG E 213 -38.73 -17.55 8.17
N ARG E 214 -39.82 -17.92 8.82
CA ARG E 214 -39.72 -18.70 10.03
C ARG E 214 -40.72 -19.83 10.04
N VAL E 215 -40.24 -21.04 10.33
CA VAL E 215 -41.10 -22.21 10.37
C VAL E 215 -41.47 -22.58 11.80
N TRP E 216 -42.75 -22.42 12.14
CA TRP E 216 -43.22 -22.62 13.50
C TRP E 216 -43.72 -24.03 13.72
N TYR E 217 -42.98 -24.84 14.47
CA TYR E 217 -43.47 -26.17 14.76
C TYR E 217 -44.18 -26.18 16.11
N VAL E 218 -45.49 -26.45 16.11
CA VAL E 218 -46.25 -26.65 17.35
C VAL E 218 -46.89 -28.04 17.31
N ASP E 219 -46.79 -28.78 18.41
CA ASP E 219 -47.21 -30.18 18.41
C ASP E 219 -48.54 -30.41 19.12
N THR E 220 -49.26 -31.44 18.67
CA THR E 220 -50.51 -31.88 19.29
C THR E 220 -50.65 -33.40 19.12
N GLY E 221 -50.44 -34.14 20.20
CA GLY E 221 -50.55 -35.58 20.15
C GLY E 221 -51.91 -36.10 20.56
N ASN E 222 -52.42 -37.07 19.80
CA ASN E 222 -53.65 -37.79 20.13
C ASN E 222 -54.91 -36.92 20.14
N MET E 223 -55.04 -36.05 19.15
CA MET E 223 -56.29 -35.34 18.91
C MET E 223 -56.55 -35.31 17.41
N PRO E 224 -57.81 -35.60 17.03
CA PRO E 224 -58.19 -35.74 15.61
C PRO E 224 -57.86 -34.49 14.80
N ALA E 225 -57.50 -34.65 13.53
CA ALA E 225 -57.16 -33.52 12.67
C ALA E 225 -58.34 -32.57 12.49
N ARG E 226 -59.55 -33.07 12.71
CA ARG E 226 -60.75 -32.26 12.66
C ARG E 226 -60.73 -31.18 13.75
N LYS E 227 -60.27 -31.54 14.95
CA LYS E 227 -60.27 -30.62 16.08
C LYS E 227 -58.86 -30.19 16.47
N ALA E 228 -57.85 -30.85 15.91
CA ALA E 228 -56.45 -30.45 16.14
C ALA E 228 -56.15 -29.16 15.40
N ALA E 229 -56.74 -29.02 14.22
CA ALA E 229 -56.58 -27.82 13.42
C ALA E 229 -57.17 -26.60 14.13
N GLU E 230 -58.07 -26.83 15.08
CA GLU E 230 -58.64 -25.75 15.87
C GLU E 230 -57.62 -25.19 16.86
N HIS E 231 -56.62 -26.01 17.19
CA HIS E 231 -55.52 -25.57 18.05
C HIS E 231 -54.45 -24.89 17.18
N MET E 232 -54.71 -24.86 15.88
CA MET E 232 -53.86 -24.14 14.95
C MET E 232 -54.51 -22.84 14.52
N GLN E 233 -55.84 -22.81 14.51
CA GLN E 233 -56.57 -21.59 14.17
C GLN E 233 -56.38 -20.52 15.24
N HIS E 234 -55.96 -20.92 16.44
CA HIS E 234 -55.81 -19.99 17.55
C HIS E 234 -54.43 -19.36 17.63
N VAL E 235 -53.40 -20.03 17.12
CA VAL E 235 -52.06 -19.46 17.14
C VAL E 235 -51.83 -18.51 15.96
N MET E 236 -52.74 -18.53 14.99
CA MET E 236 -52.70 -17.54 13.92
C MET E 236 -53.39 -16.25 14.38
N ASN E 237 -54.68 -16.36 14.71
CA ASN E 237 -55.50 -15.20 15.08
C ASN E 237 -55.00 -14.43 16.31
N THR E 238 -53.93 -14.92 16.94
CA THR E 238 -53.37 -14.27 18.13
C THR E 238 -51.95 -13.76 17.93
N MET E 239 -51.23 -14.33 16.97
CA MET E 239 -49.80 -14.04 16.85
C MET E 239 -49.34 -13.84 15.41
N LYS E 240 -50.29 -13.83 14.49
CA LYS E 240 -49.98 -13.66 13.06
C LYS E 240 -49.48 -12.25 12.79
N ASN E 241 -48.48 -12.09 11.92
CA ASN E 241 -47.96 -10.76 11.64
C ASN E 241 -48.42 -10.15 10.31
N ARG E 242 -49.05 -8.98 10.40
CA ARG E 242 -49.55 -8.26 9.23
C ARG E 242 -48.60 -7.19 8.69
N VAL E 243 -47.49 -6.97 9.38
CA VAL E 243 -46.52 -5.98 8.95
C VAL E 243 -46.16 -6.17 7.47
N VAL E 244 -46.30 -5.11 6.69
CA VAL E 244 -46.07 -5.15 5.24
C VAL E 244 -45.17 -4.00 4.78
N TYR E 245 -44.48 -4.18 3.66
CA TYR E 245 -43.75 -3.11 3.02
C TYR E 245 -44.17 -3.00 1.57
N ASP E 246 -44.70 -1.84 1.17
CA ASP E 246 -45.19 -1.67 -0.20
C ASP E 246 -44.26 -0.80 -1.02
N ALA E 247 -43.97 -1.27 -2.25
CA ALA E 247 -42.97 -0.66 -3.13
C ALA E 247 -43.48 0.60 -3.86
N SER E 248 -44.77 0.89 -3.74
CA SER E 248 -45.32 2.13 -4.29
C SER E 248 -44.73 3.31 -3.51
N THR E 249 -45.10 3.37 -2.24
CA THR E 249 -44.61 4.36 -1.31
C THR E 249 -43.94 3.46 -0.30
N GLY E 250 -42.71 3.79 0.09
CA GLY E 250 -42.01 2.92 1.02
C GLY E 250 -42.39 3.18 2.47
N LYS E 251 -43.62 2.81 2.83
CA LYS E 251 -44.03 2.99 4.20
C LYS E 251 -44.45 1.63 4.71
N ILE E 252 -44.58 1.49 6.02
CA ILE E 252 -44.95 0.21 6.58
C ILE E 252 -46.43 0.26 6.96
N LYS E 253 -47.24 -0.33 6.09
CA LYS E 253 -48.70 -0.23 6.17
C LYS E 253 -49.27 -0.77 7.47
N ASN E 254 -50.39 -0.19 7.91
CA ASN E 254 -51.05 -0.55 9.16
C ASN E 254 -50.17 -0.39 10.40
N GLN E 255 -49.10 0.38 10.28
CA GLN E 255 -48.24 0.65 11.42
C GLN E 255 -47.94 2.15 11.53
N GLN E 256 -48.98 2.91 11.86
CA GLN E 256 -48.83 4.35 12.05
C GLN E 256 -49.33 4.68 13.45
N HIS E 257 -48.50 5.34 14.25
CA HIS E 257 -47.18 5.78 13.80
C HIS E 257 -46.05 5.29 14.70
N ASN E 258 -44.84 5.25 14.13
CA ASN E 258 -43.63 4.80 14.80
C ASN E 258 -43.38 3.30 14.63
N MET E 259 -42.23 2.84 15.11
CA MET E 259 -41.88 1.42 14.99
C MET E 259 -41.54 0.74 16.31
N SER E 260 -42.11 -0.45 16.50
CA SER E 260 -41.89 -1.24 17.70
C SER E 260 -40.38 -1.35 17.90
N MET E 261 -39.93 -1.13 19.13
CA MET E 261 -38.53 -1.27 19.45
C MET E 261 -38.18 -2.74 19.43
N THR E 262 -39.14 -3.60 19.78
CA THR E 262 -38.87 -5.03 19.80
C THR E 262 -40.14 -5.89 19.77
N GLU E 263 -40.00 -7.13 19.32
CA GLU E 263 -41.13 -8.07 19.15
C GLU E 263 -41.30 -9.05 20.28
N ASP E 264 -42.43 -9.74 20.30
CA ASP E 264 -42.70 -10.68 21.38
C ASP E 264 -43.68 -11.80 20.97
N TYR E 265 -43.13 -12.99 20.72
CA TYR E 265 -43.93 -14.14 20.32
C TYR E 265 -44.00 -15.17 21.46
N TRP E 266 -45.20 -15.71 21.70
CA TRP E 266 -45.46 -16.56 22.88
C TRP E 266 -45.98 -17.98 22.58
N LEU E 267 -45.09 -18.97 22.66
CA LEU E 267 -45.44 -20.35 22.35
C LEU E 267 -45.37 -21.24 23.59
N GLN E 268 -46.22 -22.27 23.63
CA GLN E 268 -46.35 -23.11 24.82
C GLN E 268 -46.20 -24.58 24.52
N ARG E 269 -45.02 -25.12 24.79
CA ARG E 269 -44.75 -26.53 24.64
C ARG E 269 -45.62 -27.31 25.64
N ARG E 270 -46.76 -27.81 25.17
CA ARG E 270 -47.74 -28.45 26.04
C ARG E 270 -47.19 -29.66 26.79
N ASP E 271 -46.35 -30.45 26.12
CA ASP E 271 -45.65 -31.57 26.75
C ASP E 271 -44.54 -31.06 27.66
N GLY E 272 -44.01 -31.92 28.51
CA GLY E 272 -42.85 -31.57 29.29
C GLY E 272 -41.56 -31.84 28.51
N LYS E 273 -41.49 -31.35 27.27
CA LYS E 273 -40.29 -31.53 26.44
C LYS E 273 -40.20 -30.54 25.27
N ALA E 274 -38.96 -30.19 24.92
CA ALA E 274 -38.66 -29.07 24.03
C ALA E 274 -38.89 -29.37 22.54
N VAL E 275 -40.14 -29.41 22.13
CA VAL E 275 -40.46 -29.80 20.76
C VAL E 275 -41.13 -28.69 19.91
N THR E 276 -41.75 -27.72 20.58
CA THR E 276 -42.36 -26.57 19.91
C THR E 276 -41.41 -25.38 19.83
N GLU E 277 -41.06 -24.96 18.61
CA GLU E 277 -40.09 -23.89 18.46
C GLU E 277 -40.10 -23.26 17.08
N VAL E 278 -39.51 -22.07 17.00
CA VAL E 278 -39.32 -21.35 15.76
C VAL E 278 -37.88 -21.54 15.29
N ASP E 279 -37.73 -22.05 14.08
CA ASP E 279 -36.42 -22.15 13.47
C ASP E 279 -36.38 -21.25 12.24
N THR E 280 -35.69 -20.13 12.38
CA THR E 280 -35.49 -19.24 11.26
C THR E 280 -34.74 -19.96 10.15
N LEU E 281 -35.22 -19.80 8.93
CA LEU E 281 -34.52 -20.31 7.75
C LEU E 281 -33.39 -19.34 7.37
N PRO E 282 -32.29 -19.87 6.79
CA PRO E 282 -31.05 -19.11 6.61
C PRO E 282 -31.25 -17.75 5.96
N GLY E 283 -30.43 -16.79 6.37
CA GLY E 283 -30.42 -15.50 5.72
C GLY E 283 -29.46 -15.58 4.55
N ALA E 284 -29.75 -14.80 3.52
CA ALA E 284 -28.89 -14.71 2.35
C ALA E 284 -27.62 -13.96 2.67
N ASP E 285 -26.59 -14.68 3.12
CA ASP E 285 -25.33 -14.05 3.43
C ASP E 285 -24.66 -13.79 2.10
N ASN E 286 -24.19 -12.56 1.91
CA ASN E 286 -23.56 -12.21 0.65
C ASN E 286 -22.07 -12.52 0.61
N THR E 287 -21.71 -13.80 0.53
CA THR E 287 -20.29 -14.12 0.45
C THR E 287 -19.78 -13.64 -0.92
N GLY E 288 -20.46 -14.06 -1.99
CA GLY E 288 -20.18 -13.63 -3.37
C GLY E 288 -19.92 -12.13 -3.46
N ASN E 289 -18.71 -11.65 -3.74
CA ASN E 289 -17.54 -12.31 -4.37
C ASN E 289 -17.82 -12.49 -5.86
N MET E 290 -18.55 -11.54 -6.45
CA MET E 290 -19.09 -11.69 -7.81
C MET E 290 -18.19 -11.19 -8.96
N GLU E 291 -17.16 -11.96 -9.30
CA GLU E 291 -16.35 -11.70 -10.49
C GLU E 291 -16.80 -12.63 -11.60
N ASP E 292 -18.04 -13.08 -11.47
CA ASP E 292 -18.57 -14.18 -12.27
C ASP E 292 -19.34 -13.78 -13.51
N ILE E 293 -20.43 -13.04 -13.30
CA ILE E 293 -21.15 -12.35 -14.36
C ILE E 293 -20.21 -11.37 -15.07
N ARG E 294 -19.34 -10.72 -14.33
CA ARG E 294 -18.38 -9.85 -14.97
C ARG E 294 -17.51 -10.62 -15.95
N TRP E 295 -17.54 -11.95 -15.90
CA TRP E 295 -16.80 -12.77 -16.87
C TRP E 295 -17.61 -12.90 -18.14
N PHE E 296 -18.87 -13.27 -17.99
CA PHE E 296 -19.73 -13.58 -19.12
C PHE E 296 -20.23 -12.35 -19.85
N ARG E 297 -20.11 -11.19 -19.23
CA ARG E 297 -20.47 -10.01 -19.97
C ARG E 297 -19.32 -9.65 -20.89
N GLN E 298 -18.08 -9.87 -20.47
CA GLN E 298 -16.97 -9.60 -21.38
C GLN E 298 -16.96 -10.60 -22.54
N ALA E 299 -17.52 -11.78 -22.30
CA ALA E 299 -17.64 -12.76 -23.37
C ALA E 299 -18.64 -12.22 -24.38
N LEU E 300 -19.92 -12.20 -24.02
CA LEU E 300 -20.98 -11.74 -24.95
C LEU E 300 -20.58 -10.52 -25.75
N TYR E 301 -19.74 -9.68 -25.15
CA TYR E 301 -19.26 -8.48 -25.80
C TYR E 301 -18.14 -8.72 -26.84
N MET E 302 -17.41 -9.82 -26.71
CA MET E 302 -16.37 -10.17 -27.68
C MET E 302 -16.99 -10.94 -28.78
N ALA E 303 -18.14 -11.50 -28.47
CA ALA E 303 -18.79 -12.37 -29.41
C ALA E 303 -19.64 -11.57 -30.36
N LEU E 304 -19.96 -10.35 -29.98
CA LEU E 304 -20.78 -9.45 -30.79
C LEU E 304 -20.05 -8.98 -32.04
N ARG E 305 -18.76 -8.69 -31.89
CA ARG E 305 -17.92 -8.17 -32.97
C ARG E 305 -17.66 -6.67 -32.79
N VAL E 306 -18.26 -6.08 -31.76
CA VAL E 306 -18.03 -4.69 -31.47
C VAL E 306 -16.74 -4.62 -30.64
N PRO E 307 -15.83 -3.69 -30.97
CA PRO E 307 -14.56 -3.55 -30.26
C PRO E 307 -14.77 -3.31 -28.77
N LEU E 308 -13.86 -3.79 -27.93
CA LEU E 308 -14.05 -3.63 -26.48
C LEU E 308 -13.69 -2.22 -26.03
N SER E 309 -13.01 -1.47 -26.90
CA SER E 309 -12.55 -0.13 -26.56
C SER E 309 -13.71 0.89 -26.53
N ARG E 310 -14.90 0.43 -26.92
CA ARG E 310 -16.07 1.27 -26.76
C ARG E 310 -15.98 1.15 -25.24
N ILE E 311 -16.49 2.11 -24.47
CA ILE E 311 -16.36 2.03 -23.00
C ILE E 311 -17.40 1.27 -22.15
N PRO E 312 -17.40 -0.13 -22.19
CA PRO E 312 -18.41 -0.75 -21.33
C PRO E 312 -18.07 -0.54 -19.84
N GLN E 313 -16.79 -0.64 -19.52
CA GLN E 313 -16.30 -0.48 -18.16
C GLN E 313 -16.40 0.98 -17.71
N ASP E 314 -16.41 1.19 -16.40
CA ASP E 314 -16.51 2.53 -15.85
C ASP E 314 -15.32 3.33 -16.35
N GLN E 315 -14.15 2.68 -16.41
CA GLN E 315 -12.95 3.33 -16.90
C GLN E 315 -12.64 4.65 -16.21
N GLN E 316 -12.65 4.65 -14.88
CA GLN E 316 -12.34 5.88 -14.15
C GLN E 316 -10.96 6.32 -14.60
N GLY E 317 -10.81 7.61 -14.86
CA GLY E 317 -9.55 8.13 -15.35
C GLY E 317 -9.10 7.31 -16.56
N GLY E 318 -7.92 6.71 -16.48
CA GLY E 318 -7.01 6.81 -15.34
C GLY E 318 -6.37 8.15 -14.98
N VAL E 319 -5.84 8.90 -15.94
CA VAL E 319 -5.86 8.57 -17.36
C VAL E 319 -4.59 7.85 -17.81
N MET E 320 -4.54 7.51 -19.10
CA MET E 320 -3.50 6.64 -19.64
C MET E 320 -2.04 7.15 -19.58
N PHE E 321 -1.71 8.35 -20.07
CA PHE E 321 -2.63 9.38 -20.54
C PHE E 321 -2.18 10.05 -21.83
N ASP E 322 -3.14 10.61 -22.56
CA ASP E 322 -2.86 11.42 -23.75
C ASP E 322 -4.02 12.37 -23.99
N SER E 323 -3.74 13.52 -24.59
CA SER E 323 -4.77 14.54 -24.81
C SER E 323 -5.70 14.17 -25.96
N GLY E 324 -5.19 13.39 -26.91
CA GLY E 324 -5.96 12.93 -28.04
C GLY E 324 -5.93 11.42 -28.15
N THR E 325 -7.10 10.79 -28.05
CA THR E 325 -7.20 9.34 -28.08
C THR E 325 -6.75 8.80 -29.45
N SER E 326 -5.87 7.81 -29.41
CA SER E 326 -5.22 7.32 -30.61
C SER E 326 -6.00 6.20 -31.28
N ILE E 327 -5.58 5.85 -32.49
CA ILE E 327 -6.15 4.70 -33.17
C ILE E 327 -5.50 3.43 -32.61
N THR E 328 -6.28 2.62 -31.94
CA THR E 328 -5.81 1.35 -31.41
C THR E 328 -5.83 0.36 -32.56
N ARG E 329 -5.40 -0.88 -32.34
CA ARG E 329 -5.49 -1.85 -33.42
C ARG E 329 -6.87 -2.47 -33.38
N ASP E 330 -7.48 -2.45 -32.20
CA ASP E 330 -8.87 -2.89 -32.01
C ASP E 330 -9.80 -2.18 -32.97
N GLU E 331 -9.89 -0.87 -32.79
CA GLU E 331 -10.76 -0.02 -33.58
C GLU E 331 -10.47 -0.13 -35.06
N LEU E 332 -9.19 -0.20 -35.39
CA LEU E 332 -8.74 -0.33 -36.77
C LEU E 332 -9.22 -1.62 -37.41
N THR E 333 -9.16 -2.72 -36.66
CA THR E 333 -9.71 -4.02 -37.08
C THR E 333 -11.17 -3.88 -37.49
N PHE E 334 -11.96 -3.36 -36.56
CA PHE E 334 -13.41 -3.21 -36.71
C PHE E 334 -13.83 -2.43 -37.95
N ALA E 335 -13.06 -1.40 -38.31
CA ALA E 335 -13.39 -0.64 -39.50
C ALA E 335 -13.38 -1.64 -40.66
N LYS E 336 -12.40 -2.55 -40.61
CA LYS E 336 -12.25 -3.59 -41.63
C LYS E 336 -13.46 -4.56 -41.63
N PHE E 337 -13.93 -4.93 -40.45
CA PHE E 337 -15.06 -5.86 -40.36
C PHE E 337 -16.29 -5.20 -41.00
N ILE E 338 -16.45 -3.92 -40.71
CA ILE E 338 -17.52 -3.10 -41.29
C ILE E 338 -17.41 -3.01 -42.79
N ARG E 339 -16.30 -2.47 -43.28
CA ARG E 339 -16.17 -2.27 -44.71
C ARG E 339 -16.25 -3.60 -45.45
N GLU E 340 -16.19 -4.71 -44.72
CA GLU E 340 -16.48 -5.98 -45.34
C GLU E 340 -17.98 -6.22 -45.40
N LEU E 341 -18.70 -5.79 -44.36
CA LEU E 341 -20.16 -5.87 -44.36
C LEU E 341 -20.74 -5.07 -45.51
N GLN E 342 -20.50 -3.76 -45.50
CA GLN E 342 -20.92 -2.85 -46.56
C GLN E 342 -20.75 -3.47 -47.94
N HIS E 343 -19.72 -4.28 -48.12
CA HIS E 343 -19.51 -4.97 -49.38
C HIS E 343 -20.39 -6.21 -49.57
N LYS E 344 -21.17 -6.56 -48.54
CA LYS E 344 -22.13 -7.65 -48.66
C LYS E 344 -23.51 -7.07 -48.89
N PHE E 345 -23.75 -5.96 -48.22
CA PHE E 345 -24.96 -5.16 -48.36
C PHE E 345 -24.80 -4.28 -49.60
N GLU E 346 -23.64 -4.39 -50.25
CA GLU E 346 -23.42 -3.75 -51.54
C GLU E 346 -24.43 -4.30 -52.55
N GLU E 347 -24.74 -5.57 -52.39
CA GLU E 347 -25.61 -6.30 -53.30
C GLU E 347 -26.96 -5.64 -53.47
N VAL E 348 -27.55 -5.15 -52.39
CA VAL E 348 -28.89 -4.58 -52.43
C VAL E 348 -29.00 -3.33 -53.30
N PHE E 349 -27.86 -2.86 -53.80
CA PHE E 349 -27.85 -1.72 -54.71
C PHE E 349 -27.59 -2.13 -56.16
N LEU E 350 -26.77 -3.16 -56.35
CA LEU E 350 -26.32 -3.49 -57.69
C LEU E 350 -27.25 -4.40 -58.50
N ASP E 351 -28.13 -5.16 -57.84
CA ASP E 351 -29.13 -5.89 -58.64
C ASP E 351 -30.49 -5.20 -58.74
N PRO E 352 -30.76 -4.13 -57.94
CA PRO E 352 -31.89 -3.38 -58.46
C PRO E 352 -31.46 -2.44 -59.58
N LEU E 353 -30.19 -2.05 -59.58
CA LEU E 353 -29.66 -1.13 -60.58
C LEU E 353 -29.42 -1.84 -61.92
N LYS E 354 -28.71 -2.97 -61.89
CA LYS E 354 -28.33 -3.65 -63.14
C LYS E 354 -29.54 -4.22 -63.89
N THR E 355 -30.55 -4.66 -63.16
CA THR E 355 -31.76 -5.15 -63.82
C THR E 355 -32.64 -3.99 -64.26
N ASN E 356 -32.36 -2.79 -63.75
CA ASN E 356 -33.09 -1.58 -64.15
C ASN E 356 -32.32 -0.86 -65.24
N LEU E 357 -31.03 -1.16 -65.34
CA LEU E 357 -30.14 -0.58 -66.35
C LEU E 357 -30.04 -1.52 -67.56
N LEU E 358 -30.93 -2.50 -67.58
CA LEU E 358 -31.06 -3.45 -68.67
C LEU E 358 -32.52 -3.42 -69.10
N LEU E 359 -33.39 -3.29 -68.10
CA LEU E 359 -34.81 -3.04 -68.32
C LEU E 359 -34.96 -1.75 -69.12
N LYS E 360 -34.24 -0.72 -68.70
CA LYS E 360 -34.33 0.62 -69.29
C LYS E 360 -33.61 0.71 -70.64
N GLY E 361 -32.55 -0.07 -70.78
CA GLY E 361 -31.76 -0.05 -71.99
C GLY E 361 -30.32 0.34 -71.69
N ILE E 362 -29.71 1.07 -72.62
CA ILE E 362 -28.28 1.41 -72.55
C ILE E 362 -27.43 0.12 -72.50
N ILE E 363 -26.62 -0.06 -71.45
CA ILE E 363 -25.65 -1.16 -71.39
C ILE E 363 -26.28 -2.56 -71.28
N THR E 364 -25.77 -3.51 -72.07
CA THR E 364 -26.24 -4.89 -72.01
C THR E 364 -25.49 -5.70 -70.95
N GLU E 365 -25.96 -6.91 -70.68
CA GLU E 365 -25.35 -7.78 -69.69
C GLU E 365 -23.93 -8.18 -70.09
N ASP E 366 -23.70 -8.35 -71.39
CA ASP E 366 -22.39 -8.74 -71.90
C ASP E 366 -21.34 -7.63 -71.75
N GLU E 367 -21.79 -6.40 -71.58
CA GLU E 367 -20.90 -5.28 -71.35
C GLU E 367 -20.62 -5.10 -69.86
N TRP E 368 -21.65 -5.37 -69.06
CA TRP E 368 -21.59 -5.21 -67.61
C TRP E 368 -20.51 -6.06 -66.95
N ASN E 369 -20.33 -7.28 -67.48
CA ASN E 369 -19.41 -8.25 -66.89
C ASN E 369 -17.98 -7.73 -66.73
N ASP E 370 -17.56 -6.84 -67.63
CA ASP E 370 -16.19 -6.33 -67.63
C ASP E 370 -16.03 -5.15 -66.68
N GLU E 371 -17.13 -4.42 -66.46
CA GLU E 371 -17.10 -3.22 -65.63
C GLU E 371 -16.90 -3.53 -64.15
N ILE E 372 -17.31 -4.72 -63.72
CA ILE E 372 -17.13 -5.12 -62.33
C ILE E 372 -16.61 -6.54 -62.21
N ASN E 373 -15.31 -6.70 -62.01
CA ASN E 373 -14.35 -5.60 -61.96
C ASN E 373 -14.62 -4.56 -60.87
N ASN E 374 -14.59 -3.29 -61.26
CA ASN E 374 -14.83 -2.19 -60.35
C ASN E 374 -15.88 -1.18 -60.80
N ILE E 375 -17.00 -1.19 -60.10
CA ILE E 375 -17.94 -0.08 -60.10
C ILE E 375 -18.30 0.16 -58.63
N LYS E 376 -17.30 0.67 -57.90
CA LYS E 376 -17.36 0.80 -56.45
C LYS E 376 -18.54 1.61 -55.94
N ILE E 377 -19.23 1.07 -54.94
CA ILE E 377 -20.22 1.83 -54.18
C ILE E 377 -19.63 2.31 -52.87
N GLU E 378 -19.27 3.58 -52.83
CA GLU E 378 -18.69 4.17 -51.63
C GLU E 378 -19.73 4.50 -50.57
N PHE E 379 -19.65 3.86 -49.42
CA PHE E 379 -20.36 4.35 -48.26
C PHE E 379 -19.58 5.53 -47.71
N HIS E 380 -20.26 6.46 -47.04
CA HIS E 380 -19.59 7.57 -46.40
C HIS E 380 -19.19 7.11 -45.03
N ARG E 381 -17.99 7.48 -44.58
CA ARG E 381 -17.53 7.14 -43.22
C ARG E 381 -17.93 8.24 -42.27
N ASP E 382 -17.46 8.19 -41.03
CA ASP E 382 -17.73 9.32 -40.14
C ASP E 382 -16.70 10.40 -40.38
N SER E 383 -17.21 11.56 -40.80
CA SER E 383 -16.41 12.74 -41.03
C SER E 383 -15.42 13.03 -39.89
N TYR E 384 -15.83 12.79 -38.65
CA TYR E 384 -14.99 13.15 -37.52
C TYR E 384 -13.78 12.26 -37.36
N PHE E 385 -13.89 10.97 -37.65
CA PHE E 385 -12.78 10.07 -37.34
C PHE E 385 -11.95 9.73 -38.56
N ALA E 386 -12.39 10.22 -39.70
CA ALA E 386 -11.50 10.29 -40.83
C ALA E 386 -10.39 11.24 -40.41
N GLU E 387 -10.77 12.43 -39.98
CA GLU E 387 -9.81 13.42 -39.50
C GLU E 387 -8.96 12.88 -38.37
N LEU E 388 -9.59 12.42 -37.30
CA LEU E 388 -8.88 12.04 -36.10
C LEU E 388 -7.98 10.82 -36.28
N LYS E 389 -8.17 10.09 -37.38
CA LYS E 389 -7.22 9.07 -37.79
C LYS E 389 -6.10 9.69 -38.62
N GLU E 390 -6.50 10.42 -39.66
CA GLU E 390 -5.56 11.12 -40.54
C GLU E 390 -4.78 12.23 -39.85
N ALA E 391 -4.89 12.28 -38.53
CA ALA E 391 -4.17 13.29 -37.79
C ALA E 391 -3.05 12.64 -37.04
N GLU E 392 -3.16 11.33 -36.81
CA GLU E 392 -2.09 10.58 -36.16
C GLU E 392 -1.10 10.05 -37.19
N ILE E 393 -1.64 9.63 -38.33
CA ILE E 393 -0.81 9.29 -39.49
C ILE E 393 0.10 10.46 -39.81
N LEU E 394 -0.49 11.63 -40.03
CA LEU E 394 0.28 12.81 -40.41
C LEU E 394 1.12 13.37 -39.26
N GLU E 395 0.69 13.17 -38.02
CA GLU E 395 1.50 13.58 -36.86
C GLU E 395 2.82 12.80 -36.82
N ARG E 396 2.76 11.52 -37.13
CA ARG E 396 3.94 10.67 -37.10
C ARG E 396 4.87 10.88 -38.30
N ARG E 397 4.29 11.23 -39.46
CA ARG E 397 5.09 11.43 -40.65
C ARG E 397 5.86 12.72 -40.55
N ILE E 398 5.34 13.68 -39.80
CA ILE E 398 6.08 14.91 -39.61
C ILE E 398 7.11 14.70 -38.50
N ASN E 399 6.78 13.88 -37.51
CA ASN E 399 7.69 13.60 -36.42
C ASN E 399 8.94 12.86 -36.88
N MET E 400 8.74 11.98 -37.86
CA MET E 400 9.83 11.33 -38.58
C MET E 400 10.63 12.37 -39.34
N LEU E 401 9.90 13.21 -40.08
CA LEU E 401 10.52 14.15 -40.98
C LEU E 401 11.34 15.23 -40.24
N THR E 402 10.92 15.63 -39.04
CA THR E 402 11.73 16.58 -38.28
C THR E 402 12.96 15.88 -37.77
N MET E 403 12.76 14.61 -37.39
CA MET E 403 13.79 13.78 -36.77
C MET E 403 14.90 13.40 -37.75
N ALA E 404 14.50 13.04 -38.97
CA ALA E 404 15.45 12.69 -40.01
C ALA E 404 15.64 13.82 -40.98
N GLU E 405 15.71 15.03 -40.46
CA GLU E 405 15.83 16.23 -41.29
C GLU E 405 17.27 16.68 -41.61
N PRO E 406 18.20 16.65 -40.62
CA PRO E 406 19.50 17.22 -40.98
C PRO E 406 20.21 16.41 -42.06
N PHE E 407 19.77 15.18 -42.25
CA PHE E 407 20.36 14.29 -43.24
C PHE E 407 19.70 14.38 -44.62
N ILE E 408 18.63 15.16 -44.76
CA ILE E 408 17.86 15.16 -46.00
C ILE E 408 18.65 15.85 -47.11
N GLY E 409 19.62 16.67 -46.74
CA GLY E 409 20.50 17.17 -47.78
C GLY E 409 21.59 16.17 -48.12
N LYS E 410 22.10 15.49 -47.10
CA LYS E 410 23.32 14.72 -47.23
C LYS E 410 23.15 13.30 -47.76
N TYR E 411 22.12 12.59 -47.30
CA TYR E 411 22.04 11.16 -47.60
C TYR E 411 20.83 10.74 -48.46
N ILE E 412 19.64 11.10 -48.00
CA ILE E 412 18.38 10.84 -48.70
C ILE E 412 17.94 12.07 -49.48
N SER E 413 17.58 11.95 -50.75
CA SER E 413 17.20 13.15 -51.51
C SER E 413 16.00 13.85 -50.92
N HIS E 414 15.65 15.00 -51.48
CA HIS E 414 14.40 15.63 -51.08
C HIS E 414 13.24 14.84 -51.69
N ARG E 415 13.32 14.56 -52.98
CA ARG E 415 12.33 13.75 -53.66
C ARG E 415 12.13 12.41 -52.97
N THR E 416 13.21 11.82 -52.50
CA THR E 416 13.17 10.47 -51.97
C THR E 416 12.48 10.42 -50.62
N ALA E 417 12.71 11.42 -49.77
CA ALA E 417 12.02 11.47 -48.47
C ALA E 417 10.55 11.85 -48.66
N MET E 418 10.31 12.82 -49.52
CA MET E 418 8.97 13.32 -49.79
C MET E 418 8.02 12.21 -50.23
N LYS E 419 8.58 11.12 -50.74
CA LYS E 419 7.78 10.06 -51.35
C LYS E 419 7.77 8.78 -50.50
N ASP E 420 8.62 8.73 -49.47
CA ASP E 420 8.61 7.57 -48.58
C ASP E 420 8.61 7.95 -47.09
N ILE E 421 8.79 9.22 -46.78
CA ILE E 421 8.57 9.68 -45.41
C ILE E 421 7.18 10.32 -45.33
N LEU E 422 6.76 10.94 -46.42
CA LEU E 422 5.43 11.54 -46.46
C LEU E 422 4.40 10.66 -47.16
N GLN E 423 4.88 9.65 -47.89
CA GLN E 423 4.03 8.67 -48.56
C GLN E 423 3.16 9.32 -49.62
N MET E 424 3.60 10.44 -50.17
CA MET E 424 2.92 11.04 -51.29
C MET E 424 3.12 10.20 -52.55
N THR E 425 2.58 10.68 -53.67
CA THR E 425 2.90 10.09 -54.96
C THR E 425 3.44 11.16 -55.90
N ASP E 426 3.92 10.73 -57.06
CA ASP E 426 4.63 11.60 -58.00
C ASP E 426 3.81 12.77 -58.51
N GLU E 427 2.62 12.48 -59.02
CA GLU E 427 1.78 13.52 -59.61
C GLU E 427 1.25 14.48 -58.54
N GLU E 428 1.35 14.08 -57.28
CA GLU E 428 1.04 14.97 -56.16
C GLU E 428 2.17 15.96 -55.93
N ILE E 429 3.40 15.51 -56.10
CA ILE E 429 4.56 16.38 -56.02
C ILE E 429 4.66 17.25 -57.27
N GLU E 430 4.40 16.65 -58.42
CA GLU E 430 4.33 17.39 -59.67
C GLU E 430 3.36 18.56 -59.55
N GLN E 431 2.10 18.21 -59.27
CA GLN E 431 1.02 19.18 -59.11
C GLN E 431 1.38 20.27 -58.10
N GLU E 432 1.97 19.86 -56.98
CA GLU E 432 2.27 20.81 -55.92
C GLU E 432 3.42 21.73 -56.27
N ALA E 433 4.48 21.18 -56.86
CA ALA E 433 5.66 21.97 -57.21
C ALA E 433 5.30 23.14 -58.14
N LYS E 434 4.39 22.89 -59.08
CA LYS E 434 3.89 23.93 -59.97
C LYS E 434 3.05 24.95 -59.20
N GLN E 435 2.19 24.43 -58.33
CA GLN E 435 1.28 25.24 -57.53
C GLN E 435 2.02 26.22 -56.61
N ILE E 436 2.99 25.69 -55.89
CA ILE E 436 3.69 26.42 -54.84
C ILE E 436 4.50 27.59 -55.37
N GLU E 437 4.66 27.67 -56.69
CA GLU E 437 5.41 28.77 -57.29
C GLU E 437 4.67 30.10 -57.10
N GLU E 438 3.35 30.10 -57.20
CA GLU E 438 2.58 31.33 -57.19
C GLU E 438 2.31 31.80 -55.77
N GLU E 439 2.39 30.87 -54.82
CA GLU E 439 2.36 31.20 -53.40
C GLU E 439 3.44 32.23 -53.11
N SER E 440 4.57 32.07 -53.78
CA SER E 440 5.73 32.94 -53.58
C SER E 440 5.64 34.18 -54.46
N LYS E 441 4.43 34.51 -54.92
CA LYS E 441 4.28 35.68 -55.78
C LYS E 441 3.14 36.66 -55.44
N GLU E 442 3.30 37.47 -54.39
CA GLU E 442 4.45 37.44 -53.50
C GLU E 442 3.93 37.31 -52.06
N ALA E 443 2.92 38.12 -51.76
CA ALA E 443 2.27 38.15 -50.45
C ALA E 443 1.38 36.91 -50.31
N ARG E 444 0.96 36.59 -49.09
CA ARG E 444 1.21 37.36 -47.87
C ARG E 444 2.20 36.69 -46.93
N PHE E 445 2.81 35.60 -47.37
CA PHE E 445 3.63 34.79 -46.47
C PHE E 445 5.12 35.14 -46.49
N GLN E 446 5.49 36.11 -47.31
CA GLN E 446 6.88 36.55 -47.37
C GLN E 446 7.27 37.29 -46.10
N ASP E 447 8.17 36.69 -45.31
CA ASP E 447 8.53 37.23 -44.00
C ASP E 447 9.84 38.03 -44.02
N ASN F 1 -13.58 -41.36 -44.80
CA ASN F 1 -14.57 -41.16 -43.75
C ASN F 1 -14.00 -40.50 -42.50
N TRP F 2 -12.88 -41.02 -42.03
CA TRP F 2 -12.17 -40.43 -40.89
C TRP F 2 -11.72 -39.02 -41.21
N ILE F 3 -11.27 -38.85 -42.45
CA ILE F 3 -10.98 -37.54 -43.02
C ILE F 3 -12.18 -36.62 -42.91
N SER F 4 -13.36 -37.19 -43.17
CA SER F 4 -14.61 -36.44 -43.21
C SER F 4 -15.16 -36.10 -41.83
N GLU F 5 -14.93 -36.97 -40.85
CA GLU F 5 -15.34 -36.68 -39.47
C GLU F 5 -14.44 -35.58 -38.86
N LEU F 6 -13.21 -35.53 -39.34
CA LEU F 6 -12.24 -34.55 -38.90
C LEU F 6 -12.64 -33.15 -39.31
N ILE F 7 -13.00 -32.98 -40.58
CA ILE F 7 -13.40 -31.67 -41.07
C ILE F 7 -14.76 -31.29 -40.49
N ASP F 8 -15.41 -32.23 -39.80
CA ASP F 8 -16.61 -31.88 -39.07
C ASP F 8 -16.20 -31.12 -37.81
N THR F 9 -15.42 -31.78 -36.97
CA THR F 9 -15.06 -31.21 -35.67
C THR F 9 -14.29 -29.89 -35.73
N TYR F 10 -13.55 -29.68 -36.81
CA TYR F 10 -12.91 -28.38 -37.05
C TYR F 10 -13.98 -27.32 -37.26
N ARG F 11 -15.02 -27.68 -38.00
CA ARG F 11 -16.05 -26.72 -38.35
C ARG F 11 -17.01 -26.57 -37.19
N ASN F 12 -16.89 -27.46 -36.21
CA ASN F 12 -17.63 -27.26 -34.98
C ASN F 12 -16.70 -26.73 -33.90
N LEU F 13 -15.55 -26.23 -34.36
CA LEU F 13 -14.63 -25.46 -33.53
C LEU F 13 -14.88 -24.00 -33.86
N MET F 14 -15.25 -23.76 -35.11
CA MET F 14 -15.54 -22.43 -35.57
C MET F 14 -16.87 -21.97 -35.05
N ASN F 15 -17.74 -22.93 -34.74
CA ASN F 15 -19.13 -22.65 -34.34
C ASN F 15 -19.13 -21.81 -33.09
N ASN F 16 -18.18 -22.18 -32.23
CA ASN F 16 -17.87 -21.53 -30.96
C ASN F 16 -17.24 -20.16 -31.26
N TYR F 17 -17.25 -19.28 -30.26
CA TYR F 17 -16.80 -17.91 -30.44
C TYR F 17 -15.33 -17.87 -30.01
N GLU F 18 -14.62 -16.81 -30.38
CA GLU F 18 -13.22 -16.66 -30.00
C GLU F 18 -12.40 -17.45 -30.99
N VAL F 19 -12.75 -18.71 -31.22
CA VAL F 19 -12.06 -19.51 -32.20
C VAL F 19 -12.34 -18.78 -33.51
N ASP F 20 -13.59 -18.33 -33.64
CA ASP F 20 -14.04 -17.56 -34.78
C ASP F 20 -13.30 -16.22 -34.79
N ASN F 21 -13.13 -15.63 -33.61
CA ASN F 21 -12.43 -14.35 -33.54
C ASN F 21 -10.95 -14.50 -33.94
N ALA F 22 -10.32 -15.58 -33.48
CA ALA F 22 -8.87 -15.81 -33.70
C ALA F 22 -8.55 -16.37 -35.08
N VAL F 23 -9.46 -17.16 -35.66
CA VAL F 23 -9.25 -17.70 -37.00
C VAL F 23 -9.40 -16.61 -38.03
N SER F 24 -10.33 -15.70 -37.78
CA SER F 24 -10.54 -14.58 -38.69
C SER F 24 -9.65 -13.44 -38.33
N GLU F 25 -8.82 -13.66 -37.33
CA GLU F 25 -7.70 -12.77 -37.13
C GLU F 25 -6.71 -12.97 -38.29
N ILE F 26 -6.31 -14.22 -38.46
CA ILE F 26 -5.46 -14.69 -39.56
C ILE F 26 -5.95 -14.29 -40.96
N VAL F 27 -7.15 -14.72 -41.32
CA VAL F 27 -7.63 -14.53 -42.69
C VAL F 27 -7.86 -13.07 -42.96
N SER F 28 -7.89 -12.27 -41.92
CA SER F 28 -8.02 -10.83 -42.09
C SER F 28 -6.73 -10.24 -42.57
N ASP F 29 -5.62 -10.90 -42.26
CA ASP F 29 -4.33 -10.44 -42.76
C ASP F 29 -3.52 -11.52 -43.49
N ALA F 30 -4.12 -12.68 -43.72
CA ALA F 30 -3.47 -13.66 -44.57
C ALA F 30 -3.82 -13.41 -46.02
N ILE F 31 -4.92 -12.67 -46.25
CA ILE F 31 -5.19 -12.03 -47.54
C ILE F 31 -5.93 -10.72 -47.35
N VAL F 32 -5.24 -9.61 -47.34
CA VAL F 32 -5.93 -8.38 -46.94
C VAL F 32 -6.31 -7.43 -48.07
N TYR F 33 -7.61 -7.41 -48.38
CA TYR F 33 -8.14 -6.45 -49.33
C TYR F 33 -7.81 -5.06 -48.87
N GLU F 34 -7.40 -4.21 -49.81
CA GLU F 34 -7.33 -2.79 -49.52
C GLU F 34 -7.91 -2.05 -50.71
N ASP F 35 -8.25 -0.78 -50.49
CA ASP F 35 -8.82 0.04 -51.55
C ASP F 35 -7.74 0.39 -52.58
N ASP F 36 -8.11 0.36 -53.85
CA ASP F 36 -7.17 0.68 -54.92
C ASP F 36 -6.13 -0.43 -55.09
N THR F 37 -5.42 -0.74 -54.01
CA THR F 37 -4.40 -1.77 -54.03
C THR F 37 -4.99 -3.15 -54.31
N GLU F 38 -4.26 -3.95 -55.08
CA GLU F 38 -4.71 -5.30 -55.42
C GLU F 38 -4.16 -6.37 -54.49
N VAL F 39 -4.78 -7.55 -54.54
CA VAL F 39 -4.41 -8.70 -53.72
C VAL F 39 -3.88 -9.81 -54.65
N VAL F 40 -2.96 -10.64 -54.15
CA VAL F 40 -2.39 -11.78 -54.89
C VAL F 40 -1.70 -11.59 -56.27
N ALA F 41 -0.78 -10.62 -56.39
CA ALA F 41 -0.07 -10.38 -57.66
C ALA F 41 0.96 -11.47 -58.04
N LEU F 42 1.22 -11.62 -59.34
CA LEU F 42 2.16 -12.62 -59.85
C LEU F 42 3.49 -11.97 -60.15
N ASN F 43 4.31 -11.81 -59.12
CA ASN F 43 5.63 -11.22 -59.29
C ASN F 43 6.49 -12.09 -60.19
N LEU F 44 6.90 -11.52 -61.32
CA LEU F 44 7.77 -12.23 -62.22
C LEU F 44 9.12 -11.55 -62.13
N ASP F 45 10.05 -12.21 -61.48
CA ASP F 45 11.40 -11.66 -61.33
C ASP F 45 12.37 -12.77 -61.65
N LYS F 46 12.32 -13.23 -62.89
CA LYS F 46 13.18 -14.31 -63.34
C LYS F 46 13.35 -14.24 -64.84
N SER F 47 14.41 -14.87 -65.33
CA SER F 47 14.69 -14.92 -66.76
C SER F 47 13.52 -15.51 -67.54
N LYS F 48 12.89 -14.67 -68.36
CA LYS F 48 11.81 -15.11 -69.22
C LYS F 48 12.12 -14.72 -70.66
N PHE F 49 11.69 -15.54 -71.60
CA PHE F 49 12.08 -15.38 -73.00
C PHE F 49 11.67 -14.04 -73.61
N SER F 50 10.42 -13.64 -73.38
CA SER F 50 9.91 -12.42 -73.98
C SER F 50 9.45 -11.40 -72.95
N PRO F 51 9.63 -10.11 -73.25
CA PRO F 51 9.05 -9.02 -72.45
C PRO F 51 7.54 -9.03 -72.57
N LYS F 52 7.03 -9.67 -73.64
CA LYS F 52 5.59 -9.76 -73.86
C LYS F 52 4.97 -10.95 -73.14
N ILE F 53 5.66 -12.09 -73.09
CA ILE F 53 5.11 -13.27 -72.42
C ILE F 53 5.03 -13.08 -70.90
N LYS F 54 6.00 -12.38 -70.32
CA LYS F 54 6.02 -12.18 -68.87
C LYS F 54 4.85 -11.31 -68.45
N ASN F 55 4.45 -10.37 -69.32
CA ASN F 55 3.25 -9.57 -69.06
C ASN F 55 2.02 -10.25 -69.63
N MET F 56 2.23 -11.28 -70.45
CA MET F 56 1.11 -11.98 -71.06
C MET F 56 0.36 -12.81 -70.02
N MET F 57 1.06 -13.19 -68.96
CA MET F 57 0.46 -13.96 -67.88
C MET F 57 -0.74 -13.26 -67.26
N LEU F 58 -0.79 -11.94 -67.37
CA LEU F 58 -1.87 -11.19 -66.75
C LEU F 58 -3.18 -11.51 -67.46
N ASP F 59 -3.10 -11.71 -68.78
CA ASP F 59 -4.23 -12.20 -69.56
C ASP F 59 -4.64 -13.58 -69.03
N GLU F 60 -3.65 -14.31 -68.52
CA GLU F 60 -3.87 -15.62 -67.95
C GLU F 60 -4.20 -15.54 -66.47
N PHE F 61 -3.40 -14.77 -65.72
CA PHE F 61 -3.47 -14.78 -64.26
C PHE F 61 -4.50 -13.82 -63.68
N SER F 62 -4.56 -12.59 -64.20
CA SER F 62 -5.60 -11.66 -63.76
C SER F 62 -6.99 -12.20 -64.13
N ASP F 63 -7.00 -13.24 -64.97
CA ASP F 63 -8.22 -13.93 -65.36
C ASP F 63 -8.44 -15.20 -64.54
N VAL F 64 -7.37 -15.83 -64.05
CA VAL F 64 -7.51 -17.07 -63.29
C VAL F 64 -8.06 -16.77 -61.88
N LEU F 65 -7.93 -15.50 -61.49
CA LEU F 65 -8.53 -15.04 -60.25
C LEU F 65 -10.05 -14.90 -60.41
N ASN F 66 -10.45 -14.39 -61.57
CA ASN F 66 -11.86 -14.22 -61.91
C ASN F 66 -12.66 -15.52 -61.75
N HIS F 67 -12.04 -16.64 -62.09
CA HIS F 67 -12.71 -17.94 -62.01
C HIS F 67 -12.95 -18.32 -60.56
N LEU F 68 -12.00 -17.96 -59.70
CA LEU F 68 -12.17 -18.14 -58.28
C LEU F 68 -13.09 -17.07 -57.75
N SER F 69 -13.39 -16.10 -58.62
CA SER F 69 -14.07 -14.86 -58.26
C SER F 69 -13.36 -14.30 -57.02
N PHE F 70 -12.04 -14.37 -57.04
CA PHE F 70 -11.22 -14.18 -55.85
C PHE F 70 -11.36 -12.80 -55.20
N GLN F 71 -11.73 -11.79 -55.98
CA GLN F 71 -11.73 -10.42 -55.48
C GLN F 71 -12.79 -10.18 -54.38
N ARG F 72 -13.90 -10.89 -54.45
CA ARG F 72 -14.92 -10.75 -53.42
C ARG F 72 -15.18 -12.07 -52.71
N LYS F 73 -14.50 -13.13 -53.16
CA LYS F 73 -14.69 -14.47 -52.61
C LYS F 73 -13.38 -15.10 -52.16
N GLY F 74 -12.39 -14.27 -51.85
CA GLY F 74 -11.09 -14.78 -51.46
C GLY F 74 -10.99 -15.19 -50.00
N SER F 75 -11.39 -14.29 -49.11
CA SER F 75 -11.24 -14.49 -47.69
C SER F 75 -12.26 -15.49 -47.19
N ASP F 76 -12.89 -16.20 -48.11
CA ASP F 76 -13.71 -17.33 -47.70
C ASP F 76 -13.04 -18.60 -48.19
N HIS F 77 -12.49 -18.56 -49.41
CA HIS F 77 -11.79 -19.72 -49.99
C HIS F 77 -10.59 -20.11 -49.15
N PHE F 78 -9.94 -19.13 -48.55
CA PHE F 78 -8.75 -19.32 -47.71
C PHE F 78 -9.16 -19.73 -46.30
N ARG F 79 -10.09 -18.99 -45.73
CA ARG F 79 -10.68 -19.34 -44.46
C ARG F 79 -11.30 -20.71 -44.51
N ARG F 80 -11.56 -21.21 -45.70
CA ARG F 80 -11.99 -22.59 -45.82
C ARG F 80 -10.81 -23.56 -45.84
N TRP F 81 -9.74 -23.20 -46.55
CA TRP F 81 -8.50 -23.99 -46.62
C TRP F 81 -7.94 -24.25 -45.24
N TYR F 82 -7.94 -23.19 -44.44
CA TYR F 82 -7.31 -23.19 -43.14
C TYR F 82 -8.13 -23.98 -42.17
N VAL F 83 -9.44 -23.83 -42.21
CA VAL F 83 -10.27 -24.44 -41.20
C VAL F 83 -10.77 -25.82 -41.60
N ASP F 84 -11.00 -26.00 -42.90
CA ASP F 84 -11.44 -27.24 -43.51
C ASP F 84 -10.39 -28.33 -43.37
N SER F 85 -9.13 -27.91 -43.49
CA SER F 85 -7.96 -28.80 -43.44
C SER F 85 -7.67 -29.37 -44.83
N ARG F 86 -8.41 -28.88 -45.82
CA ARG F 86 -8.24 -29.30 -47.20
C ARG F 86 -9.15 -28.45 -48.08
N ILE F 87 -8.85 -28.35 -49.37
CA ILE F 87 -9.71 -27.56 -50.24
C ILE F 87 -9.50 -28.05 -51.66
N PHE F 88 -10.57 -28.42 -52.33
CA PHE F 88 -10.49 -28.99 -53.66
C PHE F 88 -11.26 -28.15 -54.66
N PHE F 89 -10.61 -27.75 -55.74
CA PHE F 89 -11.33 -27.15 -56.84
C PHE F 89 -11.33 -28.10 -58.04
N HIS F 90 -12.51 -28.52 -58.47
CA HIS F 90 -12.64 -29.29 -59.69
C HIS F 90 -12.41 -28.38 -60.88
N LYS F 91 -11.79 -28.92 -61.92
CA LYS F 91 -11.48 -28.11 -63.09
C LYS F 91 -12.23 -28.62 -64.31
N ILE F 92 -13.00 -27.73 -64.89
CA ILE F 92 -13.73 -28.04 -66.11
C ILE F 92 -12.91 -27.66 -67.32
N ILE F 93 -12.48 -28.68 -68.07
CA ILE F 93 -11.78 -28.46 -69.33
C ILE F 93 -11.91 -29.72 -70.19
N ASP F 94 -12.31 -29.53 -71.45
CA ASP F 94 -12.57 -28.19 -71.94
C ASP F 94 -13.98 -27.96 -72.54
N PRO F 95 -14.61 -28.97 -73.16
CA PRO F 95 -14.36 -30.37 -73.58
C PRO F 95 -13.62 -30.44 -74.90
N LYS F 96 -13.78 -29.37 -75.65
CA LYS F 96 -13.12 -29.14 -76.92
C LYS F 96 -13.47 -27.71 -77.30
N ARG F 97 -12.57 -27.00 -77.97
CA ARG F 97 -11.33 -27.54 -78.50
C ARG F 97 -10.21 -27.34 -77.49
N PRO F 98 -9.07 -28.03 -77.66
CA PRO F 98 -7.95 -27.72 -76.75
C PRO F 98 -7.51 -26.27 -76.90
N LYS F 99 -6.85 -25.74 -75.87
CA LYS F 99 -6.35 -24.36 -75.85
C LYS F 99 -7.48 -23.33 -76.05
N GLU F 100 -8.70 -23.71 -75.68
CA GLU F 100 -9.83 -22.80 -75.80
C GLU F 100 -9.68 -21.56 -74.91
N GLY F 101 -9.29 -21.76 -73.65
CA GLY F 101 -9.12 -23.07 -73.05
C GLY F 101 -9.59 -23.08 -71.60
N ILE F 102 -10.16 -24.20 -71.15
CA ILE F 102 -10.64 -24.41 -69.77
C ILE F 102 -12.03 -23.79 -69.46
N LYS F 103 -12.48 -23.92 -68.22
CA LYS F 103 -13.74 -23.37 -67.81
C LYS F 103 -13.74 -23.16 -66.30
N GLU F 104 -14.88 -22.74 -65.77
CA GLU F 104 -15.00 -22.36 -64.37
C GLU F 104 -14.52 -23.42 -63.39
N LEU F 105 -13.82 -23.00 -62.34
CA LEU F 105 -13.40 -23.89 -61.27
C LEU F 105 -14.43 -23.90 -60.17
N ARG F 106 -15.01 -25.07 -59.92
CA ARG F 106 -16.05 -25.21 -58.91
C ARG F 106 -15.51 -25.83 -57.64
N ARG F 107 -15.70 -25.15 -56.52
CA ARG F 107 -15.28 -25.65 -55.21
C ARG F 107 -15.95 -26.98 -54.96
N LEU F 108 -15.25 -27.90 -54.30
CA LEU F 108 -15.86 -29.14 -53.86
C LEU F 108 -15.95 -29.14 -52.35
N ASP F 109 -17.04 -29.67 -51.81
CA ASP F 109 -17.16 -29.88 -50.39
C ASP F 109 -16.10 -30.89 -49.99
N PRO F 110 -15.18 -30.50 -49.09
CA PRO F 110 -14.42 -31.58 -48.46
C PRO F 110 -15.39 -32.46 -47.67
N ARG F 111 -14.98 -33.68 -47.32
CA ARG F 111 -15.84 -34.71 -46.70
C ARG F 111 -16.62 -35.52 -47.75
N GLN F 112 -16.52 -35.12 -49.00
CA GLN F 112 -17.17 -35.87 -50.06
C GLN F 112 -16.11 -36.29 -51.07
N VAL F 113 -14.85 -36.18 -50.67
CA VAL F 113 -13.72 -36.52 -51.53
C VAL F 113 -12.78 -37.51 -50.85
N GLN F 114 -12.40 -38.58 -51.56
CA GLN F 114 -11.43 -39.55 -51.03
C GLN F 114 -10.26 -39.67 -52.01
N TYR F 115 -9.03 -39.68 -51.49
CA TYR F 115 -7.84 -39.69 -52.35
C TYR F 115 -6.95 -40.90 -52.12
N VAL F 116 -7.09 -41.89 -53.00
CA VAL F 116 -6.17 -43.03 -53.07
C VAL F 116 -5.88 -43.36 -54.52
N TYR F 136 -5.90 -40.54 -57.61
CA TYR F 136 -7.21 -40.96 -58.08
C TYR F 136 -8.28 -40.50 -57.09
N PHE F 137 -8.96 -39.41 -57.45
CA PHE F 137 -9.90 -38.75 -56.54
C PHE F 137 -11.32 -39.31 -56.64
N ILE F 138 -11.87 -39.71 -55.50
CA ILE F 138 -13.20 -40.28 -55.43
C ILE F 138 -14.20 -39.27 -54.90
N TYR F 139 -14.83 -38.51 -55.79
CA TYR F 139 -15.82 -37.53 -55.36
C TYR F 139 -17.16 -38.18 -55.11
N ASP F 140 -17.51 -38.35 -53.84
CA ASP F 140 -18.85 -38.80 -53.47
C ASP F 140 -19.84 -37.68 -53.75
N THR F 141 -20.98 -38.02 -54.33
CA THR F 141 -21.99 -37.02 -54.65
C THR F 141 -23.20 -37.12 -53.73
N ALA F 142 -23.45 -36.05 -52.98
CA ALA F 142 -24.69 -35.93 -52.22
C ALA F 142 -25.66 -35.10 -53.03
N HIS F 143 -26.78 -35.70 -53.44
CA HIS F 143 -27.73 -34.98 -54.27
C HIS F 143 -27.10 -34.80 -55.64
N GLU F 144 -27.54 -33.82 -56.42
CA GLU F 144 -26.94 -33.60 -57.73
C GLU F 144 -26.18 -32.27 -57.75
N SER F 145 -24.89 -32.32 -58.09
CA SER F 145 -24.07 -31.10 -58.12
C SER F 145 -23.73 -30.51 -59.49
N TYR F 146 -23.21 -31.32 -60.41
CA TYR F 146 -22.84 -30.81 -61.74
C TYR F 146 -22.80 -31.86 -62.85
N ALA F 147 -22.92 -31.40 -64.09
CA ALA F 147 -22.90 -32.28 -65.26
C ALA F 147 -21.57 -32.29 -66.04
N CYS F 148 -20.58 -31.54 -65.56
CA CYS F 148 -19.29 -31.48 -66.24
C CYS F 148 -19.56 -31.38 -67.73
N ASP F 149 -18.54 -31.61 -68.54
CA ASP F 149 -18.68 -31.56 -69.99
C ASP F 149 -19.64 -32.63 -70.50
N GLY F 150 -19.56 -33.82 -69.91
CA GLY F 150 -20.36 -34.95 -70.30
C GLY F 150 -20.22 -36.09 -69.30
N ARG F 151 -21.17 -37.02 -69.31
CA ARG F 151 -22.27 -36.98 -70.26
C ARG F 151 -23.47 -36.23 -69.68
N MET F 152 -23.69 -36.35 -68.38
CA MET F 152 -24.83 -35.72 -67.72
C MET F 152 -24.63 -35.77 -66.19
N TYR F 153 -25.43 -35.00 -65.46
CA TYR F 153 -25.33 -34.91 -64.01
C TYR F 153 -25.58 -36.25 -63.31
N GLU F 154 -24.55 -36.78 -62.68
CA GLU F 154 -24.67 -38.00 -61.91
C GLU F 154 -25.42 -37.72 -60.60
N ALA F 155 -26.03 -38.75 -60.02
CA ALA F 155 -26.83 -38.59 -58.82
C ALA F 155 -26.62 -39.70 -57.80
N GLY F 156 -26.03 -39.34 -56.66
CA GLY F 156 -25.85 -40.28 -55.56
C GLY F 156 -24.72 -41.28 -55.74
N THR F 157 -23.95 -41.13 -56.81
CA THR F 157 -22.89 -42.09 -57.12
C THR F 157 -21.48 -41.51 -56.99
N LYS F 158 -20.54 -42.36 -56.59
CA LYS F 158 -19.14 -41.97 -56.46
C LYS F 158 -18.49 -41.81 -57.82
N ILE F 159 -18.36 -40.57 -58.29
CA ILE F 159 -17.72 -40.30 -59.58
C ILE F 159 -16.21 -40.15 -59.37
N LYS F 160 -15.44 -40.66 -60.31
CA LYS F 160 -13.99 -40.65 -60.18
C LYS F 160 -13.34 -39.62 -61.11
N ILE F 161 -12.53 -38.75 -60.54
CA ILE F 161 -11.79 -37.76 -61.31
C ILE F 161 -10.29 -38.04 -61.17
N PRO F 162 -9.54 -37.94 -62.29
CA PRO F 162 -8.08 -38.13 -62.25
C PRO F 162 -7.35 -37.04 -61.45
N LYS F 163 -6.19 -37.40 -60.89
CA LYS F 163 -5.38 -36.51 -60.07
C LYS F 163 -4.91 -35.28 -60.84
N ALA F 164 -5.31 -35.22 -62.09
CA ALA F 164 -5.30 -34.00 -62.87
C ALA F 164 -6.57 -34.05 -63.72
N ALA F 165 -7.28 -32.94 -63.83
CA ALA F 165 -6.87 -31.69 -63.21
C ALA F 165 -7.83 -31.29 -62.09
N VAL F 166 -7.38 -31.47 -60.86
CA VAL F 166 -8.07 -31.00 -59.66
C VAL F 166 -7.06 -30.40 -58.69
N VAL F 167 -7.21 -29.13 -58.35
CA VAL F 167 -6.22 -28.52 -57.45
C VAL F 167 -6.52 -28.99 -56.03
N TYR F 168 -5.52 -29.58 -55.39
CA TYR F 168 -5.70 -30.11 -54.04
C TYR F 168 -4.70 -29.42 -53.13
N ALA F 169 -5.19 -28.49 -52.33
CA ALA F 169 -4.31 -27.77 -51.44
C ALA F 169 -4.50 -28.20 -49.99
N HIS F 170 -3.45 -28.70 -49.37
CA HIS F 170 -3.57 -29.19 -48.01
C HIS F 170 -2.66 -28.40 -47.07
N SER F 171 -3.14 -28.18 -45.85
CA SER F 171 -2.31 -27.67 -44.76
C SER F 171 -1.14 -28.62 -44.53
N GLY F 172 0.07 -28.23 -44.93
CA GLY F 172 1.18 -29.17 -44.95
C GLY F 172 1.57 -29.87 -43.64
N LEU F 173 0.63 -30.54 -42.99
CA LEU F 173 0.93 -31.20 -41.71
C LEU F 173 0.85 -32.74 -41.67
N VAL F 174 1.94 -33.35 -41.19
CA VAL F 174 2.07 -34.81 -41.05
C VAL F 174 1.15 -35.52 -40.06
N ASP F 175 0.93 -34.91 -38.89
CA ASP F 175 0.10 -35.48 -37.81
C ASP F 175 0.90 -36.41 -36.88
N CYS F 176 0.23 -37.00 -35.89
CA CYS F 176 0.89 -37.89 -34.92
C CYS F 176 1.48 -39.13 -35.60
N CYS F 177 0.71 -39.73 -36.48
CA CYS F 177 1.15 -40.90 -37.25
C CYS F 177 1.05 -40.67 -38.76
N GLY F 178 2.16 -40.90 -39.47
CA GLY F 178 2.19 -40.75 -40.91
C GLY F 178 1.38 -41.81 -41.63
N LYS F 179 0.71 -41.44 -42.71
CA LYS F 179 0.68 -40.07 -43.18
C LYS F 179 -0.79 -39.69 -43.20
N ASN F 180 -1.14 -38.64 -42.47
CA ASN F 180 -2.52 -38.17 -42.40
C ASN F 180 -2.49 -36.65 -42.41
N ILE F 181 -3.57 -36.03 -42.87
CA ILE F 181 -3.56 -34.56 -42.89
C ILE F 181 -4.31 -33.95 -41.70
N ILE F 182 -3.66 -33.02 -41.01
CA ILE F 182 -4.25 -32.36 -39.85
C ILE F 182 -3.87 -30.88 -39.70
N GLY F 183 -4.68 -30.13 -38.97
CA GLY F 183 -4.45 -28.72 -38.72
C GLY F 183 -5.02 -27.73 -39.71
N TYR F 184 -4.75 -26.45 -39.46
CA TYR F 184 -3.95 -26.06 -38.31
C TYR F 184 -4.73 -25.87 -37.03
N LEU F 185 -6.01 -26.21 -37.04
CA LEU F 185 -6.82 -25.93 -35.88
C LEU F 185 -6.66 -27.01 -34.81
N HIS F 186 -6.19 -28.18 -35.20
CA HIS F 186 -6.07 -29.37 -34.33
C HIS F 186 -5.52 -29.12 -32.94
N ARG F 187 -4.33 -28.55 -32.82
CA ARG F 187 -3.75 -28.39 -31.50
C ARG F 187 -4.68 -27.68 -30.53
N ALA F 188 -5.57 -26.85 -31.05
CA ALA F 188 -6.51 -26.12 -30.20
C ALA F 188 -7.90 -26.75 -29.98
N VAL F 189 -8.12 -27.94 -30.53
CA VAL F 189 -9.39 -28.63 -30.39
C VAL F 189 -9.65 -29.16 -28.97
N LYS F 190 -8.64 -29.81 -28.41
CA LYS F 190 -8.74 -30.35 -27.05
C LYS F 190 -8.83 -29.20 -26.07
N PRO F 191 -7.96 -28.16 -26.33
CA PRO F 191 -8.05 -27.06 -25.37
C PRO F 191 -9.41 -26.37 -25.41
N ALA F 192 -9.96 -26.21 -26.61
CA ALA F 192 -11.23 -25.53 -26.74
C ALA F 192 -12.38 -26.31 -26.13
N ASN F 193 -12.31 -27.62 -26.22
CA ASN F 193 -13.35 -28.45 -25.66
C ASN F 193 -13.35 -28.42 -24.14
N GLN F 194 -12.28 -27.93 -23.53
CA GLN F 194 -12.24 -27.95 -22.08
C GLN F 194 -12.18 -26.55 -21.53
N LEU F 195 -12.22 -25.54 -22.37
CA LEU F 195 -12.46 -24.19 -21.84
C LEU F 195 -13.92 -24.02 -21.57
N LYS F 196 -14.74 -24.58 -22.47
CA LYS F 196 -16.19 -24.55 -22.39
C LYS F 196 -16.75 -25.51 -21.35
N LEU F 197 -16.02 -26.60 -21.13
CA LEU F 197 -16.34 -27.57 -20.09
C LEU F 197 -16.12 -27.00 -18.68
N LEU F 198 -16.00 -25.69 -18.62
CA LEU F 198 -15.81 -24.96 -17.41
C LEU F 198 -16.87 -23.90 -17.36
N GLU F 199 -17.22 -23.38 -18.54
CA GLU F 199 -18.23 -22.33 -18.68
C GLU F 199 -19.63 -22.87 -18.52
N ASP F 200 -19.76 -24.18 -18.69
CA ASP F 200 -21.00 -24.85 -18.35
C ASP F 200 -20.97 -25.25 -16.88
N ALA F 201 -19.79 -25.61 -16.41
CA ALA F 201 -19.58 -25.82 -15.00
C ALA F 201 -19.83 -24.55 -14.20
N VAL F 202 -19.32 -23.41 -14.64
CA VAL F 202 -19.46 -22.19 -13.84
C VAL F 202 -20.87 -21.64 -13.81
N VAL F 203 -21.65 -21.88 -14.87
CA VAL F 203 -23.04 -21.47 -14.81
C VAL F 203 -23.84 -22.55 -14.12
N ILE F 204 -23.42 -23.81 -14.24
CA ILE F 204 -24.22 -24.86 -13.65
C ILE F 204 -24.17 -24.78 -12.14
N TYR F 205 -23.05 -24.32 -11.62
CA TYR F 205 -22.97 -24.18 -10.20
C TYR F 205 -23.92 -23.08 -9.76
N ARG F 206 -24.00 -21.99 -10.53
CA ARG F 206 -24.77 -20.83 -10.12
C ARG F 206 -26.26 -20.88 -10.42
N ILE F 207 -26.64 -21.32 -11.61
CA ILE F 207 -28.03 -21.58 -11.94
C ILE F 207 -28.68 -22.36 -10.83
N THR F 208 -28.14 -23.55 -10.59
CA THR F 208 -28.63 -24.43 -9.54
C THR F 208 -28.23 -23.83 -8.20
N ARG F 209 -29.16 -23.89 -7.26
CA ARG F 209 -28.96 -23.34 -5.92
C ARG F 209 -29.20 -21.83 -5.95
N ALA F 210 -29.48 -21.32 -7.15
CA ALA F 210 -29.76 -19.91 -7.32
C ALA F 210 -31.04 -19.69 -6.55
N PRO F 211 -31.93 -20.67 -6.67
CA PRO F 211 -33.21 -20.65 -5.98
C PRO F 211 -33.11 -21.46 -4.70
N ASP F 212 -33.58 -20.93 -3.57
CA ASP F 212 -33.44 -21.70 -2.32
C ASP F 212 -34.39 -22.89 -2.38
N ARG F 213 -33.85 -24.05 -2.07
CA ARG F 213 -34.65 -25.28 -2.07
C ARG F 213 -34.80 -25.75 -0.65
N ARG F 214 -35.97 -26.27 -0.32
CA ARG F 214 -36.22 -26.73 1.03
C ARG F 214 -36.91 -28.08 1.02
N VAL F 215 -36.37 -29.02 1.80
CA VAL F 215 -36.95 -30.36 1.88
C VAL F 215 -37.78 -30.52 3.15
N TRP F 216 -39.09 -30.67 2.97
CA TRP F 216 -40.02 -30.71 4.09
C TRP F 216 -40.30 -32.13 4.53
N TYR F 217 -39.78 -32.54 5.69
CA TYR F 217 -40.09 -33.87 6.17
C TYR F 217 -41.27 -33.80 7.15
N VAL F 218 -42.39 -34.42 6.78
CA VAL F 218 -43.53 -34.58 7.69
C VAL F 218 -43.84 -36.07 7.85
N ASP F 219 -44.05 -36.52 9.09
CA ASP F 219 -44.17 -37.95 9.34
C ASP F 219 -45.61 -38.40 9.60
N THR F 220 -45.88 -39.66 9.25
CA THR F 220 -47.17 -40.30 9.52
C THR F 220 -46.94 -41.80 9.76
N GLY F 221 -47.05 -42.22 11.01
CA GLY F 221 -46.86 -43.61 11.36
C GLY F 221 -48.16 -44.40 11.40
N ASN F 222 -48.13 -45.60 10.85
CA ASN F 222 -49.23 -46.56 10.94
C ASN F 222 -50.53 -46.10 10.26
N MET F 223 -50.41 -45.52 9.08
CA MET F 223 -51.57 -45.25 8.24
C MET F 223 -51.22 -45.60 6.79
N PRO F 224 -52.14 -46.30 6.11
CA PRO F 224 -51.88 -46.82 4.76
C PRO F 224 -51.50 -45.71 3.78
N ALA F 225 -50.64 -46.02 2.81
CA ALA F 225 -50.20 -45.03 1.83
C ALA F 225 -51.36 -44.50 1.00
N ARG F 226 -52.45 -45.27 0.93
CA ARG F 226 -53.66 -44.86 0.24
C ARG F 226 -54.27 -43.62 0.90
N LYS F 227 -54.26 -43.60 2.24
CA LYS F 227 -54.89 -42.51 2.98
C LYS F 227 -53.85 -41.62 3.69
N ALA F 228 -52.60 -42.07 3.72
CA ALA F 228 -51.51 -41.26 4.27
C ALA F 228 -51.19 -40.12 3.34
N ALA F 229 -51.27 -40.38 2.04
CA ALA F 229 -51.03 -39.38 1.03
C ALA F 229 -52.07 -38.25 1.11
N GLU F 230 -53.21 -38.53 1.73
CA GLU F 230 -54.25 -37.52 1.93
C GLU F 230 -53.82 -36.51 2.99
N HIS F 231 -52.90 -36.92 3.87
CA HIS F 231 -52.33 -36.04 4.88
C HIS F 231 -51.17 -35.27 4.26
N MET F 232 -50.87 -35.58 3.01
CA MET F 232 -49.87 -34.85 2.25
C MET F 232 -50.53 -33.90 1.26
N GLN F 233 -51.74 -34.24 0.80
CA GLN F 233 -52.47 -33.37 -0.10
C GLN F 233 -52.92 -32.10 0.60
N HIS F 234 -52.96 -32.13 1.93
CA HIS F 234 -53.44 -30.98 2.71
C HIS F 234 -52.35 -29.98 3.06
N VAL F 235 -51.10 -30.42 3.15
CA VAL F 235 -50.00 -29.51 3.45
C VAL F 235 -49.50 -28.78 2.20
N MET F 236 -49.92 -29.26 1.03
CA MET F 236 -49.64 -28.53 -0.21
C MET F 236 -50.69 -27.43 -0.40
N ASN F 237 -51.95 -27.82 -0.51
CA ASN F 237 -53.05 -26.89 -0.80
C ASN F 237 -53.24 -25.79 0.25
N THR F 238 -52.44 -25.81 1.32
CA THR F 238 -52.54 -24.81 2.38
C THR F 238 -51.27 -23.97 2.53
N MET F 239 -50.13 -24.50 2.09
CA MET F 239 -48.85 -23.84 2.38
C MET F 239 -47.90 -23.82 1.18
N LYS F 240 -48.39 -24.26 0.03
CA LYS F 240 -47.57 -24.29 -1.18
C LYS F 240 -47.28 -22.88 -1.68
N ASN F 241 -46.07 -22.63 -2.16
CA ASN F 241 -45.73 -21.29 -2.63
C ASN F 241 -45.73 -21.11 -4.15
N ARG F 242 -46.56 -20.16 -4.62
CA ARG F 242 -46.66 -19.87 -6.05
C ARG F 242 -45.79 -18.70 -6.52
N VAL F 243 -45.11 -18.05 -5.59
CA VAL F 243 -44.24 -16.93 -5.93
C VAL F 243 -43.30 -17.31 -7.08
N VAL F 244 -43.32 -16.50 -8.15
CA VAL F 244 -42.52 -16.76 -9.35
C VAL F 244 -41.75 -15.52 -9.79
N TYR F 245 -40.65 -15.72 -10.52
CA TYR F 245 -39.93 -14.64 -11.16
C TYR F 245 -39.76 -14.94 -12.63
N ASP F 246 -40.28 -14.07 -13.49
CA ASP F 246 -40.21 -14.33 -14.93
C ASP F 246 -39.20 -13.42 -15.61
N ALA F 247 -38.37 -14.02 -16.47
CA ALA F 247 -37.24 -13.34 -17.11
C ALA F 247 -37.63 -12.45 -18.30
N SER F 248 -38.89 -12.51 -18.70
CA SER F 248 -39.39 -11.62 -19.75
C SER F 248 -39.40 -10.19 -19.19
N THR F 249 -40.24 -9.99 -18.19
CA THR F 249 -40.35 -8.73 -17.49
C THR F 249 -39.99 -9.18 -16.09
N GLY F 250 -39.10 -8.45 -15.43
CA GLY F 250 -38.69 -8.88 -14.11
C GLY F 250 -39.65 -8.46 -13.02
N LYS F 251 -40.83 -9.08 -12.99
CA LYS F 251 -41.79 -8.76 -11.96
C LYS F 251 -42.10 -10.05 -11.25
N ILE F 252 -42.72 -9.95 -10.08
CA ILE F 252 -43.04 -11.15 -9.34
C ILE F 252 -44.53 -11.45 -9.50
N LYS F 253 -44.81 -12.39 -10.39
CA LYS F 253 -46.15 -12.70 -10.84
C LYS F 253 -47.10 -13.11 -9.71
N ASN F 254 -48.38 -12.78 -9.86
CA ASN F 254 -49.41 -13.07 -8.86
C ASN F 254 -49.14 -12.43 -7.51
N GLN F 255 -48.27 -11.43 -7.48
CA GLN F 255 -48.01 -10.70 -6.25
C GLN F 255 -48.06 -9.19 -6.48
N GLN F 256 -49.26 -8.69 -6.76
CA GLN F 256 -49.47 -7.27 -6.96
C GLN F 256 -50.54 -6.82 -5.96
N HIS F 257 -50.23 -5.81 -5.16
CA HIS F 257 -48.95 -5.11 -5.25
C HIS F 257 -48.20 -5.08 -3.92
N ASN F 258 -46.89 -4.88 -4.01
CA ASN F 258 -45.98 -4.83 -2.87
C ASN F 258 -45.42 -6.20 -2.50
N MET F 259 -44.48 -6.22 -1.55
CA MET F 259 -43.85 -7.47 -1.13
C MET F 259 -43.96 -7.75 0.37
N SER F 260 -44.32 -8.99 0.70
CA SER F 260 -44.45 -9.43 2.07
C SER F 260 -43.16 -9.07 2.80
N MET F 261 -43.29 -8.49 3.98
CA MET F 261 -42.13 -8.16 4.77
C MET F 261 -41.54 -9.45 5.30
N THR F 262 -42.38 -10.46 5.55
CA THR F 262 -41.88 -11.72 6.08
C THR F 262 -42.85 -12.89 5.87
N GLU F 263 -42.31 -14.11 5.88
CA GLU F 263 -43.09 -15.33 5.62
C GLU F 263 -43.52 -16.08 6.86
N ASP F 264 -44.41 -17.04 6.70
CA ASP F 264 -44.91 -17.79 7.85
C ASP F 264 -45.41 -19.20 7.48
N TYR F 265 -44.59 -20.21 7.79
CA TYR F 265 -44.94 -21.59 7.50
C TYR F 265 -45.28 -22.34 8.79
N TRP F 266 -46.35 -23.14 8.75
CA TRP F 266 -46.89 -23.79 9.97
C TRP F 266 -46.98 -25.33 9.94
N LEU F 267 -46.02 -25.99 10.60
CA LEU F 267 -45.96 -27.45 10.61
C LEU F 267 -46.24 -28.01 12.00
N GLN F 268 -46.82 -29.20 12.05
CA GLN F 268 -47.26 -29.79 13.32
C GLN F 268 -46.73 -31.20 13.52
N ARG F 269 -45.68 -31.31 14.33
CA ARG F 269 -45.12 -32.59 14.69
C ARG F 269 -46.15 -33.36 15.52
N ARG F 270 -46.89 -34.26 14.85
CA ARG F 270 -48.00 -34.96 15.49
C ARG F 270 -47.58 -35.79 16.70
N ASP F 271 -46.42 -36.43 16.62
CA ASP F 271 -45.83 -37.15 17.75
C ASP F 271 -45.29 -36.18 18.78
N GLY F 272 -45.00 -36.67 19.97
CA GLY F 272 -44.33 -35.86 20.96
C GLY F 272 -42.82 -35.91 20.77
N LYS F 273 -42.34 -35.67 19.55
CA LYS F 273 -40.91 -35.67 19.26
C LYS F 273 -40.54 -34.95 17.95
N ALA F 274 -39.35 -34.34 17.96
CA ALA F 274 -38.94 -33.38 16.93
C ALA F 274 -38.49 -34.02 15.61
N VAL F 275 -39.44 -34.51 14.83
CA VAL F 275 -39.11 -35.23 13.62
C VAL F 275 -39.58 -34.55 12.31
N THR F 276 -40.59 -33.67 12.42
CA THR F 276 -41.07 -32.91 11.27
C THR F 276 -40.41 -31.52 11.19
N GLU F 277 -39.70 -31.27 10.09
CA GLU F 277 -38.95 -30.03 9.95
C GLU F 277 -38.53 -29.72 8.53
N VAL F 278 -38.19 -28.45 8.33
CA VAL F 278 -37.65 -27.97 7.07
C VAL F 278 -36.14 -27.84 7.18
N ASP F 279 -35.43 -28.51 6.30
CA ASP F 279 -33.99 -28.35 6.23
C ASP F 279 -33.63 -27.74 4.88
N THR F 280 -33.28 -26.47 4.91
CA THR F 280 -32.81 -25.81 3.72
C THR F 280 -31.56 -26.49 3.19
N LEU F 281 -31.53 -26.73 1.88
CA LEU F 281 -30.34 -27.24 1.21
C LEU F 281 -29.36 -26.09 0.97
N PRO F 282 -28.04 -26.40 0.97
CA PRO F 282 -27.00 -25.36 1.01
C PRO F 282 -27.17 -24.27 -0.03
N GLY F 283 -26.76 -23.06 0.33
CA GLY F 283 -26.73 -21.97 -0.62
C GLY F 283 -25.40 -22.01 -1.33
N ALA F 284 -25.39 -21.56 -2.57
CA ALA F 284 -24.17 -21.48 -3.36
C ALA F 284 -23.29 -20.35 -2.86
N ASP F 285 -22.42 -20.65 -1.90
CA ASP F 285 -21.52 -19.64 -1.38
C ASP F 285 -20.44 -19.47 -2.42
N ASN F 286 -20.18 -18.22 -2.79
CA ASN F 286 -19.16 -17.96 -3.80
C ASN F 286 -17.75 -17.85 -3.26
N THR F 287 -17.17 -18.96 -2.83
CA THR F 287 -15.80 -18.88 -2.33
C THR F 287 -14.87 -18.56 -3.52
N GLY F 288 -14.99 -19.36 -4.59
CA GLY F 288 -14.26 -19.14 -5.85
C GLY F 288 -14.28 -17.69 -6.29
N ASN F 289 -13.16 -16.95 -6.27
CA ASN F 289 -11.74 -17.37 -6.25
C ASN F 289 -11.37 -17.92 -7.62
N MET F 290 -11.96 -17.34 -8.67
CA MET F 290 -11.87 -17.91 -10.03
C MET F 290 -10.70 -17.42 -10.89
N GLU F 291 -9.49 -17.92 -10.63
CA GLU F 291 -8.34 -17.67 -11.49
C GLU F 291 -8.14 -18.89 -12.37
N ASP F 292 -9.22 -19.64 -12.54
CA ASP F 292 -9.17 -20.99 -13.11
C ASP F 292 -9.45 -21.07 -14.61
N ILE F 293 -10.64 -20.64 -14.99
CA ILE F 293 -10.99 -20.41 -16.39
C ILE F 293 -10.05 -19.37 -17.00
N ARG F 294 -9.67 -18.37 -16.22
CA ARG F 294 -8.72 -17.41 -16.73
C ARG F 294 -7.41 -18.08 -17.09
N TRP F 295 -7.21 -19.32 -16.66
CA TRP F 295 -6.01 -20.08 -17.05
C TRP F 295 -6.20 -20.68 -18.42
N PHE F 296 -7.33 -21.36 -18.60
CA PHE F 296 -7.59 -22.11 -19.81
C PHE F 296 -7.97 -21.25 -20.99
N ARG F 297 -8.32 -20.00 -20.74
CA ARG F 297 -8.58 -19.14 -21.87
C ARG F 297 -7.24 -18.66 -22.40
N GLN F 298 -6.26 -18.43 -21.54
CA GLN F 298 -4.95 -18.05 -22.06
C GLN F 298 -4.29 -19.22 -22.80
N ALA F 299 -4.67 -20.44 -22.43
CA ALA F 299 -4.18 -21.60 -23.15
C ALA F 299 -4.76 -21.58 -24.54
N LEU F 300 -6.07 -21.85 -24.67
CA LEU F 300 -6.73 -21.90 -25.99
C LEU F 300 -6.28 -20.80 -26.93
N TYR F 301 -5.92 -19.66 -26.35
CA TYR F 301 -5.45 -18.52 -27.12
C TYR F 301 -3.99 -18.64 -27.61
N MET F 302 -3.17 -19.44 -26.92
CA MET F 302 -1.79 -19.67 -27.33
C MET F 302 -1.76 -20.80 -28.30
N ALA F 303 -2.81 -21.59 -28.26
CA ALA F 303 -2.86 -22.77 -29.06
C ALA F 303 -3.39 -22.44 -30.43
N LEU F 304 -4.07 -21.31 -30.55
CA LEU F 304 -4.64 -20.86 -31.82
C LEU F 304 -3.58 -20.46 -32.83
N ARG F 305 -2.53 -19.80 -32.34
CA ARG F 305 -1.44 -19.28 -33.17
C ARG F 305 -1.56 -17.77 -33.37
N VAL F 306 -2.62 -17.18 -32.82
CA VAL F 306 -2.78 -15.75 -32.89
C VAL F 306 -1.98 -15.16 -31.73
N PRO F 307 -1.20 -14.09 -31.99
CA PRO F 307 -0.36 -13.45 -30.96
C PRO F 307 -1.18 -13.00 -29.77
N LEU F 308 -0.62 -13.03 -28.57
CA LEU F 308 -1.39 -12.64 -27.39
C LEU F 308 -1.51 -11.13 -27.28
N SER F 309 -0.70 -10.41 -28.05
CA SER F 309 -0.66 -8.94 -27.97
C SER F 309 -1.90 -8.32 -28.64
N ARG F 310 -2.74 -9.16 -29.25
CA ARG F 310 -4.00 -8.66 -29.73
C ARG F 310 -4.50 -8.45 -28.32
N ILE F 311 -5.45 -7.55 -28.08
CA ILE F 311 -5.90 -7.29 -26.69
C ILE F 311 -7.03 -8.12 -26.07
N PRO F 312 -6.76 -9.45 -25.70
CA PRO F 312 -7.90 -10.14 -25.08
C PRO F 312 -8.23 -9.55 -23.71
N GLN F 313 -7.18 -9.23 -22.96
CA GLN F 313 -7.32 -8.66 -21.62
C GLN F 313 -7.85 -7.23 -21.67
N ASP F 314 -8.42 -6.77 -20.56
CA ASP F 314 -8.98 -5.44 -20.50
C ASP F 314 -7.85 -4.45 -20.77
N GLN F 315 -6.67 -4.74 -20.24
CA GLN F 315 -5.51 -3.89 -20.47
C GLN F 315 -5.75 -2.43 -20.13
N GLN F 316 -6.29 -2.16 -18.94
CA GLN F 316 -6.54 -0.78 -18.55
C GLN F 316 -5.19 -0.07 -18.61
N GLY F 317 -5.19 1.14 -19.17
CA GLY F 317 -3.96 1.88 -19.34
C GLY F 317 -2.93 1.00 -20.02
N GLY F 318 -1.78 0.78 -19.38
CA GLY F 318 -1.45 1.37 -18.08
C GLY F 318 -1.26 2.87 -17.94
N VAL F 319 -0.53 3.53 -18.83
CA VAL F 319 0.07 2.93 -20.02
C VAL F 319 1.53 2.52 -19.78
N MET F 320 2.15 1.97 -20.82
CA MET F 320 3.47 1.32 -20.70
C MET F 320 4.66 2.23 -20.30
N PHE F 321 4.92 3.37 -20.97
CA PHE F 321 4.09 3.97 -22.00
C PHE F 321 4.89 4.47 -23.20
N ASP F 322 4.22 4.58 -24.34
CA ASP F 322 4.79 5.18 -25.55
C ASP F 322 3.66 5.70 -26.44
N SER F 323 3.94 6.73 -27.22
CA SER F 323 2.91 7.36 -28.05
C SER F 323 2.61 6.52 -29.29
N GLY F 324 3.60 5.74 -29.73
CA GLY F 324 3.44 4.87 -30.88
C GLY F 324 3.78 3.44 -30.52
N THR F 325 2.81 2.54 -30.65
CA THR F 325 3.01 1.14 -30.29
C THR F 325 4.04 0.49 -31.20
N SER F 326 5.00 -0.17 -30.58
CA SER F 326 6.17 -0.71 -31.29
C SER F 326 5.94 -2.11 -31.84
N ILE F 327 6.86 -2.56 -32.67
CA ILE F 327 6.84 -3.94 -33.14
C ILE F 327 7.43 -4.83 -32.06
N THR F 328 6.60 -5.67 -31.47
CA THR F 328 7.05 -6.64 -30.48
C THR F 328 7.67 -7.79 -31.22
N ARG F 329 8.21 -8.79 -30.52
CA ARG F 329 8.73 -9.94 -31.22
C ARG F 329 7.59 -10.90 -31.48
N ASP F 330 6.57 -10.83 -30.63
CA ASP F 330 5.33 -11.59 -30.81
C ASP F 330 4.74 -11.38 -32.18
N GLU F 331 4.35 -10.14 -32.44
CA GLU F 331 3.73 -9.74 -33.69
C GLU F 331 4.60 -10.06 -34.88
N LEU F 332 5.89 -9.83 -34.72
CA LEU F 332 6.87 -10.10 -35.76
C LEU F 332 6.93 -11.58 -36.13
N THR F 333 6.89 -12.44 -35.11
CA THR F 333 6.80 -13.90 -35.30
C THR F 333 5.63 -14.26 -36.19
N PHE F 334 4.44 -13.80 -35.78
CA PHE F 334 3.18 -14.11 -36.46
C PHE F 334 3.16 -13.73 -37.92
N ALA F 335 3.80 -12.63 -38.29
CA ALA F 335 3.83 -12.25 -39.69
C ALA F 335 4.49 -13.41 -40.43
N LYS F 336 5.52 -13.98 -39.80
CA LYS F 336 6.25 -15.12 -40.35
C LYS F 336 5.35 -16.36 -40.48
N PHE F 337 4.52 -16.62 -39.48
CA PHE F 337 3.63 -17.78 -39.50
C PHE F 337 2.68 -17.65 -40.68
N ILE F 338 2.18 -16.43 -40.85
CA ILE F 338 1.30 -16.08 -41.97
C ILE F 338 1.98 -16.26 -43.30
N ARG F 339 3.07 -15.54 -43.53
CA ARG F 339 3.72 -15.60 -44.82
C ARG F 339 4.19 -17.01 -45.11
N GLU F 340 4.16 -17.89 -44.12
CA GLU F 340 4.38 -19.29 -44.41
C GLU F 340 3.10 -19.96 -44.90
N LEU F 341 1.96 -19.55 -44.33
CA LEU F 341 0.65 -20.02 -44.80
C LEU F 341 0.46 -19.67 -46.26
N GLN F 342 0.42 -18.37 -46.55
CA GLN F 342 0.30 -17.85 -47.91
C GLN F 342 1.11 -18.65 -48.91
N HIS F 343 2.27 -19.16 -48.47
CA HIS F 343 3.08 -20.00 -49.34
C HIS F 343 2.59 -21.44 -49.44
N LYS F 344 1.55 -21.79 -48.68
CA LYS F 344 0.94 -23.11 -48.79
C LYS F 344 -0.32 -23.00 -49.64
N PHE F 345 -1.02 -21.89 -49.44
CA PHE F 345 -2.19 -21.51 -50.21
C PHE F 345 -1.71 -20.88 -51.52
N GLU F 346 -0.39 -20.79 -51.69
CA GLU F 346 0.20 -20.39 -52.95
C GLU F 346 -0.20 -21.39 -54.03
N GLU F 347 -0.31 -22.64 -53.63
CA GLU F 347 -0.59 -23.74 -54.52
C GLU F 347 -1.86 -23.54 -55.32
N VAL F 348 -2.91 -23.03 -54.69
CA VAL F 348 -4.20 -22.89 -55.35
C VAL F 348 -4.18 -21.92 -56.52
N PHE F 349 -3.04 -21.26 -56.73
CA PHE F 349 -2.89 -20.37 -57.86
C PHE F 349 -1.99 -20.97 -58.96
N LEU F 350 -1.00 -21.74 -58.56
CA LEU F 350 0.01 -22.18 -59.51
C LEU F 350 -0.34 -23.46 -60.27
N ASP F 351 -1.26 -24.30 -59.77
CA ASP F 351 -1.70 -25.42 -60.59
C ASP F 351 -3.02 -25.17 -61.35
N PRO F 352 -3.77 -24.09 -61.04
CA PRO F 352 -4.72 -23.81 -62.11
C PRO F 352 -4.05 -23.03 -63.24
N LEU F 353 -2.99 -22.30 -62.92
CA LEU F 353 -2.28 -21.49 -63.91
C LEU F 353 -1.40 -22.36 -64.82
N LYS F 354 -0.56 -23.21 -64.22
CA LYS F 354 0.40 -23.99 -65.01
C LYS F 354 -0.28 -25.01 -65.92
N THR F 355 -1.40 -25.56 -65.49
CA THR F 355 -2.14 -26.50 -66.34
C THR F 355 -2.96 -25.75 -67.37
N ASN F 356 -3.15 -24.44 -67.17
CA ASN F 356 -3.85 -23.59 -68.12
C ASN F 356 -2.87 -22.91 -69.06
N LEU F 357 -1.61 -22.85 -68.62
CA LEU F 357 -0.52 -22.26 -69.40
C LEU F 357 0.23 -23.35 -70.17
N LEU F 358 -0.38 -24.53 -70.21
CA LEU F 358 0.11 -25.67 -70.95
C LEU F 358 -1.04 -26.13 -71.83
N LEU F 359 -2.24 -26.06 -71.27
CA LEU F 359 -3.47 -26.28 -72.02
C LEU F 359 -3.52 -25.27 -73.16
N LYS F 360 -3.24 -24.01 -72.83
CA LYS F 360 -3.33 -22.90 -73.80
C LYS F 360 -2.16 -22.88 -74.77
N GLY F 361 -1.01 -23.34 -74.32
CA GLY F 361 0.18 -23.34 -75.14
C GLY F 361 1.28 -22.52 -74.51
N ILE F 362 2.07 -21.84 -75.33
CA ILE F 362 3.26 -21.10 -74.89
C ILE F 362 4.24 -22.07 -74.18
N ILE F 363 4.59 -21.80 -72.93
CA ILE F 363 5.64 -22.54 -72.23
C ILE F 363 5.28 -24.01 -71.94
N THR F 364 6.23 -24.91 -72.19
CA THR F 364 6.04 -26.34 -71.88
C THR F 364 6.44 -26.66 -70.45
N GLU F 365 6.13 -27.88 -70.01
CA GLU F 365 6.45 -28.33 -68.66
C GLU F 365 7.97 -28.39 -68.43
N ASP F 366 8.71 -28.74 -69.47
CA ASP F 366 10.17 -28.84 -69.37
C ASP F 366 10.85 -27.48 -69.21
N GLU F 367 10.14 -26.41 -69.56
CA GLU F 367 10.65 -25.06 -69.38
C GLU F 367 10.26 -24.52 -68.01
N TRP F 368 9.08 -24.90 -67.56
CA TRP F 368 8.52 -24.44 -66.29
C TRP F 368 9.39 -24.82 -65.09
N ASN F 369 9.98 -26.00 -65.14
CA ASN F 369 10.76 -26.54 -64.03
C ASN F 369 11.88 -25.62 -63.55
N ASP F 370 12.45 -24.85 -64.47
CA ASP F 370 13.58 -23.98 -64.16
C ASP F 370 13.13 -22.64 -63.61
N GLU F 371 11.93 -22.22 -63.98
CA GLU F 371 11.40 -20.92 -63.59
C GLU F 371 11.04 -20.85 -62.09
N ILE F 372 10.72 -22.01 -61.51
CA ILE F 372 10.40 -22.05 -60.08
C ILE F 372 11.09 -23.22 -59.38
N ASN F 373 12.21 -22.96 -58.72
CA ASN F 373 12.85 -21.64 -58.67
C ASN F 373 11.97 -20.53 -58.10
N ASN F 374 11.92 -19.41 -58.81
CA ASN F 374 11.14 -18.26 -58.39
C ASN F 374 10.19 -17.69 -59.44
N ILE F 375 8.91 -17.89 -59.19
CA ILE F 375 7.85 -17.11 -59.84
C ILE F 375 6.90 -16.68 -58.70
N LYS F 376 7.41 -15.78 -57.86
CA LYS F 376 6.76 -15.39 -56.62
C LYS F 376 5.35 -14.85 -56.79
N ILE F 377 4.43 -15.35 -55.98
CA ILE F 377 3.10 -14.78 -55.86
C ILE F 377 3.02 -13.90 -54.62
N GLU F 378 3.08 -12.59 -54.83
CA GLU F 378 3.02 -11.63 -53.73
C GLU F 378 1.60 -11.41 -53.24
N PHE F 379 1.34 -11.76 -51.99
CA PHE F 379 0.14 -11.26 -51.33
C PHE F 379 0.41 -9.83 -50.92
N HIS F 380 -0.64 -9.03 -50.83
CA HIS F 380 -0.50 -7.66 -50.35
C HIS F 380 -0.60 -7.70 -48.85
N ARG F 381 0.24 -6.93 -48.15
CA ARG F 381 0.16 -6.85 -46.69
C ARG F 381 -0.79 -5.74 -46.29
N ASP F 382 -0.84 -5.40 -45.00
CA ASP F 382 -1.64 -4.25 -44.63
C ASP F 382 -0.83 -2.99 -44.81
N SER F 383 -1.33 -2.13 -45.69
CA SER F 383 -0.74 -0.84 -45.97
C SER F 383 -0.35 -0.07 -44.71
N TYR F 384 -1.18 -0.16 -43.67
CA TYR F 384 -0.93 0.64 -42.48
C TYR F 384 0.26 0.18 -41.67
N PHE F 385 0.50 -1.12 -41.59
CA PHE F 385 1.55 -1.59 -40.67
C PHE F 385 2.84 -1.92 -41.38
N ALA F 386 2.81 -1.81 -42.70
CA ALA F 386 4.05 -1.72 -43.42
C ALA F 386 4.70 -0.44 -42.95
N GLU F 387 3.96 0.67 -43.04
CA GLU F 387 4.45 1.97 -42.58
C GLU F 387 4.87 1.92 -41.12
N LEU F 388 3.96 1.52 -40.25
CA LEU F 388 4.18 1.61 -38.82
C LEU F 388 5.30 0.68 -38.32
N LYS F 389 5.69 -0.28 -39.15
CA LYS F 389 6.91 -1.06 -38.91
C LYS F 389 8.13 -0.33 -39.45
N GLU F 390 8.05 0.04 -40.73
CA GLU F 390 9.12 0.79 -41.41
C GLU F 390 9.33 2.19 -40.84
N ALA F 391 8.69 2.48 -39.72
CA ALA F 391 8.87 3.77 -39.10
C ALA F 391 9.69 3.62 -37.86
N GLU F 392 9.75 2.41 -37.31
CA GLU F 392 10.58 2.14 -36.16
C GLU F 392 11.98 1.71 -36.59
N ILE F 393 12.03 0.94 -37.67
CA ILE F 393 13.29 0.63 -38.33
C ILE F 393 14.03 1.92 -38.65
N LEU F 394 13.37 2.80 -39.39
CA LEU F 394 13.98 4.05 -39.81
C LEU F 394 14.18 5.04 -38.66
N GLU F 395 13.34 4.98 -37.63
CA GLU F 395 13.53 5.81 -36.46
C GLU F 395 14.85 5.47 -35.74
N ARG F 396 15.16 4.19 -35.66
CA ARG F 396 16.36 3.72 -34.99
C ARG F 396 17.62 3.95 -35.82
N ARG F 397 17.51 3.88 -37.14
CA ARG F 397 18.66 4.06 -38.00
C ARG F 397 19.08 5.50 -38.03
N ILE F 398 18.14 6.41 -37.81
CA ILE F 398 18.50 7.81 -37.75
C ILE F 398 19.02 8.13 -36.35
N ASN F 399 18.48 7.46 -35.34
CA ASN F 399 18.92 7.67 -33.96
C ASN F 399 20.36 7.23 -33.75
N MET F 400 20.73 6.16 -34.44
CA MET F 400 22.12 5.71 -34.52
C MET F 400 22.94 6.76 -35.24
N LEU F 401 22.43 7.20 -36.38
CA LEU F 401 23.17 8.08 -37.25
C LEU F 401 23.41 9.46 -36.64
N THR F 402 22.48 9.96 -35.82
CA THR F 402 22.72 11.24 -35.14
C THR F 402 23.77 11.02 -34.05
N MET F 403 23.67 9.85 -33.41
CA MET F 403 24.50 9.49 -32.28
C MET F 403 25.96 9.25 -32.67
N ALA F 404 26.15 8.56 -33.79
CA ALA F 404 27.48 8.28 -34.30
C ALA F 404 27.83 9.21 -35.43
N GLU F 405 27.45 10.48 -35.29
CA GLU F 405 27.68 11.46 -36.35
C GLU F 405 29.02 12.23 -36.28
N PRO F 406 29.47 12.65 -35.08
CA PRO F 406 30.68 13.49 -35.12
C PRO F 406 31.89 12.71 -35.61
N PHE F 407 31.80 11.39 -35.58
CA PHE F 407 32.89 10.53 -36.01
C PHE F 407 32.83 10.15 -37.48
N ILE F 408 31.77 10.56 -38.19
CA ILE F 408 31.58 10.09 -39.57
C ILE F 408 32.60 10.74 -40.50
N GLY F 409 33.18 11.86 -40.08
CA GLY F 409 34.28 12.37 -40.86
C GLY F 409 35.59 11.67 -40.50
N LYS F 410 35.77 11.37 -39.21
CA LYS F 410 37.06 10.97 -38.71
C LYS F 410 37.37 9.48 -38.82
N TYR F 411 36.40 8.62 -38.54
CA TYR F 411 36.71 7.19 -38.43
C TYR F 411 36.05 6.29 -39.47
N ILE F 412 34.73 6.38 -39.57
CA ILE F 412 33.93 5.64 -40.55
C ILE F 412 33.61 6.53 -41.76
N SER F 413 33.81 6.05 -42.98
CA SER F 413 33.56 6.91 -44.14
C SER F 413 32.12 7.34 -44.22
N HIS F 414 31.80 8.23 -45.18
CA HIS F 414 30.41 8.54 -45.42
C HIS F 414 29.75 7.35 -46.13
N ARG F 415 30.40 6.86 -47.17
CA ARG F 415 29.93 5.69 -47.88
C ARG F 415 29.72 4.50 -46.95
N THR F 416 30.61 4.36 -45.98
CA THR F 416 30.61 3.19 -45.13
C THR F 416 29.46 3.20 -44.14
N ALA F 417 29.14 4.37 -43.60
CA ALA F 417 28.00 4.49 -42.69
C ALA F 417 26.68 4.39 -43.45
N MET F 418 26.63 5.07 -44.58
CA MET F 418 25.44 5.11 -45.43
C MET F 418 24.97 3.71 -45.81
N LYS F 419 25.87 2.74 -45.77
CA LYS F 419 25.59 1.40 -46.27
C LYS F 419 25.49 0.37 -45.14
N ASP F 420 25.85 0.76 -43.93
CA ASP F 420 25.71 -0.15 -42.79
C ASP F 420 25.05 0.50 -41.56
N ILE F 421 24.84 1.81 -41.59
CA ILE F 421 24.01 2.46 -40.57
C ILE F 421 22.62 2.67 -41.16
N LEU F 422 22.55 2.92 -42.46
CA LEU F 422 21.27 3.10 -43.13
C LEU F 422 20.78 1.84 -43.84
N GLN F 423 21.69 0.89 -44.02
CA GLN F 423 21.38 -0.40 -44.63
C GLN F 423 20.90 -0.26 -46.07
N MET F 424 21.31 0.81 -46.73
CA MET F 424 21.03 0.96 -48.15
C MET F 424 21.87 -0.02 -48.96
N THR F 425 21.74 0.06 -50.28
CA THR F 425 22.65 -0.67 -51.16
C THR F 425 23.31 0.30 -52.13
N ASP F 426 24.28 -0.20 -52.88
CA ASP F 426 25.14 0.63 -53.73
C ASP F 426 24.38 1.40 -54.81
N GLU F 427 23.57 0.69 -55.59
CA GLU F 427 22.87 1.31 -56.70
C GLU F 427 21.78 2.27 -56.20
N GLU F 428 21.45 2.18 -54.91
CA GLU F 428 20.55 3.15 -54.29
C GLU F 428 21.29 4.45 -53.99
N ILE F 429 22.55 4.33 -53.59
CA ILE F 429 23.40 5.49 -53.37
C ILE F 429 23.83 6.08 -54.72
N GLU F 430 24.17 5.22 -55.66
CA GLU F 430 24.47 5.65 -57.02
C GLU F 430 23.32 6.50 -57.58
N GLN F 431 22.15 5.87 -57.66
CA GLN F 431 20.94 6.51 -58.16
C GLN F 431 20.65 7.83 -57.45
N GLU F 432 20.81 7.84 -56.13
CA GLU F 432 20.49 9.02 -55.36
C GLU F 432 21.49 10.14 -55.55
N ALA F 433 22.78 9.81 -55.56
CA ALA F 433 23.83 10.81 -55.71
C ALA F 433 23.66 11.63 -57.00
N LYS F 434 23.27 10.94 -58.08
CA LYS F 434 22.98 11.60 -59.34
C LYS F 434 21.73 12.48 -59.23
N GLN F 435 20.70 11.93 -58.59
CA GLN F 435 19.41 12.59 -58.43
C GLN F 435 19.53 13.89 -57.63
N ILE F 436 20.22 13.81 -56.51
CA ILE F 436 20.29 14.90 -55.54
C ILE F 436 21.01 16.13 -56.08
N GLU F 437 21.67 15.98 -57.23
CA GLU F 437 22.37 17.11 -57.85
C GLU F 437 21.40 18.19 -58.30
N GLU F 438 20.25 17.79 -58.84
CA GLU F 438 19.32 18.74 -59.45
C GLU F 438 18.44 19.38 -58.40
N GLU F 439 18.29 18.72 -57.26
CA GLU F 439 17.64 19.31 -56.11
C GLU F 439 18.30 20.64 -55.77
N SER F 440 19.62 20.67 -55.94
CA SER F 440 20.41 21.85 -55.62
C SER F 440 20.45 22.81 -56.80
N LYS F 441 19.50 22.70 -57.72
CA LYS F 441 19.48 23.58 -58.89
C LYS F 441 18.15 24.24 -59.24
N GLU F 442 17.72 25.26 -58.49
CA GLU F 442 18.41 25.73 -57.29
C GLU F 442 17.40 25.74 -56.15
N ALA F 443 16.22 26.28 -56.45
CA ALA F 443 15.09 26.39 -55.51
C ALA F 443 14.48 25.01 -55.32
N ARG F 444 13.67 24.83 -54.29
CA ARG F 444 13.27 25.86 -53.33
C ARG F 444 13.90 25.70 -51.96
N PHE F 445 14.83 24.76 -51.82
CA PHE F 445 15.35 24.41 -50.51
C PHE F 445 16.64 25.16 -50.13
N GLN F 446 17.11 26.02 -51.01
CA GLN F 446 18.32 26.79 -50.73
C GLN F 446 18.01 27.86 -49.67
N ASP F 447 18.62 27.71 -48.49
CA ASP F 447 18.32 28.58 -47.36
C ASP F 447 19.37 29.69 -47.16
N ASN G 1 13.31 -51.57 -32.63
CA ASN G 1 11.96 -51.46 -32.09
C ASN G 1 11.85 -50.43 -30.96
N TRP G 2 12.77 -50.50 -30.01
CA TRP G 2 12.84 -49.53 -28.93
C TRP G 2 13.11 -48.14 -29.48
N ILE G 3 13.98 -48.10 -30.49
CA ILE G 3 14.24 -46.91 -31.28
C ILE G 3 12.93 -46.36 -31.86
N SER G 4 12.08 -47.28 -32.32
CA SER G 4 10.84 -46.94 -32.99
C SER G 4 9.74 -46.49 -32.04
N GLU G 5 9.71 -47.04 -30.83
CA GLU G 5 8.73 -46.61 -29.82
C GLU G 5 9.10 -45.21 -29.29
N LEU G 6 10.38 -44.91 -29.33
CA LEU G 6 10.90 -43.63 -28.88
C LEU G 6 10.44 -42.51 -29.79
N ILE G 7 10.59 -42.70 -31.10
CA ILE G 7 10.19 -41.69 -32.06
C ILE G 7 8.67 -41.60 -32.10
N ASP G 8 7.99 -42.52 -31.43
CA ASP G 8 6.55 -42.39 -31.29
C ASP G 8 6.27 -41.31 -30.25
N THR G 9 6.77 -41.54 -29.04
CA THR G 9 6.46 -40.65 -27.91
C THR G 9 6.94 -39.20 -28.09
N TYR G 10 7.99 -39.00 -28.87
CA TYR G 10 8.42 -37.65 -29.25
C TYR G 10 7.35 -37.01 -30.11
N ARG G 11 6.78 -37.79 -31.02
CA ARG G 11 5.82 -37.24 -31.96
C ARG G 11 4.47 -37.14 -31.29
N ASN G 12 4.33 -37.75 -30.11
CA ASN G 12 3.14 -37.52 -29.32
C ASN G 12 3.46 -36.55 -28.20
N LEU G 13 4.57 -35.85 -28.36
CA LEU G 13 4.92 -34.70 -27.53
C LEU G 13 4.57 -33.46 -28.34
N MET G 14 4.70 -33.59 -29.65
CA MET G 14 4.37 -32.51 -30.55
C MET G 14 2.88 -32.36 -30.67
N ASN G 15 2.15 -33.45 -30.41
CA ASN G 15 0.70 -33.49 -30.59
C ASN G 15 0.04 -32.45 -29.72
N ASN G 16 0.62 -32.36 -28.52
CA ASN G 16 0.27 -31.41 -27.47
C ASN G 16 0.70 -30.01 -27.92
N TYR G 17 0.13 -28.98 -27.29
CA TYR G 17 0.36 -27.61 -27.69
C TYR G 17 1.50 -27.07 -26.82
N GLU G 18 2.08 -25.95 -27.23
CA GLU G 18 3.17 -25.35 -26.46
C GLU G 18 4.45 -26.05 -26.85
N VAL G 19 4.45 -27.38 -26.80
CA VAL G 19 5.62 -28.14 -27.21
C VAL G 19 5.75 -27.79 -28.69
N ASP G 20 4.59 -27.74 -29.36
CA ASP G 20 4.50 -27.37 -30.76
C ASP G 20 4.93 -25.91 -30.91
N ASN G 21 4.49 -25.06 -29.96
CA ASN G 21 4.86 -23.65 -30.03
C ASN G 21 6.37 -23.46 -29.85
N ALA G 22 6.97 -24.20 -28.91
CA ALA G 22 8.39 -24.06 -28.56
C ALA G 22 9.33 -24.77 -29.53
N VAL G 23 8.89 -25.88 -30.11
CA VAL G 23 9.71 -26.59 -31.08
C VAL G 23 9.79 -25.82 -32.38
N SER G 24 8.68 -25.17 -32.73
CA SER G 24 8.66 -24.37 -33.94
C SER G 24 9.10 -22.97 -33.65
N GLU G 25 9.49 -22.74 -32.41
CA GLU G 25 10.25 -21.56 -32.12
C GLU G 25 11.63 -21.69 -32.76
N ILE G 26 12.30 -22.79 -32.42
CA ILE G 26 13.58 -23.21 -32.97
C ILE G 26 13.63 -23.25 -34.51
N VAL G 27 12.76 -24.07 -35.13
CA VAL G 27 12.85 -24.29 -36.55
C VAL G 27 12.49 -23.05 -37.30
N SER G 28 11.89 -22.09 -36.61
CA SER G 28 11.58 -20.82 -37.23
C SER G 28 12.81 -19.98 -37.39
N ASP G 29 13.81 -20.23 -36.55
CA ASP G 29 15.10 -19.54 -36.70
C ASP G 29 16.31 -20.47 -36.76
N ALA G 30 16.07 -21.77 -36.83
CA ALA G 30 17.18 -22.69 -37.09
C ALA G 30 17.39 -22.83 -38.58
N ILE G 31 16.36 -22.50 -39.37
CA ILE G 31 16.52 -22.24 -40.81
C ILE G 31 15.52 -21.17 -41.27
N VAL G 32 15.94 -19.92 -41.35
CA VAL G 32 14.94 -18.89 -41.58
C VAL G 32 14.87 -18.34 -43.00
N TYR G 33 13.82 -18.73 -43.71
CA TYR G 33 13.54 -18.17 -45.02
C TYR G 33 13.40 -16.68 -44.90
N GLU G 34 13.98 -15.96 -45.85
CA GLU G 34 13.68 -14.56 -45.99
C GLU G 34 13.49 -14.26 -47.46
N ASP G 35 12.86 -13.13 -47.75
CA ASP G 35 12.63 -12.72 -49.13
C ASP G 35 13.93 -12.29 -49.79
N ASP G 36 14.12 -12.69 -51.05
CA ASP G 36 15.33 -12.33 -51.78
C ASP G 36 16.53 -13.11 -51.26
N THR G 37 16.80 -12.98 -49.97
CA THR G 37 17.92 -13.67 -49.33
C THR G 37 17.75 -15.19 -49.38
N GLU G 38 18.86 -15.89 -49.59
CA GLU G 38 18.85 -17.35 -49.65
C GLU G 38 19.16 -18.01 -48.31
N VAL G 39 18.84 -19.30 -48.24
CA VAL G 39 19.06 -20.11 -47.05
C VAL G 39 20.12 -21.19 -47.38
N VAL G 40 20.89 -21.61 -46.37
CA VAL G 40 21.92 -22.67 -46.50
C VAL G 40 23.05 -22.57 -47.57
N ALA G 41 23.73 -21.43 -47.65
CA ALA G 41 24.85 -21.25 -48.61
C ALA G 41 26.11 -22.06 -48.29
N LEU G 42 26.91 -22.40 -49.33
CA LEU G 42 28.13 -23.16 -49.18
C LEU G 42 29.33 -22.24 -49.18
N ASN G 43 29.62 -21.65 -48.03
CA ASN G 43 30.76 -20.76 -47.91
C ASN G 43 32.05 -21.52 -48.18
N LEU G 44 32.77 -21.09 -49.21
CA LEU G 44 34.05 -21.70 -49.52
C LEU G 44 35.10 -20.66 -49.18
N ASP G 45 35.80 -20.88 -48.08
CA ASP G 45 36.84 -19.96 -47.66
C ASP G 45 38.05 -20.79 -47.29
N LYS G 46 38.59 -21.49 -48.29
CA LYS G 46 39.74 -22.35 -48.08
C LYS G 46 40.48 -22.54 -49.40
N SER G 47 41.74 -22.92 -49.29
CA SER G 47 42.58 -23.17 -50.46
C SER G 47 41.93 -24.21 -51.38
N LYS G 48 41.54 -23.77 -52.57
CA LYS G 48 40.99 -24.65 -53.59
C LYS G 48 41.77 -24.48 -54.88
N PHE G 49 41.91 -25.57 -55.63
CA PHE G 49 42.79 -25.59 -56.80
C PHE G 49 42.42 -24.57 -57.86
N SER G 50 41.13 -24.49 -58.20
CA SER G 50 40.68 -23.61 -59.27
C SER G 50 39.68 -22.58 -58.79
N PRO G 51 39.72 -21.38 -59.38
CA PRO G 51 38.68 -20.36 -59.17
C PRO G 51 37.37 -20.82 -59.79
N LYS G 52 37.46 -21.77 -60.72
CA LYS G 52 36.28 -22.31 -61.39
C LYS G 52 35.65 -23.46 -60.61
N ILE G 53 36.46 -24.32 -60.00
CA ILE G 53 35.91 -25.45 -59.25
C ILE G 53 35.20 -25.00 -57.97
N LYS G 54 35.71 -23.95 -57.32
CA LYS G 54 35.12 -23.47 -56.07
C LYS G 54 33.73 -22.89 -56.34
N ASN G 55 33.55 -22.30 -57.53
CA ASN G 55 32.22 -21.84 -57.94
C ASN G 55 31.46 -22.93 -58.66
N MET G 56 32.17 -24.00 -59.03
CA MET G 56 31.54 -25.10 -59.75
C MET G 56 30.61 -25.88 -58.83
N MET G 57 30.88 -25.83 -57.54
CA MET G 57 30.05 -26.50 -56.54
C MET G 57 28.60 -26.06 -56.60
N LEU G 58 28.36 -24.86 -57.10
CA LEU G 58 27.00 -24.33 -57.12
C LEU G 58 26.17 -25.15 -58.11
N ASP G 59 26.81 -25.58 -59.20
CA ASP G 59 26.19 -26.51 -60.15
C ASP G 59 25.87 -27.81 -59.41
N GLU G 60 26.68 -28.11 -58.41
CA GLU G 60 26.51 -29.30 -57.59
C GLU G 60 25.61 -29.02 -56.39
N PHE G 61 25.88 -27.93 -55.67
CA PHE G 61 25.24 -27.66 -54.38
C PHE G 61 23.90 -26.93 -54.50
N SER G 62 23.82 -25.90 -55.34
CA SER G 62 22.54 -25.23 -55.57
C SER G 62 21.54 -26.20 -56.20
N ASP G 63 22.06 -27.35 -56.66
CA ASP G 63 21.25 -28.42 -57.23
C ASP G 63 20.96 -29.51 -56.19
N VAL G 64 21.85 -29.70 -55.21
CA VAL G 64 21.63 -30.75 -54.22
C VAL G 64 20.54 -30.35 -53.23
N LEU G 65 20.26 -29.04 -53.21
CA LEU G 65 19.14 -28.52 -52.43
C LEU G 65 17.81 -28.86 -53.13
N ASN G 66 17.82 -28.72 -54.45
CA ASN G 66 16.65 -29.02 -55.28
C ASN G 66 16.12 -30.44 -55.02
N HIS G 67 17.02 -31.39 -54.79
CA HIS G 67 16.62 -32.78 -54.57
C HIS G 67 15.90 -32.91 -53.24
N LEU G 68 16.34 -32.14 -52.26
CA LEU G 68 15.66 -32.07 -50.99
C LEU G 68 14.41 -31.22 -51.14
N SER G 69 14.32 -30.57 -52.31
CA SER G 69 13.34 -29.52 -52.56
C SER G 69 13.37 -28.54 -51.38
N PHE G 70 14.58 -28.25 -50.94
CA PHE G 70 14.80 -27.60 -49.65
C PHE G 70 14.17 -26.21 -49.51
N GLN G 71 13.96 -25.52 -50.64
CA GLN G 71 13.50 -24.14 -50.59
C GLN G 71 12.07 -23.99 -50.03
N ARG G 72 11.23 -24.99 -50.26
CA ARG G 72 9.88 -24.94 -49.73
C ARG G 72 9.61 -26.11 -48.78
N LYS G 73 10.60 -27.00 -48.66
CA LYS G 73 10.46 -28.21 -47.83
C LYS G 73 11.56 -28.33 -46.81
N GLY G 74 12.17 -27.22 -46.44
CA GLY G 74 13.29 -27.26 -45.49
C GLY G 74 12.87 -27.32 -44.04
N SER G 75 11.98 -26.41 -43.65
CA SER G 75 11.60 -26.28 -42.26
C SER G 75 10.66 -27.40 -41.87
N ASP G 76 10.59 -28.43 -42.70
CA ASP G 76 9.90 -29.63 -42.27
C ASP G 76 10.94 -30.74 -42.12
N HIS G 77 11.91 -30.79 -43.04
CA HIS G 77 12.98 -31.79 -42.99
C HIS G 77 13.81 -31.66 -41.71
N PHE G 78 13.96 -30.42 -41.24
CA PHE G 78 14.73 -30.10 -40.03
C PHE G 78 13.88 -30.33 -38.79
N ARG G 79 12.68 -29.79 -38.82
CA ARG G 79 11.70 -30.02 -37.77
C ARG G 79 11.42 -31.49 -37.61
N ARG G 80 11.75 -32.27 -38.63
CA ARG G 80 11.67 -33.72 -38.49
C ARG G 80 12.92 -34.29 -37.82
N TRP G 81 14.10 -33.79 -38.20
CA TRP G 81 15.38 -34.20 -37.61
C TRP G 81 15.38 -34.01 -36.11
N TYR G 82 14.87 -32.86 -35.70
CA TYR G 82 14.92 -32.42 -34.33
C TYR G 82 13.95 -33.20 -33.50
N VAL G 83 12.76 -33.44 -34.03
CA VAL G 83 11.72 -34.04 -33.22
C VAL G 83 11.68 -35.57 -33.35
N ASP G 84 12.03 -36.05 -34.54
CA ASP G 84 12.10 -37.46 -34.87
C ASP G 84 13.19 -38.16 -34.08
N SER G 85 14.30 -37.44 -33.88
CA SER G 85 15.49 -37.93 -33.18
C SER G 85 16.41 -38.66 -34.16
N ARG G 86 16.05 -38.61 -35.44
CA ARG G 86 16.84 -39.23 -36.50
C ARG G 86 16.21 -38.86 -37.84
N ILE G 87 16.98 -38.95 -38.93
CA ILE G 87 16.40 -38.62 -40.22
C ILE G 87 17.24 -39.29 -41.28
N PHE G 88 16.61 -40.08 -42.13
CA PHE G 88 17.32 -40.86 -43.12
C PHE G 88 16.88 -40.49 -44.53
N PHE G 89 17.82 -40.14 -45.39
CA PHE G 89 17.49 -40.00 -46.80
C PHE G 89 18.16 -41.13 -47.58
N HIS G 90 17.34 -41.94 -48.25
CA HIS G 90 17.86 -42.96 -49.16
C HIS G 90 18.37 -42.26 -50.41
N LYS G 91 19.44 -42.81 -50.98
CA LYS G 91 20.03 -42.19 -52.16
C LYS G 91 19.94 -43.12 -53.35
N ILE G 92 19.32 -42.62 -54.40
CA ILE G 92 19.20 -43.36 -55.64
C ILE G 92 20.36 -43.02 -56.57
N ILE G 93 21.23 -44.00 -56.79
CA ILE G 93 22.32 -43.85 -57.75
C ILE G 93 22.78 -45.24 -58.20
N ASP G 94 22.88 -45.42 -59.51
CA ASP G 94 22.59 -44.34 -60.43
C ASP G 94 21.53 -44.63 -61.50
N PRO G 95 21.39 -45.90 -61.99
CA PRO G 95 22.04 -47.21 -61.86
C PRO G 95 23.25 -47.33 -62.78
N LYS G 96 23.21 -46.53 -63.82
CA LYS G 96 24.27 -46.39 -64.80
C LYS G 96 23.84 -45.21 -65.67
N ARG G 97 24.78 -44.42 -66.18
CA ARG G 97 26.21 -44.69 -66.08
C ARG G 97 26.77 -43.98 -64.84
N PRO G 98 28.00 -44.34 -64.41
CA PRO G 98 28.57 -43.56 -63.31
C PRO G 98 28.77 -42.09 -63.71
N LYS G 99 28.85 -41.21 -62.73
CA LYS G 99 29.03 -39.78 -62.95
C LYS G 99 27.92 -39.16 -63.80
N GLU G 100 26.74 -39.78 -63.77
CA GLU G 100 25.60 -39.28 -64.53
C GLU G 100 25.15 -37.89 -64.04
N GLY G 101 25.03 -37.71 -62.73
CA GLY G 101 25.19 -38.78 -61.75
C GLY G 101 24.20 -38.64 -60.60
N ILE G 102 23.71 -39.76 -60.07
CA ILE G 102 22.76 -39.81 -58.94
C ILE G 102 21.29 -39.57 -59.31
N LYS G 103 20.42 -39.56 -58.30
CA LYS G 103 19.00 -39.32 -58.53
C LYS G 103 18.37 -38.82 -57.24
N GLU G 104 17.06 -38.64 -57.27
CA GLU G 104 16.32 -38.04 -56.17
C GLU G 104 16.56 -38.71 -54.82
N LEU G 105 16.69 -37.90 -53.77
CA LEU G 105 16.81 -38.41 -52.40
C LEU G 105 15.44 -38.49 -51.77
N ARG G 106 15.04 -39.70 -51.40
CA ARG G 106 13.73 -39.92 -50.81
C ARG G 106 13.83 -40.11 -49.30
N ARG G 107 13.08 -39.29 -48.57
CA ARG G 107 13.02 -39.38 -47.11
C ARG G 107 12.57 -40.77 -46.73
N LEU G 108 13.10 -41.30 -45.63
CA LEU G 108 12.62 -42.56 -45.07
C LEU G 108 11.92 -42.27 -43.75
N ASP G 109 10.83 -42.98 -43.49
CA ASP G 109 10.20 -42.92 -42.19
C ASP G 109 11.18 -43.49 -41.18
N PRO G 110 11.58 -42.69 -40.18
CA PRO G 110 12.20 -43.37 -39.05
C PRO G 110 11.18 -44.31 -38.41
N ARG G 111 11.63 -45.27 -37.61
CA ARG G 111 10.81 -46.35 -37.04
C ARG G 111 10.67 -47.53 -38.00
N GLN G 112 11.19 -47.39 -39.21
CA GLN G 112 11.17 -48.49 -40.16
C GLN G 112 12.60 -48.78 -40.59
N VAL G 113 13.55 -48.24 -39.83
CA VAL G 113 14.97 -48.42 -40.12
C VAL G 113 15.73 -48.94 -38.91
N GLN G 114 16.55 -49.98 -39.09
CA GLN G 114 17.39 -50.51 -38.02
C GLN G 114 18.86 -50.49 -38.46
N TYR G 115 19.75 -50.05 -37.58
CA TYR G 115 21.16 -49.89 -37.95
C TYR G 115 22.10 -50.74 -37.09
N VAL G 116 22.51 -51.88 -37.63
CA VAL G 116 23.56 -52.71 -37.05
C VAL G 116 24.47 -53.22 -38.16
N TYR G 136 25.16 -51.19 -41.75
CA TYR G 136 24.25 -52.05 -42.50
C TYR G 136 22.81 -51.72 -42.10
N PHE G 137 22.14 -50.97 -42.97
CA PHE G 137 20.81 -50.43 -42.67
C PHE G 137 19.68 -51.38 -43.07
N ILE G 138 18.80 -51.68 -42.11
CA ILE G 138 17.68 -52.58 -42.35
C ILE G 138 16.39 -51.79 -42.49
N TYR G 139 16.03 -51.44 -43.72
CA TYR G 139 14.80 -50.71 -43.96
C TYR G 139 13.61 -51.66 -44.00
N ASP G 140 12.82 -51.66 -42.93
CA ASP G 140 11.55 -52.38 -42.92
C ASP G 140 10.57 -51.66 -43.83
N THR G 141 9.84 -52.43 -44.63
CA THR G 141 8.88 -51.84 -45.56
C THR G 141 7.45 -52.09 -45.12
N ALA G 142 6.72 -51.00 -44.84
CA ALA G 142 5.29 -51.08 -44.60
C ALA G 142 4.58 -50.75 -45.90
N HIS G 143 3.85 -51.70 -46.47
CA HIS G 143 3.19 -51.46 -47.75
C HIS G 143 4.28 -51.39 -48.80
N GLU G 144 4.01 -50.75 -49.95
CA GLU G 144 5.02 -50.63 -50.99
C GLU G 144 5.47 -49.17 -51.13
N SER G 145 6.77 -48.93 -50.98
CA SER G 145 7.30 -47.56 -51.09
C SER G 145 8.04 -47.17 -52.37
N TYR G 146 9.03 -47.98 -52.78
CA TYR G 146 9.79 -47.66 -53.99
C TYR G 146 10.47 -48.85 -54.67
N ALA G 147 10.76 -48.70 -55.96
CA ALA G 147 11.41 -49.75 -56.74
C ALA G 147 12.92 -49.55 -56.98
N CYS G 148 13.48 -48.47 -56.45
CA CYS G 148 14.89 -48.18 -56.63
C CYS G 148 15.23 -48.46 -58.09
N ASP G 149 16.52 -48.55 -58.40
CA ASP G 149 16.95 -48.83 -59.76
C ASP G 149 16.50 -50.22 -60.23
N GLY G 150 16.56 -51.19 -59.32
CA GLY G 150 16.20 -52.56 -59.62
C GLY G 150 16.13 -53.38 -58.34
N ARG G 151 15.46 -54.52 -58.39
CA ARG G 151 14.84 -54.99 -59.63
C ARG G 151 13.39 -54.51 -59.75
N MET G 152 12.70 -54.42 -58.62
CA MET G 152 11.29 -54.01 -58.58
C MET G 152 10.87 -53.71 -57.15
N TYR G 153 9.73 -53.06 -56.98
CA TYR G 153 9.22 -52.66 -55.67
C TYR G 153 8.96 -53.85 -54.75
N GLU G 154 9.74 -53.93 -53.67
CA GLU G 154 9.55 -54.96 -52.67
C GLU G 154 8.30 -54.64 -51.83
N ALA G 155 7.71 -55.67 -51.23
CA ALA G 155 6.47 -55.49 -50.47
C ALA G 155 6.47 -56.28 -49.16
N GLY G 156 6.47 -55.55 -48.04
CA GLY G 156 6.37 -56.15 -46.72
C GLY G 156 7.64 -56.81 -46.21
N THR G 157 8.74 -56.67 -46.96
CA THR G 157 9.99 -57.34 -46.59
C THR G 157 11.09 -56.37 -46.17
N LYS G 158 11.94 -56.83 -45.25
CA LYS G 158 13.07 -56.04 -44.77
C LYS G 158 14.17 -55.97 -45.82
N ILE G 159 14.23 -54.87 -46.56
CA ILE G 159 15.28 -54.69 -47.57
C ILE G 159 16.52 -54.08 -46.92
N LYS G 160 17.70 -54.54 -47.35
CA LYS G 160 18.94 -54.08 -46.75
C LYS G 160 19.71 -53.13 -47.66
N ILE G 161 20.04 -51.96 -47.13
CA ILE G 161 20.84 -50.98 -47.85
C ILE G 161 22.18 -50.79 -47.15
N PRO G 162 23.28 -50.71 -47.92
CA PRO G 162 24.60 -50.48 -47.34
C PRO G 162 24.74 -49.09 -46.69
N LYS G 163 25.63 -48.98 -45.70
CA LYS G 163 25.86 -47.75 -44.94
C LYS G 163 26.38 -46.63 -45.83
N ALA G 164 26.49 -46.93 -47.12
CA ALA G 164 26.59 -45.94 -48.16
C ALA G 164 25.80 -46.51 -49.34
N ALA G 165 24.99 -45.69 -50.00
CA ALA G 165 24.89 -44.28 -49.68
C ALA G 165 23.51 -43.95 -49.11
N VAL G 166 23.45 -43.75 -47.79
CA VAL G 166 22.26 -43.26 -47.10
C VAL G 166 22.68 -42.22 -46.07
N VAL G 167 22.17 -41.00 -46.18
CA VAL G 167 22.59 -39.98 -45.22
C VAL G 167 21.84 -40.21 -43.92
N TYR G 168 22.59 -40.36 -42.83
CA TYR G 168 22.00 -40.64 -41.52
C TYR G 168 22.40 -39.53 -40.57
N ALA G 169 21.47 -38.64 -40.29
CA ALA G 169 21.77 -37.53 -39.40
C ALA G 169 21.10 -37.70 -38.05
N HIS G 170 21.89 -37.76 -37.00
CA HIS G 170 21.33 -37.97 -35.67
C HIS G 170 21.62 -36.79 -34.76
N SER G 171 20.66 -36.47 -33.89
CA SER G 171 20.89 -35.54 -32.78
C SER G 171 22.02 -36.06 -31.91
N GLY G 172 23.19 -35.44 -31.98
CA GLY G 172 24.38 -36.01 -31.33
C GLY G 172 24.34 -36.29 -29.83
N LEU G 173 23.35 -37.06 -29.37
CA LEU G 173 23.23 -37.34 -27.93
C LEU G 173 23.43 -38.80 -27.47
N VAL G 174 24.33 -38.97 -26.50
CA VAL G 174 24.66 -40.28 -25.91
C VAL G 174 23.57 -41.00 -25.12
N ASP G 175 22.80 -40.26 -24.32
CA ASP G 175 21.72 -40.81 -23.47
C ASP G 175 22.24 -41.28 -22.11
N CYS G 176 21.35 -41.81 -21.27
CA CYS G 176 21.73 -42.27 -19.92
C CYS G 176 22.75 -43.40 -19.97
N CYS G 177 22.53 -44.37 -20.85
CA CYS G 177 23.45 -45.49 -21.04
C CYS G 177 23.91 -45.60 -22.50
N GLY G 178 25.23 -45.65 -22.68
CA GLY G 178 25.80 -45.78 -24.01
C GLY G 178 25.57 -47.15 -24.62
N LYS G 179 25.33 -47.21 -25.92
CA LYS G 179 25.23 -46.03 -26.75
C LYS G 179 23.85 -46.09 -27.38
N ASN G 180 23.05 -45.05 -27.14
CA ASN G 180 21.70 -44.99 -27.69
C ASN G 180 21.44 -43.56 -28.13
N ILE G 181 20.54 -43.36 -29.09
CA ILE G 181 20.29 -41.99 -29.53
C ILE G 181 19.03 -41.39 -28.88
N ILE G 182 19.16 -40.19 -28.33
CA ILE G 182 18.05 -39.51 -27.68
C ILE G 182 18.06 -37.99 -27.86
N GLY G 183 16.90 -37.37 -27.68
CA GLY G 183 16.75 -35.92 -27.79
C GLY G 183 16.45 -35.36 -29.16
N TYR G 184 16.36 -34.03 -29.22
CA TYR G 184 16.54 -33.21 -28.04
C TYR G 184 15.30 -33.00 -27.21
N LEU G 185 14.21 -33.67 -27.55
CA LEU G 185 12.97 -33.41 -26.86
C LEU G 185 12.88 -34.16 -25.54
N HIS G 186 13.69 -35.21 -25.39
CA HIS G 186 13.67 -36.12 -24.22
C HIS G 186 13.55 -35.45 -22.87
N ARG G 187 14.48 -34.56 -22.53
CA ARG G 187 14.44 -33.98 -21.19
C ARG G 187 13.08 -33.38 -20.85
N ALA G 188 12.33 -32.95 -21.85
CA ALA G 188 11.01 -32.36 -21.62
C ALA G 188 9.80 -33.31 -21.71
N VAL G 189 10.06 -34.60 -21.92
CA VAL G 189 8.97 -35.58 -22.03
C VAL G 189 8.27 -35.86 -20.70
N LYS G 190 9.07 -36.07 -19.66
CA LYS G 190 8.54 -36.34 -18.33
C LYS G 190 7.86 -35.09 -17.80
N PRO G 191 8.56 -33.92 -18.05
CA PRO G 191 7.88 -32.72 -17.54
C PRO G 191 6.56 -32.46 -18.24
N ALA G 192 6.51 -32.71 -19.54
CA ALA G 192 5.29 -32.45 -20.29
C ALA G 192 4.16 -33.39 -19.91
N ASN G 193 4.51 -34.62 -19.57
CA ASN G 193 3.49 -35.57 -19.19
C ASN G 193 2.89 -35.25 -17.84
N GLN G 194 3.51 -34.36 -17.07
CA GLN G 194 2.97 -34.09 -15.76
C GLN G 194 2.55 -32.65 -15.65
N LEU G 195 2.66 -31.87 -16.71
CA LEU G 195 1.99 -30.57 -16.70
C LEU G 195 0.53 -30.77 -17.02
N LYS G 196 0.27 -31.71 -17.92
CA LYS G 196 -1.08 -32.06 -18.35
C LYS G 196 -1.82 -32.92 -17.32
N LEU G 197 -1.05 -33.69 -16.57
CA LEU G 197 -1.58 -34.48 -15.46
C LEU G 197 -2.04 -33.61 -14.30
N LEU G 198 -2.20 -32.33 -14.59
CA LEU G 198 -2.65 -31.35 -13.64
C LEU G 198 -3.82 -30.64 -14.27
N GLU G 199 -3.75 -30.48 -15.59
CA GLU G 199 -4.80 -29.82 -16.37
C GLU G 199 -6.03 -30.69 -16.54
N ASP G 200 -5.83 -31.99 -16.35
CA ASP G 200 -6.95 -32.90 -16.28
C ASP G 200 -7.44 -32.97 -14.83
N ALA G 201 -6.51 -32.88 -13.90
CA ALA G 201 -6.84 -32.74 -12.51
C ALA G 201 -7.61 -31.46 -12.24
N VAL G 202 -7.19 -30.33 -12.81
CA VAL G 202 -7.86 -29.07 -12.49
C VAL G 202 -9.24 -28.95 -13.10
N VAL G 203 -9.48 -29.59 -14.24
CA VAL G 203 -10.82 -29.59 -14.77
C VAL G 203 -11.61 -30.69 -14.11
N ILE G 204 -10.97 -31.78 -13.71
CA ILE G 204 -11.73 -32.87 -13.14
C ILE G 204 -12.29 -32.49 -11.79
N TYR G 205 -11.58 -31.63 -11.09
CA TYR G 205 -12.10 -31.19 -9.83
C TYR G 205 -13.33 -30.35 -10.09
N ARG G 206 -13.29 -29.50 -11.12
CA ARG G 206 -14.37 -28.54 -11.34
C ARG G 206 -15.58 -29.07 -12.10
N ILE G 207 -15.36 -29.83 -13.18
CA ILE G 207 -16.44 -30.53 -13.86
C ILE G 207 -17.32 -31.22 -12.86
N THR G 208 -16.70 -32.13 -12.11
CA THR G 208 -17.39 -32.90 -11.08
C THR G 208 -17.69 -31.96 -9.93
N ARG G 209 -18.89 -32.08 -9.38
CA ARG G 209 -19.34 -31.25 -8.27
C ARG G 209 -19.82 -29.91 -8.83
N ALA G 210 -19.69 -29.73 -10.13
CA ALA G 210 -20.14 -28.52 -10.80
C ALA G 210 -21.64 -28.53 -10.60
N PRO G 211 -22.20 -29.73 -10.72
CA PRO G 211 -23.64 -29.93 -10.54
C PRO G 211 -23.91 -30.40 -9.12
N ASP G 212 -24.87 -29.81 -8.42
CA ASP G 212 -25.11 -30.25 -7.04
C ASP G 212 -25.71 -31.64 -7.06
N ARG G 213 -25.14 -32.52 -6.27
CA ARG G 213 -25.63 -33.89 -6.18
C ARG G 213 -26.24 -34.10 -4.81
N ARG G 214 -27.33 -34.85 -4.76
CA ARG G 214 -28.01 -35.08 -3.51
C ARG G 214 -28.37 -36.55 -3.35
N VAL G 215 -28.03 -37.13 -2.20
CA VAL G 215 -28.33 -38.52 -1.93
C VAL G 215 -29.55 -38.66 -1.03
N TRP G 216 -30.64 -39.20 -1.59
CA TRP G 216 -31.91 -39.28 -0.89
C TRP G 216 -32.07 -40.60 -0.17
N TYR G 217 -31.99 -40.61 1.15
CA TYR G 217 -32.22 -41.85 1.87
C TYR G 217 -33.67 -41.92 2.32
N VAL G 218 -34.42 -42.89 1.80
CA VAL G 218 -35.78 -43.19 2.27
C VAL G 218 -35.85 -44.64 2.74
N ASP G 219 -36.44 -44.87 3.91
CA ASP G 219 -36.39 -46.19 4.52
C ASP G 219 -37.70 -46.97 4.40
N THR G 220 -37.57 -48.30 4.36
CA THR G 220 -38.71 -49.22 4.36
C THR G 220 -38.34 -50.51 5.08
N GLY G 221 -38.85 -50.68 6.29
CA GLY G 221 -38.55 -51.87 7.06
C GLY G 221 -39.60 -52.96 6.90
N ASN G 222 -39.12 -54.20 6.76
CA ASN G 222 -39.98 -55.39 6.75
C ASN G 222 -40.96 -55.46 5.57
N MET G 223 -40.49 -55.11 4.38
CA MET G 223 -41.24 -55.35 3.17
C MET G 223 -40.29 -55.86 2.09
N PRO G 224 -40.71 -56.92 1.37
CA PRO G 224 -39.84 -57.61 0.40
C PRO G 224 -39.32 -56.66 -0.68
N ALA G 225 -38.10 -56.90 -1.16
CA ALA G 225 -37.50 -56.04 -2.18
C ALA G 225 -38.31 -56.04 -3.47
N ARG G 226 -39.11 -57.08 -3.67
CA ARG G 226 -40.00 -57.17 -4.81
C ARG G 226 -41.05 -56.05 -4.79
N LYS G 227 -41.57 -55.76 -3.60
CA LYS G 227 -42.64 -54.76 -3.47
C LYS G 227 -42.15 -53.50 -2.74
N ALA G 228 -40.96 -53.56 -2.16
CA ALA G 228 -40.35 -52.38 -1.53
C ALA G 228 -39.90 -51.40 -2.59
N ALA G 229 -39.41 -51.93 -3.71
CA ALA G 229 -38.98 -51.12 -4.82
C ALA G 229 -40.14 -50.34 -5.42
N GLU G 230 -41.36 -50.80 -5.18
CA GLU G 230 -42.56 -50.10 -5.64
C GLU G 230 -42.79 -48.83 -4.84
N HIS G 231 -42.24 -48.78 -3.62
CA HIS G 231 -42.30 -47.59 -2.79
C HIS G 231 -41.14 -46.66 -3.17
N MET G 232 -40.33 -47.12 -4.11
CA MET G 232 -39.26 -46.31 -4.66
C MET G 232 -39.63 -45.79 -6.04
N GLN G 233 -40.46 -46.55 -6.76
CA GLN G 233 -40.93 -46.12 -8.07
C GLN G 233 -41.85 -44.91 -7.97
N HIS G 234 -42.41 -44.68 -6.78
CA HIS G 234 -43.36 -43.59 -6.58
C HIS G 234 -42.70 -42.27 -6.18
N VAL G 235 -41.52 -42.32 -5.55
CA VAL G 235 -40.84 -41.09 -5.18
C VAL G 235 -40.02 -40.52 -6.35
N MET G 236 -39.85 -41.31 -7.40
CA MET G 236 -39.24 -40.80 -8.63
C MET G 236 -40.30 -40.10 -9.47
N ASN G 237 -41.32 -40.85 -9.88
CA ASN G 237 -42.36 -40.34 -10.77
C ASN G 237 -43.16 -39.15 -10.23
N THR G 238 -42.86 -38.73 -9.00
CA THR G 238 -43.56 -37.61 -8.36
C THR G 238 -42.63 -36.43 -8.04
N MET G 239 -41.34 -36.69 -7.91
CA MET G 239 -40.42 -35.66 -7.40
C MET G 239 -39.11 -35.61 -8.16
N LYS G 240 -39.00 -36.39 -9.24
CA LYS G 240 -37.77 -36.43 -10.03
C LYS G 240 -37.57 -35.13 -10.79
N ASN G 241 -36.34 -34.64 -10.88
CA ASN G 241 -36.09 -33.38 -11.57
C ASN G 241 -35.53 -33.51 -12.99
N ARG G 242 -36.25 -32.95 -13.96
CA ARG G 242 -35.84 -32.99 -15.37
C ARG G 242 -35.07 -31.75 -15.84
N VAL G 243 -34.95 -30.76 -14.96
CA VAL G 243 -34.24 -29.53 -15.31
C VAL G 243 -32.88 -29.84 -15.90
N VAL G 244 -32.61 -29.31 -17.10
CA VAL G 244 -31.37 -29.57 -17.82
C VAL G 244 -30.73 -28.27 -18.33
N TYR G 245 -29.41 -28.29 -18.54
CA TYR G 245 -28.71 -27.21 -19.20
C TYR G 245 -27.91 -27.74 -20.37
N ASP G 246 -28.20 -27.25 -21.57
CA ASP G 246 -27.51 -27.75 -22.76
C ASP G 246 -26.50 -26.75 -23.28
N ALA G 247 -25.31 -27.24 -23.60
CA ALA G 247 -24.16 -26.42 -23.99
C ALA G 247 -24.20 -25.93 -25.45
N SER G 248 -25.17 -26.43 -26.22
CA SER G 248 -25.36 -25.93 -27.58
C SER G 248 -25.85 -24.49 -27.50
N THR G 249 -27.04 -24.33 -26.95
CA THR G 249 -27.66 -23.04 -26.72
C THR G 249 -27.81 -23.08 -25.22
N GLY G 250 -27.41 -22.02 -24.54
CA GLY G 250 -27.48 -22.04 -23.09
C GLY G 250 -28.87 -21.70 -22.57
N LYS G 251 -29.81 -22.61 -22.75
CA LYS G 251 -31.15 -22.37 -22.25
C LYS G 251 -31.48 -23.54 -21.35
N ILE G 252 -32.52 -23.38 -20.54
CA ILE G 252 -32.88 -24.45 -19.63
C ILE G 252 -34.10 -25.17 -20.19
N LYS G 253 -33.82 -26.32 -20.81
CA LYS G 253 -34.79 -27.08 -21.58
C LYS G 253 -36.01 -27.51 -20.76
N ASN G 254 -37.16 -27.59 -21.42
CA ASN G 254 -38.44 -27.94 -20.80
C ASN G 254 -38.86 -27.00 -19.68
N GLN G 255 -38.27 -25.81 -19.65
CA GLN G 255 -38.66 -24.80 -18.67
C GLN G 255 -38.89 -23.45 -19.34
N GLN G 256 -39.95 -23.37 -20.13
CA GLN G 256 -40.32 -22.14 -20.79
C GLN G 256 -41.77 -21.82 -20.40
N HIS G 257 -41.99 -20.62 -19.87
CA HIS G 257 -40.93 -19.63 -19.72
C HIS G 257 -40.80 -19.12 -18.29
N ASN G 258 -39.62 -18.58 -17.98
CA ASN G 258 -39.27 -18.05 -16.67
C ASN G 258 -38.65 -19.10 -15.75
N MET G 259 -38.19 -18.68 -14.59
CA MET G 259 -37.56 -19.58 -13.63
C MET G 259 -38.20 -19.58 -12.24
N SER G 260 -38.44 -20.78 -11.71
CA SER G 260 -39.01 -20.96 -10.39
C SER G 260 -38.21 -20.11 -9.42
N MET G 261 -38.91 -19.37 -8.57
CA MET G 261 -38.24 -18.58 -7.55
C MET G 261 -37.68 -19.51 -6.51
N THR G 262 -38.35 -20.65 -6.29
CA THR G 262 -37.87 -21.58 -5.27
C THR G 262 -38.45 -22.99 -5.44
N GLU G 263 -37.74 -23.99 -4.91
CA GLU G 263 -38.11 -25.41 -5.04
C GLU G 263 -38.85 -25.98 -3.85
N ASP G 264 -39.41 -27.17 -4.02
CA ASP G 264 -40.18 -27.78 -2.94
C ASP G 264 -40.22 -29.31 -3.02
N TYR G 265 -39.43 -29.97 -2.19
CA TYR G 265 -39.37 -31.43 -2.17
C TYR G 265 -40.04 -31.97 -0.90
N TRP G 266 -40.85 -33.03 -1.05
CA TRP G 266 -41.71 -33.55 0.03
C TRP G 266 -41.48 -35.02 0.43
N LEU G 267 -40.77 -35.25 1.53
CA LEU G 267 -40.44 -36.59 1.98
C LEU G 267 -41.14 -36.92 3.30
N GLN G 268 -41.46 -38.19 3.50
CA GLN G 268 -42.25 -38.62 4.66
C GLN G 268 -41.60 -39.75 5.44
N ARG G 269 -40.96 -39.40 6.53
CA ARG G 269 -40.36 -40.36 7.43
C ARG G 269 -41.48 -41.22 8.04
N ARG G 270 -41.71 -42.40 7.46
CA ARG G 270 -42.83 -43.25 7.85
C ARG G 270 -42.79 -43.66 9.33
N ASP G 271 -41.59 -43.95 9.83
CA ASP G 271 -41.38 -44.24 11.25
C ASP G 271 -41.48 -42.97 12.08
N GLY G 272 -41.60 -43.12 13.39
CA GLY G 272 -41.55 -41.96 14.26
C GLY G 272 -40.11 -41.62 14.61
N LYS G 273 -39.24 -41.51 13.60
CA LYS G 273 -37.83 -41.16 13.83
C LYS G 273 -37.11 -40.64 12.58
N ALA G 274 -36.16 -39.73 12.80
CA ALA G 274 -35.56 -38.92 11.74
C ALA G 274 -34.51 -39.66 10.91
N VAL G 275 -34.97 -40.54 10.02
CA VAL G 275 -34.05 -41.37 9.26
C VAL G 275 -34.08 -41.12 7.73
N THR G 276 -35.18 -40.56 7.24
CA THR G 276 -35.31 -40.21 5.81
C THR G 276 -34.93 -38.74 5.56
N GLU G 277 -33.90 -38.52 4.75
CA GLU G 277 -33.40 -37.17 4.52
C GLU G 277 -32.52 -37.04 3.30
N VAL G 278 -32.36 -35.80 2.86
CA VAL G 278 -31.47 -35.45 1.77
C VAL G 278 -30.18 -34.87 2.34
N ASP G 279 -29.07 -35.49 1.99
CA ASP G 279 -27.77 -34.94 2.37
C ASP G 279 -27.03 -34.54 1.10
N THR G 280 -26.95 -33.24 0.88
CA THR G 280 -26.18 -32.73 -0.23
C THR G 280 -24.72 -33.12 -0.08
N LEU G 281 -24.13 -33.59 -1.17
CA LEU G 281 -22.70 -33.87 -1.22
C LEU G 281 -21.93 -32.56 -1.43
N PRO G 282 -20.70 -32.48 -0.90
CA PRO G 282 -19.96 -31.21 -0.81
C PRO G 282 -19.90 -30.44 -2.12
N GLY G 283 -19.90 -29.12 -2.02
CA GLY G 283 -19.71 -28.28 -3.18
C GLY G 283 -18.22 -28.07 -3.35
N ALA G 284 -17.80 -27.90 -4.59
CA ALA G 284 -16.40 -27.63 -4.90
C ALA G 284 -16.02 -26.23 -4.49
N ASP G 285 -15.56 -26.07 -3.25
CA ASP G 285 -15.15 -24.77 -2.77
C ASP G 285 -13.80 -24.51 -3.38
N ASN G 286 -13.64 -23.34 -3.99
CA ASN G 286 -12.37 -23.02 -4.64
C ASN G 286 -11.35 -22.40 -3.70
N THR G 287 -10.79 -23.20 -2.80
CA THR G 287 -9.77 -22.63 -1.91
C THR G 287 -8.52 -22.31 -2.76
N GLY G 288 -8.06 -23.30 -3.53
CA GLY G 288 -6.95 -23.15 -4.47
C GLY G 288 -7.05 -21.88 -5.30
N ASN G 289 -6.20 -20.86 -5.12
CA ASN G 289 -4.84 -20.86 -4.50
C ASN G 289 -3.87 -21.53 -5.44
N MET G 290 -4.08 -21.37 -6.74
CA MET G 290 -3.36 -22.15 -7.76
C MET G 290 -2.05 -21.53 -8.29
N GLU G 291 -0.98 -21.61 -7.49
CA GLU G 291 0.36 -21.23 -7.95
C GLU G 291 1.11 -22.49 -8.32
N ASP G 292 0.35 -23.53 -8.62
CA ASP G 292 0.88 -24.90 -8.71
C ASP G 292 1.23 -25.35 -10.13
N ILE G 293 0.23 -25.36 -11.00
CA ILE G 293 0.43 -25.52 -12.43
C ILE G 293 1.33 -24.40 -12.96
N ARG G 294 1.17 -23.20 -12.43
CA ARG G 294 2.06 -22.13 -12.85
C ARG G 294 3.50 -22.46 -12.53
N TRP G 295 3.74 -23.49 -11.72
CA TRP G 295 5.11 -23.93 -11.43
C TRP G 295 5.60 -24.83 -12.56
N PHE G 296 4.78 -25.82 -12.90
CA PHE G 296 5.17 -26.85 -13.86
C PHE G 296 5.13 -26.37 -15.29
N ARG G 297 4.49 -25.24 -15.54
CA ARG G 297 4.55 -24.74 -16.89
C ARG G 297 5.87 -24.02 -17.07
N GLN G 298 6.38 -23.36 -16.03
CA GLN G 298 7.69 -22.73 -16.16
C GLN G 298 8.79 -23.79 -16.26
N ALA G 299 8.53 -24.97 -15.71
CA ALA G 299 9.46 -26.06 -15.85
C ALA G 299 9.50 -26.49 -17.30
N LEU G 300 8.43 -27.14 -17.77
CA LEU G 300 8.36 -27.63 -19.16
C LEU G 300 8.94 -26.66 -20.17
N TYR G 301 8.82 -25.37 -19.86
CA TYR G 301 9.34 -24.33 -20.72
C TYR G 301 10.86 -24.12 -20.63
N MET G 302 11.48 -24.51 -19.51
CA MET G 302 12.92 -24.42 -19.34
C MET G 302 13.54 -25.65 -19.87
N ALA G 303 12.73 -26.69 -19.96
CA ALA G 303 13.22 -27.97 -20.35
C ALA G 303 13.23 -28.08 -21.85
N LEU G 304 12.46 -27.23 -22.51
CA LEU G 304 12.37 -27.22 -23.97
C LEU G 304 13.66 -26.76 -24.64
N ARG G 305 14.28 -25.75 -24.04
CA ARG G 305 15.50 -25.12 -24.56
C ARG G 305 15.19 -23.77 -25.22
N VAL G 306 13.91 -23.40 -25.26
CA VAL G 306 13.53 -22.13 -25.79
C VAL G 306 13.68 -21.11 -24.65
N PRO G 307 14.28 -19.94 -24.94
CA PRO G 307 14.50 -18.90 -23.91
C PRO G 307 13.21 -18.47 -23.27
N LEU G 308 13.24 -18.10 -21.99
CA LEU G 308 12.01 -17.72 -21.31
C LEU G 308 11.57 -16.30 -21.68
N SER G 309 12.48 -15.55 -22.30
CA SER G 309 12.21 -14.16 -22.66
C SER G 309 11.25 -14.05 -23.85
N ARG G 310 10.89 -15.19 -24.43
CA ARG G 310 9.87 -15.19 -25.45
C ARG G 310 8.80 -14.85 -24.42
N ILE G 311 7.70 -14.21 -24.78
CA ILE G 311 6.69 -13.82 -23.76
C ILE G 311 5.57 -14.80 -23.35
N PRO G 312 5.92 -15.89 -22.54
CA PRO G 312 4.78 -16.74 -22.15
C PRO G 312 3.82 -16.01 -21.21
N GLN G 313 4.41 -15.26 -20.28
CA GLN G 313 3.64 -14.49 -19.30
C GLN G 313 2.92 -13.32 -19.94
N ASP G 314 1.89 -12.83 -19.27
CA ASP G 314 1.11 -11.71 -19.79
C ASP G 314 2.05 -10.53 -19.95
N GLN G 315 2.96 -10.36 -18.99
CA GLN G 315 3.93 -9.29 -19.06
C GLN G 315 3.30 -7.91 -19.25
N GLN G 316 2.30 -7.57 -18.45
CA GLN G 316 1.66 -6.27 -18.59
C GLN G 316 2.77 -5.24 -18.39
N GLY G 317 2.77 -4.21 -19.24
CA GLY G 317 3.81 -3.20 -19.19
C GLY G 317 5.17 -3.87 -19.20
N GLY G 318 5.98 -3.63 -18.17
CA GLY G 318 5.66 -2.73 -17.08
C GLY G 318 5.49 -1.23 -17.31
N VAL G 319 6.37 -0.59 -18.07
CA VAL G 319 7.50 -1.22 -18.75
C VAL G 319 8.80 -1.15 -17.93
N MET G 320 9.87 -1.70 -18.48
CA MET G 320 11.12 -1.90 -17.75
C MET G 320 11.86 -0.64 -17.25
N PHE G 321 12.16 0.36 -18.10
CA PHE G 321 11.71 0.49 -19.48
C PHE G 321 12.82 0.95 -20.42
N ASP G 322 12.65 0.63 -21.70
CA ASP G 322 13.53 1.12 -22.77
C ASP G 322 12.77 1.11 -24.09
N SER G 323 13.14 2.01 -24.99
CA SER G 323 12.44 2.13 -26.28
C SER G 323 12.82 1.01 -27.24
N GLY G 324 14.03 0.48 -27.07
CA GLY G 324 14.49 -0.62 -27.90
C GLY G 324 14.94 -1.80 -27.05
N THR G 325 14.28 -2.94 -27.22
CA THR G 325 14.57 -4.12 -26.43
C THR G 325 15.98 -4.61 -26.71
N SER G 326 16.72 -4.85 -25.64
CA SER G 326 18.14 -5.16 -25.73
C SER G 326 18.42 -6.65 -25.88
N ILE G 327 19.66 -6.98 -26.18
CA ILE G 327 20.08 -8.38 -26.21
C ILE G 327 20.34 -8.83 -24.78
N THR G 328 19.53 -9.75 -24.30
CA THR G 328 19.71 -10.32 -22.97
C THR G 328 20.78 -11.38 -23.09
N ARG G 329 21.16 -12.02 -21.99
CA ARG G 329 22.14 -13.10 -22.11
C ARG G 329 21.39 -14.38 -22.44
N ASP G 330 20.11 -14.42 -22.05
CA ASP G 330 19.21 -15.52 -22.40
C ASP G 330 19.19 -15.76 -23.89
N GLU G 331 18.71 -14.75 -24.61
CA GLU G 331 18.58 -14.81 -26.07
C GLU G 331 19.90 -15.10 -26.73
N LEU G 332 20.96 -14.49 -26.22
CA LEU G 332 22.30 -14.67 -26.76
C LEU G 332 22.77 -16.12 -26.63
N THR G 333 22.49 -16.74 -25.48
CA THR G 333 22.75 -18.16 -25.25
C THR G 333 22.12 -19.01 -26.35
N PHE G 334 20.81 -18.84 -26.51
CA PHE G 334 20.00 -19.61 -27.45
C PHE G 334 20.49 -19.56 -28.88
N ALA G 335 21.02 -18.42 -29.31
CA ALA G 335 21.53 -18.33 -30.67
C ALA G 335 22.63 -19.38 -30.77
N LYS G 336 23.41 -19.50 -29.69
CA LYS G 336 24.49 -20.47 -29.61
C LYS G 336 23.98 -21.92 -29.66
N PHE G 337 22.87 -22.19 -28.97
CA PHE G 337 22.30 -23.54 -28.95
C PHE G 337 21.88 -23.91 -30.37
N ILE G 338 21.28 -22.95 -31.05
CA ILE G 338 20.87 -23.09 -32.44
C ILE G 338 22.05 -23.34 -33.36
N ARG G 339 22.98 -22.40 -33.40
CA ARG G 339 24.09 -22.52 -34.32
C ARG G 339 24.89 -23.78 -34.02
N GLU G 340 24.64 -24.42 -32.88
CA GLU G 340 25.20 -25.72 -32.65
C GLU G 340 24.37 -26.81 -33.33
N LEU G 341 23.05 -26.63 -33.32
CA LEU G 341 22.15 -27.54 -34.05
C LEU G 341 22.49 -27.56 -35.52
N GLN G 342 22.33 -26.40 -36.18
CA GLN G 342 22.66 -26.22 -37.58
C GLN G 342 23.94 -26.94 -37.97
N HIS G 343 24.90 -27.01 -37.05
CA HIS G 343 26.14 -27.74 -37.30
C HIS G 343 26.00 -29.25 -37.14
N LYS G 344 24.83 -29.72 -36.71
CA LYS G 344 24.56 -31.16 -36.64
C LYS G 344 23.75 -31.57 -37.84
N PHE G 345 22.84 -30.69 -38.22
CA PHE G 345 22.03 -30.82 -39.42
C PHE G 345 22.87 -30.35 -40.61
N GLU G 346 24.09 -29.93 -40.34
CA GLU G 346 25.06 -29.63 -41.40
C GLU G 346 25.31 -30.90 -42.20
N GLU G 347 25.29 -32.02 -41.51
CA GLU G 347 25.59 -33.32 -42.08
C GLU G 347 24.74 -33.65 -43.29
N VAL G 348 23.45 -33.34 -43.23
CA VAL G 348 22.53 -33.70 -44.30
C VAL G 348 22.83 -33.01 -45.63
N PHE G 349 23.80 -32.12 -45.62
CA PHE G 349 24.23 -31.46 -46.84
C PHE G 349 25.59 -31.99 -47.34
N LEU G 350 26.46 -32.36 -46.42
CA LEU G 350 27.83 -32.68 -46.81
C LEU G 350 28.06 -34.13 -47.24
N ASP G 351 27.18 -35.07 -46.85
CA ASP G 351 27.33 -36.42 -47.41
C ASP G 351 26.40 -36.70 -48.60
N PRO G 352 25.41 -35.84 -48.89
CA PRO G 352 24.92 -36.06 -50.26
C PRO G 352 25.82 -35.36 -51.27
N LEU G 353 26.52 -34.31 -50.84
CA LEU G 353 27.40 -33.56 -51.72
C LEU G 353 28.72 -34.30 -51.98
N LYS G 354 29.39 -34.74 -50.92
CA LYS G 354 30.71 -35.36 -51.07
C LYS G 354 30.65 -36.69 -51.82
N THR G 355 29.57 -37.44 -51.65
CA THR G 355 29.42 -38.70 -52.39
C THR G 355 28.95 -38.43 -53.81
N ASN G 356 28.47 -37.21 -54.08
CA ASN G 356 28.05 -36.80 -55.41
C ASN G 356 29.18 -36.07 -56.11
N LEU G 357 30.13 -35.57 -55.32
CA LEU G 357 31.32 -34.88 -55.82
C LEU G 357 32.50 -35.85 -55.93
N LEU G 358 32.18 -37.12 -55.83
CA LEU G 358 33.14 -38.20 -55.98
C LEU G 358 32.54 -39.14 -57.03
N LEU G 359 31.22 -39.30 -56.95
CA LEU G 359 30.45 -40.00 -57.98
C LEU G 359 30.67 -39.29 -59.32
N LYS G 360 30.57 -37.97 -59.30
CA LYS G 360 30.66 -37.14 -60.51
C LYS G 360 32.10 -36.99 -61.00
N GLY G 361 33.04 -37.01 -60.07
CA GLY G 361 34.43 -36.83 -60.40
C GLY G 361 35.01 -35.62 -59.71
N ILE G 362 35.92 -34.93 -60.38
CA ILE G 362 36.69 -33.82 -59.80
C ILE G 362 37.46 -34.31 -58.55
N ILE G 363 37.23 -33.71 -57.38
CA ILE G 363 38.02 -33.97 -56.18
C ILE G 363 37.86 -35.39 -55.61
N THR G 364 38.99 -36.02 -55.26
CA THR G 364 38.95 -37.34 -54.64
C THR G 364 38.80 -37.26 -53.12
N GLU G 365 38.58 -38.40 -52.48
CA GLU G 365 38.41 -38.46 -51.04
C GLU G 365 39.68 -38.04 -50.30
N ASP G 366 40.84 -38.36 -50.87
CA ASP G 366 42.13 -38.03 -50.27
C ASP G 366 42.42 -36.53 -50.29
N GLU G 367 41.72 -35.80 -51.16
CA GLU G 367 41.85 -34.35 -51.22
C GLU G 367 40.86 -33.67 -50.27
N TRP G 368 39.69 -34.28 -50.16
CA TRP G 368 38.60 -33.76 -49.35
C TRP G 368 38.96 -33.62 -47.87
N ASN G 369 39.75 -34.58 -47.36
CA ASN G 369 40.10 -34.64 -45.96
C ASN G 369 40.74 -33.37 -45.41
N ASP G 370 41.48 -32.67 -46.28
CA ASP G 370 42.22 -31.47 -45.87
C ASP G 370 41.33 -30.23 -45.92
N GLU G 371 40.33 -30.25 -46.78
CA GLU G 371 39.46 -29.10 -46.98
C GLU G 371 38.53 -28.84 -45.78
N ILE G 372 38.23 -29.90 -45.02
CA ILE G 372 37.37 -29.74 -43.86
C ILE G 372 37.92 -30.50 -42.66
N ASN G 373 38.62 -29.82 -41.76
CA ASN G 373 38.93 -28.39 -41.88
C ASN G 373 37.71 -27.48 -41.99
N ASN G 374 37.74 -26.58 -42.96
CA ASN G 374 36.66 -25.63 -43.19
C ASN G 374 36.12 -25.58 -44.61
N ILE G 375 34.91 -26.08 -44.77
CA ILE G 375 34.07 -25.77 -45.92
C ILE G 375 32.69 -25.41 -45.36
N LYS G 376 32.64 -24.26 -44.70
CA LYS G 376 31.49 -23.82 -43.92
C LYS G 376 30.19 -23.76 -44.71
N ILE G 377 29.13 -24.32 -44.14
CA ILE G 377 27.79 -24.13 -44.66
C ILE G 377 27.06 -23.08 -43.83
N GLU G 378 26.96 -21.88 -44.37
CA GLU G 378 26.29 -20.78 -43.70
C GLU G 378 24.77 -20.87 -43.79
N PHE G 379 24.11 -21.03 -42.66
CA PHE G 379 22.68 -20.77 -42.62
C PHE G 379 22.49 -19.26 -42.58
N HIS G 380 21.35 -18.78 -43.08
CA HIS G 380 21.04 -17.37 -43.01
C HIS G 380 20.36 -17.14 -41.69
N ARG G 381 20.68 -16.04 -41.01
CA ARG G 381 20.03 -15.70 -39.75
C ARG G 381 18.80 -14.83 -40.03
N ASP G 382 18.18 -14.28 -39.00
CA ASP G 382 17.09 -13.34 -39.27
C ASP G 382 17.68 -11.98 -39.52
N SER G 383 17.42 -11.49 -40.73
CA SER G 383 17.82 -10.16 -41.16
C SER G 383 17.52 -9.07 -40.12
N TYR G 384 16.38 -9.19 -39.44
CA TYR G 384 15.97 -8.12 -38.53
C TYR G 384 16.81 -8.07 -37.27
N PHE G 385 17.24 -9.20 -36.73
CA PHE G 385 17.90 -9.16 -35.42
C PHE G 385 19.41 -9.25 -35.52
N ALA G 386 19.88 -9.42 -36.75
CA ALA G 386 21.26 -9.13 -37.00
C ALA G 386 21.43 -7.65 -36.74
N GLU G 387 20.60 -6.84 -37.39
CA GLU G 387 20.62 -5.39 -37.19
C GLU G 387 20.42 -5.02 -35.72
N LEU G 388 19.31 -5.48 -35.14
CA LEU G 388 18.94 -5.05 -33.81
C LEU G 388 19.91 -5.51 -32.72
N LYS G 389 20.77 -6.46 -33.05
CA LYS G 389 21.91 -6.80 -32.19
C LYS G 389 23.09 -5.88 -32.48
N GLU G 390 23.46 -5.81 -33.76
CA GLU G 390 24.56 -4.95 -34.23
C GLU G 390 24.25 -3.46 -34.06
N ALA G 391 23.19 -3.15 -33.34
CA ALA G 391 22.86 -1.76 -33.11
C ALA G 391 23.13 -1.42 -31.68
N GLU G 392 23.18 -2.43 -30.82
CA GLU G 392 23.52 -2.22 -29.42
C GLU G 392 25.03 -2.31 -29.21
N ILE G 393 25.66 -3.25 -29.93
CA ILE G 393 27.10 -3.31 -30.02
C ILE G 393 27.66 -1.96 -30.43
N LEU G 394 27.19 -1.46 -31.56
CA LEU G 394 27.69 -0.20 -32.10
C LEU G 394 27.22 1.02 -31.29
N GLU G 395 26.07 0.93 -30.63
CA GLU G 395 25.62 2.00 -29.76
C GLU G 395 26.57 2.19 -28.58
N ARG G 396 27.06 1.09 -28.04
CA ARG G 396 27.96 1.13 -26.89
C ARG G 396 29.38 1.53 -27.27
N ARG G 397 29.82 1.17 -28.47
CA ARG G 397 31.16 1.49 -28.90
C ARG G 397 31.29 2.96 -29.21
N ILE G 398 30.18 3.59 -29.59
CA ILE G 398 30.22 5.01 -29.83
C ILE G 398 30.08 5.74 -28.49
N ASN G 399 29.30 5.17 -27.58
CA ASN G 399 29.11 5.76 -26.26
C ASN G 399 30.40 5.79 -25.45
N MET G 400 31.21 4.76 -25.64
CA MET G 400 32.57 4.71 -25.10
C MET G 400 33.40 5.79 -25.78
N LEU G 401 33.33 5.82 -27.10
CA LEU G 401 34.17 6.68 -27.89
C LEU G 401 33.89 8.17 -27.66
N THR G 402 32.63 8.54 -27.38
CA THR G 402 32.34 9.94 -27.07
C THR G 402 32.90 10.25 -25.68
N MET G 403 32.77 9.25 -24.80
CA MET G 403 33.12 9.37 -23.39
C MET G 403 34.63 9.48 -23.19
N ALA G 404 35.38 8.66 -23.92
CA ALA G 404 36.83 8.68 -23.85
C ALA G 404 37.42 9.42 -25.01
N GLU G 405 36.79 10.53 -25.38
CA GLU G 405 37.24 11.31 -26.54
C GLU G 405 38.27 12.42 -26.25
N PRO G 406 38.12 13.18 -25.14
CA PRO G 406 39.07 14.30 -25.02
C PRO G 406 40.49 13.82 -24.82
N PHE G 407 40.65 12.55 -24.44
CA PHE G 407 41.95 11.97 -24.21
C PHE G 407 42.55 11.30 -25.44
N ILE G 408 41.82 11.24 -26.55
CA ILE G 408 42.28 10.48 -27.71
C ILE G 408 43.45 11.19 -28.39
N GLY G 409 43.59 12.48 -28.14
CA GLY G 409 44.80 13.12 -28.61
C GLY G 409 45.96 12.91 -27.65
N LYS G 410 45.67 12.93 -26.35
CA LYS G 410 46.69 13.02 -25.34
C LYS G 410 47.29 11.69 -24.91
N TYR G 411 46.48 10.66 -24.73
CA TYR G 411 46.97 9.43 -24.11
C TYR G 411 46.96 8.19 -25.01
N ILE G 412 45.79 7.88 -25.57
CA ILE G 412 45.60 6.76 -26.51
C ILE G 412 45.63 7.27 -27.94
N SER G 413 46.38 6.64 -28.83
CA SER G 413 46.46 7.14 -30.21
C SER G 413 45.12 7.12 -30.89
N HIS G 414 45.06 7.68 -32.10
CA HIS G 414 43.85 7.52 -32.89
C HIS G 414 43.76 6.08 -33.39
N ARG G 415 44.84 5.59 -33.97
CA ARG G 415 44.92 4.22 -34.42
C ARG G 415 44.57 3.24 -33.31
N THR G 416 45.02 3.54 -32.10
CA THR G 416 44.90 2.61 -31.00
C THR G 416 43.46 2.51 -30.51
N ALA G 417 42.76 3.62 -30.46
CA ALA G 417 41.34 3.59 -30.07
C ALA G 417 40.48 2.97 -31.17
N MET G 418 40.76 3.37 -32.40
CA MET G 418 40.02 2.90 -33.57
C MET G 418 40.01 1.38 -33.67
N LYS G 419 40.98 0.74 -33.04
CA LYS G 419 41.18 -0.70 -33.20
C LYS G 419 40.83 -1.48 -31.92
N ASP G 420 40.59 -0.76 -30.82
CA ASP G 420 40.18 -1.43 -29.59
C ASP G 420 38.98 -0.77 -28.91
N ILE G 421 38.56 0.40 -29.38
CA ILE G 421 37.29 0.97 -28.94
C ILE G 421 36.23 0.67 -29.99
N LEU G 422 36.64 0.63 -31.26
CA LEU G 422 35.72 0.30 -32.34
C LEU G 422 35.80 -1.15 -32.77
N GLN G 423 36.87 -1.83 -32.35
CA GLN G 423 37.07 -3.25 -32.63
C GLN G 423 37.19 -3.54 -34.11
N MET G 424 37.62 -2.55 -34.88
CA MET G 424 37.91 -2.78 -36.29
C MET G 424 39.17 -3.62 -36.45
N THR G 425 39.57 -3.85 -37.69
CA THR G 425 40.86 -4.45 -37.97
C THR G 425 41.67 -3.55 -38.88
N ASP G 426 42.94 -3.90 -39.09
CA ASP G 426 43.88 -3.04 -39.80
C ASP G 426 43.50 -2.75 -41.25
N GLU G 427 43.21 -3.80 -42.01
CA GLU G 427 42.90 -3.63 -43.43
C GLU G 427 41.55 -2.94 -43.63
N GLU G 428 40.76 -2.86 -42.55
CA GLU G 428 39.52 -2.08 -42.59
C GLU G 428 39.83 -0.59 -42.44
N ILE G 429 40.83 -0.26 -41.62
CA ILE G 429 41.28 1.11 -41.49
C ILE G 429 42.09 1.52 -42.71
N GLU G 430 42.94 0.60 -43.20
CA GLU G 430 43.67 0.83 -44.43
C GLU G 430 42.70 1.19 -45.57
N GLN G 431 41.80 0.26 -45.85
CA GLN G 431 40.79 0.41 -46.90
C GLN G 431 40.01 1.72 -46.74
N GLU G 432 39.62 2.03 -45.51
CA GLU G 432 38.80 3.20 -45.27
C GLU G 432 39.58 4.50 -45.43
N ALA G 433 40.80 4.55 -44.90
CA ALA G 433 41.62 5.75 -44.98
C ALA G 433 41.83 6.21 -46.43
N LYS G 434 42.03 5.25 -47.33
CA LYS G 434 42.15 5.53 -48.75
C LYS G 434 40.82 6.02 -49.33
N GLN G 435 39.75 5.34 -48.94
CA GLN G 435 38.40 5.63 -49.42
C GLN G 435 37.95 7.05 -49.06
N ILE G 436 38.13 7.39 -47.78
CA ILE G 436 37.61 8.63 -47.22
C ILE G 436 38.25 9.88 -47.82
N GLU G 437 39.34 9.69 -48.57
CA GLU G 437 40.00 10.83 -49.21
C GLU G 437 39.10 11.48 -50.28
N GLU G 438 38.36 10.67 -51.02
CA GLU G 438 37.60 11.18 -52.15
C GLU G 438 36.25 11.75 -51.71
N GLU G 439 35.80 11.30 -50.54
CA GLU G 439 34.63 11.91 -49.90
C GLU G 439 34.86 13.40 -49.76
N SER G 440 36.10 13.77 -49.48
CA SER G 440 36.47 15.17 -49.28
C SER G 440 36.80 15.85 -50.60
N LYS G 441 36.32 15.29 -51.71
CA LYS G 441 36.62 15.88 -53.02
C LYS G 441 35.44 16.06 -53.98
N GLU G 442 34.57 17.04 -53.74
CA GLU G 442 34.62 17.92 -52.57
C GLU G 442 33.25 17.87 -51.90
N ALA G 443 32.21 17.99 -52.72
CA ALA G 443 30.82 17.95 -52.28
C ALA G 443 30.44 16.52 -51.92
N ARG G 444 29.34 16.33 -51.21
CA ARG G 444 28.40 17.38 -50.80
C ARG G 444 28.45 17.69 -49.30
N PHE G 445 29.40 17.09 -48.60
CA PHE G 445 29.42 17.17 -47.14
C PHE G 445 30.28 18.31 -46.59
N GLN G 446 30.91 19.07 -47.47
CA GLN G 446 31.73 20.19 -47.04
C GLN G 446 30.84 21.32 -46.50
N ASP G 447 30.94 21.59 -45.20
CA ASP G 447 30.06 22.54 -44.53
C ASP G 447 30.71 23.92 -44.34
N ASN H 1 34.49 -51.16 -9.70
CA ASN H 1 33.05 -51.33 -9.70
C ASN H 1 32.31 -50.17 -9.03
N TRP H 2 32.77 -49.79 -7.84
CA TRP H 2 32.21 -48.64 -7.14
C TRP H 2 32.43 -47.37 -7.94
N ILE H 3 33.61 -47.29 -8.56
CA ILE H 3 33.93 -46.25 -9.53
C ILE H 3 32.88 -46.22 -10.65
N SER H 4 32.47 -47.41 -11.07
CA SER H 4 31.56 -47.58 -12.20
C SER H 4 30.10 -47.28 -11.86
N GLU H 5 29.71 -47.57 -10.62
CA GLU H 5 28.35 -47.23 -10.17
C GLU H 5 28.21 -45.71 -9.98
N LEU H 6 29.32 -45.07 -9.67
CA LEU H 6 29.37 -43.64 -9.47
C LEU H 6 29.12 -42.90 -10.77
N ILE H 7 29.81 -43.30 -11.82
CA ILE H 7 29.64 -42.65 -13.12
C ILE H 7 28.27 -43.00 -13.70
N ASP H 8 27.56 -43.93 -13.05
CA ASP H 8 26.19 -44.18 -13.45
C ASP H 8 25.33 -43.04 -12.92
N THR H 9 25.33 -42.87 -11.61
CA THR H 9 24.44 -41.90 -10.97
C THR H 9 24.67 -40.44 -11.39
N TYR H 10 25.90 -40.11 -11.79
CA TYR H 10 26.18 -38.80 -12.38
C TYR H 10 25.45 -38.67 -13.69
N ARG H 11 25.44 -39.74 -14.47
CA ARG H 11 24.84 -39.68 -15.80
C ARG H 11 23.35 -39.84 -15.69
N ASN H 12 22.88 -40.21 -14.50
CA ASN H 12 21.45 -40.18 -14.25
C ASN H 12 21.11 -38.95 -13.43
N LEU H 13 22.04 -38.01 -13.40
CA LEU H 13 21.82 -36.67 -12.87
C LEU H 13 21.59 -35.77 -14.08
N MET H 14 22.25 -36.11 -15.17
CA MET H 14 22.11 -35.38 -16.40
C MET H 14 20.80 -35.67 -17.05
N ASN H 15 20.24 -36.85 -16.75
CA ASN H 15 19.01 -37.34 -17.40
C ASN H 15 17.88 -36.37 -17.14
N ASN H 16 17.91 -35.88 -15.89
CA ASN H 16 17.00 -34.88 -15.35
C ASN H 16 17.30 -33.53 -16.02
N TYR H 17 16.36 -32.60 -15.93
CA TYR H 17 16.47 -31.33 -16.62
C TYR H 17 17.04 -30.34 -15.62
N GLU H 18 17.52 -29.20 -16.11
CA GLU H 18 18.08 -28.17 -15.23
C GLU H 18 19.51 -28.55 -14.95
N VAL H 19 19.74 -29.79 -14.51
CA VAL H 19 21.09 -30.25 -14.28
C VAL H 19 21.73 -30.18 -15.65
N ASP H 20 20.96 -30.60 -16.65
CA ASP H 20 21.37 -30.55 -18.04
C ASP H 20 21.53 -29.09 -18.45
N ASN H 21 20.61 -28.24 -18.01
CA ASN H 21 20.71 -26.83 -18.36
C ASN H 21 21.95 -26.17 -17.74
N ALA H 22 22.26 -26.52 -16.48
CA ALA H 22 23.37 -25.92 -15.73
C ALA H 22 24.73 -26.50 -16.07
N VAL H 23 24.78 -27.79 -16.42
CA VAL H 23 26.03 -28.42 -16.81
C VAL H 23 26.48 -27.94 -18.17
N SER H 24 25.50 -27.71 -19.04
CA SER H 24 25.81 -27.20 -20.36
C SER H 24 25.83 -25.70 -20.36
N GLU H 25 25.64 -25.13 -19.19
CA GLU H 25 25.99 -23.75 -19.01
C GLU H 25 27.51 -23.61 -19.09
N ILE H 26 28.18 -24.39 -18.23
CA ILE H 26 29.63 -24.53 -18.17
C ILE H 26 30.30 -24.87 -19.53
N VAL H 27 29.91 -25.99 -20.12
CA VAL H 27 30.60 -26.47 -21.31
C VAL H 27 30.34 -25.55 -22.47
N SER H 28 29.36 -24.68 -22.32
CA SER H 28 29.09 -23.70 -23.36
C SER H 28 30.11 -22.60 -23.33
N ASP H 29 30.72 -22.39 -22.16
CA ASP H 29 31.80 -21.41 -22.07
C ASP H 29 33.08 -21.95 -21.44
N ALA H 30 33.15 -23.25 -21.21
CA ALA H 30 34.41 -23.85 -20.80
C ALA H 30 35.23 -24.23 -22.02
N ILE H 31 34.55 -24.36 -23.17
CA ILE H 31 35.22 -24.36 -24.48
C ILE H 31 34.31 -23.72 -25.53
N VAL H 32 34.48 -22.45 -25.83
CA VAL H 32 33.49 -21.81 -26.68
C VAL H 32 33.89 -21.59 -28.14
N TYR H 33 33.30 -22.41 -29.02
CA TYR H 33 33.48 -22.21 -30.43
C TYR H 33 33.02 -20.84 -30.82
N GLU H 34 33.79 -20.18 -31.68
CA GLU H 34 33.31 -18.98 -32.32
C GLU H 34 33.67 -19.05 -33.78
N ASP H 35 33.02 -18.22 -34.59
CA ASP H 35 33.28 -18.18 -36.02
C ASP H 35 34.64 -17.54 -36.29
N ASP H 36 35.38 -18.10 -37.23
CA ASP H 36 36.69 -17.57 -37.59
C ASP H 36 37.71 -17.87 -36.49
N THR H 37 37.41 -17.41 -35.27
CA THR H 37 38.29 -17.62 -34.14
C THR H 37 38.43 -19.10 -33.79
N GLU H 38 39.65 -19.49 -33.40
CA GLU H 38 39.93 -20.87 -33.04
C GLU H 38 39.81 -21.14 -31.54
N VAL H 39 39.73 -22.42 -31.20
CA VAL H 39 39.59 -22.89 -29.83
C VAL H 39 40.87 -23.67 -29.45
N VAL H 40 41.25 -23.64 -28.16
CA VAL H 40 42.42 -24.37 -27.63
C VAL H 40 43.84 -24.18 -28.23
N ALA H 41 44.28 -22.93 -28.41
CA ALA H 41 45.62 -22.64 -28.94
C ALA H 41 46.79 -22.98 -27.99
N LEU H 42 47.97 -23.28 -28.56
CA LEU H 42 49.15 -23.62 -27.79
C LEU H 42 50.06 -22.42 -27.66
N ASN H 43 49.76 -21.55 -26.70
CA ASN H 43 50.57 -20.37 -26.46
C ASN H 43 51.98 -20.77 -26.05
N LEU H 44 52.96 -20.37 -26.85
CA LEU H 44 54.34 -20.65 -26.52
C LEU H 44 54.95 -19.31 -26.16
N ASP H 45 55.18 -19.10 -24.88
CA ASP H 45 55.79 -17.86 -24.42
C ASP H 45 56.88 -18.23 -23.44
N LYS H 46 57.88 -18.93 -23.95
CA LYS H 46 58.99 -19.37 -23.13
C LYS H 46 60.22 -19.60 -24.00
N SER H 47 61.38 -19.58 -23.37
CA SER H 47 62.65 -19.82 -24.06
C SER H 47 62.63 -21.16 -24.79
N LYS H 48 62.67 -21.09 -26.12
CA LYS H 48 62.74 -22.28 -26.96
C LYS H 48 63.93 -22.16 -27.90
N PHE H 49 64.55 -23.28 -28.21
CA PHE H 49 65.81 -23.29 -28.95
C PHE H 49 65.71 -22.65 -30.33
N SER H 50 64.68 -23.01 -31.09
CA SER H 50 64.54 -22.52 -32.45
C SER H 50 63.25 -21.74 -32.67
N PRO H 51 63.30 -20.71 -33.53
CA PRO H 51 62.10 -20.02 -33.99
C PRO H 51 61.25 -20.94 -34.86
N LYS H 52 61.88 -21.99 -35.38
CA LYS H 52 61.18 -22.96 -36.22
C LYS H 52 60.52 -24.06 -35.39
N ILE H 53 61.17 -24.52 -34.32
CA ILE H 53 60.58 -25.58 -33.51
C ILE H 53 59.35 -25.10 -32.73
N LYS H 54 59.36 -23.85 -32.28
CA LYS H 54 58.25 -23.32 -31.51
C LYS H 54 56.99 -23.22 -32.39
N ASN H 55 57.20 -22.95 -33.68
CA ASN H 55 56.08 -22.97 -34.63
C ASN H 55 55.89 -24.35 -35.21
N MET H 56 56.86 -25.23 -35.00
CA MET H 56 56.79 -26.59 -35.54
C MET H 56 55.73 -27.40 -34.80
N MET H 57 55.45 -27.01 -33.56
CA MET H 57 54.44 -27.69 -32.76
C MET H 57 53.08 -27.69 -33.42
N LEU H 58 52.83 -26.73 -34.31
CA LEU H 58 51.52 -26.62 -34.94
C LEU H 58 51.32 -27.82 -35.86
N ASP H 59 52.40 -28.26 -36.50
CA ASP H 59 52.40 -29.50 -37.28
C ASP H 59 52.06 -30.66 -36.35
N GLU H 60 52.45 -30.51 -35.09
CA GLU H 60 52.18 -31.51 -34.07
C GLU H 60 50.84 -31.27 -33.40
N PHE H 61 50.61 -30.03 -32.97
CA PHE H 61 49.46 -29.70 -32.11
C PHE H 61 48.17 -29.41 -32.88
N SER H 62 48.26 -28.63 -33.96
CA SER H 62 47.06 -28.41 -34.79
C SER H 62 46.60 -29.73 -35.42
N ASP H 63 47.45 -30.75 -35.32
CA ASP H 63 47.15 -32.09 -35.78
C ASP H 63 46.68 -33.00 -34.63
N VAL H 64 47.13 -32.73 -33.40
CA VAL H 64 46.73 -33.58 -32.28
C VAL H 64 45.28 -33.31 -31.88
N LEU H 65 44.78 -32.16 -32.33
CA LEU H 65 43.36 -31.83 -32.17
C LEU H 65 42.51 -32.66 -33.15
N ASN H 66 43.02 -32.79 -34.37
CA ASN H 66 42.36 -33.57 -35.41
C ASN H 66 42.04 -35.00 -34.95
N HIS H 67 42.92 -35.59 -34.16
CA HIS H 67 42.75 -36.96 -33.69
C HIS H 67 41.59 -37.03 -32.71
N LEU H 68 41.45 -35.98 -31.91
CA LEU H 68 40.32 -35.85 -31.02
C LEU H 68 39.11 -35.44 -31.83
N SER H 69 39.37 -35.09 -33.09
CA SER H 69 38.39 -34.43 -33.95
C SER H 69 37.77 -33.27 -33.18
N PHE H 70 38.63 -32.56 -32.45
CA PHE H 70 38.20 -31.63 -31.41
C PHE H 70 37.31 -30.49 -31.91
N GLN H 71 37.44 -30.12 -33.18
CA GLN H 71 36.76 -28.94 -33.69
C GLN H 71 35.23 -29.10 -33.73
N ARG H 72 34.74 -30.31 -33.92
CA ARG H 72 33.31 -30.54 -33.91
C ARG H 72 32.92 -31.53 -32.82
N LYS H 73 33.91 -32.06 -32.12
CA LYS H 73 33.67 -33.06 -31.08
C LYS H 73 34.29 -32.67 -29.74
N GLY H 74 34.48 -31.37 -29.53
CA GLY H 74 35.12 -30.91 -28.31
C GLY H 74 34.17 -30.79 -27.12
N SER H 75 33.05 -30.12 -27.34
CA SER H 75 32.12 -29.82 -26.26
C SER H 75 31.33 -31.07 -25.90
N ASP H 76 31.79 -32.21 -26.37
CA ASP H 76 31.22 -33.45 -25.87
C ASP H 76 32.31 -34.17 -25.06
N HIS H 77 33.54 -34.12 -25.54
CA HIS H 77 34.67 -34.75 -24.84
C HIS H 77 34.88 -34.14 -23.46
N PHE H 78 34.60 -32.85 -23.34
CA PHE H 78 34.75 -32.09 -22.10
C PHE H 78 33.54 -32.29 -21.21
N ARG H 79 32.36 -32.12 -21.80
CA ARG H 79 31.12 -32.41 -21.12
C ARG H 79 31.08 -33.84 -20.65
N ARG H 80 31.92 -34.69 -21.22
CA ARG H 80 32.05 -36.03 -20.70
C ARG H 80 33.02 -36.08 -19.51
N TRP H 81 34.14 -35.37 -19.60
CA TRP H 81 35.13 -35.26 -18.52
C TRP H 81 34.50 -34.79 -17.23
N TYR H 82 33.67 -33.78 -17.38
CA TYR H 82 33.07 -33.07 -16.26
C TYR H 82 32.02 -33.91 -15.62
N VAL H 83 31.20 -34.58 -16.43
CA VAL H 83 30.06 -35.27 -15.87
C VAL H 83 30.37 -36.74 -15.55
N ASP H 84 31.24 -37.33 -16.35
CA ASP H 84 31.70 -38.70 -16.22
C ASP H 84 32.49 -38.90 -14.94
N SER H 85 33.27 -37.87 -14.60
CA SER H 85 34.15 -37.85 -13.43
C SER H 85 35.50 -38.47 -13.78
N ARG H 86 35.68 -38.78 -15.07
CA ARG H 86 36.92 -39.36 -15.57
C ARG H 86 36.83 -39.45 -17.08
N ILE H 87 37.96 -39.53 -17.78
CA ILE H 87 37.91 -39.65 -19.22
C ILE H 87 39.22 -40.26 -19.68
N PHE H 88 39.12 -41.34 -20.44
CA PHE H 88 40.30 -42.07 -20.86
C PHE H 88 40.39 -42.12 -22.37
N PHE H 89 41.52 -41.71 -22.94
CA PHE H 89 41.77 -41.95 -24.34
C PHE H 89 42.88 -42.98 -24.49
N HIS H 90 42.56 -44.10 -25.12
CA HIS H 90 43.59 -45.09 -25.47
C HIS H 90 44.42 -44.55 -26.62
N LYS H 91 45.70 -44.87 -26.61
CA LYS H 91 46.58 -44.36 -27.65
C LYS H 91 47.15 -45.49 -28.47
N ILE H 92 46.92 -45.41 -29.77
CA ILE H 92 47.44 -46.38 -30.71
C ILE H 92 48.79 -45.92 -31.24
N ILE H 93 49.84 -46.64 -30.86
CA ILE H 93 51.17 -46.38 -31.39
C ILE H 93 52.03 -47.65 -31.23
N ASP H 94 52.68 -48.05 -32.31
CA ASP H 94 52.59 -47.30 -33.55
C ASP H 94 52.11 -48.09 -34.80
N PRO H 95 52.41 -49.41 -34.91
CA PRO H 95 53.19 -50.43 -34.18
C PRO H 95 54.66 -50.39 -34.56
N LYS H 96 54.89 -49.85 -35.74
CA LYS H 96 56.20 -49.62 -36.31
C LYS H 96 55.95 -48.81 -37.57
N ARG H 97 56.85 -47.91 -37.94
CA ARG H 97 58.14 -47.73 -37.29
C ARG H 97 58.03 -46.67 -36.20
N PRO H 98 59.03 -46.58 -35.29
CA PRO H 98 58.96 -45.46 -34.35
C PRO H 98 59.02 -44.11 -35.07
N LYS H 99 58.54 -43.06 -34.41
CA LYS H 99 58.53 -41.71 -34.97
C LYS H 99 57.76 -41.62 -36.29
N GLU H 100 56.80 -42.52 -36.47
CA GLU H 100 55.99 -42.52 -37.69
C GLU H 100 55.13 -41.25 -37.80
N GLY H 101 54.47 -40.85 -36.72
CA GLY H 101 54.42 -41.62 -35.48
C GLY H 101 53.04 -41.53 -34.83
N ILE H 102 52.60 -42.61 -34.19
CA ILE H 102 51.30 -42.70 -33.48
C ILE H 102 50.08 -42.96 -34.39
N LYS H 103 48.90 -43.01 -33.78
CA LYS H 103 47.67 -43.22 -34.53
C LYS H 103 46.50 -42.67 -33.74
N GLU H 104 45.29 -42.88 -34.26
CA GLU H 104 44.08 -42.30 -33.70
C GLU H 104 43.89 -42.60 -32.21
N LEU H 105 43.43 -41.59 -31.46
CA LEU H 105 43.09 -41.76 -30.05
C LEU H 105 41.62 -42.10 -29.92
N ARG H 106 41.34 -43.27 -29.37
CA ARG H 106 39.96 -43.73 -29.23
C ARG H 106 39.49 -43.58 -27.79
N ARG H 107 38.37 -42.88 -27.62
CA ARG H 107 37.76 -42.69 -26.31
C ARG H 107 37.46 -44.04 -25.71
N LEU H 108 37.59 -44.17 -24.39
CA LEU H 108 37.17 -45.38 -23.70
C LEU H 108 35.97 -45.04 -22.83
N ASP H 109 35.02 -45.96 -22.76
CA ASP H 109 33.92 -45.83 -21.82
C ASP H 109 34.49 -45.88 -20.43
N PRO H 110 34.31 -44.82 -19.63
CA PRO H 110 34.54 -45.05 -18.20
C PRO H 110 33.54 -46.09 -17.71
N ARG H 111 33.81 -46.71 -16.55
CA ARG H 111 33.04 -47.85 -16.00
C ARG H 111 33.52 -49.19 -16.57
N GLN H 112 34.44 -49.14 -17.52
CA GLN H 112 35.01 -50.37 -18.06
C GLN H 112 36.51 -50.32 -17.87
N VAL H 113 36.96 -49.40 -17.03
CA VAL H 113 38.38 -49.22 -16.76
C VAL H 113 38.68 -49.26 -15.26
N GLN H 114 39.68 -50.04 -14.86
CA GLN H 114 40.12 -50.09 -13.46
C GLN H 114 41.61 -49.75 -13.36
N TYR H 115 41.97 -48.90 -12.40
CA TYR H 115 43.36 -48.43 -12.29
C TYR H 115 44.02 -48.79 -10.96
N VAL H 116 44.81 -49.86 -10.98
CA VAL H 116 45.68 -50.22 -9.87
C VAL H 116 47.03 -50.67 -10.40
N TYR H 136 48.71 -49.29 -13.97
CA TYR H 136 48.35 -50.50 -14.69
C TYR H 136 46.83 -50.52 -14.93
N PHE H 137 46.43 -50.17 -16.15
CA PHE H 137 45.03 -49.98 -16.48
C PHE H 137 44.34 -51.27 -16.95
N ILE H 138 43.23 -51.61 -16.31
CA ILE H 138 42.49 -52.81 -16.63
C ILE H 138 41.23 -52.47 -17.43
N TYR H 139 41.34 -52.48 -18.74
CA TYR H 139 40.19 -52.19 -19.58
C TYR H 139 39.32 -53.42 -19.74
N ASP H 140 38.18 -53.43 -19.05
CA ASP H 140 37.17 -54.47 -19.26
C ASP H 140 36.51 -54.25 -20.62
N THR H 141 36.32 -55.33 -21.36
CA THR H 141 35.72 -55.23 -22.68
C THR H 141 34.29 -55.78 -22.70
N ALA H 142 33.34 -54.92 -23.01
CA ALA H 142 31.98 -55.35 -23.26
C ALA H 142 31.80 -55.49 -24.76
N HIS H 143 31.55 -56.71 -25.24
CA HIS H 143 31.41 -56.92 -26.67
C HIS H 143 32.80 -56.76 -27.28
N GLU H 144 32.89 -56.46 -28.58
CA GLU H 144 34.20 -56.27 -29.20
C GLU H 144 34.39 -54.81 -29.60
N SER H 145 35.45 -54.18 -29.10
CA SER H 145 35.71 -52.76 -29.42
C SER H 145 36.82 -52.45 -30.42
N TYR H 146 38.02 -53.01 -30.23
CA TYR H 146 39.13 -52.74 -31.15
C TYR H 146 40.23 -53.80 -31.18
N ALA H 147 40.98 -53.83 -32.28
CA ALA H 147 42.07 -54.79 -32.45
C ALA H 147 43.48 -54.22 -32.22
N CYS H 148 43.57 -52.95 -31.87
CA CYS H 148 44.86 -52.32 -31.64
C CYS H 148 45.79 -52.77 -32.75
N ASP H 149 47.10 -52.56 -32.56
CA ASP H 149 48.08 -52.97 -33.55
C ASP H 149 48.12 -54.49 -33.73
N GLY H 150 47.98 -55.21 -32.61
CA GLY H 150 48.03 -56.65 -32.59
C GLY H 150 47.62 -57.19 -31.23
N ARG H 151 47.25 -58.47 -31.17
CA ARG H 151 47.27 -59.32 -32.36
C ARG H 151 45.92 -59.30 -33.09
N MET H 152 44.83 -59.18 -32.33
CA MET H 152 43.48 -59.20 -32.90
C MET H 152 42.48 -58.74 -31.84
N TYR H 153 41.26 -58.42 -32.27
CA TYR H 153 40.21 -57.93 -31.38
C TYR H 153 39.82 -58.93 -30.30
N GLU H 154 40.11 -58.58 -29.06
CA GLU H 154 39.72 -59.39 -27.92
C GLU H 154 38.22 -59.28 -27.68
N ALA H 155 37.64 -60.29 -27.03
CA ALA H 155 36.19 -60.33 -26.83
C ALA H 155 35.81 -60.80 -25.43
N GLY H 156 35.24 -59.89 -24.64
CA GLY H 156 34.73 -60.23 -23.32
C GLY H 156 35.79 -60.38 -22.24
N THR H 157 37.04 -60.09 -22.58
CA THR H 157 38.14 -60.29 -21.63
C THR H 157 38.79 -58.98 -21.16
N LYS H 158 39.27 -58.99 -19.92
CA LYS H 158 39.94 -57.84 -19.34
C LYS H 158 41.35 -57.68 -19.93
N ILE H 159 41.49 -56.77 -20.89
CA ILE H 159 42.80 -56.51 -21.49
C ILE H 159 43.55 -55.46 -20.68
N LYS H 160 44.86 -55.64 -20.53
CA LYS H 160 45.65 -54.75 -19.70
C LYS H 160 46.52 -53.81 -20.54
N ILE H 161 46.39 -52.52 -20.29
CA ILE H 161 47.22 -51.52 -20.96
C ILE H 161 48.11 -50.83 -19.93
N PRO H 162 49.38 -50.59 -20.28
CA PRO H 162 50.30 -49.88 -19.37
C PRO H 162 49.92 -48.42 -19.15
N LYS H 163 50.30 -47.87 -17.99
CA LYS H 163 49.98 -46.50 -17.60
C LYS H 163 50.59 -45.47 -18.55
N ALA H 164 51.26 -45.98 -19.57
CA ALA H 164 51.58 -45.23 -20.76
C ALA H 164 51.44 -46.22 -21.91
N ALA H 165 50.82 -45.81 -23.01
CA ALA H 165 50.34 -44.45 -23.17
C ALA H 165 48.82 -44.43 -23.23
N VAL H 166 48.21 -43.99 -22.12
CA VAL H 166 46.77 -43.73 -22.05
C VAL H 166 46.54 -42.43 -21.30
N VAL H 167 45.90 -41.44 -21.91
CA VAL H 167 45.71 -40.17 -21.21
C VAL H 167 44.56 -40.35 -20.23
N TYR H 168 44.82 -40.06 -18.96
CA TYR H 168 43.82 -40.22 -17.91
C TYR H 168 43.60 -38.88 -17.25
N ALA H 169 42.49 -38.24 -17.57
CA ALA H 169 42.20 -36.95 -17.00
C ALA H 169 41.09 -37.03 -15.97
N HIS H 170 41.39 -36.65 -14.74
CA HIS H 170 40.40 -36.74 -13.68
C HIS H 170 40.08 -35.37 -13.10
N SER H 171 38.81 -35.17 -12.74
CA SER H 171 38.40 -34.01 -11.95
C SER H 171 39.16 -34.01 -10.63
N GLY H 172 40.13 -33.10 -10.47
CA GLY H 172 41.04 -33.18 -9.34
C GLY H 172 40.46 -33.15 -7.92
N LEU H 173 39.54 -34.06 -7.62
CA LEU H 173 38.91 -34.08 -6.29
C LEU H 173 39.17 -35.29 -5.38
N VAL H 174 39.62 -35.01 -4.16
CA VAL H 174 39.93 -36.02 -3.14
C VAL H 174 38.76 -36.85 -2.59
N ASP H 175 37.61 -36.21 -2.36
CA ASP H 175 36.42 -36.87 -1.80
C ASP H 175 36.42 -36.89 -0.26
N CYS H 176 35.38 -37.47 0.34
CA CYS H 176 35.28 -37.53 1.81
C CYS H 176 36.42 -38.31 2.45
N CYS H 177 36.74 -39.45 1.86
CA CYS H 177 37.86 -40.29 2.32
C CYS H 177 38.88 -40.55 1.22
N GLY H 178 40.15 -40.26 1.50
CA GLY H 178 41.21 -40.50 0.55
C GLY H 178 41.50 -41.97 0.32
N LYS H 179 41.81 -42.35 -0.91
CA LYS H 179 41.84 -41.43 -2.03
C LYS H 179 40.85 -42.00 -3.04
N ASN H 180 39.86 -41.21 -3.40
CA ASN H 180 38.85 -41.64 -4.36
C ASN H 180 38.53 -40.46 -5.26
N ILE H 181 38.07 -40.72 -6.48
CA ILE H 181 37.76 -39.59 -7.36
C ILE H 181 36.26 -39.26 -7.38
N ILE H 182 35.94 -37.98 -7.18
CA ILE H 182 34.55 -37.52 -7.18
C ILE H 182 34.34 -36.12 -7.78
N GLY H 183 33.12 -35.83 -8.19
CA GLY H 183 32.77 -34.54 -8.75
C GLY H 183 32.94 -34.37 -10.26
N TYR H 184 32.63 -33.15 -10.73
CA TYR H 184 32.18 -32.10 -9.84
C TYR H 184 30.69 -32.09 -9.59
N LEU H 185 29.97 -33.10 -10.06
CA LEU H 185 28.54 -33.06 -9.93
C LEU H 185 28.07 -33.52 -8.56
N HIS H 186 28.93 -34.26 -7.85
CA HIS H 186 28.61 -34.88 -6.56
C HIS H 186 27.84 -34.01 -5.57
N ARG H 187 28.37 -32.86 -5.22
CA ARG H 187 27.70 -32.05 -4.21
C ARG H 187 26.23 -31.80 -4.52
N ALA H 188 25.88 -31.81 -5.80
CA ALA H 188 24.50 -31.58 -6.21
C ALA H 188 23.62 -32.83 -6.43
N VAL H 189 24.16 -34.02 -6.16
CA VAL H 189 23.42 -35.26 -6.33
C VAL H 189 22.31 -35.45 -5.30
N LYS H 190 22.66 -35.23 -4.03
CA LYS H 190 21.70 -35.36 -2.94
C LYS H 190 20.65 -34.28 -3.06
N PRO H 191 21.15 -33.02 -3.39
CA PRO H 191 20.12 -31.98 -3.51
C PRO H 191 19.16 -32.26 -4.65
N ALA H 192 19.68 -32.77 -5.77
CA ALA H 192 18.84 -33.02 -6.92
C ALA H 192 17.84 -34.14 -6.70
N ASN H 193 18.25 -35.13 -5.92
CA ASN H 193 17.37 -36.23 -5.64
C ASN H 193 16.22 -35.83 -4.72
N GLN H 194 16.31 -34.67 -4.08
CA GLN H 194 15.25 -34.29 -3.17
C GLN H 194 14.57 -33.04 -3.63
N LEU H 195 14.95 -32.50 -4.78
CA LEU H 195 14.10 -31.46 -5.37
C LEU H 195 12.94 -32.12 -6.09
N LYS H 196 13.24 -33.26 -6.72
CA LYS H 196 12.27 -34.06 -7.46
C LYS H 196 11.36 -34.87 -6.54
N LEU H 197 11.90 -35.22 -5.38
CA LEU H 197 11.12 -35.89 -4.33
C LEU H 197 10.08 -34.97 -3.70
N LEU H 198 9.82 -33.87 -4.38
CA LEU H 198 8.86 -32.89 -3.97
C LEU H 198 7.92 -32.68 -5.14
N GLU H 199 8.47 -32.78 -6.34
CA GLU H 199 7.73 -32.60 -7.58
C GLU H 199 6.86 -33.80 -7.89
N ASP H 200 7.19 -34.92 -7.28
CA ASP H 200 6.32 -36.08 -7.34
C ASP H 200 5.32 -35.99 -6.18
N ALA H 201 5.77 -35.46 -5.06
CA ALA H 201 4.89 -35.15 -3.97
C ALA H 201 3.86 -34.11 -4.36
N VAL H 202 4.25 -33.05 -5.06
CA VAL H 202 3.29 -31.99 -5.36
C VAL H 202 2.27 -32.38 -6.41
N VAL H 203 2.63 -33.28 -7.33
CA VAL H 203 1.63 -33.77 -8.26
C VAL H 203 0.86 -34.89 -7.60
N ILE H 204 1.49 -35.65 -6.71
CA ILE H 204 0.79 -36.78 -6.15
C ILE H 204 -0.34 -36.30 -5.24
N TYR H 205 -0.13 -35.16 -4.62
CA TYR H 205 -1.18 -34.65 -3.79
C TYR H 205 -2.34 -34.24 -4.68
N ARG H 206 -2.05 -33.65 -5.84
CA ARG H 206 -3.11 -33.10 -6.69
C ARG H 206 -3.80 -34.08 -7.62
N ILE H 207 -3.04 -34.94 -8.28
CA ILE H 207 -3.60 -36.04 -9.06
C ILE H 207 -4.65 -36.75 -8.26
N THR H 208 -4.23 -37.28 -7.11
CA THR H 208 -5.12 -37.99 -6.20
C THR H 208 -6.02 -36.95 -5.54
N ARG H 209 -7.30 -37.30 -5.42
CA ARG H 209 -8.30 -36.43 -4.83
C ARG H 209 -8.76 -35.41 -5.88
N ALA H 210 -8.15 -35.47 -7.05
CA ALA H 210 -8.51 -34.59 -8.15
C ALA H 210 -9.94 -34.98 -8.48
N PRO H 211 -10.17 -36.29 -8.43
CA PRO H 211 -11.50 -36.85 -8.70
C PRO H 211 -12.22 -37.09 -7.38
N ASP H 212 -13.47 -36.67 -7.25
CA ASP H 212 -14.16 -36.86 -5.96
C ASP H 212 -14.44 -38.34 -5.78
N ARG H 213 -14.07 -38.86 -4.61
CA ARG H 213 -14.30 -40.26 -4.30
C ARG H 213 -15.35 -40.35 -3.23
N ARG H 214 -16.21 -41.36 -3.33
CA ARG H 214 -17.27 -41.52 -2.37
C ARG H 214 -17.40 -42.96 -1.93
N VAL H 215 -17.44 -43.18 -0.61
CA VAL H 215 -17.56 -44.52 -0.07
C VAL H 215 -18.99 -44.81 0.37
N TRP H 216 -19.64 -45.73 -0.34
CA TRP H 216 -21.05 -46.03 -0.12
C TRP H 216 -21.23 -47.18 0.85
N TYR H 217 -21.69 -46.90 2.06
CA TYR H 217 -21.95 -47.97 3.00
C TYR H 217 -23.42 -48.37 2.93
N VAL H 218 -23.71 -49.60 2.49
CA VAL H 218 -25.07 -50.15 2.54
C VAL H 218 -25.04 -51.44 3.37
N ASP H 219 -26.00 -51.60 4.28
CA ASP H 219 -25.95 -52.70 5.23
C ASP H 219 -26.93 -53.83 4.90
N THR H 220 -26.56 -55.05 5.30
CA THR H 220 -27.41 -56.23 5.17
C THR H 220 -27.12 -57.19 6.32
N GLY H 221 -28.04 -57.26 7.28
CA GLY H 221 -27.86 -58.14 8.43
C GLY H 221 -28.53 -59.48 8.25
N ASN H 222 -27.82 -60.54 8.64
CA ASN H 222 -28.36 -61.90 8.69
C ASN H 222 -28.76 -62.47 7.32
N MET H 223 -27.93 -62.25 6.32
CA MET H 223 -28.07 -62.94 5.04
C MET H 223 -26.69 -63.36 4.55
N PRO H 224 -26.59 -64.62 4.07
CA PRO H 224 -25.31 -65.22 3.69
C PRO H 224 -24.58 -64.39 2.64
N ALA H 225 -23.25 -64.36 2.68
CA ALA H 225 -22.45 -63.59 1.73
C ALA H 225 -22.67 -64.08 0.29
N ARG H 226 -23.12 -65.32 0.15
CA ARG H 226 -23.45 -65.89 -1.15
C ARG H 226 -24.60 -65.12 -1.81
N LYS H 227 -25.61 -64.76 -1.01
CA LYS H 227 -26.80 -64.10 -1.54
C LYS H 227 -26.88 -62.63 -1.09
N ALA H 228 -26.03 -62.24 -0.15
CA ALA H 228 -25.96 -60.83 0.28
C ALA H 228 -25.30 -60.00 -0.81
N ALA H 229 -24.32 -60.58 -1.48
CA ALA H 229 -23.64 -59.92 -2.57
C ALA H 229 -24.59 -59.64 -3.74
N GLU H 230 -25.70 -60.37 -3.80
CA GLU H 230 -26.72 -60.14 -4.81
C GLU H 230 -27.49 -58.84 -4.54
N HIS H 231 -27.48 -58.41 -3.29
CA HIS H 231 -28.08 -57.14 -2.90
C HIS H 231 -27.07 -56.01 -3.12
N MET H 232 -25.87 -56.40 -3.56
CA MET H 232 -24.85 -55.45 -3.92
C MET H 232 -24.72 -55.35 -5.44
N GLN H 233 -25.04 -56.43 -6.14
CA GLN H 233 -25.02 -56.42 -7.60
C GLN H 233 -26.11 -55.52 -8.16
N HIS H 234 -27.13 -55.23 -7.36
CA HIS H 234 -28.27 -54.43 -7.81
C HIS H 234 -28.07 -52.94 -7.63
N VAL H 235 -27.26 -52.52 -6.66
CA VAL H 235 -27.02 -51.10 -6.44
C VAL H 235 -25.93 -50.57 -7.38
N MET H 236 -25.21 -51.48 -8.03
CA MET H 236 -24.27 -51.06 -9.07
C MET H 236 -25.02 -50.87 -10.40
N ASN H 237 -25.63 -51.94 -10.89
CA ASN H 237 -26.30 -51.94 -12.19
C ASN H 237 -27.46 -50.93 -12.31
N THR H 238 -27.76 -50.21 -11.22
CA THR H 238 -28.84 -49.23 -11.22
C THR H 238 -28.36 -47.80 -10.97
N MET H 239 -27.20 -47.65 -10.33
CA MET H 239 -26.76 -46.34 -9.88
C MET H 239 -25.29 -46.06 -10.12
N LYS H 240 -24.63 -46.97 -10.82
CA LYS H 240 -23.20 -46.83 -11.11
C LYS H 240 -22.96 -45.70 -12.10
N ASN H 241 -21.90 -44.92 -11.91
CA ASN H 241 -21.64 -43.80 -12.82
C ASN H 241 -20.54 -44.05 -13.85
N ARG H 242 -20.90 -43.92 -15.13
CA ARG H 242 -19.96 -44.12 -16.23
C ARG H 242 -19.32 -42.83 -16.76
N VAL H 243 -19.75 -41.69 -16.22
CA VAL H 243 -19.20 -40.41 -16.66
C VAL H 243 -17.67 -40.44 -16.64
N VAL H 244 -17.06 -40.10 -17.76
CA VAL H 244 -15.61 -40.14 -17.93
C VAL H 244 -15.07 -38.85 -18.53
N TYR H 245 -13.80 -38.54 -18.28
CA TYR H 245 -13.12 -37.44 -18.94
C TYR H 245 -11.83 -37.95 -19.56
N ASP H 246 -11.69 -37.81 -20.88
CA ASP H 246 -10.51 -38.33 -21.57
C ASP H 246 -9.58 -37.21 -22.00
N ALA H 247 -8.28 -37.40 -21.73
CA ALA H 247 -7.25 -36.38 -21.93
C ALA H 247 -6.80 -36.23 -23.39
N SER H 248 -7.27 -37.12 -24.26
CA SER H 248 -7.00 -36.98 -25.69
C SER H 248 -7.73 -35.74 -26.21
N THR H 249 -9.05 -35.83 -26.16
CA THR H 249 -9.94 -34.75 -26.55
C THR H 249 -10.65 -34.53 -25.23
N GLY H 250 -10.77 -33.28 -24.80
CA GLY H 250 -11.41 -33.03 -23.52
C GLY H 250 -12.92 -32.99 -23.61
N LYS H 251 -13.53 -34.16 -23.85
CA LYS H 251 -14.97 -34.20 -23.91
C LYS H 251 -15.42 -35.21 -22.87
N ILE H 252 -16.69 -35.19 -22.54
CA ILE H 252 -17.19 -36.12 -21.54
C ILE H 252 -17.92 -37.26 -22.25
N LYS H 253 -17.21 -38.38 -22.36
CA LYS H 253 -17.65 -39.52 -23.16
C LYS H 253 -18.99 -40.09 -22.71
N ASN H 254 -19.74 -40.63 -23.68
CA ASN H 254 -21.07 -41.20 -23.44
C ASN H 254 -22.07 -40.20 -22.85
N GLN H 255 -21.78 -38.92 -22.98
CA GLN H 255 -22.70 -37.89 -22.52
C GLN H 255 -22.89 -36.81 -23.60
N GLN H 256 -23.54 -37.20 -24.69
CA GLN H 256 -23.84 -36.28 -25.77
C GLN H 256 -25.35 -36.31 -25.99
N HIS H 257 -25.98 -35.14 -25.95
CA HIS H 257 -25.28 -33.88 -25.75
C HIS H 257 -25.83 -33.08 -24.57
N ASN H 258 -24.98 -32.19 -24.05
CA ASN H 258 -25.29 -31.32 -22.91
C ASN H 258 -24.91 -31.95 -21.57
N MET H 259 -25.04 -31.19 -20.50
CA MET H 259 -24.69 -31.68 -19.16
C MET H 259 -25.81 -31.58 -18.14
N SER H 260 -26.01 -32.66 -17.39
CA SER H 260 -27.03 -32.73 -16.36
C SER H 260 -26.85 -31.52 -15.46
N MET H 261 -27.96 -30.84 -15.15
CA MET H 261 -27.91 -29.71 -14.25
C MET H 261 -27.65 -30.22 -12.86
N THR H 262 -28.13 -31.43 -12.55
CA THR H 262 -27.93 -31.98 -11.21
C THR H 262 -28.12 -33.49 -11.15
N GLU H 263 -27.52 -34.12 -10.13
CA GLU H 263 -27.53 -35.58 -9.96
C GLU H 263 -28.56 -36.10 -8.98
N ASP H 264 -28.78 -37.40 -8.98
CA ASP H 264 -29.79 -37.98 -8.10
C ASP H 264 -29.50 -39.45 -7.74
N TYR H 265 -29.00 -39.68 -6.53
CA TYR H 265 -28.69 -41.02 -6.06
C TYR H 265 -29.70 -41.47 -5.00
N TRP H 266 -30.17 -42.71 -5.10
CA TRP H 266 -31.28 -43.22 -4.26
C TRP H 266 -30.96 -44.47 -3.41
N LEU H 267 -30.72 -44.26 -2.12
CA LEU H 267 -30.36 -45.33 -1.21
C LEU H 267 -31.45 -45.58 -0.16
N GLN H 268 -31.58 -46.83 0.27
CA GLN H 268 -32.68 -47.22 1.16
C GLN H 268 -32.19 -47.94 2.41
N ARG H 269 -32.11 -47.21 3.51
CA ARG H 269 -31.75 -47.78 4.79
C ARG H 269 -32.84 -48.77 5.22
N ARG H 270 -32.61 -50.05 4.96
CA ARG H 270 -33.62 -51.08 5.18
C ARG H 270 -34.08 -51.17 6.63
N ASP H 271 -33.15 -51.01 7.57
CA ASP H 271 -33.47 -50.94 8.99
C ASP H 271 -34.13 -49.60 9.33
N GLY H 272 -34.74 -49.52 10.50
CA GLY H 272 -35.25 -48.24 10.97
C GLY H 272 -34.16 -47.45 11.68
N LYS H 273 -33.00 -47.30 11.03
CA LYS H 273 -31.89 -46.53 11.61
C LYS H 273 -30.84 -46.09 10.58
N ALA H 274 -30.24 -44.92 10.84
CA ALA H 274 -29.43 -44.20 9.86
C ALA H 274 -28.02 -44.77 9.67
N VAL H 275 -27.92 -45.89 8.99
CA VAL H 275 -26.63 -46.57 8.85
C VAL H 275 -26.09 -46.65 7.40
N THR H 276 -26.99 -46.53 6.42
CA THR H 276 -26.61 -46.52 5.01
C THR H 276 -26.43 -45.09 4.48
N GLU H 277 -25.22 -44.76 4.04
CA GLU H 277 -24.94 -43.40 3.60
C GLU H 277 -23.68 -43.27 2.77
N VAL H 278 -23.59 -42.15 2.07
CA VAL H 278 -22.43 -41.78 1.29
C VAL H 278 -21.60 -40.76 2.08
N ASP H 279 -20.34 -41.10 2.31
CA ASP H 279 -19.43 -40.15 2.93
C ASP H 279 -18.33 -39.81 1.93
N THR H 280 -18.41 -38.62 1.38
CA THR H 280 -17.38 -38.14 0.50
C THR H 280 -16.06 -38.06 1.24
N LEU H 281 -15.01 -38.56 0.59
CA LEU H 281 -13.65 -38.43 1.12
C LEU H 281 -13.11 -37.03 0.80
N PRO H 282 -12.23 -36.49 1.67
CA PRO H 282 -11.84 -35.08 1.63
C PRO H 282 -11.41 -34.60 0.25
N GLY H 283 -11.70 -33.34 -0.04
CA GLY H 283 -11.21 -32.72 -1.26
C GLY H 283 -9.84 -32.15 -0.96
N ALA H 284 -9.00 -32.12 -1.98
CA ALA H 284 -7.67 -31.53 -1.87
C ALA H 284 -7.75 -30.02 -1.78
N ASP H 285 -7.86 -29.50 -0.56
CA ASP H 285 -7.92 -28.07 -0.38
C ASP H 285 -6.51 -27.56 -0.55
N ASN H 286 -6.34 -26.55 -1.38
CA ASN H 286 -5.02 -26.01 -1.63
C ASN H 286 -4.58 -24.96 -0.62
N THR H 287 -4.29 -25.36 0.62
CA THR H 287 -3.83 -24.38 1.58
C THR H 287 -2.44 -23.90 1.15
N GLY H 288 -1.52 -24.84 0.92
CA GLY H 288 -0.17 -24.57 0.40
C GLY H 288 -0.18 -23.57 -0.74
N ASN H 289 0.33 -22.34 -0.59
CA ASN H 289 1.29 -21.83 0.42
C ASN H 289 2.68 -22.38 0.11
N MET H 290 2.97 -22.55 -1.18
CA MET H 290 4.17 -23.28 -1.63
C MET H 290 5.44 -22.44 -1.84
N GLU H 291 6.10 -22.06 -0.75
CA GLU H 291 7.42 -21.41 -0.82
C GLU H 291 8.47 -22.45 -0.51
N ASP H 292 8.10 -23.71 -0.73
CA ASP H 292 8.86 -24.86 -0.26
C ASP H 292 9.83 -25.46 -1.26
N ILE H 293 9.29 -25.93 -2.38
CA ILE H 293 10.06 -26.31 -3.55
C ILE H 293 10.87 -25.11 -4.05
N ARG H 294 10.30 -23.93 -3.98
CA ARG H 294 11.05 -22.75 -4.36
C ARG H 294 12.29 -22.59 -3.49
N TRP H 295 12.37 -23.33 -2.39
CA TRP H 295 13.57 -23.31 -1.54
C TRP H 295 14.62 -24.23 -2.12
N PHE H 296 14.21 -25.46 -2.41
CA PHE H 296 15.13 -26.50 -2.84
C PHE H 296 15.58 -26.36 -4.28
N ARG H 297 14.90 -25.53 -5.05
CA ARG H 297 15.39 -25.30 -6.37
C ARG H 297 16.52 -24.29 -6.30
N GLN H 298 16.44 -23.32 -5.39
CA GLN H 298 17.55 -22.39 -5.25
C GLN H 298 18.78 -23.09 -4.66
N ALA H 299 18.54 -24.17 -3.91
CA ALA H 299 19.64 -24.96 -3.39
C ALA H 299 20.32 -25.64 -4.57
N LEU H 300 19.67 -26.63 -5.16
CA LEU H 300 20.26 -27.40 -6.27
C LEU H 300 21.00 -26.52 -7.27
N TYR H 301 20.53 -25.29 -7.41
CA TYR H 301 21.15 -24.34 -8.31
C TYR H 301 22.45 -23.69 -7.77
N MET H 302 22.62 -23.66 -6.45
CA MET H 302 23.83 -23.13 -5.84
C MET H 302 24.83 -24.23 -5.75
N ALA H 303 24.31 -25.44 -5.80
CA ALA H 303 25.16 -26.59 -5.61
C ALA H 303 25.79 -26.99 -6.92
N LEU H 304 25.21 -26.54 -8.02
CA LEU H 304 25.70 -26.85 -9.35
C LEU H 304 27.04 -26.18 -9.65
N ARG H 305 27.17 -24.93 -9.20
CA ARG H 305 28.36 -24.11 -9.45
C ARG H 305 28.09 -23.06 -10.53
N VAL H 306 26.89 -23.08 -11.10
CA VAL H 306 26.52 -22.10 -12.08
C VAL H 306 26.02 -20.87 -11.30
N PRO H 307 26.46 -19.66 -11.69
CA PRO H 307 26.06 -18.42 -11.01
C PRO H 307 24.56 -18.25 -10.99
N LEU H 308 24.01 -17.64 -9.94
CA LEU H 308 22.55 -17.49 -9.86
C LEU H 308 22.05 -16.37 -10.76
N SER H 309 22.98 -15.53 -11.23
CA SER H 309 22.62 -14.37 -12.04
C SER H 309 22.21 -14.77 -13.47
N ARG H 310 22.34 -16.06 -13.77
CA ARG H 310 21.81 -16.55 -15.03
C ARG H 310 20.38 -16.32 -14.56
N ILE H 311 19.42 -16.11 -15.45
CA ILE H 311 18.04 -15.83 -14.99
C ILE H 311 17.05 -16.97 -14.71
N PRO H 312 17.24 -17.74 -13.55
CA PRO H 312 16.23 -18.78 -13.35
C PRO H 312 14.85 -18.17 -13.03
N GLN H 313 14.86 -17.12 -12.22
CA GLN H 313 13.65 -16.43 -11.82
C GLN H 313 13.03 -15.65 -12.98
N ASP H 314 11.74 -15.35 -12.88
CA ASP H 314 11.05 -14.63 -13.93
C ASP H 314 11.74 -13.28 -14.10
N GLN H 315 12.14 -12.68 -12.98
CA GLN H 315 12.84 -11.40 -13.03
C GLN H 315 12.11 -10.33 -13.82
N GLN H 316 10.82 -10.14 -13.53
CA GLN H 316 10.06 -9.12 -14.24
C GLN H 316 10.79 -7.80 -14.01
N GLY H 317 10.93 -7.01 -15.07
CA GLY H 317 11.66 -5.76 -14.96
C GLY H 317 13.02 -6.01 -14.32
N GLY H 318 13.29 -5.34 -13.20
CA GLY H 318 12.40 -4.37 -12.58
C GLY H 318 12.06 -3.06 -13.29
N VAL H 319 13.03 -2.36 -13.85
CA VAL H 319 14.44 -2.77 -13.90
C VAL H 319 15.25 -2.17 -12.75
N MET H 320 16.54 -2.50 -12.72
CA MET H 320 17.41 -2.19 -11.58
C MET H 320 17.65 -0.70 -11.26
N PHE H 321 18.07 0.16 -12.20
CA PHE H 321 18.20 -0.12 -13.63
C PHE H 321 19.48 0.42 -14.24
N ASP H 322 19.90 -0.17 -15.35
CA ASP H 322 21.03 0.32 -16.14
C ASP H 322 20.88 -0.16 -17.58
N SER H 323 21.40 0.60 -18.52
CA SER H 323 21.26 0.27 -19.94
C SER H 323 22.19 -0.87 -20.35
N GLY H 324 23.30 -1.00 -19.65
CA GLY H 324 24.26 -2.06 -19.91
C GLY H 324 24.53 -2.87 -18.66
N THR H 325 24.22 -4.17 -18.70
CA THR H 325 24.38 -5.04 -17.55
C THR H 325 25.86 -5.16 -17.17
N SER H 326 26.14 -4.95 -15.89
CA SER H 326 27.51 -4.87 -15.41
C SER H 326 28.09 -6.21 -15.02
N ILE H 327 29.39 -6.24 -14.78
CA ILE H 327 30.03 -7.43 -14.25
C ILE H 327 29.78 -7.50 -12.75
N THR H 328 29.03 -8.49 -12.32
CA THR H 328 28.77 -8.71 -10.91
C THR H 328 29.97 -9.43 -10.35
N ARG H 329 30.00 -9.71 -9.04
CA ARG H 329 31.12 -10.47 -8.51
C ARG H 329 30.81 -11.94 -8.69
N ASP H 330 29.53 -12.27 -8.76
CA ASP H 330 29.05 -13.62 -9.05
C ASP H 330 29.68 -14.15 -10.32
N GLU H 331 29.34 -13.49 -11.43
CA GLU H 331 29.81 -13.86 -12.75
C GLU H 331 31.32 -13.90 -12.83
N LEU H 332 31.95 -12.93 -12.19
CA LEU H 332 33.41 -12.83 -12.16
C LEU H 332 34.05 -14.02 -11.46
N THR H 333 33.45 -14.46 -10.36
CA THR H 333 33.87 -15.68 -9.64
C THR H 333 33.89 -16.87 -10.59
N PHE H 334 32.75 -17.11 -11.22
CA PHE H 334 32.53 -18.25 -12.11
C PHE H 334 33.54 -18.35 -13.24
N ALA H 335 33.97 -17.21 -13.79
CA ALA H 335 34.95 -17.25 -14.85
C ALA H 335 36.18 -17.95 -14.26
N LYS H 336 36.47 -17.63 -13.00
CA LYS H 336 37.59 -18.22 -12.28
C LYS H 336 37.41 -19.74 -12.08
N PHE H 337 36.19 -20.16 -11.75
CA PHE H 337 35.93 -21.59 -11.53
C PHE H 337 36.19 -22.34 -12.84
N ILE H 338 35.74 -21.74 -13.93
CA ILE H 338 35.95 -22.26 -15.28
C ILE H 338 37.41 -22.35 -15.63
N ARG H 339 38.10 -21.21 -15.62
CA ARG H 339 39.49 -21.20 -16.03
C ARG H 339 40.32 -22.09 -15.13
N GLU H 340 39.74 -22.53 -14.01
CA GLU H 340 40.41 -23.56 -13.23
C GLU H 340 40.13 -24.94 -13.81
N LEU H 341 38.91 -25.15 -14.30
CA LEU H 341 38.56 -26.40 -14.98
C LEU H 341 39.46 -26.61 -16.19
N GLN H 342 39.36 -25.70 -17.17
CA GLN H 342 40.19 -25.72 -18.36
C GLN H 342 41.63 -26.11 -18.06
N HIS H 343 42.13 -25.72 -16.90
CA HIS H 343 43.47 -26.11 -16.49
C HIS H 343 43.58 -27.54 -15.95
N LYS H 344 42.43 -28.22 -15.83
CA LYS H 344 42.43 -29.62 -15.43
C LYS H 344 42.26 -30.48 -16.67
N PHE H 345 41.44 -29.99 -17.57
CA PHE H 345 41.20 -30.58 -18.87
C PHE H 345 42.34 -30.14 -19.80
N GLU H 346 43.25 -29.34 -19.26
CA GLU H 346 44.49 -29.01 -19.97
C GLU H 346 45.27 -30.29 -20.24
N GLU H 347 45.19 -31.21 -19.30
CA GLU H 347 45.93 -32.46 -19.34
C GLU H 347 45.70 -33.25 -20.60
N VAL H 348 44.46 -33.30 -21.07
CA VAL H 348 44.12 -34.12 -22.24
C VAL H 348 44.80 -33.66 -23.52
N PHE H 349 45.50 -32.53 -23.45
CA PHE H 349 46.26 -32.05 -24.59
C PHE H 349 47.77 -32.26 -24.43
N LEU H 350 48.26 -32.17 -23.20
CA LEU H 350 49.70 -32.17 -22.99
C LEU H 350 50.35 -33.55 -22.88
N ASP H 351 49.58 -34.60 -22.55
CA ASP H 351 50.19 -35.94 -22.61
C ASP H 351 49.88 -36.70 -23.91
N PRO H 352 48.94 -36.23 -24.76
CA PRO H 352 49.09 -36.84 -26.07
C PRO H 352 50.17 -36.13 -26.88
N LEU H 353 50.43 -34.87 -26.56
CA LEU H 353 51.43 -34.09 -27.28
C LEU H 353 52.86 -34.47 -26.86
N LYS H 354 53.12 -34.48 -25.55
CA LYS H 354 54.49 -34.73 -25.06
C LYS H 354 54.98 -36.14 -25.36
N THR H 355 54.08 -37.11 -25.35
CA THR H 355 54.47 -38.48 -25.70
C THR H 355 54.56 -38.64 -27.21
N ASN H 356 54.01 -37.69 -27.96
CA ASN H 356 54.10 -37.69 -29.42
C ASN H 356 55.26 -36.83 -29.87
N LEU H 357 55.70 -35.94 -28.99
CA LEU H 357 56.83 -35.04 -29.24
C LEU H 357 58.11 -35.64 -28.66
N LEU H 358 58.03 -36.91 -28.31
CA LEU H 358 59.15 -37.69 -27.81
C LEU H 358 59.20 -38.94 -28.67
N LEU H 359 58.02 -39.45 -29.01
CA LEU H 359 57.86 -40.52 -29.98
C LEU H 359 58.46 -40.06 -31.31
N LYS H 360 58.11 -38.85 -31.71
CA LYS H 360 58.53 -38.29 -33.00
C LYS H 360 59.99 -37.83 -33.00
N GLY H 361 60.46 -37.40 -31.84
CA GLY H 361 61.82 -36.92 -31.73
C GLY H 361 61.84 -35.47 -31.26
N ILE H 362 62.80 -34.70 -31.75
CA ILE H 362 63.05 -33.33 -31.30
C ILE H 362 63.33 -33.32 -29.78
N ILE H 363 62.54 -32.59 -28.99
CA ILE H 363 62.83 -32.38 -27.57
C ILE H 363 62.72 -33.64 -26.70
N THR H 364 63.70 -33.84 -25.82
CA THR H 364 63.68 -34.97 -24.89
C THR H 364 62.92 -34.64 -23.61
N GLU H 365 62.68 -35.65 -22.78
CA GLU H 365 61.96 -35.46 -21.53
C GLU H 365 62.73 -34.56 -20.56
N ASP H 366 64.06 -34.65 -20.59
CA ASP H 366 64.91 -33.85 -19.71
C ASP H 366 64.90 -32.36 -20.07
N GLU H 367 64.49 -32.05 -21.29
CA GLU H 367 64.37 -30.67 -21.72
C GLU H 367 62.97 -30.12 -21.41
N TRP H 368 61.99 -31.00 -21.53
CA TRP H 368 60.59 -30.65 -21.32
C TRP H 368 60.30 -30.13 -19.91
N ASN H 369 60.98 -30.71 -18.93
CA ASN H 369 60.74 -30.38 -17.52
C ASN H 369 60.87 -28.90 -17.19
N ASP H 370 61.75 -28.21 -17.91
CA ASP H 370 62.02 -26.79 -17.64
C ASP H 370 61.02 -25.88 -18.35
N GLU H 371 60.47 -26.36 -19.46
CA GLU H 371 59.55 -25.57 -20.27
C GLU H 371 58.20 -25.35 -19.58
N ILE H 372 57.81 -26.27 -18.70
CA ILE H 372 56.55 -26.13 -17.98
C ILE H 372 56.71 -26.45 -16.50
N ASN H 373 56.86 -25.43 -15.66
CA ASN H 373 56.92 -24.03 -16.09
C ASN H 373 55.69 -23.54 -16.86
N ASN H 374 55.94 -22.89 -17.99
CA ASN H 374 54.89 -22.35 -18.82
C ASN H 374 54.96 -22.73 -20.30
N ILE H 375 54.02 -23.57 -20.70
CA ILE H 375 53.68 -23.75 -22.11
C ILE H 375 52.15 -23.69 -22.17
N LYS H 376 51.63 -22.49 -21.93
CA LYS H 376 50.20 -22.25 -21.75
C LYS H 376 49.34 -22.71 -22.92
N ILE H 377 48.27 -23.42 -22.60
CA ILE H 377 47.22 -23.72 -23.57
C ILE H 377 46.05 -22.78 -23.38
N GLU H 378 45.96 -21.79 -24.25
CA GLU H 378 44.87 -20.81 -24.19
C GLU H 378 43.57 -21.34 -24.77
N PHE H 379 42.54 -21.45 -23.94
CA PHE H 379 41.20 -21.60 -24.46
C PHE H 379 40.74 -20.24 -24.92
N HIS H 380 39.83 -20.20 -25.90
CA HIS H 380 39.26 -18.95 -26.34
C HIS H 380 38.08 -18.66 -25.46
N ARG H 381 37.90 -17.40 -25.06
CA ARG H 381 36.73 -17.01 -24.25
C ARG H 381 35.60 -16.60 -25.16
N ASP H 382 34.52 -16.06 -24.61
CA ASP H 382 33.48 -15.54 -25.50
C ASP H 382 33.85 -14.14 -25.93
N SER H 383 34.01 -14.00 -27.24
CA SER H 383 34.29 -12.72 -27.87
C SER H 383 33.41 -11.58 -27.36
N TYR H 384 32.14 -11.87 -27.10
CA TYR H 384 31.21 -10.80 -26.73
C TYR H 384 31.44 -10.27 -25.34
N PHE H 385 31.83 -11.10 -24.39
CA PHE H 385 31.89 -10.62 -23.01
C PHE H 385 33.30 -10.31 -22.57
N ALA H 386 34.25 -10.56 -23.44
CA ALA H 386 35.54 -9.96 -23.29
C ALA H 386 35.30 -8.46 -23.43
N GLU H 387 34.67 -8.07 -24.52
CA GLU H 387 34.34 -6.66 -24.76
C GLU H 387 33.51 -6.09 -23.63
N LEU H 388 32.37 -6.71 -23.34
CA LEU H 388 31.42 -6.15 -22.40
C LEU H 388 31.94 -6.09 -20.96
N LYS H 389 33.04 -6.80 -20.69
CA LYS H 389 33.77 -6.63 -19.45
C LYS H 389 34.77 -5.49 -19.58
N GLU H 390 35.60 -5.58 -20.62
CA GLU H 390 36.61 -4.54 -20.91
C GLU H 390 36.01 -3.20 -21.30
N ALA H 391 34.71 -3.07 -21.11
CA ALA H 391 34.06 -1.82 -21.42
C ALA H 391 33.67 -1.13 -20.14
N GLU H 392 33.56 -1.90 -19.06
CA GLU H 392 33.27 -1.32 -17.75
C GLU H 392 34.56 -0.95 -17.03
N ILE H 393 35.58 -1.79 -17.20
CA ILE H 393 36.93 -1.46 -16.76
C ILE H 393 37.33 -0.11 -17.34
N LEU H 394 37.28 0.00 -18.66
CA LEU H 394 37.70 1.21 -19.34
C LEU H 394 36.74 2.38 -19.12
N GLU H 395 35.46 2.10 -18.90
CA GLU H 395 34.50 3.16 -18.58
C GLU H 395 34.86 3.84 -17.26
N ARG H 396 35.28 3.05 -16.29
CA ARG H 396 35.62 3.58 -14.97
C ARG H 396 36.98 4.28 -14.94
N ARG H 397 37.92 3.82 -15.77
CA ARG H 397 39.24 4.42 -15.79
C ARG H 397 39.20 5.77 -16.45
N ILE H 398 38.25 5.97 -17.36
CA ILE H 398 38.11 7.27 -17.97
C ILE H 398 37.31 8.18 -17.03
N ASN H 399 36.37 7.61 -16.30
CA ASN H 399 35.56 8.37 -15.37
C ASN H 399 36.38 8.93 -14.21
N MET H 400 37.38 8.15 -13.80
CA MET H 400 38.40 8.59 -12.86
C MET H 400 39.21 9.70 -13.49
N LEU H 401 39.66 9.44 -14.72
CA LEU H 401 40.58 10.33 -15.39
C LEU H 401 39.95 11.70 -15.71
N THR H 402 38.65 11.75 -15.99
CA THR H 402 38.01 13.05 -16.21
C THR H 402 37.89 13.76 -14.88
N MET H 403 37.61 12.97 -13.85
CA MET H 403 37.35 13.46 -12.50
C MET H 403 38.60 14.03 -11.83
N ALA H 404 39.72 13.32 -12.00
CA ALA H 404 40.99 13.76 -11.45
C ALA H 404 41.85 14.40 -12.51
N GLU H 405 41.23 15.18 -13.37
CA GLU H 405 41.94 15.81 -14.49
C GLU H 405 42.55 17.20 -14.21
N PRO H 406 41.82 18.10 -13.49
CA PRO H 406 42.43 19.43 -13.39
C PRO H 406 43.72 19.42 -12.59
N PHE H 407 43.93 18.36 -11.82
CA PHE H 407 45.12 18.22 -11.00
C PHE H 407 46.28 17.52 -11.71
N ILE H 408 46.07 17.03 -12.93
CA ILE H 408 47.09 16.22 -13.59
C ILE H 408 48.27 17.08 -14.01
N GLY H 409 48.07 18.38 -14.13
CA GLY H 409 49.22 19.23 -14.32
C GLY H 409 49.92 19.54 -13.01
N LYS H 410 49.13 19.74 -11.96
CA LYS H 410 49.64 20.32 -10.73
C LYS H 410 50.25 19.32 -9.74
N TYR H 411 49.63 18.16 -9.57
CA TYR H 411 50.06 17.27 -8.48
C TYR H 411 50.64 15.92 -8.94
N ILE H 412 49.87 15.19 -9.74
CA ILE H 412 50.27 13.91 -10.31
C ILE H 412 50.79 14.10 -11.74
N SER H 413 51.93 13.54 -12.10
CA SER H 413 52.45 13.77 -13.45
C SER H 413 51.53 13.23 -14.51
N HIS H 414 51.86 13.49 -15.77
CA HIS H 414 51.10 12.86 -16.84
C HIS H 414 51.49 11.37 -16.91
N ARG H 415 52.79 11.10 -16.91
CA ARG H 415 53.29 9.75 -16.89
C ARG H 415 52.72 8.95 -15.72
N THR H 416 52.59 9.60 -14.58
CA THR H 416 52.21 8.92 -13.36
C THR H 416 50.74 8.51 -13.38
N ALA H 417 49.88 9.37 -13.90
CA ALA H 417 48.46 9.02 -14.02
C ALA H 417 48.24 7.98 -15.12
N MET H 418 48.91 8.18 -16.24
CA MET H 418 48.80 7.30 -17.39
C MET H 418 49.11 5.85 -17.05
N LYS H 419 49.85 5.65 -15.96
CA LYS H 419 50.36 4.32 -15.62
C LYS H 419 49.67 3.74 -14.37
N ASP H 420 48.89 4.57 -13.68
CA ASP H 420 48.15 4.07 -12.52
C ASP H 420 46.67 4.49 -12.51
N ILE H 421 46.28 5.38 -13.41
CA ILE H 421 44.86 5.65 -13.61
C ILE H 421 44.38 4.85 -14.82
N LEU H 422 45.26 4.68 -15.80
CA LEU H 422 44.92 3.90 -16.98
C LEU H 422 45.44 2.47 -16.92
N GLN H 423 46.36 2.21 -15.99
CA GLN H 423 46.91 0.88 -15.75
C GLN H 423 47.66 0.35 -16.97
N MET H 424 48.17 1.25 -17.79
CA MET H 424 49.03 0.84 -18.89
C MET H 424 50.38 0.37 -18.36
N THR H 425 51.28 0.02 -19.27
CA THR H 425 52.66 -0.24 -18.90
C THR H 425 53.59 0.65 -19.72
N ASP H 426 54.87 0.64 -19.37
CA ASP H 426 55.85 1.57 -19.94
C ASP H 426 56.03 1.45 -21.45
N GLU H 427 56.27 0.23 -21.92
CA GLU H 427 56.52 0.02 -23.34
C GLU H 427 55.26 0.25 -24.18
N GLU H 428 54.11 0.31 -23.52
CA GLU H 428 52.86 0.69 -24.18
C GLU H 428 52.80 2.20 -24.38
N ILE H 429 53.31 2.95 -23.41
CA ILE H 429 53.42 4.39 -23.54
C ILE H 429 54.56 4.76 -24.48
N GLU H 430 55.67 4.05 -24.37
CA GLU H 430 56.79 4.22 -25.29
C GLU H 430 56.31 4.06 -26.73
N GLN H 431 55.78 2.87 -27.02
CA GLN H 431 55.26 2.53 -28.34
C GLN H 431 54.25 3.56 -28.84
N GLU H 432 53.36 3.99 -27.96
CA GLU H 432 52.31 4.91 -28.37
C GLU H 432 52.83 6.31 -28.63
N ALA H 433 53.71 6.81 -27.76
CA ALA H 433 54.25 8.15 -27.90
C ALA H 433 54.93 8.36 -29.26
N LYS H 434 55.65 7.33 -29.72
CA LYS H 434 56.28 7.34 -31.03
C LYS H 434 55.22 7.32 -32.14
N GLN H 435 54.23 6.45 -31.96
CA GLN H 435 53.16 6.25 -32.92
C GLN H 435 52.35 7.53 -33.16
N ILE H 436 51.94 8.15 -32.07
CA ILE H 436 51.02 9.28 -32.09
C ILE H 436 51.60 10.51 -32.78
N GLU H 437 52.90 10.49 -33.04
CA GLU H 437 53.55 11.62 -33.72
C GLU H 437 53.05 11.76 -35.16
N GLU H 438 52.82 10.65 -35.85
CA GLU H 438 52.50 10.68 -37.26
C GLU H 438 51.02 10.92 -37.48
N GLU H 439 50.22 10.62 -36.46
CA GLU H 439 48.81 10.98 -36.45
C GLU H 439 48.68 12.48 -36.69
N SER H 440 49.61 13.23 -36.13
CA SER H 440 49.60 14.69 -36.22
C SER H 440 50.30 15.16 -37.49
N LYS H 441 50.42 14.27 -38.48
CA LYS H 441 51.09 14.65 -39.72
C LYS H 441 50.38 14.29 -41.04
N GLU H 442 49.33 15.02 -41.41
CA GLU H 442 48.75 16.08 -40.60
C GLU H 442 47.25 15.80 -40.44
N ALA H 443 46.63 15.44 -41.57
CA ALA H 443 45.20 15.11 -41.64
C ALA H 443 44.99 13.73 -41.02
N ARG H 444 43.74 13.38 -40.71
CA ARG H 444 42.55 14.19 -40.96
C ARG H 444 41.94 14.78 -39.69
N PHE H 445 42.63 14.63 -38.56
CA PHE H 445 42.05 15.00 -37.28
C PHE H 445 42.39 16.42 -36.82
N GLN H 446 43.17 17.14 -37.62
CA GLN H 446 43.51 18.51 -37.29
C GLN H 446 42.30 19.42 -37.44
N ASP H 447 41.82 19.96 -36.32
CA ASP H 447 40.58 20.75 -36.29
C ASP H 447 40.84 22.26 -36.30
N ASN I 1 44.31 -40.24 17.86
CA ASN I 1 43.04 -40.80 17.42
C ASN I 1 41.90 -39.79 17.43
N TRP I 2 41.77 -39.07 18.54
CA TRP I 2 40.78 -38.00 18.65
C TRP I 2 41.05 -36.91 17.63
N ILE I 3 42.34 -36.62 17.45
CA ILE I 3 42.82 -35.76 16.38
C ILE I 3 42.32 -36.24 15.03
N SER I 4 42.35 -37.57 14.85
CA SER I 4 42.01 -38.20 13.58
C SER I 4 40.51 -38.26 13.32
N GLU I 5 39.72 -38.40 14.37
CA GLU I 5 38.26 -38.38 14.22
C GLU I 5 37.77 -36.95 13.90
N LEU I 6 38.52 -35.97 14.37
CA LEU I 6 38.22 -34.57 14.14
C LEU I 6 38.37 -34.21 12.68
N ILE I 7 39.50 -34.61 12.08
CA ILE I 7 39.74 -34.30 10.68
C ILE I 7 38.81 -35.13 9.80
N ASP I 8 38.09 -36.07 10.41
CA ASP I 8 37.05 -36.77 9.66
C ASP I 8 35.86 -35.84 9.51
N THR I 9 35.30 -35.42 10.64
CA THR I 9 34.08 -34.63 10.63
C THR I 9 34.18 -33.28 9.91
N TYR I 10 35.38 -32.71 9.87
CA TYR I 10 35.63 -31.52 9.06
C TYR I 10 35.46 -31.86 7.59
N ARG I 11 35.97 -33.03 7.20
CA ARG I 11 35.96 -33.40 5.80
C ARG I 11 34.59 -33.94 5.44
N ASN I 12 33.76 -34.19 6.46
CA ASN I 12 32.38 -34.51 6.18
C ASN I 12 31.51 -33.29 6.45
N LEU I 13 32.17 -32.14 6.51
CA LEU I 13 31.51 -30.84 6.51
C LEU I 13 31.62 -30.30 5.10
N MET I 14 32.71 -30.66 4.44
CA MET I 14 32.94 -30.25 3.08
C MET I 14 32.07 -31.03 2.14
N ASN I 15 31.66 -32.22 2.57
CA ASN I 15 30.92 -33.16 1.71
C ASN I 15 29.62 -32.52 1.28
N ASN I 16 29.06 -31.80 2.26
CA ASN I 16 27.84 -31.01 2.15
C ASN I 16 28.13 -29.80 1.27
N TYR I 17 27.08 -29.18 0.75
CA TYR I 17 27.21 -28.09 -0.20
C TYR I 17 27.15 -26.79 0.60
N GLU I 18 27.56 -25.68 0.00
CA GLU I 18 27.52 -24.39 0.67
C GLU I 18 28.76 -24.28 1.52
N VAL I 19 29.02 -25.29 2.34
CA VAL I 19 30.22 -25.30 3.15
C VAL I 19 31.34 -25.33 2.11
N ASP I 20 31.12 -26.13 1.08
CA ASP I 20 32.03 -26.26 -0.04
C ASP I 20 32.08 -24.92 -0.79
N ASN I 21 30.91 -24.29 -0.94
CA ASN I 21 30.88 -23.00 -1.64
C ASN I 21 31.63 -21.92 -0.85
N ALA I 22 31.46 -21.91 0.47
CA ALA I 22 32.05 -20.87 1.35
C ALA I 22 33.52 -21.11 1.68
N VAL I 23 33.94 -22.38 1.75
CA VAL I 23 35.33 -22.69 2.02
C VAL I 23 36.18 -22.38 0.81
N SER I 24 35.62 -22.62 -0.37
CA SER I 24 36.33 -22.32 -1.60
C SER I 24 36.08 -20.91 -2.02
N GLU I 25 35.33 -20.20 -1.21
CA GLU I 25 35.31 -18.76 -1.33
C GLU I 25 36.69 -18.22 -0.92
N ILE I 26 37.09 -18.59 0.29
CA ILE I 26 38.40 -18.30 0.87
C ILE I 26 39.59 -18.70 -0.02
N VAL I 27 39.70 -19.98 -0.34
CA VAL I 27 40.88 -20.48 -1.04
C VAL I 27 40.94 -19.92 -2.43
N SER I 28 39.84 -19.35 -2.89
CA SER I 28 39.82 -18.71 -4.19
C SER I 28 40.53 -17.38 -4.14
N ASP I 29 40.57 -16.78 -2.96
CA ASP I 29 41.32 -15.54 -2.79
C ASP I 29 42.32 -15.56 -1.64
N ALA I 30 42.53 -16.72 -1.03
CA ALA I 30 43.61 -16.84 -0.06
C ALA I 30 44.90 -17.21 -0.77
N ILE I 31 44.78 -17.75 -1.99
CA ILE I 31 45.89 -17.82 -2.94
C ILE I 31 45.38 -17.69 -4.37
N VAL I 32 45.43 -16.51 -4.95
CA VAL I 32 44.75 -16.36 -6.23
C VAL I 32 45.65 -16.33 -7.47
N TYR I 33 45.63 -17.44 -8.21
CA TYR I 33 46.32 -17.49 -9.48
C TYR I 33 45.80 -16.40 -10.37
N GLU I 34 46.72 -15.74 -11.08
CA GLU I 34 46.31 -14.87 -12.17
C GLU I 34 47.24 -15.13 -13.33
N ASP I 35 46.81 -14.69 -14.52
CA ASP I 35 47.61 -14.87 -15.72
C ASP I 35 48.83 -13.94 -15.69
N ASP I 36 49.97 -14.46 -16.13
CA ASP I 36 51.19 -13.65 -16.15
C ASP I 36 51.73 -13.43 -14.74
N THR I 37 50.89 -12.84 -13.88
CA THR I 37 51.26 -12.56 -12.51
C THR I 37 51.53 -13.84 -11.72
N GLU I 38 52.53 -13.78 -10.85
CA GLU I 38 52.90 -14.93 -10.03
C GLU I 38 52.24 -14.92 -8.65
N VAL I 39 52.27 -16.08 -8.00
CA VAL I 39 51.69 -16.28 -6.67
C VAL I 39 52.83 -16.57 -5.68
N VAL I 40 52.65 -16.19 -4.41
CA VAL I 40 53.63 -16.45 -3.33
C VAL I 40 55.11 -15.98 -3.43
N ALA I 41 55.34 -14.71 -3.81
CA ALA I 41 56.71 -14.18 -3.93
C ALA I 41 57.44 -13.97 -2.58
N LEU I 42 58.78 -14.04 -2.60
CA LEU I 42 59.60 -13.87 -1.41
C LEU I 42 60.14 -12.46 -1.34
N ASN I 43 59.32 -11.53 -0.83
CA ASN I 43 59.74 -10.15 -0.69
C ASN I 43 60.91 -10.05 0.27
N LEU I 44 62.04 -9.57 -0.24
CA LEU I 44 63.20 -9.37 0.60
C LEU I 44 63.36 -7.87 0.74
N ASP I 45 63.02 -7.35 1.91
CA ASP I 45 63.15 -5.92 2.16
C ASP I 45 63.80 -5.77 3.51
N LYS I 46 65.04 -6.24 3.60
CA LYS I 46 65.79 -6.17 4.84
C LYS I 46 67.28 -6.22 4.54
N SER I 47 68.07 -5.76 5.49
CA SER I 47 69.53 -5.76 5.37
C SER I 47 70.06 -7.17 5.10
N LYS I 48 70.61 -7.35 3.90
CA LYS I 48 71.22 -8.61 3.52
C LYS I 48 72.64 -8.35 3.04
N PHE I 49 73.53 -9.30 3.31
CA PHE I 49 74.96 -9.10 3.07
C PHE I 49 75.31 -8.80 1.61
N SER I 50 74.75 -9.58 0.69
CA SER I 50 75.08 -9.43 -0.72
C SER I 50 73.86 -9.10 -1.57
N PRO I 51 74.05 -8.30 -2.62
CA PRO I 51 73.03 -8.07 -3.65
C PRO I 51 72.79 -9.35 -4.44
N LYS I 52 73.76 -10.27 -4.39
CA LYS I 52 73.64 -11.54 -5.09
C LYS I 52 72.92 -12.60 -4.26
N ILE I 53 73.16 -12.63 -2.95
CA ILE I 53 72.50 -13.63 -2.10
C ILE I 53 71.00 -13.37 -1.97
N LYS I 54 70.60 -12.10 -1.93
CA LYS I 54 69.18 -11.76 -1.77
C LYS I 54 68.40 -12.20 -3.00
N ASN I 55 69.04 -12.15 -4.18
CA ASN I 55 68.42 -12.67 -5.39
C ASN I 55 68.75 -14.14 -5.57
N MET I 56 69.70 -14.65 -4.79
CA MET I 56 70.09 -16.04 -4.91
C MET I 56 69.00 -16.96 -4.37
N MET I 57 68.19 -16.43 -3.47
CA MET I 57 67.07 -17.18 -2.90
C MET I 57 66.11 -17.70 -3.95
N LEU I 58 66.07 -17.04 -5.10
CA LEU I 58 65.13 -17.44 -6.14
C LEU I 58 65.54 -18.81 -6.69
N ASP I 59 66.85 -19.04 -6.77
CA ASP I 59 67.39 -20.36 -7.10
C ASP I 59 66.92 -21.36 -6.05
N GLU I 60 66.74 -20.86 -4.83
CA GLU I 60 66.28 -21.68 -3.72
C GLU I 60 64.76 -21.68 -3.64
N PHE I 61 64.15 -20.50 -3.70
CA PHE I 61 62.72 -20.35 -3.41
C PHE I 61 61.82 -20.60 -4.61
N SER I 62 62.17 -20.05 -5.78
CA SER I 62 61.40 -20.34 -6.99
C SER I 62 61.48 -21.85 -7.32
N ASP I 63 62.39 -22.54 -6.64
CA ASP I 63 62.55 -23.98 -6.77
C ASP I 63 61.84 -24.73 -5.64
N VAL I 64 61.70 -24.11 -4.47
CA VAL I 64 61.05 -24.79 -3.35
C VAL I 64 59.54 -24.87 -3.57
N LEU I 65 59.05 -24.02 -4.47
CA LEU I 65 57.66 -24.08 -4.89
C LEU I 65 57.44 -25.29 -5.81
N ASN I 66 58.41 -25.51 -6.69
CA ASN I 66 58.37 -26.64 -7.62
C ASN I 66 58.16 -27.98 -6.91
N HIS I 67 58.76 -28.13 -5.74
CA HIS I 67 58.66 -29.37 -4.97
C HIS I 67 57.25 -29.56 -4.47
N LEU I 68 56.61 -28.46 -4.10
CA LEU I 68 55.21 -28.48 -3.72
C LEU I 68 54.37 -28.59 -4.97
N SER I 69 55.03 -28.44 -6.12
CA SER I 69 54.39 -28.28 -7.41
C SER I 69 53.31 -27.20 -7.26
N PHE I 70 53.65 -26.15 -6.53
CA PHE I 70 52.68 -25.19 -6.02
C PHE I 70 51.87 -24.47 -7.10
N GLN I 71 52.43 -24.34 -8.29
CA GLN I 71 51.80 -23.53 -9.33
C GLN I 71 50.47 -24.11 -9.83
N ARG I 72 50.34 -25.43 -9.81
CA ARG I 72 49.08 -26.04 -10.22
C ARG I 72 48.47 -26.87 -9.09
N LYS I 73 49.19 -26.94 -7.97
CA LYS I 73 48.75 -27.74 -6.83
C LYS I 73 48.70 -26.94 -5.55
N GLY I 74 48.55 -25.62 -5.66
CA GLY I 74 48.54 -24.76 -4.49
C GLY I 74 47.19 -24.69 -3.78
N SER I 75 46.15 -24.41 -4.55
CA SER I 75 44.83 -24.18 -3.98
C SER I 75 44.21 -25.50 -3.57
N ASP I 76 45.02 -26.53 -3.50
CA ASP I 76 44.55 -27.76 -2.88
C ASP I 76 45.32 -27.96 -1.58
N HIS I 77 46.62 -27.67 -1.61
CA HIS I 77 47.47 -27.80 -0.41
C HIS I 77 46.99 -26.89 0.71
N PHE I 78 46.46 -25.74 0.35
CA PHE I 78 45.96 -24.74 1.29
C PHE I 78 44.55 -25.09 1.73
N ARG I 79 43.70 -25.38 0.77
CA ARG I 79 42.37 -25.87 1.04
C ARG I 79 42.40 -27.13 1.86
N ARG I 80 43.55 -27.79 1.88
CA ARG I 80 43.70 -28.91 2.79
C ARG I 80 44.11 -28.46 4.19
N TRP I 81 45.02 -27.49 4.28
CA TRP I 81 45.46 -26.89 5.55
C TRP I 81 44.30 -26.37 6.35
N TYR I 82 43.41 -25.68 5.64
CA TYR I 82 42.30 -24.96 6.24
C TYR I 82 41.26 -25.93 6.70
N VAL I 83 40.97 -26.94 5.90
CA VAL I 83 39.86 -27.81 6.21
C VAL I 83 40.26 -29.03 7.02
N ASP I 84 41.48 -29.50 6.77
CA ASP I 84 42.09 -30.64 7.45
C ASP I 84 42.33 -30.33 8.92
N SER I 85 42.70 -29.08 9.19
CA SER I 85 43.03 -28.59 10.52
C SER I 85 44.50 -28.86 10.85
N ARG I 86 45.22 -29.35 9.85
CA ARG I 86 46.65 -29.64 9.98
C ARG I 86 47.18 -30.06 8.62
N ILE I 87 48.50 -29.96 8.41
CA ILE I 87 49.04 -30.37 7.13
C ILE I 87 50.51 -30.67 7.33
N PHE I 88 50.94 -31.86 6.95
CA PHE I 88 52.30 -32.29 7.18
C PHE I 88 52.99 -32.62 5.87
N PHE I 89 54.15 -32.02 5.63
CA PHE I 89 54.98 -32.46 4.52
C PHE I 89 56.23 -33.15 5.06
N HIS I 90 56.40 -34.42 4.72
CA HIS I 90 57.64 -35.12 5.03
C HIS I 90 58.75 -34.61 4.13
N LYS I 91 59.95 -34.55 4.67
CA LYS I 91 61.07 -34.03 3.90
C LYS I 91 62.12 -35.10 3.68
N ILE I 92 62.41 -35.34 2.41
CA ILE I 92 63.43 -36.30 2.03
C ILE I 92 64.76 -35.59 1.87
N ILE I 93 65.70 -35.89 2.78
CA ILE I 93 67.06 -35.39 2.67
C ILE I 93 67.99 -36.30 3.47
N ASP I 94 69.09 -36.71 2.84
CA ASP I 94 69.35 -36.27 1.48
C ASP I 94 69.57 -37.40 0.44
N PRO I 95 70.13 -38.57 0.83
CA PRO I 95 70.73 -39.18 2.03
C PRO I 95 72.20 -38.80 2.18
N LYS I 96 72.77 -38.46 1.04
CA LYS I 96 74.13 -37.98 0.91
C LYS I 96 74.26 -37.55 -0.54
N ARG I 97 75.05 -36.51 -0.82
CA ARG I 97 75.92 -35.86 0.14
C ARG I 97 75.19 -34.68 0.77
N PRO I 98 75.70 -34.13 1.88
CA PRO I 98 75.06 -32.91 2.39
C PRO I 98 75.16 -31.77 1.37
N LYS I 99 74.26 -30.79 1.49
CA LYS I 99 74.22 -29.63 0.59
C LYS I 99 74.04 -30.03 -0.88
N GLU I 100 73.42 -31.19 -1.10
CA GLU I 100 73.17 -31.66 -2.46
C GLU I 100 72.22 -30.73 -3.23
N GLY I 101 71.12 -30.33 -2.59
CA GLY I 101 70.72 -30.80 -1.28
C GLY I 101 69.20 -30.99 -1.19
N ILE I 102 68.76 -32.00 -0.45
CA ILE I 102 67.33 -32.31 -0.22
C ILE I 102 66.63 -33.07 -1.37
N LYS I 103 65.33 -33.33 -1.22
CA LYS I 103 64.58 -34.03 -2.23
C LYS I 103 63.11 -33.68 -2.08
N GLU I 104 62.27 -34.32 -2.89
CA GLU I 104 60.85 -34.01 -2.97
C GLU I 104 60.13 -34.04 -1.62
N LEU I 105 59.25 -33.08 -1.40
CA LEU I 105 58.41 -33.06 -0.20
C LEU I 105 57.09 -33.76 -0.48
N ARG I 106 56.84 -34.83 0.26
CA ARG I 106 55.63 -35.62 0.06
C ARG I 106 54.60 -35.32 1.14
N ARG I 107 53.40 -34.94 0.71
CA ARG I 107 52.30 -34.67 1.63
C ARG I 107 52.03 -35.92 2.45
N LEU I 108 51.66 -35.73 3.72
CA LEU I 108 51.22 -36.85 4.54
C LEU I 108 49.74 -36.70 4.82
N ASP I 109 49.02 -37.81 4.82
CA ASP I 109 47.64 -37.81 5.25
C ASP I 109 47.61 -37.42 6.72
N PRO I 110 46.93 -36.32 7.06
CA PRO I 110 46.61 -36.19 8.48
C PRO I 110 45.71 -37.35 8.89
N ARG I 111 45.60 -37.62 10.19
CA ARG I 111 44.90 -38.79 10.76
C ARG I 111 45.81 -40.03 10.81
N GLN I 112 47.00 -39.91 10.25
CA GLN I 112 47.95 -41.02 10.32
C GLN I 112 49.22 -40.51 10.98
N VAL I 113 49.13 -39.35 11.61
CA VAL I 113 50.26 -38.73 12.29
C VAL I 113 49.94 -38.39 13.74
N GLN I 114 50.82 -38.75 14.66
CA GLN I 114 50.66 -38.40 16.08
C GLN I 114 51.90 -37.64 16.57
N TYR I 115 51.69 -36.56 17.31
CA TYR I 115 52.81 -35.70 17.73
C TYR I 115 52.93 -35.58 19.25
N VAL I 116 53.84 -36.37 19.81
CA VAL I 116 54.25 -36.24 21.21
C VAL I 116 55.76 -36.39 21.32
N TYR I 136 58.44 -35.33 18.28
CA TYR I 136 58.62 -36.71 17.86
C TYR I 136 57.36 -37.20 17.15
N PHE I 137 57.42 -37.23 15.82
CA PHE I 137 56.25 -37.52 15.00
C PHE I 137 56.07 -39.01 14.72
N ILE I 138 54.87 -39.52 15.02
CA ILE I 138 54.55 -40.91 14.83
C ILE I 138 53.69 -41.11 13.60
N TYR I 139 54.31 -41.35 12.46
CA TYR I 139 53.56 -41.57 11.23
C TYR I 139 53.06 -43.01 11.15
N ASP I 140 51.77 -43.20 11.39
CA ASP I 140 51.14 -44.50 11.16
C ASP I 140 51.05 -44.75 9.66
N THR I 141 51.37 -45.96 9.25
CA THR I 141 51.34 -46.31 7.83
C THR I 141 50.17 -47.22 7.50
N ALA I 142 49.27 -46.74 6.65
CA ALA I 142 48.23 -47.59 6.08
C ALA I 142 48.69 -48.06 4.72
N HIS I 143 48.88 -49.37 4.57
CA HIS I 143 49.37 -49.89 3.30
C HIS I 143 50.83 -49.47 3.18
N GLU I 144 51.37 -49.43 1.96
CA GLU I 144 52.76 -49.00 1.79
C GLU I 144 52.82 -47.66 1.07
N SER I 145 53.46 -46.67 1.70
CA SER I 145 53.56 -45.33 1.08
C SER I 145 54.90 -44.93 0.46
N TYR I 146 56.00 -45.07 1.21
CA TYR I 146 57.31 -44.69 0.68
C TYR I 146 58.51 -45.38 1.33
N ALA I 147 59.63 -45.42 0.62
CA ALA I 147 60.86 -46.05 1.10
C ALA I 147 61.92 -45.07 1.62
N CYS I 148 61.63 -43.77 1.60
CA CYS I 148 62.58 -42.78 2.05
C CYS I 148 63.95 -43.17 1.51
N ASP I 149 65.00 -42.56 2.05
CA ASP I 149 66.36 -42.87 1.62
C ASP I 149 66.74 -44.32 1.92
N GLY I 150 66.31 -44.81 3.08
CA GLY I 150 66.60 -46.14 3.53
C GLY I 150 65.80 -46.50 4.76
N ARG I 151 65.68 -47.79 5.06
CA ARG I 151 66.32 -48.82 4.26
C ARG I 151 65.40 -49.32 3.15
N MET I 152 64.10 -49.37 3.42
CA MET I 152 63.12 -49.87 2.47
C MET I 152 61.71 -49.51 2.94
N TYR I 153 60.73 -49.65 2.05
CA TYR I 153 59.34 -49.31 2.34
C TYR I 153 58.75 -50.13 3.48
N GLU I 154 58.45 -49.48 4.58
CA GLU I 154 57.80 -50.12 5.71
C GLU I 154 56.32 -50.40 5.38
N ALA I 155 55.73 -51.38 6.06
CA ALA I 155 54.36 -51.77 5.78
C ALA I 155 53.55 -52.05 7.03
N GLY I 156 52.55 -51.20 7.28
CA GLY I 156 51.63 -51.40 8.39
C GLY I 156 52.17 -51.03 9.76
N THR I 157 53.38 -50.47 9.79
CA THR I 157 54.03 -50.16 11.07
C THR I 157 54.19 -48.66 11.32
N LYS I 158 54.12 -48.29 12.59
CA LYS I 158 54.29 -46.90 13.01
C LYS I 158 55.74 -46.46 12.91
N ILE I 159 56.10 -45.76 11.84
CA ILE I 159 57.46 -45.28 11.66
C ILE I 159 57.61 -43.91 12.34
N LYS I 160 58.76 -43.69 12.96
CA LYS I 160 58.98 -42.46 13.71
C LYS I 160 59.93 -41.51 12.98
N ILE I 161 59.48 -40.28 12.79
CA ILE I 161 60.30 -39.24 12.18
C ILE I 161 60.55 -38.13 13.19
N PRO I 162 61.80 -37.62 13.25
CA PRO I 162 62.13 -36.52 14.16
C PRO I 162 61.42 -35.21 13.79
N LYS I 163 61.20 -34.35 14.80
CA LYS I 163 60.51 -33.07 14.65
C LYS I 163 61.23 -32.14 13.70
N ALA I 164 62.34 -32.62 13.17
CA ALA I 164 62.96 -32.07 11.98
C ALA I 164 63.49 -33.27 11.20
N ALA I 165 63.30 -33.28 9.89
CA ALA I 165 62.67 -32.16 9.19
C ALA I 165 61.32 -32.58 8.61
N VAL I 166 60.26 -32.12 9.27
CA VAL I 166 58.89 -32.26 8.78
C VAL I 166 58.13 -30.96 9.00
N VAL I 167 57.63 -30.34 7.94
CA VAL I 167 56.94 -29.06 8.14
C VAL I 167 55.55 -29.35 8.68
N TYR I 168 55.23 -28.76 9.82
CA TYR I 168 53.94 -28.99 10.46
C TYR I 168 53.23 -27.65 10.59
N ALA I 169 52.24 -27.44 9.74
CA ALA I 169 51.52 -26.19 9.78
C ALA I 169 50.12 -26.37 10.36
N HIS I 170 49.83 -25.68 11.44
CA HIS I 170 48.54 -25.84 12.08
C HIS I 170 47.76 -24.53 12.10
N SER I 171 46.45 -24.62 11.94
CA SER I 171 45.55 -23.49 12.17
C SER I 171 45.70 -23.01 13.60
N GLY I 172 46.34 -21.86 13.81
CA GLY I 172 46.72 -21.45 15.15
C GLY I 172 45.63 -21.31 16.22
N LEU I 173 44.84 -22.36 16.44
CA LEU I 173 43.75 -22.28 17.42
C LEU I 173 43.86 -23.18 18.67
N VAL I 174 43.72 -22.54 19.84
CA VAL I 174 43.78 -23.20 21.15
C VAL I 174 42.67 -24.19 21.49
N ASP I 175 41.43 -23.87 21.13
CA ASP I 175 40.24 -24.71 21.41
C ASP I 175 39.64 -24.42 22.80
N CYS I 176 38.58 -25.14 23.16
CA CYS I 176 37.90 -24.93 24.45
C CYS I 176 38.83 -25.22 25.64
N CYS I 177 39.56 -26.31 25.56
CA CYS I 177 40.53 -26.69 26.59
C CYS I 177 41.94 -26.87 26.01
N GLY I 178 42.91 -26.19 26.62
CA GLY I 178 44.29 -26.29 26.19
C GLY I 178 44.90 -27.64 26.51
N LYS I 179 45.75 -28.15 25.62
CA LYS I 179 46.05 -27.51 24.37
C LYS I 179 45.68 -28.52 23.30
N ASN I 180 44.78 -28.14 22.40
CA ASN I 180 44.32 -29.01 21.33
C ASN I 180 44.18 -28.17 20.08
N ILE I 181 44.30 -28.78 18.91
CA ILE I 181 44.17 -27.99 17.69
C ILE I 181 42.77 -28.11 17.06
N ILE I 182 42.17 -26.96 16.76
CA ILE I 182 40.83 -26.92 16.16
C ILE I 182 40.63 -25.78 15.15
N GLY I 183 39.64 -25.94 14.28
CA GLY I 183 39.31 -24.94 13.27
C GLY I 183 40.02 -25.02 11.94
N TYR I 184 39.72 -24.07 11.06
CA TYR I 184 38.76 -23.03 11.39
C TYR I 184 37.32 -23.38 11.12
N LEU I 185 37.05 -24.63 10.75
CA LEU I 185 35.71 -24.98 10.36
C LEU I 185 34.82 -25.27 11.57
N HIS I 186 35.45 -25.57 12.71
CA HIS I 186 34.76 -25.99 13.95
C HIS I 186 33.52 -25.20 14.32
N ARG I 187 33.63 -23.89 14.47
CA ARG I 187 32.48 -23.12 14.92
C ARG I 187 31.25 -23.37 14.07
N ALA I 188 31.45 -23.73 12.81
CA ALA I 188 30.32 -23.99 11.90
C ALA I 188 29.84 -25.44 11.78
N VAL I 189 30.45 -26.35 12.55
CA VAL I 189 30.07 -27.76 12.51
C VAL I 189 28.70 -28.05 13.12
N LYS I 190 28.47 -27.49 14.29
CA LYS I 190 27.20 -27.66 15.00
C LYS I 190 26.10 -26.97 14.21
N PRO I 191 26.46 -25.72 13.72
CA PRO I 191 25.39 -25.05 12.96
C PRO I 191 25.03 -25.81 11.69
N ALA I 192 26.04 -26.36 11.02
CA ALA I 192 25.78 -27.06 9.77
C ALA I 192 25.00 -28.35 9.98
N ASN I 193 25.24 -29.01 11.09
CA ASN I 193 24.54 -30.24 11.37
C ASN I 193 23.07 -30.00 11.68
N GLN I 194 22.69 -28.76 11.94
CA GLN I 194 21.30 -28.53 12.29
C GLN I 194 20.64 -27.64 11.28
N LEU I 195 21.33 -27.25 10.23
CA LEU I 195 20.63 -26.63 9.11
C LEU I 195 19.99 -27.71 8.28
N LYS I 196 20.72 -28.83 8.14
CA LYS I 196 20.29 -30.00 7.39
C LYS I 196 19.25 -30.83 8.13
N LEU I 197 19.34 -30.78 9.46
CA LEU I 197 18.35 -31.42 10.33
C LEU I 197 16.99 -30.72 10.27
N LEU I 198 16.82 -29.90 9.25
CA LEU I 198 15.62 -29.17 9.01
C LEU I 198 15.20 -29.46 7.60
N GLU I 199 16.20 -29.64 6.73
CA GLU I 199 15.99 -29.94 5.31
C GLU I 199 15.55 -31.36 5.09
N ASP I 200 15.82 -32.21 6.08
CA ASP I 200 15.27 -33.54 6.08
C ASP I 200 13.90 -33.52 6.75
N ALA I 201 13.77 -32.67 7.75
CA ALA I 201 12.47 -32.40 8.34
C ALA I 201 11.51 -31.80 7.33
N VAL I 202 11.94 -30.83 6.53
CA VAL I 202 11.00 -30.17 5.63
C VAL I 202 10.58 -31.03 4.46
N VAL I 203 11.44 -31.96 4.03
CA VAL I 203 11.01 -32.88 2.99
C VAL I 203 10.26 -34.02 3.65
N ILE I 204 10.61 -34.38 4.88
CA ILE I 204 9.95 -35.52 5.48
C ILE I 204 8.50 -35.21 5.77
N TYR I 205 8.22 -33.96 6.06
CA TYR I 205 6.86 -33.61 6.30
C TYR I 205 6.09 -33.74 4.99
N ARG I 206 6.70 -33.33 3.88
CA ARG I 206 5.99 -33.28 2.61
C ARG I 206 5.93 -34.58 1.83
N ILE I 207 7.03 -35.30 1.75
CA ILE I 207 7.04 -36.65 1.18
C ILE I 207 5.90 -37.44 1.75
N THR I 208 5.92 -37.61 3.06
CA THR I 208 4.89 -38.33 3.78
C THR I 208 3.63 -37.48 3.77
N ARG I 209 2.50 -38.15 3.56
CA ARG I 209 1.20 -37.49 3.49
C ARG I 209 1.02 -36.87 2.10
N ALA I 210 2.05 -37.00 1.27
CA ALA I 210 2.00 -36.49 -0.09
C ALA I 210 0.92 -37.32 -0.75
N PRO I 211 0.93 -38.61 -0.41
CA PRO I 211 -0.05 -39.56 -0.92
C PRO I 211 -1.18 -39.72 0.08
N ASP I 212 -2.44 -39.65 -0.35
CA ASP I 212 -3.53 -39.77 0.63
C ASP I 212 -3.57 -41.21 1.13
N ARG I 213 -3.62 -41.35 2.44
CA ARG I 213 -3.68 -42.67 3.05
C ARG I 213 -5.04 -42.84 3.69
N ARG I 214 -5.58 -44.05 3.60
CA ARG I 214 -6.90 -44.31 4.14
C ARG I 214 -6.92 -45.61 4.92
N VAL I 215 -7.44 -45.56 6.15
CA VAL I 215 -7.51 -46.74 6.99
C VAL I 215 -8.92 -47.33 6.98
N TRP I 216 -9.05 -48.53 6.40
CA TRP I 216 -10.35 -49.15 6.20
C TRP I 216 -10.69 -50.09 7.35
N TYR I 217 -11.64 -49.71 8.19
CA TYR I 217 -12.04 -50.62 9.26
C TYR I 217 -13.27 -51.41 8.81
N VAL I 218 -13.12 -52.73 8.68
CA VAL I 218 -14.26 -53.62 8.44
C VAL I 218 -14.33 -54.66 9.55
N ASP I 219 -15.52 -54.90 10.09
CA ASP I 219 -15.65 -55.73 11.28
C ASP I 219 -16.20 -57.13 10.98
N THR I 220 -15.79 -58.09 11.82
CA THR I 220 -16.30 -59.47 11.76
C THR I 220 -16.31 -60.05 13.17
N GLY I 221 -17.51 -60.19 13.74
CA GLY I 221 -17.65 -60.73 15.08
C GLY I 221 -17.92 -62.23 15.09
N ASN I 222 -17.25 -62.94 15.98
CA ASN I 222 -17.50 -64.35 16.24
C ASN I 222 -17.21 -65.28 15.05
N MET I 223 -16.10 -65.03 14.37
CA MET I 223 -15.60 -65.97 13.37
C MET I 223 -14.08 -66.09 13.53
N PRO I 224 -13.57 -67.33 13.50
CA PRO I 224 -12.15 -67.60 13.78
C PRO I 224 -11.23 -66.83 12.83
N ALA I 225 -10.05 -66.42 13.31
CA ALA I 225 -9.11 -65.67 12.49
C ALA I 225 -8.64 -66.46 11.28
N ARG I 226 -8.75 -67.79 11.36
CA ARG I 226 -8.43 -68.67 10.25
C ARG I 226 -9.34 -68.41 9.05
N LYS I 227 -10.63 -68.20 9.33
CA LYS I 227 -11.61 -68.02 8.26
C LYS I 227 -12.15 -66.57 8.20
N ALA I 228 -11.82 -65.77 9.22
CA ALA I 228 -12.18 -64.35 9.22
C ALA I 228 -11.32 -63.60 8.22
N ALA I 229 -10.06 -64.00 8.12
CA ALA I 229 -9.13 -63.41 7.18
C ALA I 229 -9.58 -63.65 5.74
N GLU I 230 -10.42 -64.65 5.52
CA GLU I 230 -10.97 -64.93 4.20
C GLU I 230 -12.00 -63.88 3.81
N HIS I 231 -12.58 -63.21 4.80
CA HIS I 231 -13.51 -62.11 4.58
C HIS I 231 -12.71 -60.82 4.39
N MET I 232 -11.40 -60.93 4.52
CA MET I 232 -10.51 -59.82 4.26
C MET I 232 -9.81 -60.00 2.92
N GLN I 233 -9.62 -61.24 2.49
CA GLN I 233 -9.02 -61.52 1.20
C GLN I 233 -9.94 -61.09 0.06
N HIS I 234 -11.23 -60.94 0.35
CA HIS I 234 -12.21 -60.61 -0.67
C HIS I 234 -12.40 -59.11 -0.88
N VAL I 235 -12.13 -58.30 0.14
CA VAL I 235 -12.26 -56.85 0.00
C VAL I 235 -11.01 -56.23 -0.62
N MET I 236 -9.93 -57.01 -0.70
CA MET I 236 -8.74 -56.57 -1.43
C MET I 236 -8.93 -56.86 -2.92
N ASN I 237 -9.08 -58.14 -3.26
CA ASN I 237 -9.17 -58.59 -4.65
C ASN I 237 -10.34 -57.99 -5.44
N THR I 238 -11.17 -57.18 -4.79
CA THR I 238 -12.33 -56.57 -5.44
C THR I 238 -12.26 -55.04 -5.46
N MET I 239 -11.50 -54.44 -4.54
CA MET I 239 -11.55 -52.99 -4.37
C MET I 239 -10.16 -52.37 -4.17
N LYS I 240 -9.12 -53.18 -4.31
CA LYS I 240 -7.75 -52.70 -4.12
C LYS I 240 -7.35 -51.77 -5.26
N ASN I 241 -6.62 -50.70 -4.96
CA ASN I 241 -6.23 -49.77 -6.01
C ASN I 241 -4.78 -49.89 -6.49
N ARG I 242 -4.63 -50.13 -7.80
CA ARG I 242 -3.31 -50.27 -8.41
C ARG I 242 -2.76 -48.99 -9.05
N VAL I 243 -3.57 -47.93 -9.04
CA VAL I 243 -3.14 -46.66 -9.61
C VAL I 243 -1.77 -46.25 -9.07
N VAL I 244 -0.82 -45.99 -9.98
CA VAL I 244 0.55 -45.64 -9.62
C VAL I 244 1.03 -44.40 -10.36
N TYR I 245 2.02 -43.70 -9.79
CA TYR I 245 2.70 -42.62 -10.47
C TYR I 245 4.19 -42.85 -10.45
N ASP I 246 4.81 -42.95 -11.63
CA ASP I 246 6.24 -43.24 -11.69
C ASP I 246 7.04 -42.01 -12.08
N ALA I 247 8.14 -41.77 -11.35
CA ALA I 247 8.95 -40.56 -11.48
C ALA I 247 9.91 -40.58 -12.68
N SER I 248 10.00 -41.72 -13.36
CA SER I 248 10.80 -41.80 -14.58
C SER I 248 10.11 -40.95 -15.66
N THR I 249 8.92 -41.39 -16.04
CA THR I 249 8.08 -40.70 -16.99
C THR I 249 6.87 -40.44 -16.13
N GLY I 250 6.36 -39.21 -16.13
CA GLY I 250 5.23 -38.91 -15.28
C GLY I 250 3.90 -39.31 -15.89
N LYS I 251 3.66 -40.62 -15.96
CA LYS I 251 2.40 -41.09 -16.49
C LYS I 251 1.78 -41.94 -15.42
N ILE I 252 0.49 -42.23 -15.56
CA ILE I 252 -0.18 -43.03 -14.56
C ILE I 252 -0.34 -44.45 -15.10
N LYS I 253 0.55 -45.33 -14.65
CA LYS I 253 0.68 -46.67 -15.17
C LYS I 253 -0.59 -47.51 -15.07
N ASN I 254 -0.79 -48.42 -16.02
CA ASN I 254 -1.97 -49.27 -16.09
C ASN I 254 -3.28 -48.51 -16.19
N GLN I 255 -3.20 -47.24 -16.58
CA GLN I 255 -4.40 -46.45 -16.79
C GLN I 255 -4.35 -45.71 -18.12
N GLN I 256 -4.43 -46.47 -19.20
CA GLN I 256 -4.43 -45.90 -20.54
C GLN I 256 -5.70 -46.40 -21.24
N HIS I 257 -6.50 -45.47 -21.75
CA HIS I 257 -6.18 -44.05 -21.71
C HIS I 257 -7.29 -43.21 -21.06
N ASN I 258 -6.90 -42.04 -20.58
CA ASN I 258 -7.79 -41.09 -19.91
C ASN I 258 -7.87 -41.31 -18.41
N MET I 259 -8.56 -40.41 -17.71
CA MET I 259 -8.68 -40.50 -16.26
C MET I 259 -10.12 -40.53 -15.75
N SER I 260 -10.40 -41.45 -14.83
CA SER I 260 -11.71 -41.59 -14.22
C SER I 260 -12.13 -40.22 -13.71
N MET I 261 -13.37 -39.84 -14.01
CA MET I 261 -13.89 -38.59 -13.52
C MET I 261 -14.12 -38.71 -12.03
N THR I 262 -14.46 -39.92 -11.56
CA THR I 262 -14.72 -40.11 -10.15
C THR I 262 -14.62 -41.58 -9.71
N GLU I 263 -14.37 -41.79 -8.41
CA GLU I 263 -14.18 -43.14 -7.84
C GLU I 263 -15.40 -43.71 -7.16
N ASP I 264 -15.36 -45.00 -6.85
CA ASP I 264 -16.51 -45.65 -6.23
C ASP I 264 -16.13 -46.87 -5.39
N TYR I 265 -16.12 -46.71 -4.07
CA TYR I 265 -15.78 -47.78 -3.15
C TYR I 265 -17.03 -48.28 -2.42
N TRP I 266 -17.17 -49.60 -2.30
CA TRP I 266 -18.40 -50.22 -1.77
C TRP I 266 -18.23 -51.13 -0.54
N LEU I 267 -18.57 -50.61 0.64
CA LEU I 267 -18.41 -51.34 1.89
C LEU I 267 -19.76 -51.67 2.52
N GLN I 268 -19.82 -52.79 3.23
CA GLN I 268 -21.09 -53.29 3.77
C GLN I 268 -21.01 -53.58 5.26
N ARG I 269 -21.52 -52.65 6.06
CA ARG I 269 -21.60 -52.83 7.49
C ARG I 269 -22.57 -53.98 7.80
N ARG I 270 -22.01 -55.17 8.02
CA ARG I 270 -22.82 -56.38 8.18
C ARG I 270 -23.80 -56.30 9.35
N ASP I 271 -23.37 -55.70 10.46
CA ASP I 271 -24.24 -55.44 11.60
C ASP I 271 -25.21 -54.31 11.29
N GLY I 272 -26.24 -54.16 12.11
CA GLY I 272 -27.11 -53.02 11.99
C GLY I 272 -26.57 -51.83 12.75
N LYS I 273 -25.30 -51.49 12.53
CA LYS I 273 -24.67 -50.34 13.19
C LYS I 273 -23.40 -49.84 12.49
N ALA I 274 -23.19 -48.52 12.59
CA ALA I 274 -22.19 -47.81 11.77
C ALA I 274 -20.75 -47.98 12.25
N VAL I 275 -20.17 -49.15 12.00
CA VAL I 275 -18.84 -49.44 12.51
C VAL I 275 -17.77 -49.65 11.42
N THR I 276 -18.21 -50.00 10.20
CA THR I 276 -17.29 -50.16 9.07
C THR I 276 -17.20 -48.87 8.23
N GLU I 277 -15.99 -48.31 8.14
CA GLU I 277 -15.82 -47.04 7.46
C GLU I 277 -14.38 -46.73 7.10
N VAL I 278 -14.23 -45.79 6.17
CA VAL I 278 -12.94 -45.27 5.77
C VAL I 278 -12.69 -43.93 6.45
N ASP I 279 -11.60 -43.84 7.18
CA ASP I 279 -11.20 -42.57 7.76
C ASP I 279 -9.88 -42.14 7.14
N THR I 280 -9.96 -41.16 6.27
CA THR I 280 -8.77 -40.58 5.70
C THR I 280 -7.88 -40.00 6.78
N LEU I 281 -6.59 -40.29 6.71
CA LEU I 281 -5.60 -39.68 7.59
C LEU I 281 -5.26 -38.28 7.08
N PRO I 282 -4.91 -37.36 8.00
CA PRO I 282 -4.81 -35.93 7.68
C PRO I 282 -3.95 -35.64 6.46
N GLY I 283 -4.33 -34.59 5.73
CA GLY I 283 -3.52 -34.12 4.63
C GLY I 283 -2.51 -33.13 5.18
N ALA I 284 -1.36 -33.07 4.54
CA ALA I 284 -0.31 -32.13 4.92
C ALA I 284 -0.70 -30.72 4.53
N ASP I 285 -1.39 -30.02 5.43
CA ASP I 285 -1.78 -28.65 5.17
C ASP I 285 -0.53 -27.82 5.34
N ASN I 286 -0.24 -26.98 4.36
CA ASN I 286 0.95 -26.15 4.43
C ASN I 286 0.75 -24.84 5.18
N THR I 287 0.59 -24.89 6.49
CA THR I 287 0.43 -23.65 7.22
C THR I 287 1.77 -22.88 7.17
N GLY I 288 2.86 -23.56 7.54
CA GLY I 288 4.22 -23.03 7.46
C GLY I 288 4.50 -22.32 6.14
N ASN I 289 4.67 -21.00 6.09
CA ASN I 289 5.03 -20.04 7.17
C ASN I 289 6.50 -20.23 7.52
N MET I 290 7.31 -20.57 6.51
CA MET I 290 8.70 -21.00 6.73
C MET I 290 9.77 -19.90 6.73
N GLU I 291 9.86 -19.13 7.81
CA GLU I 291 10.94 -18.17 8.01
C GLU I 291 11.96 -18.79 8.94
N ASP I 292 11.95 -20.11 8.98
CA ASP I 292 12.65 -20.89 10.00
C ASP I 292 14.04 -21.38 9.60
N ILE I 293 14.08 -22.19 8.56
CA ILE I 293 15.32 -22.57 7.88
C ILE I 293 16.02 -21.31 7.36
N ARG I 294 15.26 -20.34 6.88
CA ARG I 294 15.88 -19.11 6.46
C ARG I 294 16.61 -18.44 7.60
N TRP I 295 16.37 -18.89 8.83
CA TRP I 295 17.12 -18.37 9.99
C TRP I 295 18.46 -19.05 10.09
N PHE I 296 18.43 -20.37 10.05
CA PHE I 296 19.62 -21.18 10.28
C PHE I 296 20.57 -21.20 9.11
N ARG I 297 20.11 -20.77 7.94
CA ARG I 297 21.05 -20.69 6.86
C ARG I 297 21.84 -19.40 7.02
N GLN I 298 21.22 -18.34 7.51
CA GLN I 298 22.00 -17.12 7.74
C GLN I 298 23.00 -17.32 8.89
N ALA I 299 22.67 -18.24 9.79
CA ALA I 299 23.61 -18.57 10.86
C ALA I 299 24.81 -19.25 10.24
N LEU I 300 24.65 -20.49 9.77
CA LEU I 300 25.76 -21.26 9.19
C LEU I 300 26.66 -20.43 8.30
N TYR I 301 26.07 -19.43 7.66
CA TYR I 301 26.81 -18.54 6.78
C TYR I 301 27.65 -17.47 7.52
N MET I 302 27.26 -17.12 8.75
CA MET I 302 28.01 -16.16 9.55
C MET I 302 29.08 -16.90 10.29
N ALA I 303 28.86 -18.18 10.43
CA ALA I 303 29.75 -18.98 11.21
C ALA I 303 30.91 -19.45 10.38
N LEU I 304 30.75 -19.41 9.06
CA LEU I 304 31.78 -19.83 8.12
C LEU I 304 32.97 -18.88 8.10
N ARG I 305 32.68 -17.58 8.19
CA ARG I 305 33.69 -16.53 8.13
C ARG I 305 33.69 -15.83 6.77
N VAL I 306 32.85 -16.31 5.86
CA VAL I 306 32.72 -15.68 4.57
C VAL I 306 31.74 -14.52 4.74
N PRO I 307 32.06 -13.34 4.19
CA PRO I 307 31.20 -12.15 4.30
C PRO I 307 29.81 -12.40 3.76
N LEU I 308 28.79 -11.78 4.34
CA LEU I 308 27.43 -12.04 3.88
C LEU I 308 27.13 -11.30 2.58
N SER I 309 27.99 -10.35 2.22
CA SER I 309 27.77 -9.51 1.04
C SER I 309 28.05 -10.30 -0.25
N ARG I 310 28.53 -11.53 -0.12
CA ARG I 310 28.64 -12.38 -1.27
C ARG I 310 27.13 -12.48 -1.40
N ILE I 311 26.58 -12.73 -2.58
CA ILE I 311 25.10 -12.76 -2.72
C ILE I 311 24.32 -14.06 -2.46
N PRO I 312 24.17 -14.50 -1.14
CA PRO I 312 23.36 -15.72 -1.01
C PRO I 312 21.90 -15.47 -1.36
N GLN I 313 21.39 -14.32 -0.94
CA GLN I 313 20.01 -13.93 -1.20
C GLN I 313 19.78 -13.61 -2.67
N ASP I 314 18.52 -13.67 -3.10
CA ASP I 314 18.19 -13.40 -4.48
C ASP I 314 18.62 -11.97 -4.79
N GLN I 315 18.43 -11.07 -3.83
CA GLN I 315 18.84 -9.69 -4.01
C GLN I 315 18.29 -9.04 -5.27
N GLN I 316 16.99 -9.16 -5.51
CA GLN I 316 16.41 -8.57 -6.70
C GLN I 316 16.72 -7.08 -6.62
N GLY I 317 17.12 -6.50 -7.75
CA GLY I 317 17.51 -5.11 -7.78
C GLY I 317 18.51 -4.83 -6.68
N GLY I 318 18.19 -3.91 -5.77
CA GLY I 318 16.96 -3.12 -5.81
C GLY I 318 16.70 -2.13 -6.94
N VAL I 319 17.67 -1.30 -7.31
CA VAL I 319 19.02 -1.30 -6.77
C VAL I 319 19.19 -0.28 -5.63
N MET I 320 20.40 -0.23 -5.08
CA MET I 320 20.67 0.54 -3.85
C MET I 320 20.47 2.07 -3.91
N PHE I 321 21.07 2.80 -4.88
CA PHE I 321 21.80 2.29 -6.03
C PHE I 321 23.09 3.05 -6.30
N ASP I 322 24.02 2.38 -6.98
CA ASP I 322 25.26 3.01 -7.45
C ASP I 322 25.79 2.22 -8.65
N SER I 323 26.50 2.89 -9.54
CA SER I 323 26.99 2.27 -10.76
C SER I 323 28.20 1.38 -10.49
N GLY I 324 28.95 1.71 -9.44
CA GLY I 324 30.11 0.93 -9.03
C GLY I 324 30.00 0.49 -7.59
N THR I 325 29.98 -0.82 -7.36
CA THR I 325 29.83 -1.36 -6.01
C THR I 325 31.03 -0.98 -5.15
N SER I 326 30.73 -0.46 -3.97
CA SER I 326 31.75 0.11 -3.09
C SER I 326 32.37 -0.92 -2.16
N ILE I 327 33.44 -0.52 -1.50
CA ILE I 327 34.03 -1.36 -0.46
C ILE I 327 33.23 -1.20 0.82
N THR I 328 32.55 -2.25 1.23
CA THR I 328 31.80 -2.25 2.48
C THR I 328 32.79 -2.47 3.60
N ARG I 329 32.35 -2.47 4.86
CA ARG I 329 33.28 -2.76 5.93
C ARG I 329 33.35 -4.27 6.09
N ASP I 330 32.28 -4.94 5.70
CA ASP I 330 32.23 -6.41 5.66
C ASP I 330 33.39 -6.98 4.89
N GLU I 331 33.41 -6.67 3.60
CA GLU I 331 34.43 -7.16 2.69
C GLU I 331 35.82 -6.78 3.13
N LEU I 332 35.95 -5.56 3.63
CA LEU I 332 37.22 -5.05 4.12
C LEU I 332 37.75 -5.86 5.31
N THR I 333 36.85 -6.21 6.23
CA THR I 333 37.16 -7.10 7.36
C THR I 333 37.78 -8.40 6.87
N PHE I 334 37.05 -9.07 5.98
CA PHE I 334 37.43 -10.38 5.45
C PHE I 334 38.80 -10.41 4.81
N ALA I 335 39.19 -9.34 4.13
CA ALA I 335 40.51 -9.31 3.52
C ALA I 335 41.50 -9.50 4.67
N LYS I 336 41.20 -8.87 5.80
CA LYS I 336 42.03 -8.96 7.00
C LYS I 336 42.07 -10.40 7.56
N PHE I 337 40.93 -11.08 7.56
CA PHE I 337 40.86 -12.44 8.08
C PHE I 337 41.75 -13.33 7.22
N ILE I 338 41.67 -13.12 5.92
CA ILE I 338 42.50 -13.82 4.93
C ILE I 338 43.97 -13.55 5.14
N ARG I 339 44.37 -12.29 5.04
CA ARG I 339 45.78 -11.97 5.15
C ARG I 339 46.33 -12.39 6.49
N GLU I 340 45.46 -12.75 7.43
CA GLU I 340 45.93 -13.37 8.65
C GLU I 340 46.17 -14.86 8.45
N LEU I 341 45.30 -15.50 7.65
CA LEU I 341 45.49 -16.91 7.28
C LEU I 341 46.81 -17.09 6.57
N GLN I 342 46.95 -16.46 5.40
CA GLN I 342 48.17 -16.48 4.61
C GLN I 342 49.42 -16.39 5.48
N HIS I 343 49.34 -15.64 6.58
CA HIS I 343 50.45 -15.55 7.51
C HIS I 343 50.59 -16.76 8.44
N LYS I 344 49.64 -17.69 8.37
CA LYS I 344 49.74 -18.93 9.13
C LYS I 344 50.24 -20.03 8.22
N PHE I 345 49.77 -19.98 6.98
CA PHE I 345 50.18 -20.86 5.91
C PHE I 345 51.49 -20.32 5.34
N GLU I 346 51.96 -19.20 5.89
CA GLU I 346 53.28 -18.68 5.58
C GLU I 346 54.34 -19.71 5.98
N GLU I 347 54.05 -20.42 7.06
CA GLU I 347 54.96 -21.39 7.64
C GLU I 347 55.41 -22.44 6.66
N VAL I 348 54.50 -22.94 5.83
CA VAL I 348 54.81 -24.03 4.91
C VAL I 348 55.84 -23.66 3.86
N PHE I 349 56.24 -22.39 3.84
CA PHE I 349 57.28 -21.95 2.93
C PHE I 349 58.61 -21.69 3.65
N LEU I 350 58.55 -21.24 4.88
CA LEU I 350 59.75 -20.78 5.56
C LEU I 350 60.55 -21.87 6.28
N ASP I 351 59.93 -23.01 6.62
CA ASP I 351 60.73 -24.10 7.15
C ASP I 351 61.12 -25.17 6.11
N PRO I 352 60.52 -25.16 4.90
CA PRO I 352 61.30 -25.96 3.95
C PRO I 352 62.47 -25.15 3.39
N LEU I 353 62.34 -23.82 3.39
CA LEU I 353 63.38 -22.95 2.86
C LEU I 353 64.56 -22.82 3.83
N LYS I 354 64.28 -22.50 5.10
CA LYS I 354 65.35 -22.24 6.07
C LYS I 354 66.17 -23.49 6.38
N THR I 355 65.54 -24.66 6.36
CA THR I 355 66.28 -25.90 6.58
C THR I 355 67.00 -26.33 5.31
N ASN I 356 66.63 -25.74 4.17
CA ASN I 356 67.28 -26.00 2.90
C ASN I 356 68.35 -24.96 2.62
N LEU I 357 68.23 -23.82 3.31
CA LEU I 357 69.18 -22.72 3.20
C LEU I 357 70.22 -22.80 4.32
N LEU I 358 70.23 -23.94 4.99
CA LEU I 358 71.18 -24.27 6.03
C LEU I 358 71.81 -25.60 5.64
N LEU I 359 70.97 -26.47 5.10
CA LEU I 359 71.42 -27.72 4.48
C LEU I 359 72.41 -27.38 3.37
N LYS I 360 72.02 -26.42 2.53
CA LYS I 360 72.82 -26.04 1.36
C LYS I 360 74.04 -25.20 1.72
N GLY I 361 73.92 -24.43 2.78
CA GLY I 361 75.00 -23.56 3.21
C GLY I 361 74.57 -22.11 3.22
N ILE I 362 75.48 -21.22 2.87
CA ILE I 362 75.27 -19.77 2.96
C ILE I 362 74.92 -19.37 4.42
N ILE I 363 73.76 -18.76 4.64
CA ILE I 363 73.42 -18.19 5.95
C ILE I 363 73.21 -19.23 7.06
N THR I 364 73.77 -18.98 8.23
CA THR I 364 73.59 -19.86 9.39
C THR I 364 72.33 -19.50 10.17
N GLU I 365 71.97 -20.35 11.13
CA GLU I 365 70.79 -20.13 11.96
C GLU I 365 70.93 -18.87 12.83
N ASP I 366 72.16 -18.59 13.27
CA ASP I 366 72.42 -17.43 14.12
C ASP I 366 72.28 -16.10 13.36
N GLU I 367 72.34 -16.16 12.03
CA GLU I 367 72.14 -14.98 11.20
C GLU I 367 70.67 -14.81 10.85
N TRP I 368 70.00 -15.93 10.67
CA TRP I 368 68.59 -15.96 10.28
C TRP I 368 67.68 -15.27 11.29
N ASN I 369 67.99 -15.42 12.58
CA ASN I 369 67.16 -14.91 13.66
C ASN I 369 66.87 -13.41 13.56
N ASP I 370 67.82 -12.66 13.01
CA ASP I 370 67.70 -11.20 12.93
C ASP I 370 66.92 -10.76 11.70
N GLU I 371 66.95 -11.59 10.66
CA GLU I 371 66.30 -11.27 9.40
C GLU I 371 64.76 -11.31 9.48
N ILE I 372 64.24 -12.11 10.41
CA ILE I 372 62.80 -12.19 10.59
C ILE I 372 62.41 -12.15 12.07
N ASN I 373 62.02 -10.98 12.57
CA ASN I 373 61.98 -9.73 11.80
C ASN I 373 61.10 -9.78 10.55
N ASN I 374 61.65 -9.31 9.44
CA ASN I 374 60.94 -9.27 8.17
C ASN I 374 61.67 -9.91 6.99
N ILE I 375 61.14 -11.04 6.56
CA ILE I 375 61.43 -11.59 5.23
C ILE I 375 60.06 -11.97 4.64
N LYS I 376 59.27 -10.94 4.33
CA LYS I 376 57.88 -11.08 3.95
C LYS I 376 57.65 -11.99 2.74
N ILE I 377 56.69 -12.90 2.87
CA ILE I 377 56.20 -13.67 1.74
C ILE I 377 54.89 -13.08 1.24
N GLU I 378 54.98 -12.35 0.13
CA GLU I 378 53.80 -11.72 -0.46
C GLU I 378 52.95 -12.70 -1.26
N PHE I 379 51.73 -12.92 -0.82
CA PHE I 379 50.75 -13.55 -1.70
C PHE I 379 50.27 -12.49 -2.68
N HIS I 380 49.84 -12.91 -3.86
CA HIS I 380 49.27 -11.98 -4.82
C HIS I 380 47.80 -11.87 -4.51
N ARG I 381 47.24 -10.65 -4.58
CA ARG I 381 45.81 -10.46 -4.36
C ARG I 381 45.08 -10.58 -5.68
N ASP I 382 43.79 -10.25 -5.71
CA ASP I 382 43.11 -10.24 -7.00
C ASP I 382 43.35 -8.91 -7.68
N SER I 383 43.99 -8.99 -8.84
CA SER I 383 44.27 -7.84 -9.67
C SER I 383 43.06 -6.92 -9.85
N TYR I 384 41.87 -7.50 -9.97
CA TYR I 384 40.70 -6.68 -10.25
C TYR I 384 40.25 -5.83 -9.08
N PHE I 385 40.36 -6.32 -7.86
CA PHE I 385 39.78 -5.57 -6.74
C PHE I 385 40.81 -4.79 -5.96
N ALA I 386 42.06 -4.95 -6.36
CA ALA I 386 43.05 -3.98 -5.96
C ALA I 386 42.62 -2.67 -6.60
N GLU I 387 42.41 -2.70 -7.91
CA GLU I 387 41.95 -1.52 -8.64
C GLU I 387 40.64 -0.99 -8.08
N LEU I 388 39.63 -1.83 -8.02
CA LEU I 388 38.29 -1.39 -7.66
C LEU I 388 38.18 -0.90 -6.21
N LYS I 389 39.18 -1.21 -5.40
CA LYS I 389 39.32 -0.59 -4.08
C LYS I 389 40.06 0.74 -4.19
N GLU I 390 41.23 0.69 -4.82
CA GLU I 390 42.06 1.87 -5.05
C GLU I 390 41.42 2.89 -5.99
N ALA I 391 40.15 2.68 -6.30
CA ALA I 391 39.47 3.62 -7.15
C ALA I 391 38.48 4.41 -6.34
N GLU I 392 38.10 3.87 -5.19
CA GLU I 392 37.21 4.59 -4.28
C GLU I 392 38.00 5.45 -3.31
N ILE I 393 39.14 4.91 -2.88
CA ILE I 393 40.12 5.69 -2.12
C ILE I 393 40.47 6.95 -2.89
N LEU I 394 40.93 6.78 -4.13
CA LEU I 394 41.35 7.90 -4.95
C LEU I 394 40.19 8.77 -5.43
N GLU I 395 39.00 8.19 -5.57
CA GLU I 395 37.82 8.98 -5.92
C GLU I 395 37.48 9.99 -4.81
N ARG I 396 37.62 9.56 -3.56
CA ARG I 396 37.31 10.40 -2.42
C ARG I 396 38.39 11.45 -2.15
N ARG I 397 39.65 11.12 -2.44
CA ARG I 397 40.73 12.05 -2.19
C ARG I 397 40.71 13.17 -3.19
N ILE I 398 40.17 12.91 -4.37
CA ILE I 398 40.06 13.98 -5.34
C ILE I 398 38.79 14.79 -5.04
N ASN I 399 37.76 14.13 -4.54
CA ASN I 399 36.52 14.81 -4.20
C ASN I 399 36.70 15.79 -3.05
N MET I 400 37.57 15.42 -2.12
CA MET I 400 38.03 16.32 -1.05
C MET I 400 38.81 17.46 -1.67
N LEU I 401 39.75 17.10 -2.55
CA LEU I 401 40.67 18.06 -3.09
C LEU I 401 39.99 19.10 -3.99
N THR I 402 38.93 18.72 -4.70
CA THR I 402 38.19 19.71 -5.50
C THR I 402 37.42 20.63 -4.55
N MET I 403 36.90 20.01 -3.48
CA MET I 403 36.04 20.66 -2.51
C MET I 403 36.80 21.68 -1.66
N ALA I 404 38.00 21.30 -1.23
CA ALA I 404 38.84 22.18 -0.43
C ALA I 404 39.92 22.80 -1.28
N GLU I 405 39.56 23.19 -2.49
CA GLU I 405 40.53 23.76 -3.42
C GLU I 405 40.70 25.30 -3.38
N PRO I 406 39.60 26.07 -3.24
CA PRO I 406 39.85 27.52 -3.33
C PRO I 406 40.70 28.03 -2.18
N PHE I 407 40.79 27.25 -1.11
CA PHE I 407 41.55 27.62 0.06
C PHE I 407 43.00 27.14 0.03
N ILE I 408 43.39 26.38 -1.00
CA ILE I 408 44.72 25.77 -1.01
C ILE I 408 45.79 26.83 -1.24
N GLY I 409 45.41 27.97 -1.78
CA GLY I 409 46.37 29.05 -1.82
C GLY I 409 46.42 29.80 -0.50
N LYS I 410 45.25 29.98 0.12
CA LYS I 410 45.11 30.91 1.23
C LYS I 410 45.45 30.34 2.60
N TYR I 411 45.04 29.11 2.88
CA TYR I 411 45.16 28.62 4.26
C TYR I 411 46.10 27.43 4.45
N ILE I 412 45.87 26.37 3.68
CA ILE I 412 46.70 25.16 3.68
C ILE I 412 47.69 25.20 2.52
N SER I 413 48.97 24.93 2.74
CA SER I 413 49.94 25.02 1.65
C SER I 413 49.63 24.04 0.54
N HIS I 414 50.38 24.12 -0.56
CA HIS I 414 50.24 23.10 -1.58
C HIS I 414 50.90 21.81 -1.07
N ARG I 415 52.11 21.92 -0.57
CA ARG I 415 52.80 20.79 0.02
C ARG I 415 51.98 20.12 1.10
N THR I 416 51.27 20.92 1.89
CA THR I 416 50.58 20.41 3.05
C THR I 416 49.34 19.61 2.66
N ALA I 417 48.62 20.06 1.65
CA ALA I 417 47.46 19.31 1.17
C ALA I 417 47.89 18.06 0.42
N MET I 418 48.89 18.22 -0.42
CA MET I 418 49.42 17.13 -1.24
C MET I 418 49.82 15.93 -0.40
N LYS I 419 50.10 16.16 0.88
CA LYS I 419 50.65 15.12 1.74
C LYS I 419 49.65 14.64 2.80
N ASP I 420 48.52 15.33 2.91
CA ASP I 420 47.50 14.89 3.86
C ASP I 420 46.08 14.87 3.25
N ILE I 421 45.92 15.41 2.04
CA ILE I 421 44.67 15.22 1.30
C ILE I 421 44.87 14.10 0.29
N LEU I 422 46.09 13.99 -0.24
CA LEU I 422 46.41 12.92 -1.18
C LEU I 422 47.11 11.74 -0.54
N GLN I 423 47.61 11.95 0.68
CA GLN I 423 48.25 10.90 1.47
C GLN I 423 49.51 10.36 0.79
N MET I 424 50.14 11.19 -0.04
CA MET I 424 51.42 10.83 -0.61
C MET I 424 52.51 10.87 0.46
N THR I 425 53.74 10.62 0.04
CA THR I 425 54.89 10.84 0.91
C THR I 425 55.88 11.77 0.23
N ASP I 426 56.89 12.19 0.98
CA ASP I 426 57.83 13.23 0.54
C ASP I 426 58.61 12.86 -0.73
N GLU I 427 59.24 11.69 -0.71
CA GLU I 427 60.08 11.28 -1.83
C GLU I 427 59.23 10.97 -3.08
N GLU I 428 57.92 10.84 -2.89
CA GLU I 428 57.00 10.71 -4.01
C GLU I 428 56.75 12.08 -4.65
N ILE I 429 56.68 13.12 -3.83
CA ILE I 429 56.55 14.48 -4.32
C ILE I 429 57.89 14.95 -4.90
N GLU I 430 58.98 14.63 -4.20
CA GLU I 430 60.32 14.91 -4.71
C GLU I 430 60.49 14.34 -6.12
N GLN I 431 60.34 13.01 -6.21
CA GLN I 431 60.47 12.29 -7.46
C GLN I 431 59.58 12.86 -8.56
N GLU I 432 58.34 13.20 -8.20
CA GLU I 432 57.40 13.68 -9.18
C GLU I 432 57.71 15.09 -9.65
N ALA I 433 58.06 15.98 -8.72
CA ALA I 433 58.35 17.37 -9.05
C ALA I 433 59.47 17.48 -10.10
N LYS I 434 60.48 16.63 -9.96
CA LYS I 434 61.56 16.56 -10.93
C LYS I 434 61.06 16.01 -12.27
N GLN I 435 60.26 14.96 -12.19
CA GLN I 435 59.72 14.28 -13.37
C GLN I 435 58.85 15.20 -14.22
N ILE I 436 57.93 15.89 -13.56
CA ILE I 436 56.90 16.68 -14.22
C ILE I 436 57.47 17.86 -15.00
N GLU I 437 58.75 18.16 -14.79
CA GLU I 437 59.40 19.26 -15.51
C GLU I 437 59.48 18.97 -17.01
N GLU I 438 59.77 17.72 -17.37
CA GLU I 438 60.04 17.38 -18.76
C GLU I 438 58.74 17.15 -19.52
N GLU I 439 57.68 16.84 -18.79
CA GLU I 439 56.35 16.79 -19.36
C GLU I 439 56.04 18.11 -20.06
N SER I 440 56.52 19.19 -19.46
CA SER I 440 56.28 20.53 -19.97
C SER I 440 57.33 20.92 -21.01
N LYS I 441 57.99 19.92 -21.60
CA LYS I 441 59.03 20.22 -22.60
C LYS I 441 58.98 19.42 -23.91
N GLU I 442 58.04 19.73 -24.81
CA GLU I 442 57.00 20.73 -24.58
C GLU I 442 55.65 20.07 -24.86
N ALA I 443 55.61 19.34 -25.98
CA ALA I 443 54.41 18.61 -26.43
C ALA I 443 54.22 17.38 -25.55
N ARG I 444 53.06 16.76 -25.58
CA ARG I 444 51.93 17.13 -26.44
C ARG I 444 50.77 17.77 -25.68
N PHE I 445 50.96 18.05 -24.40
CA PHE I 445 49.86 18.49 -23.56
C PHE I 445 49.72 20.01 -23.45
N GLN I 446 50.60 20.74 -24.12
CA GLN I 446 50.54 22.20 -24.09
C GLN I 446 49.33 22.68 -24.90
N ASP I 447 48.35 23.28 -24.22
CA ASP I 447 47.09 23.67 -24.84
C ASP I 447 47.04 25.16 -25.20
N ASN J 1 40.12 -21.73 42.66
CA ASN J 1 39.26 -22.71 42.00
C ASN J 1 38.04 -22.07 41.33
N TRP J 2 37.35 -21.21 42.06
CA TRP J 2 36.22 -20.47 41.52
C TRP J 2 36.67 -19.57 40.38
N ILE J 3 37.85 -18.98 40.57
CA ILE J 3 38.55 -18.24 39.53
C ILE J 3 38.74 -19.11 38.29
N SER J 4 39.07 -20.38 38.53
CA SER J 4 39.39 -21.32 37.46
C SER J 4 38.16 -21.85 36.74
N GLU J 5 37.04 -21.99 37.45
CA GLU J 5 35.79 -22.41 36.81
C GLU J 5 35.21 -21.27 35.95
N LEU J 6 35.53 -20.05 36.34
CA LEU J 6 35.09 -18.87 35.62
C LEU J 6 35.74 -18.78 34.27
N ILE J 7 37.05 -18.95 34.22
CA ILE J 7 37.78 -18.88 32.95
C ILE J 7 37.44 -20.09 32.10
N ASP J 8 36.73 -21.06 32.68
CA ASP J 8 36.24 -22.15 31.86
C ASP J 8 35.05 -21.64 31.05
N THR J 9 34.02 -21.18 31.75
CA THR J 9 32.77 -20.79 31.10
C THR J 9 32.90 -19.64 30.10
N TYR J 10 33.89 -18.77 30.30
CA TYR J 10 34.22 -17.74 29.31
C TYR J 10 34.72 -18.40 28.04
N ARG J 11 35.54 -19.43 28.20
CA ARG J 11 36.16 -20.07 27.05
C ARG J 11 35.18 -21.03 26.43
N ASN J 12 34.07 -21.30 27.12
CA ASN J 12 33.00 -22.04 26.51
C ASN J 12 31.89 -21.09 26.10
N LEU J 13 32.24 -19.81 26.04
CA LEU J 13 31.40 -18.78 25.44
C LEU J 13 31.97 -18.52 24.06
N MET J 14 33.28 -18.68 23.95
CA MET J 14 33.95 -18.50 22.68
C MET J 14 33.69 -19.66 21.78
N ASN J 15 33.38 -20.82 22.37
CA ASN J 15 33.21 -22.07 21.63
C ASN J 15 32.11 -21.92 20.62
N ASN J 16 31.08 -21.22 21.10
CA ASN J 16 29.88 -20.83 20.35
C ASN J 16 30.27 -19.79 19.30
N TYR J 17 29.41 -19.61 18.30
CA TYR J 17 29.72 -18.74 17.19
C TYR J 17 29.09 -17.38 17.50
N GLU J 18 29.51 -16.35 16.77
CA GLU J 18 28.97 -15.01 16.99
C GLU J 18 29.72 -14.38 18.14
N VAL J 19 29.81 -15.10 19.25
CA VAL J 19 30.57 -14.60 20.39
C VAL J 19 31.99 -14.52 19.85
N ASP J 20 32.35 -15.55 19.07
CA ASP J 20 33.65 -15.63 18.42
C ASP J 20 33.74 -14.51 17.38
N ASN J 21 32.63 -14.28 16.66
CA ASN J 21 32.64 -13.22 15.65
C ASN J 21 32.81 -11.83 16.30
N ALA J 22 32.12 -11.60 17.42
CA ALA J 22 32.11 -10.30 18.10
C ALA J 22 33.35 -10.04 18.96
N VAL J 23 33.92 -11.10 19.54
CA VAL J 23 35.13 -10.95 20.33
C VAL J 23 36.32 -10.66 19.45
N SER J 24 36.32 -11.27 18.27
CA SER J 24 37.40 -11.04 17.33
C SER J 24 37.08 -9.87 16.45
N GLU J 25 35.95 -9.24 16.73
CA GLU J 25 35.73 -7.93 16.19
C GLU J 25 36.69 -6.95 16.86
N ILE J 26 36.64 -6.94 18.19
CA ILE J 26 37.53 -6.19 19.07
C ILE J 26 39.03 -6.40 18.79
N VAL J 27 39.50 -7.65 18.90
CA VAL J 27 40.92 -7.91 18.82
C VAL J 27 41.42 -7.65 17.44
N SER J 28 40.51 -7.52 16.49
CA SER J 28 40.90 -7.18 15.14
C SER J 28 41.27 -5.73 15.03
N ASP J 29 40.72 -4.92 15.93
CA ASP J 29 41.10 -3.50 15.97
C ASP J 29 41.55 -3.01 17.34
N ALA J 30 41.70 -3.92 18.29
CA ALA J 30 42.31 -3.54 19.56
C ALA J 30 43.82 -3.66 19.47
N ILE J 31 44.30 -4.45 18.50
CA ILE J 31 45.69 -4.39 18.04
C ILE J 31 45.78 -4.70 16.55
N VAL J 32 45.83 -3.69 15.70
CA VAL J 32 45.70 -3.99 14.28
C VAL J 32 47.00 -3.96 13.48
N TYR J 33 47.48 -5.15 13.12
CA TYR J 33 48.61 -5.27 12.22
C TYR J 33 48.31 -4.56 10.94
N GLU J 34 49.29 -3.83 10.43
CA GLU J 34 49.20 -3.34 9.07
C GLU J 34 50.54 -3.55 8.41
N ASP J 35 50.55 -3.50 7.08
CA ASP J 35 51.79 -3.68 6.32
C ASP J 35 52.69 -2.46 6.48
N ASP J 36 53.99 -2.71 6.64
CA ASP J 36 54.95 -1.62 6.79
C ASP J 36 54.82 -0.97 8.17
N THR J 37 53.62 -0.50 8.47
CA THR J 37 53.35 0.15 9.75
C THR J 37 53.52 -0.82 10.92
N GLU J 38 54.06 -0.30 12.02
CA GLU J 38 54.27 -1.11 13.22
C GLU J 38 53.13 -1.02 14.23
N VAL J 39 53.11 -1.97 15.15
CA VAL J 39 52.10 -2.05 16.20
C VAL J 39 52.78 -1.81 17.56
N VAL J 40 52.04 -1.25 18.52
CA VAL J 40 52.53 -0.99 19.90
C VAL J 40 53.82 -0.16 20.17
N ALA J 41 53.95 1.01 19.54
CA ALA J 41 55.12 1.88 19.75
C ALA J 41 55.21 2.55 21.13
N LEU J 42 56.43 2.86 21.59
CA LEU J 42 56.66 3.48 22.88
C LEU J 42 56.85 4.98 22.72
N ASN J 43 55.75 5.71 22.62
CA ASN J 43 55.82 7.15 22.49
C ASN J 43 56.47 7.77 23.72
N LEU J 44 57.59 8.45 23.50
CA LEU J 44 58.26 9.13 24.59
C LEU J 44 58.07 10.61 24.33
N ASP J 45 57.20 11.23 25.11
CA ASP J 45 56.96 12.66 24.96
C ASP J 45 56.98 13.26 26.35
N LYS J 46 58.14 13.18 26.98
CA LYS J 46 58.32 13.70 28.33
C LYS J 46 59.78 14.01 28.58
N SER J 47 60.02 14.86 29.56
CA SER J 47 61.38 15.24 29.94
C SER J 47 62.22 14.02 30.28
N LYS J 48 63.23 13.76 29.45
CA LYS J 48 64.17 12.67 29.69
C LYS J 48 65.58 13.22 29.66
N PHE J 49 66.46 12.64 30.48
CA PHE J 49 67.80 13.18 30.69
C PHE J 49 68.63 13.27 29.41
N SER J 50 68.64 12.20 28.62
CA SER J 50 69.47 12.14 27.42
C SER J 50 68.66 11.94 26.16
N PRO J 51 69.11 12.54 25.05
CA PRO J 51 68.55 12.26 23.72
C PRO J 51 68.88 10.84 23.31
N LYS J 52 69.90 10.26 23.94
CA LYS J 52 70.32 8.89 23.65
C LYS J 52 69.53 7.86 24.46
N ILE J 53 69.23 8.16 25.72
CA ILE J 53 68.49 7.20 26.55
C ILE J 53 67.04 7.05 26.08
N LYS J 54 66.43 8.14 25.62
CA LYS J 54 65.03 8.09 25.19
C LYS J 54 64.89 7.21 23.94
N ASN J 55 65.94 7.20 23.09
CA ASN J 55 65.96 6.30 21.95
C ASN J 55 66.59 4.97 22.32
N MET J 56 67.23 4.92 23.49
CA MET J 56 67.89 3.70 23.92
C MET J 56 66.86 2.64 24.31
N MET J 57 65.67 3.09 24.68
CA MET J 57 64.58 2.18 25.04
C MET J 57 64.24 1.21 23.92
N LEU J 58 64.54 1.59 22.69
CA LEU J 58 64.18 0.75 21.56
C LEU J 58 65.02 -0.53 21.60
N ASP J 59 66.27 -0.39 22.04
CA ASP J 59 67.13 -1.55 22.31
C ASP J 59 66.48 -2.41 23.39
N GLU J 60 65.74 -1.76 24.27
CA GLU J 60 65.03 -2.42 25.35
C GLU J 60 63.63 -2.83 24.92
N PHE J 61 62.89 -1.91 24.30
CA PHE J 61 61.46 -2.11 24.03
C PHE J 61 61.17 -2.84 22.73
N SER J 62 61.86 -2.47 21.64
CA SER J 62 61.70 -3.20 20.38
C SER J 62 62.17 -4.65 20.55
N ASP J 63 62.86 -4.91 21.67
CA ASP J 63 63.32 -6.24 22.03
C ASP J 63 62.37 -6.92 23.01
N VAL J 64 61.66 -6.14 23.83
CA VAL J 64 60.76 -6.74 24.82
C VAL J 64 59.50 -7.28 24.14
N LEU J 65 59.27 -6.81 22.92
CA LEU J 65 58.20 -7.34 22.08
C LEU J 65 58.59 -8.72 21.54
N ASN J 66 59.85 -8.84 21.14
CA ASN J 66 60.40 -10.09 20.62
C ASN J 66 60.18 -11.26 21.58
N HIS J 67 60.27 -11.00 22.89
CA HIS J 67 60.11 -12.04 23.89
C HIS J 67 58.67 -12.52 23.93
N LEU J 68 57.74 -11.59 23.72
CA LEU J 68 56.34 -11.93 23.59
C LEU J 68 56.10 -12.52 22.22
N SER J 69 57.14 -12.42 21.38
CA SER J 69 57.03 -12.70 19.95
C SER J 69 55.80 -11.97 19.41
N PHE J 70 55.63 -10.74 19.87
CA PHE J 70 54.38 -10.01 19.72
C PHE J 70 53.95 -9.77 18.27
N GLN J 71 54.91 -9.73 17.35
CA GLN J 71 54.60 -9.36 15.97
C GLN J 71 53.71 -10.38 15.24
N ARG J 72 53.83 -11.65 15.60
CA ARG J 72 52.98 -12.66 14.99
C ARG J 72 52.13 -13.38 16.04
N LYS J 73 52.34 -13.03 17.31
CA LYS J 73 51.64 -13.67 18.42
C LYS J 73 50.93 -12.68 19.31
N GLY J 74 50.60 -11.51 18.77
CA GLY J 74 49.97 -10.47 19.57
C GLY J 74 48.47 -10.64 19.73
N SER J 75 47.78 -10.82 18.60
CA SER J 75 46.34 -10.86 18.60
C SER J 75 45.85 -12.19 19.14
N ASP J 76 46.74 -12.92 19.79
CA ASP J 76 46.29 -14.08 20.53
C ASP J 76 46.51 -13.81 22.02
N HIS J 77 47.64 -13.16 22.35
CA HIS J 77 47.95 -12.81 23.74
C HIS J 77 46.90 -11.87 24.33
N PHE J 78 46.35 -11.00 23.48
CA PHE J 78 45.34 -10.02 23.86
C PHE J 78 43.97 -10.66 23.89
N ARG J 79 43.64 -11.36 22.82
CA ARG J 79 42.42 -12.14 22.75
C ARG J 79 42.36 -13.15 23.87
N ARG J 80 43.50 -13.45 24.47
CA ARG J 80 43.50 -14.28 25.66
C ARG J 80 43.21 -13.45 26.92
N TRP J 81 43.81 -12.27 27.02
CA TRP J 81 43.59 -11.33 28.14
C TRP J 81 42.13 -11.02 28.30
N TYR J 82 41.49 -10.76 27.18
CA TYR J 82 40.13 -10.27 27.13
C TYR J 82 39.18 -11.38 27.47
N VAL J 83 39.43 -12.57 26.95
CA VAL J 83 38.46 -13.64 27.10
C VAL J 83 38.74 -14.51 28.33
N ASP J 84 40.02 -14.66 28.65
CA ASP J 84 40.50 -15.41 29.79
C ASP J 84 40.07 -14.77 31.10
N SER J 85 40.08 -13.44 31.10
CA SER J 85 39.74 -12.62 32.26
C SER J 85 40.98 -12.39 33.13
N ARG J 86 42.13 -12.85 32.63
CA ARG J 86 43.40 -12.69 33.31
C ARG J 86 44.50 -13.21 32.39
N ILE J 87 45.75 -12.79 32.62
CA ILE J 87 46.83 -13.28 31.78
C ILE J 87 48.11 -13.10 32.53
N PHE J 88 48.87 -14.17 32.69
CA PHE J 88 50.08 -14.15 33.48
C PHE J 88 51.29 -14.52 32.64
N PHE J 89 52.31 -13.69 32.63
CA PHE J 89 53.58 -14.09 32.05
C PHE J 89 54.61 -14.27 33.15
N HIS J 90 55.14 -15.48 33.28
CA HIS J 90 56.26 -15.73 34.19
C HIS J 90 57.51 -15.12 33.60
N LYS J 91 58.38 -14.62 34.46
CA LYS J 91 59.59 -13.97 33.99
C LYS J 91 60.82 -14.72 34.46
N ILE J 92 61.63 -15.12 33.51
CA ILE J 92 62.88 -15.80 33.79
C ILE J 92 64.02 -14.79 33.89
N ILE J 93 64.54 -14.63 35.10
CA ILE J 93 65.71 -13.79 35.32
C ILE J 93 66.40 -14.23 36.62
N ASP J 94 67.71 -14.44 36.54
CA ASP J 94 68.42 -14.22 35.29
C ASP J 94 69.23 -15.42 34.76
N PRO J 95 69.79 -16.29 35.64
CA PRO J 95 69.97 -16.45 37.09
C PRO J 95 71.15 -15.65 37.61
N LYS J 96 72.06 -15.40 36.69
CA LYS J 96 73.25 -14.59 36.90
C LYS J 96 73.86 -14.44 35.50
N ARG J 97 74.50 -13.31 35.22
CA ARG J 97 74.77 -12.25 36.18
C ARG J 97 73.63 -11.22 36.15
N PRO J 98 73.55 -10.34 37.17
CA PRO J 98 72.55 -9.28 37.04
C PRO J 98 72.83 -8.38 35.83
N LYS J 99 71.81 -7.69 35.35
CA LYS J 99 71.92 -6.80 34.20
C LYS J 99 72.41 -7.51 32.94
N GLU J 100 72.16 -8.82 32.86
CA GLU J 100 72.57 -9.60 31.70
C GLU J 100 71.84 -9.15 30.42
N GLY J 101 70.52 -8.96 30.50
CA GLY J 101 69.73 -9.26 31.68
C GLY J 101 68.37 -9.83 31.31
N ILE J 102 67.86 -10.76 32.11
CA ILE J 102 66.54 -11.41 31.92
C ILE J 102 66.52 -12.55 30.89
N LYS J 103 65.33 -13.13 30.66
CA LYS J 103 65.19 -14.20 29.70
C LYS J 103 63.74 -14.26 29.24
N GLU J 104 63.44 -15.26 28.41
CA GLU J 104 62.13 -15.38 27.78
C GLU J 104 60.95 -15.34 28.76
N LEU J 105 59.89 -14.64 28.37
CA LEU J 105 58.66 -14.62 29.16
C LEU J 105 57.72 -15.70 28.67
N ARG J 106 57.40 -16.63 29.56
CA ARG J 106 56.53 -17.75 29.20
C ARG J 106 55.12 -17.55 29.73
N ARG J 107 54.15 -17.62 28.83
CA ARG J 107 52.74 -17.49 29.20
C ARG J 107 52.41 -18.57 30.21
N LEU J 108 51.53 -18.26 31.16
CA LEU J 108 51.01 -19.25 32.08
C LEU J 108 49.53 -19.48 31.78
N ASP J 109 49.10 -20.73 31.87
CA ASP J 109 47.68 -21.03 31.78
C ASP J 109 47.00 -20.38 32.98
N PRO J 110 46.05 -19.47 32.73
CA PRO J 110 45.18 -19.15 33.86
C PRO J 110 44.42 -20.41 34.26
N ARG J 111 43.86 -20.44 35.47
CA ARG J 111 43.22 -21.62 36.08
C ARG J 111 44.24 -22.52 36.79
N GLN J 112 45.52 -22.19 36.66
CA GLN J 112 46.54 -22.94 37.37
C GLN J 112 47.34 -21.98 38.24
N VAL J 113 46.78 -20.79 38.44
CA VAL J 113 47.41 -19.75 39.24
C VAL J 113 46.48 -19.23 40.33
N GLN J 114 46.97 -19.14 41.56
CA GLN J 114 46.19 -18.57 42.67
C GLN J 114 46.97 -17.41 43.30
N TYR J 115 46.29 -16.31 43.58
CA TYR J 115 46.96 -15.11 44.08
C TYR J 115 46.45 -14.66 45.45
N VAL J 116 47.19 -15.02 46.49
CA VAL J 116 46.97 -14.51 47.84
C VAL J 116 48.32 -14.21 48.49
N TYR J 136 51.73 -13.06 46.37
CA TYR J 136 52.33 -14.39 46.46
C TYR J 136 51.56 -15.35 45.54
N PHE J 137 52.16 -15.62 44.38
CA PHE J 137 51.49 -16.39 43.33
C PHE J 137 51.71 -17.89 43.45
N ILE J 138 50.60 -18.64 43.47
CA ILE J 138 50.65 -20.09 43.60
C ILE J 138 50.40 -20.75 42.26
N TYR J 139 51.46 -21.04 41.52
CA TYR J 139 51.32 -21.70 40.23
C TYR J 139 51.17 -23.20 40.41
N ASP J 140 49.95 -23.70 40.25
CA ASP J 140 49.71 -25.14 40.21
C ASP J 140 50.27 -25.70 38.91
N THR J 141 50.95 -26.83 39.00
CA THR J 141 51.56 -27.45 37.83
C THR J 141 50.81 -28.70 37.40
N ALA J 142 50.25 -28.68 36.19
CA ALA J 142 49.69 -29.87 35.58
C ALA J 142 50.74 -30.46 34.66
N HIS J 143 51.21 -31.67 34.96
CA HIS J 143 52.26 -32.27 34.14
C HIS J 143 53.53 -31.48 34.41
N GLU J 144 54.50 -31.53 33.49
CA GLU J 144 55.73 -30.78 33.67
C GLU J 144 55.83 -29.64 32.66
N SER J 145 55.97 -28.41 33.15
CA SER J 145 56.06 -27.25 32.24
C SER J 145 57.44 -26.62 32.02
N TYR J 146 58.16 -26.29 33.11
CA TYR J 146 59.47 -25.67 32.96
C TYR J 146 60.42 -25.86 34.15
N ALA J 147 61.72 -25.72 33.90
CA ALA J 147 62.74 -25.86 34.93
C ALA J 147 63.31 -24.54 35.47
N CYS J 148 62.82 -23.42 34.97
CA CYS J 148 63.30 -22.12 35.41
C CYS J 148 64.82 -22.21 35.50
N ASP J 149 65.44 -21.24 36.16
CA ASP J 149 66.88 -21.23 36.32
C ASP J 149 67.38 -22.42 37.14
N GLY J 150 66.61 -22.76 38.18
CA GLY J 150 66.96 -23.85 39.08
C GLY J 150 65.79 -24.16 40.00
N ARG J 151 65.81 -25.35 40.61
CA ARG J 151 66.90 -26.30 40.41
C ARG J 151 66.61 -27.25 39.25
N MET J 152 65.35 -27.60 39.07
CA MET J 152 64.93 -28.54 38.03
C MET J 152 63.41 -28.52 37.87
N TYR J 153 62.91 -29.09 36.78
CA TYR J 153 61.48 -29.10 36.48
C TYR J 153 60.66 -29.82 37.54
N GLU J 154 59.81 -29.06 38.24
CA GLU J 154 58.90 -29.63 39.22
C GLU J 154 57.76 -30.37 38.50
N ALA J 155 57.15 -31.33 39.19
CA ALA J 155 56.10 -32.14 38.58
C ALA J 155 54.91 -32.38 39.52
N GLY J 156 53.76 -31.81 39.16
CA GLY J 156 52.53 -32.03 39.89
C GLY J 156 52.41 -31.26 41.19
N THR J 157 53.38 -30.38 41.47
CA THR J 157 53.40 -29.66 42.74
C THR J 157 53.16 -28.16 42.59
N LYS J 158 52.52 -27.57 43.60
CA LYS J 158 52.25 -26.14 43.62
C LYS J 158 53.52 -25.34 43.90
N ILE J 159 54.13 -24.80 42.84
CA ILE J 159 55.34 -23.99 43.01
C ILE J 159 54.95 -22.53 43.27
N LYS J 160 55.69 -21.87 44.16
CA LYS J 160 55.36 -20.51 44.54
C LYS J 160 56.33 -19.49 43.93
N ILE J 161 55.77 -18.51 43.24
CA ILE J 161 56.56 -17.42 42.67
C ILE J 161 56.18 -16.11 43.35
N PRO J 162 57.18 -15.27 43.67
CA PRO J 162 56.91 -13.96 44.27
C PRO J 162 56.18 -12.99 43.33
N LYS J 163 55.43 -12.06 43.90
CA LYS J 163 54.62 -11.08 43.16
C LYS J 163 55.48 -10.18 42.29
N ALA J 164 56.78 -10.44 42.32
CA ALA J 164 57.71 -9.97 41.32
C ALA J 164 58.72 -11.11 41.14
N ALA J 165 59.07 -11.44 39.90
CA ALA J 165 58.58 -10.71 38.74
C ALA J 165 57.67 -11.59 37.89
N VAL J 166 56.37 -11.33 37.98
CA VAL J 166 55.36 -11.95 37.12
C VAL J 166 54.36 -10.89 36.69
N VAL J 167 54.21 -10.67 35.39
CA VAL J 167 53.28 -9.63 34.96
C VAL J 167 51.87 -10.18 35.06
N TYR J 168 51.01 -9.48 35.80
CA TYR J 168 49.64 -9.93 36.01
C TYR J 168 48.70 -8.85 35.50
N ALA J 169 48.12 -9.10 34.34
CA ALA J 169 47.21 -8.12 33.76
C ALA J 169 45.77 -8.57 33.86
N HIS J 170 44.95 -7.79 34.54
CA HIS J 170 43.55 -8.17 34.72
C HIS J 170 42.62 -7.16 34.09
N SER J 171 41.52 -7.65 33.52
CA SER J 171 40.41 -6.80 33.10
C SER J 171 39.88 -6.02 34.30
N GLY J 172 40.17 -4.72 34.36
CA GLY J 172 39.89 -3.95 35.57
C GLY J 172 38.46 -3.91 36.12
N LEU J 173 37.86 -5.08 36.36
CA LEU J 173 36.48 -5.12 36.84
C LEU J 173 36.23 -5.68 38.26
N VAL J 174 35.53 -4.88 39.07
CA VAL J 174 35.18 -5.23 40.45
C VAL J 174 34.23 -6.41 40.68
N ASP J 175 33.20 -6.52 39.84
CA ASP J 175 32.18 -7.59 39.94
C ASP J 175 31.03 -7.22 40.89
N CYS J 176 30.06 -8.12 41.06
CA CYS J 176 28.91 -7.85 41.94
C CYS J 176 29.31 -7.62 43.39
N CYS J 177 30.21 -8.46 43.89
CA CYS J 177 30.74 -8.34 45.25
C CYS J 177 32.27 -8.23 45.26
N GLY J 178 32.77 -7.19 45.93
CA GLY J 178 34.20 -6.99 46.04
C GLY J 178 34.87 -8.01 46.94
N LYS J 179 36.08 -8.43 46.58
CA LYS J 179 36.73 -7.99 45.36
C LYS J 179 37.02 -9.27 44.57
N ASN J 180 36.48 -9.33 43.36
CA ASN J 180 36.68 -10.49 42.50
C ASN J 180 36.89 -10.00 41.08
N ILE J 181 37.58 -10.78 40.25
CA ILE J 181 37.79 -10.31 38.88
C ILE J 181 36.81 -10.93 37.89
N ILE J 182 36.18 -10.09 37.08
CA ILE J 182 35.21 -10.55 36.08
C ILE J 182 35.23 -9.74 34.78
N GLY J 183 34.71 -10.33 33.71
CA GLY J 183 34.63 -9.69 32.41
C GLY J 183 35.82 -9.83 31.48
N TYR J 184 35.72 -9.20 30.31
CA TYR J 184 34.53 -8.43 29.98
C TYR J 184 33.41 -9.22 29.36
N LEU J 185 33.55 -10.54 29.29
CA LEU J 185 32.56 -11.33 28.59
C LEU J 185 31.34 -11.61 29.46
N HIS J 186 31.50 -11.49 30.78
CA HIS J 186 30.47 -11.82 31.78
C HIS J 186 29.06 -11.36 31.46
N ARG J 187 28.86 -10.06 31.26
CA ARG J 187 27.50 -9.58 31.05
C ARG J 187 26.78 -10.33 29.94
N ALA J 188 27.53 -10.86 28.98
CA ALA J 188 26.92 -11.60 27.87
C ALA J 188 26.81 -13.13 28.02
N VAL J 189 27.22 -13.65 29.19
CA VAL J 189 27.16 -15.09 29.43
C VAL J 189 25.74 -15.63 29.59
N LYS J 190 24.95 -14.93 30.41
CA LYS J 190 23.57 -15.32 30.65
C LYS J 190 22.76 -15.12 29.38
N PRO J 191 23.05 -13.95 28.70
CA PRO J 191 22.27 -13.78 27.47
C PRO J 191 22.59 -14.84 26.43
N ALA J 192 23.87 -15.21 26.33
CA ALA J 192 24.27 -16.19 25.33
C ALA J 192 23.73 -17.58 25.63
N ASN J 193 23.61 -17.91 26.90
CA ASN J 193 23.10 -19.21 27.26
C ASN J 193 21.62 -19.33 26.98
N GLN J 194 20.93 -18.22 26.73
CA GLN J 194 19.51 -18.33 26.50
C GLN J 194 19.15 -17.88 25.12
N LEU J 195 20.12 -17.52 24.30
CA LEU J 195 19.82 -17.37 22.87
C LEU J 195 19.79 -18.73 22.23
N LYS J 196 20.70 -19.60 22.68
CA LYS J 196 20.83 -20.97 22.19
C LYS J 196 19.74 -21.89 22.76
N LEU J 197 19.29 -21.56 23.96
CA LEU J 197 18.17 -22.26 24.59
C LEU J 197 16.85 -22.00 23.88
N LEU J 198 16.95 -21.48 22.67
CA LEU J 198 15.83 -21.18 21.83
C LEU J 198 16.08 -21.86 20.51
N GLU J 199 17.35 -21.92 20.13
CA GLU J 199 17.78 -22.54 18.87
C GLU J 199 17.74 -24.05 18.94
N ASP J 200 17.74 -24.56 20.16
CA ASP J 200 17.50 -25.97 20.37
C ASP J 200 15.99 -26.20 20.49
N ALA J 201 15.31 -25.25 21.09
CA ALA J 201 13.87 -25.24 21.11
C ALA J 201 13.29 -25.14 19.71
N VAL J 202 13.82 -24.27 18.86
CA VAL J 202 13.22 -24.10 17.54
C VAL J 202 13.46 -25.26 16.60
N VAL J 203 14.57 -25.97 16.77
CA VAL J 203 14.77 -27.16 15.98
C VAL J 203 14.05 -28.31 16.64
N ILE J 204 13.94 -28.31 17.96
CA ILE J 204 13.32 -29.45 18.61
C ILE J 204 11.84 -29.51 18.29
N TYR J 205 11.25 -28.36 18.09
CA TYR J 205 9.86 -28.36 17.74
C TYR J 205 9.72 -28.96 16.35
N ARG J 206 10.64 -28.62 15.44
CA ARG J 206 10.49 -29.02 14.05
C ARG J 206 10.98 -30.42 13.71
N ILE J 207 12.16 -30.81 14.22
CA ILE J 207 12.63 -32.18 14.10
C ILE J 207 11.53 -33.14 14.46
N THR J 208 11.05 -33.02 15.69
CA THR J 208 9.97 -33.85 16.21
C THR J 208 8.69 -33.41 15.52
N ARG J 209 7.88 -34.39 15.13
CA ARG J 209 6.62 -34.15 14.45
C ARG J 209 6.90 -33.90 12.97
N ALA J 210 8.17 -33.89 12.60
CA ALA J 210 8.57 -33.71 11.22
C ALA J 210 8.02 -34.92 10.51
N PRO J 211 8.13 -36.05 11.20
CA PRO J 211 7.63 -37.33 10.68
C PRO J 211 6.25 -37.60 11.24
N ASP J 212 5.28 -37.97 10.41
CA ASP J 212 3.93 -38.20 10.96
C ASP J 212 3.95 -39.46 11.81
N ARG J 213 3.42 -39.34 13.01
CA ARG J 213 3.36 -40.48 13.93
C ARG J 213 1.91 -40.90 14.08
N ARG J 214 1.69 -42.20 14.17
CA ARG J 214 0.34 -42.70 14.29
C ARG J 214 0.25 -43.77 15.36
N VAL J 215 -0.71 -43.63 16.27
CA VAL J 215 -0.90 -44.60 17.33
C VAL J 215 -2.04 -45.55 17.03
N TRP J 216 -1.71 -46.82 16.80
CA TRP J 216 -2.68 -47.81 16.38
C TRP J 216 -3.28 -48.56 17.56
N TYR J 217 -4.53 -48.30 17.89
CA TYR J 217 -5.15 -49.05 18.97
C TYR J 217 -5.93 -50.24 18.39
N VAL J 218 -5.50 -51.46 18.70
CA VAL J 218 -6.25 -52.67 18.36
C VAL J 218 -6.57 -53.44 19.64
N ASP J 219 -7.82 -53.89 19.79
CA ASP J 219 -8.25 -54.47 21.05
C ASP J 219 -8.37 -55.99 21.01
N THR J 220 -8.16 -56.62 22.18
CA THR J 220 -8.34 -58.05 22.36
C THR J 220 -8.81 -58.34 23.78
N GLY J 221 -10.08 -58.68 23.93
CA GLY J 221 -10.63 -58.96 25.24
C GLY J 221 -10.61 -60.45 25.58
N ASN J 222 -10.23 -60.74 26.83
CA ASN J 222 -10.30 -62.09 27.38
C ASN J 222 -9.39 -63.11 26.69
N MET J 223 -8.17 -62.71 26.38
CA MET J 223 -7.15 -63.65 25.93
C MET J 223 -5.83 -63.29 26.61
N PRO J 224 -5.13 -64.32 27.12
CA PRO J 224 -3.91 -64.12 27.93
C PRO J 224 -2.85 -63.33 27.16
N ALA J 225 -2.06 -62.52 27.88
CA ALA J 225 -1.02 -61.71 27.24
C ALA J 225 0.03 -62.57 26.55
N ARG J 226 0.14 -63.82 26.97
CA ARG J 226 1.04 -64.78 26.34
C ARG J 226 0.65 -65.04 24.88
N LYS J 227 -0.66 -65.14 24.63
CA LYS J 227 -1.15 -65.46 23.29
C LYS J 227 -1.87 -64.27 22.64
N ALA J 228 -2.14 -63.22 23.42
CA ALA J 228 -2.72 -61.99 22.89
C ALA J 228 -1.69 -61.24 22.07
N ALA J 229 -0.44 -61.29 22.51
CA ALA J 229 0.66 -60.66 21.82
C ALA J 229 0.87 -61.29 20.44
N GLU J 230 0.39 -62.51 20.26
CA GLU J 230 0.47 -63.19 18.97
C GLU J 230 -0.49 -62.58 17.97
N HIS J 231 -1.53 -61.91 18.47
CA HIS J 231 -2.48 -61.19 17.63
C HIS J 231 -1.93 -59.79 17.36
N MET J 232 -0.77 -59.50 17.95
CA MET J 232 -0.07 -58.26 17.70
C MET J 232 1.12 -58.49 16.78
N GLN J 233 1.69 -59.70 16.83
CA GLN J 233 2.80 -60.04 15.95
C GLN J 233 2.34 -60.13 14.50
N HIS J 234 1.04 -60.30 14.28
CA HIS J 234 0.50 -60.46 12.93
C HIS J 234 0.14 -59.14 12.25
N VAL J 235 -0.18 -58.10 13.03
CA VAL J 235 -0.50 -56.82 12.42
C VAL J 235 0.76 -56.01 12.11
N MET J 236 1.90 -56.45 12.63
CA MET J 236 3.17 -55.85 12.25
C MET J 236 3.66 -56.47 10.94
N ASN J 237 3.89 -57.78 10.96
CA ASN J 237 4.44 -58.49 9.81
C ASN J 237 3.60 -58.43 8.53
N THR J 238 2.44 -57.78 8.60
CA THR J 238 1.54 -57.65 7.45
C THR J 238 1.34 -56.20 7.01
N MET J 239 1.54 -55.25 7.92
CA MET J 239 1.17 -53.86 7.63
C MET J 239 2.21 -52.85 8.09
N LYS J 240 3.35 -53.35 8.56
CA LYS J 240 4.42 -52.47 9.04
C LYS J 240 5.06 -51.71 7.89
N ASN J 241 5.40 -50.44 8.09
CA ASN J 241 5.99 -49.66 7.01
C ASN J 241 7.51 -49.47 7.10
N ARG J 242 8.22 -49.91 6.06
CA ARG J 242 9.68 -49.80 5.99
C ARG J 242 10.18 -48.56 5.24
N VAL J 243 9.26 -47.79 4.67
CA VAL J 243 9.64 -46.59 3.93
C VAL J 243 10.57 -45.72 4.76
N VAL J 244 11.73 -45.39 4.18
CA VAL J 244 12.76 -44.60 4.87
C VAL J 244 13.26 -43.45 4.01
N TYR J 245 13.79 -42.40 4.64
CA TYR J 245 14.48 -41.33 3.95
C TYR J 245 15.85 -41.12 4.55
N ASP J 246 16.90 -41.28 3.73
CA ASP J 246 18.26 -41.15 4.24
C ASP J 246 18.90 -39.85 3.80
N ALA J 247 19.55 -39.18 4.75
CA ALA J 247 20.12 -37.84 4.56
C ALA J 247 21.46 -37.83 3.81
N SER J 248 22.02 -39.01 3.57
CA SER J 248 23.23 -39.10 2.77
C SER J 248 22.89 -38.71 1.33
N THR J 249 22.05 -39.53 0.71
CA THR J 249 21.55 -39.31 -0.63
C THR J 249 20.07 -39.23 -0.34
N GLY J 250 19.40 -38.23 -0.87
CA GLY J 250 17.99 -38.09 -0.58
C GLY J 250 17.11 -38.97 -1.45
N LYS J 251 17.16 -40.27 -1.21
CA LYS J 251 16.33 -41.17 -1.98
C LYS J 251 15.50 -41.95 -0.98
N ILE J 252 14.46 -42.60 -1.46
CA ILE J 252 13.60 -43.35 -0.56
C ILE J 252 13.93 -44.83 -0.69
N LYS J 253 14.71 -45.31 0.27
CA LYS J 253 15.30 -46.64 0.25
C LYS J 253 14.26 -47.76 0.16
N ASN J 254 14.63 -48.86 -0.50
CA ASN J 254 13.75 -50.01 -0.72
C ASN J 254 12.48 -49.68 -1.47
N GLN J 255 12.46 -48.55 -2.16
CA GLN J 255 11.32 -48.19 -2.98
C GLN J 255 11.77 -47.73 -4.37
N GLN J 256 12.26 -48.69 -5.15
CA GLN J 256 12.69 -48.43 -6.51
C GLN J 256 11.93 -49.39 -7.42
N HIS J 257 11.24 -48.84 -8.42
CA HIS J 257 11.24 -47.41 -8.68
C HIS J 257 9.84 -46.82 -8.73
N ASN J 258 9.77 -45.50 -8.51
CA ASN J 258 8.53 -44.73 -8.49
C ASN J 258 7.90 -44.66 -7.10
N MET J 259 6.85 -43.87 -6.96
CA MET J 259 6.17 -43.70 -5.68
C MET J 259 4.67 -44.03 -5.71
N SER J 260 4.24 -44.79 -4.71
CA SER J 260 2.84 -45.17 -4.57
C SER J 260 2.01 -43.90 -4.65
N MET J 261 0.94 -43.95 -5.44
CA MET J 261 0.04 -42.82 -5.54
C MET J 261 -0.73 -42.71 -4.26
N THR J 262 -0.99 -43.85 -3.60
CA THR J 262 -1.76 -43.81 -2.35
C THR J 262 -1.58 -45.08 -1.51
N GLU J 263 -1.83 -44.95 -0.20
CA GLU J 263 -1.64 -46.04 0.76
C GLU J 263 -2.90 -46.80 1.13
N ASP J 264 -2.74 -47.93 1.80
CA ASP J 264 -3.91 -48.74 2.15
C ASP J 264 -3.68 -49.61 3.39
N TYR J 265 -4.23 -49.19 4.52
CA TYR J 265 -4.08 -49.92 5.78
C TYR J 265 -5.40 -50.59 6.16
N TRP J 266 -5.34 -51.85 6.60
CA TRP J 266 -6.54 -52.68 6.83
C TRP J 266 -6.71 -53.24 8.26
N LEU J 267 -7.58 -52.61 9.05
CA LEU J 267 -7.79 -52.99 10.44
C LEU J 267 -9.20 -53.56 10.64
N GLN J 268 -9.34 -54.49 11.59
CA GLN J 268 -10.60 -55.20 11.79
C GLN J 268 -11.07 -55.15 13.23
N ARG J 269 -12.01 -54.27 13.50
CA ARG J 269 -12.63 -54.17 14.81
C ARG J 269 -13.40 -55.47 15.09
N ARG J 270 -12.78 -56.38 15.83
CA ARG J 270 -13.33 -57.72 16.05
C ARG J 270 -14.70 -57.68 16.74
N ASP J 271 -14.87 -56.78 17.70
CA ASP J 271 -16.15 -56.55 18.36
C ASP J 271 -17.11 -55.82 17.43
N GLY J 272 -18.39 -55.81 17.77
CA GLY J 272 -19.34 -55.02 17.02
C GLY J 272 -19.37 -53.59 17.55
N LYS J 273 -18.20 -52.95 17.68
CA LYS J 273 -18.12 -51.56 18.15
C LYS J 273 -16.79 -50.87 17.81
N ALA J 274 -16.87 -49.56 17.58
CA ALA J 274 -15.79 -48.78 16.98
C ALA J 274 -14.65 -48.44 17.94
N VAL J 275 -13.81 -49.42 18.25
CA VAL J 275 -12.77 -49.22 19.24
C VAL J 275 -11.33 -49.33 18.69
N THR J 276 -11.18 -50.02 17.56
CA THR J 276 -9.87 -50.14 16.89
C THR J 276 -9.70 -49.07 15.81
N GLU J 277 -8.69 -48.22 15.96
CA GLU J 277 -8.49 -47.11 15.04
C GLU J 277 -7.11 -46.49 15.12
N VAL J 278 -6.78 -45.75 14.06
CA VAL J 278 -5.55 -44.99 13.99
C VAL J 278 -5.85 -43.52 14.28
N ASP J 279 -5.18 -42.99 15.28
CA ASP J 279 -5.29 -41.56 15.57
C ASP J 279 -3.93 -40.92 15.34
N THR J 280 -3.83 -40.18 14.25
CA THR J 280 -2.64 -39.43 13.97
C THR J 280 -2.39 -38.41 15.06
N LEU J 281 -1.14 -38.34 15.52
CA LEU J 281 -0.72 -37.31 16.47
C LEU J 281 -0.47 -36.00 15.72
N PRO J 282 -0.69 -34.85 16.39
CA PRO J 282 -0.74 -33.55 15.73
C PRO J 282 0.46 -33.27 14.83
N GLY J 283 0.22 -32.54 13.75
CA GLY J 283 1.30 -32.09 12.89
C GLY J 283 1.80 -30.78 13.45
N ALA J 284 3.09 -30.52 13.24
CA ALA J 284 3.69 -29.26 13.66
C ALA J 284 3.24 -28.13 12.77
N ASP J 285 2.14 -27.48 13.14
CA ASP J 285 1.64 -26.36 12.37
C ASP J 285 2.52 -25.19 12.70
N ASN J 286 3.03 -24.52 11.68
CA ASN J 286 3.92 -23.39 11.91
C ASN J 286 3.20 -22.07 12.12
N THR J 287 2.55 -21.90 13.27
CA THR J 287 1.88 -20.63 13.50
C THR J 287 2.96 -19.55 13.68
N GLY J 288 3.92 -19.81 14.58
CA GLY J 288 5.08 -18.94 14.81
C GLY J 288 5.72 -18.47 13.51
N ASN J 289 5.64 -17.18 13.14
CA ASN J 289 5.37 -15.97 13.96
C ASN J 289 6.59 -15.67 14.81
N MET J 290 7.77 -15.95 14.29
CA MET J 290 9.01 -15.92 15.08
C MET J 290 9.77 -14.58 15.11
N GLU J 291 9.27 -13.62 15.89
CA GLU J 291 9.99 -12.37 16.15
C GLU J 291 10.66 -12.49 17.51
N ASP J 292 10.88 -13.73 17.93
CA ASP J 292 11.24 -14.04 19.31
C ASP J 292 12.74 -14.20 19.56
N ILE J 293 13.34 -15.17 18.87
CA ILE J 293 14.79 -15.30 18.79
C ILE J 293 15.40 -14.02 18.20
N ARG J 294 14.72 -13.43 17.24
CA ARG J 294 15.22 -12.18 16.70
C ARG J 294 15.30 -11.12 17.78
N TRP J 295 14.68 -11.36 18.94
CA TRP J 295 14.78 -10.42 20.06
C TRP J 295 16.08 -10.67 20.81
N PHE J 296 16.32 -11.93 21.15
CA PHE J 296 17.44 -12.31 21.99
C PHE J 296 18.77 -12.29 21.27
N ARG J 297 18.74 -12.25 19.95
CA ARG J 297 20.00 -12.12 19.27
C ARG J 297 20.41 -10.67 19.30
N GLN J 298 19.46 -9.74 19.23
CA GLN J 298 19.84 -8.33 19.34
C GLN J 298 20.31 -8.01 20.76
N ALA J 299 19.84 -8.79 21.73
CA ALA J 299 20.31 -8.62 23.09
C ALA J 299 21.77 -9.04 23.15
N LEU J 300 22.03 -10.34 23.04
CA LEU J 300 23.41 -10.87 23.12
C LEU J 300 24.42 -10.01 22.38
N TYR J 301 23.96 -9.37 21.31
CA TYR J 301 24.81 -8.50 20.52
C TYR J 301 25.06 -7.11 21.14
N MET J 302 24.17 -6.65 22.02
CA MET J 302 24.34 -5.38 22.71
C MET J 302 25.14 -5.62 23.94
N ALA J 303 25.13 -6.86 24.37
CA ALA J 303 25.76 -7.21 25.60
C ALA J 303 27.22 -7.48 25.38
N LEU J 304 27.59 -7.76 24.13
CA LEU J 304 28.97 -8.04 23.76
C LEU J 304 29.89 -6.82 23.88
N ARG J 305 29.35 -5.67 23.49
CA ARG J 305 30.08 -4.40 23.47
C ARG J 305 30.49 -4.02 22.04
N VAL J 306 30.19 -4.89 21.07
CA VAL J 306 30.47 -4.59 19.70
C VAL J 306 29.30 -3.75 19.18
N PRO J 307 29.60 -2.66 18.44
CA PRO J 307 28.56 -1.76 17.91
C PRO J 307 27.58 -2.50 17.04
N LEU J 308 26.31 -2.09 17.03
CA LEU J 308 25.31 -2.80 16.23
C LEU J 308 25.43 -2.45 14.75
N SER J 309 26.16 -1.38 14.45
CA SER J 309 26.30 -0.90 13.07
C SER J 309 27.19 -1.81 12.23
N ARG J 310 27.79 -2.81 12.88
CA ARG J 310 28.53 -3.81 12.14
C ARG J 310 27.24 -4.35 11.53
N ILE J 311 27.26 -4.98 10.37
CA ILE J 311 26.00 -5.45 9.75
C ILE J 311 25.42 -6.85 10.09
N PRO J 312 24.85 -7.03 11.35
CA PRO J 312 24.29 -8.37 11.57
C PRO J 312 23.08 -8.63 10.67
N GLN J 313 22.23 -7.60 10.55
CA GLN J 313 21.02 -7.68 9.73
C GLN J 313 21.34 -7.73 8.25
N ASP J 314 20.40 -8.23 7.46
CA ASP J 314 20.60 -8.35 6.02
C ASP J 314 20.86 -6.95 5.48
N GLN J 315 20.13 -5.96 6.01
CA GLN J 315 20.31 -4.58 5.60
C GLN J 315 20.20 -4.39 4.08
N GLN J 316 19.15 -4.91 3.47
CA GLN J 316 19.00 -4.76 2.03
C GLN J 316 18.96 -3.26 1.77
N GLY J 317 19.67 -2.83 0.73
CA GLY J 317 19.77 -1.41 0.43
C GLY J 317 20.17 -0.65 1.68
N GLY J 318 19.36 0.31 2.11
CA GLY J 318 18.13 0.69 1.43
C GLY J 318 18.15 1.32 0.04
N VAL J 319 19.03 2.29 -0.21
CA VAL J 319 20.03 2.79 0.74
C VAL J 319 19.54 4.02 1.52
N MET J 320 20.39 4.52 2.40
CA MET J 320 20.00 5.55 3.36
C MET J 320 19.57 6.92 2.80
N PHE J 321 20.35 7.59 1.92
CA PHE J 321 21.56 7.08 1.29
C PHE J 321 22.69 8.11 1.27
N ASP J 322 23.92 7.61 1.17
CA ASP J 322 25.11 8.45 0.98
C ASP J 322 26.20 7.62 0.31
N SER J 323 27.07 8.28 -0.45
CA SER J 323 28.12 7.58 -1.19
C SER J 323 29.26 7.14 -0.27
N GLY J 324 29.45 7.88 0.82
CA GLY J 324 30.48 7.55 1.79
C GLY J 324 29.88 7.40 3.19
N THR J 325 30.01 6.21 3.77
CA THR J 325 29.44 5.93 5.07
C THR J 325 30.10 6.79 6.14
N SER J 326 29.27 7.43 6.95
CA SER J 326 29.73 8.43 7.91
C SER J 326 30.10 7.83 9.26
N ILE J 327 30.73 8.63 10.10
CA ILE J 327 31.01 8.22 11.47
C ILE J 327 29.74 8.40 12.29
N THR J 328 29.17 7.30 12.74
CA THR J 328 28.00 7.34 13.61
C THR J 328 28.48 7.63 15.00
N ARG J 329 27.58 7.76 15.97
CA ARG J 329 28.04 7.97 17.34
C ARG J 329 28.32 6.61 17.95
N ASP J 330 27.64 5.58 17.43
CA ASP J 330 27.87 4.19 17.81
C ASP J 330 29.33 3.82 17.67
N GLU J 331 29.81 3.86 16.44
CA GLU J 331 31.18 3.51 16.10
C GLU J 331 32.18 4.35 16.87
N LEU J 332 31.87 5.63 17.00
CA LEU J 332 32.73 6.56 17.72
C LEU J 332 32.88 6.19 19.19
N THR J 333 31.77 5.79 19.82
CA THR J 333 31.75 5.27 21.19
C THR J 333 32.75 4.12 21.34
N PHE J 334 32.58 3.11 20.50
CA PHE J 334 33.37 1.88 20.52
C PHE J 334 34.86 2.11 20.42
N ALA J 335 35.28 3.10 19.64
CA ALA J 335 36.71 3.37 19.53
C ALA J 335 37.18 3.70 20.95
N LYS J 336 36.34 4.44 21.68
CA LYS J 336 36.63 4.81 23.05
C LYS J 336 36.70 3.59 23.99
N PHE J 337 35.79 2.64 23.80
CA PHE J 337 35.78 1.44 24.64
C PHE J 337 37.09 0.68 24.43
N ILE J 338 37.50 0.60 23.18
CA ILE J 338 38.76 -0.01 22.78
C ILE J 338 39.95 0.69 23.38
N ARG J 339 40.12 1.97 23.07
CA ARG J 339 41.29 2.68 23.54
C ARG J 339 41.32 2.71 25.05
N GLU J 340 40.23 2.31 25.71
CA GLU J 340 40.28 2.11 27.13
C GLU J 340 40.85 0.73 27.46
N LEU J 341 40.51 -0.26 26.64
CA LEU J 341 41.08 -1.61 26.79
C LEU J 341 42.59 -1.55 26.66
N GLN J 342 43.06 -1.15 25.46
CA GLN J 342 44.48 -0.99 25.18
C GLN J 342 45.24 -0.37 26.35
N HIS J 343 44.59 0.52 27.09
CA HIS J 343 45.20 1.11 28.28
C HIS J 343 45.17 0.20 29.50
N LYS J 344 44.53 -0.96 29.40
CA LYS J 344 44.55 -1.95 30.47
C LYS J 344 45.56 -3.02 30.14
N PHE J 345 45.61 -3.35 28.86
CA PHE J 345 46.58 -4.27 28.30
C PHE J 345 47.88 -3.50 28.07
N GLU J 346 47.88 -2.22 28.40
CA GLU J 346 49.09 -1.42 28.41
C GLU J 346 50.07 -2.01 29.42
N GLU J 347 49.51 -2.53 30.50
CA GLU J 347 50.28 -3.07 31.61
C GLU J 347 51.27 -4.14 31.19
N VAL J 348 50.87 -5.02 30.29
CA VAL J 348 51.72 -6.14 29.89
C VAL J 348 52.99 -5.72 29.18
N PHE J 349 53.13 -4.42 28.93
CA PHE J 349 54.34 -3.89 28.34
C PHE J 349 55.20 -3.13 29.35
N LEU J 350 54.57 -2.47 30.30
CA LEU J 350 55.30 -1.57 31.19
C LEU J 350 55.93 -2.23 32.41
N ASP J 351 55.44 -3.40 32.84
CA ASP J 351 56.16 -4.10 33.91
C ASP J 351 57.12 -5.19 33.42
N PRO J 352 57.06 -5.59 32.14
CA PRO J 352 58.29 -6.31 31.77
C PRO J 352 59.41 -5.34 31.43
N LEU J 353 59.05 -4.13 31.01
CA LEU J 353 60.03 -3.12 30.63
C LEU J 353 60.68 -2.48 31.86
N LYS J 354 59.86 -2.00 32.80
CA LYS J 354 60.39 -1.27 33.95
C LYS J 354 61.24 -2.15 34.87
N THR J 355 60.90 -3.42 34.98
CA THR J 355 61.71 -4.33 35.79
C THR J 355 62.94 -4.78 35.02
N ASN J 356 62.95 -4.57 33.71
CA ASN J 356 64.09 -4.89 32.86
C ASN J 356 64.96 -3.66 32.67
N LEU J 357 64.37 -2.49 32.91
CA LEU J 357 65.07 -1.20 32.82
C LEU J 357 65.56 -0.76 34.21
N LEU J 358 65.53 -1.70 35.13
CA LEU J 358 66.02 -1.52 36.49
C LEU J 358 66.98 -2.68 36.73
N LEU J 359 66.61 -3.84 36.22
CA LEU J 359 67.49 -5.01 36.18
C LEU J 359 68.75 -4.64 35.41
N LYS J 360 68.57 -4.01 34.26
CA LYS J 360 69.68 -3.66 33.36
C LYS J 360 70.48 -2.46 33.85
N GLY J 361 69.81 -1.55 34.55
CA GLY J 361 70.45 -0.35 35.04
C GLY J 361 69.79 0.88 34.47
N ILE J 362 70.59 1.91 34.21
CA ILE J 362 70.09 3.23 33.80
C ILE J 362 69.13 3.79 34.87
N ILE J 363 67.88 4.09 34.50
CA ILE J 363 66.94 4.79 35.39
C ILE J 363 66.50 3.97 36.61
N THR J 364 66.49 4.61 37.79
CA THR J 364 66.03 3.96 39.01
C THR J 364 64.52 4.10 39.19
N GLU J 365 63.97 3.39 40.17
CA GLU J 365 62.55 3.43 40.45
C GLU J 365 62.09 4.82 40.90
N ASP J 366 62.96 5.52 41.63
CA ASP J 366 62.65 6.85 42.15
C ASP J 366 62.58 7.91 41.04
N GLU J 367 63.17 7.60 39.89
CA GLU J 367 63.11 8.48 38.73
C GLU J 367 61.89 8.17 37.87
N TRP J 368 61.56 6.89 37.80
CA TRP J 368 60.46 6.38 36.99
C TRP J 368 59.11 6.98 37.38
N ASN J 369 58.91 7.18 38.69
CA ASN J 369 57.64 7.65 39.23
C ASN J 369 57.14 8.95 38.60
N ASP J 370 58.08 9.81 38.21
CA ASP J 370 57.73 11.13 37.68
C ASP J 370 57.44 11.07 36.18
N GLU J 371 58.03 10.10 35.50
CA GLU J 371 57.89 9.97 34.06
C GLU J 371 56.48 9.52 33.63
N ILE J 372 55.79 8.80 34.52
CA ILE J 372 54.44 8.36 34.22
C ILE J 372 53.50 8.57 35.39
N ASN J 373 52.73 9.66 35.37
CA ASN J 373 52.77 10.67 34.31
C ASN J 373 52.48 10.14 32.91
N ASN J 374 53.34 10.50 31.96
CA ASN J 374 53.19 10.09 30.57
C ASN J 374 54.43 9.46 29.95
N ILE J 375 54.35 8.16 29.72
CA ILE J 375 55.23 7.47 28.78
C ILE J 375 54.31 6.60 27.90
N LYS J 376 53.54 7.29 27.06
CA LYS J 376 52.46 6.68 26.28
C LYS J 376 52.91 5.52 25.39
N ILE J 377 52.16 4.43 25.45
CA ILE J 377 52.32 3.34 24.50
C ILE J 377 51.23 3.43 23.44
N GLU J 378 51.61 3.92 22.26
CA GLU J 378 50.68 4.06 21.16
C GLU J 378 50.42 2.74 20.43
N PHE J 379 49.18 2.28 20.48
CA PHE J 379 48.77 1.24 19.54
C PHE J 379 48.53 1.90 18.20
N HIS J 380 48.69 1.15 17.12
CA HIS J 380 48.39 1.67 15.80
C HIS J 380 46.93 1.42 15.55
N ARG J 381 46.23 2.39 14.94
CA ARG J 381 44.82 2.21 14.60
C ARG J 381 44.71 1.63 13.20
N ASP J 382 43.51 1.57 12.64
CA ASP J 382 43.41 1.13 11.25
C ASP J 382 43.65 2.32 10.35
N SER J 383 44.70 2.19 9.55
CA SER J 383 45.07 3.18 8.56
C SER J 383 43.88 3.68 7.72
N TYR J 384 42.97 2.77 7.39
CA TYR J 384 41.88 3.14 6.49
C TYR J 384 40.85 4.05 7.14
N PHE J 385 40.56 3.87 8.42
CA PHE J 385 39.45 4.63 9.01
C PHE J 385 39.92 5.81 9.83
N ALA J 386 41.23 5.94 9.94
CA ALA J 386 41.78 7.20 10.35
C ALA J 386 41.41 8.18 9.26
N GLU J 387 41.75 7.83 8.01
CA GLU J 387 41.41 8.66 6.86
C GLU J 387 39.91 8.91 6.77
N LEU J 388 39.13 7.84 6.72
CA LEU J 388 37.71 7.95 6.46
C LEU J 388 36.94 8.67 7.57
N LYS J 389 37.57 8.82 8.74
CA LYS J 389 37.05 9.71 9.78
C LYS J 389 37.52 11.14 9.55
N GLU J 390 38.84 11.29 9.40
CA GLU J 390 39.45 12.60 9.13
C GLU J 390 39.06 13.18 7.77
N ALA J 391 38.08 12.57 7.13
CA ALA J 391 37.63 13.08 5.86
C ALA J 391 36.28 13.71 6.02
N GLU J 392 35.57 13.33 7.08
CA GLU J 392 34.28 13.93 7.38
C GLU J 392 34.45 15.16 8.27
N ILE J 393 35.40 15.06 9.21
CA ILE J 393 35.83 16.21 9.98
C ILE J 393 36.22 17.35 9.04
N LEU J 394 37.15 17.06 8.14
CA LEU J 394 37.66 18.08 7.22
C LEU J 394 36.64 18.47 6.15
N GLU J 395 35.74 17.56 5.78
CA GLU J 395 34.67 17.90 4.85
C GLU J 395 33.74 18.97 5.43
N ARG J 396 33.45 18.85 6.72
CA ARG J 396 32.56 19.79 7.38
C ARG J 396 33.22 21.13 7.69
N ARG J 397 34.53 21.12 7.95
CA ARG J 397 35.23 22.34 8.27
C ARG J 397 35.40 23.19 7.05
N ILE J 398 35.44 22.56 5.88
CA ILE J 398 35.53 23.33 4.66
C ILE J 398 34.12 23.81 4.27
N ASN J 399 33.12 22.99 4.55
CA ASN J 399 31.74 23.34 4.25
C ASN J 399 31.26 24.55 5.05
N MET J 400 31.75 24.63 6.28
CA MET J 400 31.57 25.81 7.13
C MET J 400 32.31 26.98 6.50
N LEU J 401 33.55 26.74 6.15
CA LEU J 401 34.43 27.79 5.69
C LEU J 401 33.98 28.40 4.35
N THR J 402 33.38 27.60 3.47
CA THR J 402 32.86 28.16 2.22
C THR J 402 31.62 28.99 2.55
N MET J 403 30.84 28.47 3.51
CA MET J 403 29.56 29.04 3.89
C MET J 403 29.71 30.37 4.61
N ALA J 404 30.68 30.45 5.51
CA ALA J 404 30.96 31.67 6.25
C ALA J 404 32.15 32.39 5.68
N GLU J 405 32.24 32.41 4.36
CA GLU J 405 33.38 33.03 3.68
C GLU J 405 33.24 34.53 3.34
N PRO J 406 32.05 34.98 2.87
CA PRO J 406 32.04 36.39 2.44
C PRO J 406 32.24 37.33 3.61
N PHE J 407 32.05 36.84 4.83
CA PHE J 407 32.19 37.63 6.03
C PHE J 407 33.60 37.59 6.62
N ILE J 408 34.50 36.78 6.06
CA ILE J 408 35.81 36.59 6.68
C ILE J 408 36.67 37.83 6.53
N GLY J 409 36.33 38.69 5.57
CA GLY J 409 37.00 39.97 5.55
C GLY J 409 36.38 40.95 6.53
N LYS J 410 35.06 40.91 6.65
CA LYS J 410 34.32 41.96 7.31
C LYS J 410 34.19 41.79 8.82
N TYR J 411 33.93 40.59 9.30
CA TYR J 411 33.58 40.43 10.71
C TYR J 411 34.57 39.61 11.54
N ILE J 412 34.86 38.39 11.09
CA ILE J 412 35.84 37.49 11.72
C ILE J 412 37.18 37.58 11.00
N SER J 413 38.29 37.73 11.72
CA SER J 413 39.58 37.86 11.03
C SER J 413 39.92 36.65 10.22
N HIS J 414 41.01 36.72 9.46
CA HIS J 414 41.50 35.52 8.81
C HIS J 414 42.11 34.59 9.86
N ARG J 415 42.99 35.13 10.69
CA ARG J 415 43.58 34.39 11.78
C ARG J 415 42.53 33.73 12.66
N THR J 416 41.44 34.45 12.89
CA THR J 416 40.44 34.01 13.85
C THR J 416 39.64 32.83 13.31
N ALA J 417 39.30 32.86 12.04
CA ALA J 417 38.59 31.72 11.43
C ALA J 417 39.51 30.52 11.27
N MET J 418 40.72 30.78 10.81
CA MET J 418 41.72 29.75 10.57
C MET J 418 41.97 28.90 11.81
N LYS J 419 41.66 29.45 12.98
CA LYS J 419 42.02 28.81 14.25
C LYS J 419 40.78 28.28 14.99
N ASP J 420 39.59 28.64 14.51
CA ASP J 420 38.37 28.12 15.14
C ASP J 420 37.36 27.58 14.12
N ILE J 421 37.59 27.80 12.83
CA ILE J 421 36.79 27.13 11.81
C ILE J 421 37.59 25.93 11.29
N LEU J 422 38.91 26.06 11.26
CA LEU J 422 39.77 24.96 10.83
C LEU J 422 40.36 24.18 11.99
N GLN J 423 40.28 24.76 13.19
CA GLN J 423 40.75 24.11 14.41
C GLN J 423 42.24 23.83 14.39
N MET J 424 42.98 24.61 13.62
CA MET J 424 44.43 24.52 13.64
C MET J 424 44.98 25.08 14.96
N THR J 425 46.29 25.11 15.08
CA THR J 425 46.94 25.81 16.17
C THR J 425 47.92 26.83 15.63
N ASP J 426 48.47 27.66 16.52
CA ASP J 426 49.29 28.81 16.13
C ASP J 426 50.56 28.44 15.38
N GLU J 427 51.34 27.51 15.94
CA GLU J 427 52.61 27.13 15.34
C GLU J 427 52.41 26.37 14.04
N GLU J 428 51.17 25.91 13.80
CA GLU J 428 50.82 25.30 12.51
C GLU J 428 50.60 26.39 11.46
N ILE J 429 50.02 27.51 11.87
CA ILE J 429 49.85 28.65 10.99
C ILE J 429 51.18 29.36 10.79
N GLU J 430 51.95 29.50 11.87
CA GLU J 430 53.30 30.04 11.79
C GLU J 430 54.12 29.27 10.75
N GLN J 431 54.27 27.97 11.01
CA GLN J 431 55.03 27.07 10.14
C GLN J 431 54.54 27.15 8.69
N GLU J 432 53.24 27.18 8.50
CA GLU J 432 52.69 27.18 7.16
C GLU J 432 52.89 28.50 6.44
N ALA J 433 52.67 29.61 7.13
CA ALA J 433 52.81 30.93 6.52
C ALA J 433 54.21 31.14 5.93
N LYS J 434 55.23 30.65 6.64
CA LYS J 434 56.60 30.69 6.16
C LYS J 434 56.79 29.78 4.95
N GLN J 435 56.23 28.58 5.06
CA GLN J 435 56.34 27.55 4.03
C GLN J 435 55.73 28.00 2.70
N ILE J 436 54.51 28.52 2.78
CA ILE J 436 53.70 28.85 1.60
C ILE J 436 54.31 29.96 0.76
N GLU J 437 55.32 30.65 1.30
CA GLU J 437 55.97 31.72 0.54
C GLU J 437 56.71 31.16 -0.68
N GLU J 438 57.34 30.00 -0.54
CA GLU J 438 58.19 29.49 -1.61
C GLU J 438 57.38 28.75 -2.66
N GLU J 439 56.20 28.31 -2.27
CA GLU J 439 55.23 27.76 -3.22
C GLU J 439 54.99 28.78 -4.32
N SER J 440 54.98 30.05 -3.94
CA SER J 440 54.73 31.14 -4.87
C SER J 440 56.01 31.58 -5.57
N LYS J 441 57.02 30.72 -5.58
CA LYS J 441 58.30 31.09 -6.21
C LYS J 441 58.92 30.07 -7.16
N GLU J 442 58.38 29.92 -8.37
CA GLU J 442 57.17 30.61 -8.82
C GLU J 442 56.19 29.55 -9.33
N ALA J 443 56.73 28.63 -10.14
CA ALA J 443 55.97 27.52 -10.72
C ALA J 443 55.68 26.49 -9.63
N ARG J 444 54.76 25.58 -9.88
CA ARG J 444 54.02 25.43 -11.15
C ARG J 444 52.55 25.86 -11.05
N PHE J 445 52.17 26.43 -9.91
CA PHE J 445 50.76 26.70 -9.65
C PHE J 445 50.31 28.11 -10.05
N GLN J 446 51.23 28.91 -10.56
CA GLN J 446 50.90 30.27 -10.98
C GLN J 446 50.05 30.22 -12.25
N ASP J 447 48.79 30.64 -12.15
CA ASP J 447 47.83 30.53 -13.25
C ASP J 447 47.65 31.84 -14.02
N ASN K 1 23.05 -0.60 58.05
CA ASN K 1 22.72 -1.88 57.45
C ASN K 1 21.78 -1.77 56.26
N TRP K 2 20.70 -1.01 56.44
CA TRP K 2 19.77 -0.74 55.34
C TRP K 2 20.46 0.01 54.23
N ILE K 3 21.33 0.94 54.62
CA ILE K 3 22.24 1.62 53.70
C ILE K 3 23.06 0.61 52.91
N SER K 4 23.50 -0.44 53.60
CA SER K 4 24.38 -1.45 53.03
C SER K 4 23.67 -2.45 52.12
N GLU K 5 22.41 -2.74 52.42
CA GLU K 5 21.61 -3.63 51.55
C GLU K 5 21.23 -2.89 50.25
N LEU K 6 21.13 -1.57 50.36
CA LEU K 6 20.81 -0.73 49.22
C LEU K 6 21.92 -0.73 48.20
N ILE K 7 23.15 -0.53 48.66
CA ILE K 7 24.28 -0.51 47.74
C ILE K 7 24.55 -1.91 47.22
N ASP K 8 23.86 -2.91 47.77
CA ASP K 8 23.94 -4.23 47.20
C ASP K 8 23.10 -4.25 45.93
N THR K 9 21.81 -3.97 46.07
CA THR K 9 20.88 -4.09 44.95
C THR K 9 21.19 -3.17 43.76
N TYR K 10 21.83 -2.03 44.02
CA TYR K 10 22.34 -1.18 42.95
C TYR K 10 23.41 -1.91 42.17
N ARG K 11 24.28 -2.61 42.89
CA ARG K 11 25.40 -3.26 42.26
C ARG K 11 24.95 -4.57 41.66
N ASN K 12 23.73 -4.99 41.98
CA ASN K 12 23.15 -6.11 41.29
C ASN K 12 22.14 -5.61 40.26
N LEU K 13 22.24 -4.32 39.96
CA LEU K 13 21.54 -3.70 38.84
C LEU K 13 22.55 -3.58 37.72
N MET K 14 23.79 -3.39 38.10
CA MET K 14 24.88 -3.28 37.15
C MET K 14 25.22 -4.63 36.59
N ASN K 15 24.91 -5.68 37.35
CA ASN K 15 25.30 -7.06 37.00
C ASN K 15 24.67 -7.43 35.67
N ASN K 16 23.43 -6.96 35.55
CA ASN K 16 22.58 -7.09 34.37
C ASN K 16 23.15 -6.20 33.25
N TYR K 17 22.74 -6.47 32.02
CA TYR K 17 23.30 -5.80 30.87
C TYR K 17 22.37 -4.63 30.54
N GLU K 18 22.84 -3.69 29.73
CA GLU K 18 22.02 -2.54 29.35
C GLU K 18 22.13 -1.52 30.45
N VAL K 19 21.89 -1.94 31.69
CA VAL K 19 22.04 -1.04 32.82
C VAL K 19 23.51 -0.67 32.78
N ASP K 20 24.34 -1.68 32.52
CA ASP K 20 25.77 -1.52 32.39
C ASP K 20 26.05 -0.66 31.17
N ASN K 21 25.31 -0.89 30.08
CA ASN K 21 25.53 -0.10 28.88
C ASN K 21 25.16 1.37 29.10
N ALA K 22 24.06 1.63 29.82
CA ALA K 22 23.54 2.98 30.04
C ALA K 22 24.25 3.74 31.15
N VAL K 23 24.73 3.03 32.17
CA VAL K 23 25.48 3.67 33.24
C VAL K 23 26.84 4.10 32.77
N SER K 24 27.43 3.29 31.90
CA SER K 24 28.73 3.62 31.34
C SER K 24 28.57 4.45 30.11
N GLU K 25 27.33 4.78 29.79
CA GLU K 25 27.10 5.85 28.85
C GLU K 25 27.52 7.17 29.49
N ILE K 26 26.95 7.42 30.66
CA ILE K 26 27.25 8.56 31.53
C ILE K 26 28.76 8.72 31.86
N VAL K 27 29.35 7.71 32.47
CA VAL K 27 30.72 7.85 32.96
C VAL K 27 31.67 7.96 31.81
N SER K 28 31.20 7.64 30.61
CA SER K 28 32.04 7.79 29.44
C SER K 28 32.14 9.24 29.04
N ASP K 29 31.13 10.03 29.43
CA ASP K 29 31.21 11.47 29.18
C ASP K 29 30.96 12.33 30.41
N ALA K 30 30.89 11.71 31.59
CA ALA K 30 30.86 12.49 32.81
C ALA K 30 32.28 12.78 33.28
N ILE K 31 33.24 11.99 32.80
CA ILE K 31 34.67 12.34 32.85
C ILE K 31 35.39 11.78 31.63
N VAL K 32 35.58 12.57 30.59
CA VAL K 32 36.10 11.97 29.37
C VAL K 32 37.59 12.20 29.07
N TYR K 33 38.37 11.15 29.27
CA TYR K 33 39.76 11.19 28.88
C TYR K 33 39.88 11.50 27.42
N GLU K 34 40.82 12.36 27.07
CA GLU K 34 41.20 12.53 25.69
C GLU K 34 42.71 12.57 25.61
N ASP K 35 43.24 12.36 24.42
CA ASP K 35 44.68 12.39 24.20
C ASP K 35 45.20 13.82 24.30
N ASP K 36 46.35 13.98 24.94
CA ASP K 36 46.95 15.31 25.08
C ASP K 36 46.17 16.15 26.09
N THR K 37 44.88 16.33 25.82
CA THR K 37 44.01 17.11 26.68
C THR K 37 43.86 16.48 28.07
N GLU K 38 43.82 17.33 29.09
CA GLU K 38 43.69 16.87 30.47
C GLU K 38 42.24 16.84 30.96
N VAL K 39 42.03 16.14 32.06
CA VAL K 39 40.72 15.97 32.68
C VAL K 39 40.74 16.67 34.06
N VAL K 40 39.59 17.17 34.50
CA VAL K 40 39.44 17.83 35.82
C VAL K 40 40.34 19.02 36.26
N ALA K 41 40.48 20.04 35.40
CA ALA K 41 41.29 21.23 35.72
C ALA K 41 40.69 22.15 36.80
N LEU K 42 41.56 22.88 37.53
CA LEU K 42 41.13 23.78 38.58
C LEU K 42 41.10 25.21 38.06
N ASN K 43 40.01 25.57 37.40
CA ASN K 43 39.85 26.92 36.88
C ASN K 43 39.83 27.92 38.02
N LEU K 44 40.80 28.83 38.01
CA LEU K 44 40.85 29.87 39.01
C LEU K 44 40.51 31.16 38.28
N ASP K 45 39.30 31.65 38.50
CA ASP K 45 38.88 32.90 37.88
C ASP K 45 38.23 33.74 38.95
N LYS K 46 39.04 34.12 39.93
CA LYS K 46 38.56 34.92 41.03
C LYS K 46 39.72 35.68 41.67
N SER K 47 39.38 36.75 42.38
CA SER K 47 40.38 37.56 43.06
C SER K 47 41.23 36.71 44.01
N LYS K 48 42.52 36.59 43.69
CA LYS K 48 43.46 35.88 44.54
C LYS K 48 44.65 36.79 44.83
N PHE K 49 45.21 36.65 46.02
CA PHE K 49 46.23 37.58 46.50
C PHE K 49 47.47 37.64 45.61
N SER K 50 47.99 36.48 45.22
CA SER K 50 49.22 36.43 44.45
C SER K 50 49.04 35.75 43.10
N PRO K 51 49.77 36.22 42.08
CA PRO K 51 49.85 35.54 40.79
C PRO K 51 50.58 34.21 40.94
N LYS K 52 51.35 34.08 42.02
CA LYS K 52 52.09 32.86 42.30
C LYS K 52 51.25 31.83 43.06
N ILE K 53 50.42 32.28 44.01
CA ILE K 53 49.61 31.33 44.76
C ILE K 53 48.52 30.69 43.91
N LYS K 54 47.95 31.45 42.97
CA LYS K 54 46.88 30.93 42.13
C LYS K 54 47.42 29.81 41.22
N ASN K 55 48.69 29.94 40.82
CA ASN K 55 49.33 28.86 40.06
C ASN K 55 50.00 27.87 40.99
N MET K 56 50.12 28.23 42.26
CA MET K 56 50.76 27.36 43.24
C MET K 56 49.88 26.15 43.54
N MET K 57 48.57 26.32 43.35
CA MET K 57 47.63 25.22 43.57
C MET K 57 47.94 24.00 42.74
N LEU K 58 48.64 24.18 41.61
CA LEU K 58 48.92 23.07 40.73
C LEU K 58 49.89 22.12 41.42
N ASP K 59 50.81 22.68 42.20
CA ASP K 59 51.69 21.89 43.06
C ASP K 59 50.83 21.12 44.06
N GLU K 60 49.69 21.71 44.41
CA GLU K 60 48.75 21.09 45.33
C GLU K 60 47.76 20.22 44.59
N PHE K 61 47.16 20.76 43.53
CA PHE K 61 46.02 20.12 42.86
C PHE K 61 46.42 19.09 41.80
N SER K 62 47.40 19.42 40.96
CA SER K 62 47.89 18.43 39.99
C SER K 62 48.52 17.24 40.73
N ASP K 63 48.74 17.41 42.03
CA ASP K 63 49.25 16.37 42.89
C ASP K 63 48.13 15.65 43.66
N VAL K 64 47.02 16.35 43.93
CA VAL K 64 45.93 15.73 44.68
C VAL K 64 45.17 14.73 43.80
N LEU K 65 45.36 14.87 42.49
CA LEU K 65 44.83 13.90 41.54
C LEU K 65 45.66 12.61 41.58
N ASN K 66 46.97 12.77 41.69
CA ASN K 66 47.90 11.66 41.78
C ASN K 66 47.53 10.68 42.90
N HIS K 67 47.04 11.21 44.02
CA HIS K 67 46.69 10.39 45.17
C HIS K 67 45.48 9.54 44.85
N LEU K 68 44.56 10.11 44.08
CA LEU K 68 43.41 9.37 43.60
C LEU K 68 43.86 8.48 42.46
N SER K 69 45.10 8.70 42.03
CA SER K 69 45.63 8.12 40.80
C SER K 69 44.61 8.35 39.68
N PHE K 70 44.04 9.55 39.69
CA PHE K 70 42.84 9.85 38.92
C PHE K 70 42.98 9.66 37.40
N GLN K 71 44.20 9.79 36.89
CA GLN K 71 44.41 9.78 35.45
C GLN K 71 44.09 8.42 34.79
N ARG K 72 44.28 7.34 35.51
CA ARG K 72 43.96 6.02 34.98
C ARG K 72 42.91 5.32 35.85
N LYS K 73 42.53 5.96 36.95
CA LYS K 73 41.57 5.37 37.88
C LYS K 73 40.39 6.30 38.17
N GLY K 74 40.09 7.19 37.23
CA GLY K 74 39.02 8.15 37.43
C GLY K 74 37.64 7.60 37.11
N SER K 75 37.50 7.01 35.93
CA SER K 75 36.21 6.56 35.44
C SER K 75 35.81 5.28 36.16
N ASP K 76 36.49 4.98 37.25
CA ASP K 76 36.00 3.91 38.10
C ASP K 76 35.56 4.53 39.43
N HIS K 77 36.31 5.52 39.91
CA HIS K 77 35.97 6.21 41.15
C HIS K 77 34.63 6.92 41.06
N PHE K 78 34.31 7.40 39.86
CA PHE K 78 33.07 8.12 39.57
C PHE K 78 31.94 7.14 39.33
N ARG K 79 32.20 6.17 38.46
CA ARG K 79 31.28 5.08 38.21
C ARG K 79 30.97 4.35 39.49
N ARG K 80 31.81 4.50 40.50
CA ARG K 80 31.48 3.96 41.80
C ARG K 80 30.57 4.91 42.60
N TRP K 81 30.85 6.21 42.54
CA TRP K 81 30.04 7.25 43.20
C TRP K 81 28.60 7.17 42.76
N TYR K 82 28.43 7.00 41.46
CA TYR K 82 27.13 7.06 40.81
C TYR K 82 26.35 5.82 41.12
N VAL K 83 27.00 4.67 41.09
CA VAL K 83 26.27 3.43 41.21
C VAL K 83 26.18 2.94 42.66
N ASP K 84 27.23 3.22 43.42
CA ASP K 84 27.36 2.87 44.82
C ASP K 84 26.33 3.62 45.67
N SER K 85 26.08 4.87 45.28
CA SER K 85 25.17 5.78 45.97
C SER K 85 25.90 6.51 47.09
N ARG K 86 27.21 6.30 47.16
CA ARG K 86 28.05 6.94 48.16
C ARG K 86 29.50 6.59 47.86
N ILE K 87 30.45 7.38 48.35
CA ILE K 87 31.85 7.06 48.11
C ILE K 87 32.67 7.74 49.18
N PHE K 88 33.50 6.97 49.87
CA PHE K 88 34.26 7.49 50.98
C PHE K 88 35.74 7.32 50.74
N PHE K 89 36.52 8.39 50.85
CA PHE K 89 37.96 8.26 50.87
C PHE K 89 38.48 8.60 52.26
N HIS K 90 39.13 7.63 52.90
CA HIS K 90 39.82 7.89 54.16
C HIS K 90 41.07 8.71 53.89
N LYS K 91 41.40 9.59 54.80
CA LYS K 91 42.56 10.45 54.60
C LYS K 91 43.61 10.18 55.65
N ILE K 92 44.80 9.84 55.19
CA ILE K 92 45.93 9.61 56.06
C ILE K 92 46.72 10.90 56.24
N ILE K 93 46.69 11.43 57.46
CA ILE K 93 47.49 12.60 57.80
C ILE K 93 47.68 12.64 59.33
N ASP K 94 48.92 12.80 59.76
CA ASP K 94 50.02 12.95 58.81
C ASP K 94 51.18 11.94 58.96
N PRO K 95 51.50 11.47 60.19
CA PRO K 95 51.10 11.66 61.59
C PRO K 95 51.81 12.85 62.22
N LYS K 96 52.95 13.15 61.63
CA LYS K 96 53.79 14.28 61.98
C LYS K 96 54.86 14.33 60.90
N ARG K 97 55.34 15.51 60.53
CA ARG K 97 55.00 16.77 61.18
C ARG K 97 53.81 17.41 60.47
N PRO K 98 53.17 18.42 61.10
CA PRO K 98 52.12 19.11 60.34
C PRO K 98 52.70 19.78 59.09
N LYS K 99 51.83 20.05 58.11
CA LYS K 99 52.22 20.69 56.86
C LYS K 99 53.30 19.91 56.10
N GLU K 100 53.34 18.60 56.33
CA GLU K 100 54.32 17.75 55.66
C GLU K 100 54.09 17.71 54.14
N GLY K 101 52.84 17.54 53.70
CA GLY K 101 51.72 17.27 54.59
C GLY K 101 50.75 16.26 53.96
N ILE K 102 50.14 15.41 54.77
CA ILE K 102 49.16 14.39 54.34
C ILE K 102 49.76 13.10 53.75
N LYS K 103 48.89 12.19 53.32
CA LYS K 103 49.34 10.95 52.71
C LYS K 103 48.24 10.39 51.83
N GLU K 104 48.48 9.21 51.28
CA GLU K 104 47.58 8.60 50.30
C GLU K 104 46.13 8.50 50.78
N LEU K 105 45.19 8.77 49.86
CA LEU K 105 43.77 8.61 50.14
C LEU K 105 43.32 7.23 49.71
N ARG K 106 42.85 6.44 50.66
CA ARG K 106 42.43 5.07 50.38
C ARG K 106 40.91 4.98 50.32
N ARG K 107 40.40 4.46 49.21
CA ARG K 107 38.97 4.25 49.03
C ARG K 107 38.46 3.35 50.13
N LEU K 108 37.23 3.59 50.59
CA LEU K 108 36.59 2.68 51.54
C LEU K 108 35.43 2.00 50.84
N ASP K 109 35.23 0.73 51.13
CA ASP K 109 34.05 0.03 50.67
C ASP K 109 32.85 0.68 51.31
N PRO K 110 31.92 1.22 50.51
CA PRO K 110 30.62 1.50 51.13
C PRO K 110 30.02 0.18 51.60
N ARG K 111 29.03 0.24 52.50
CA ARG K 111 28.44 -0.93 53.18
C ARG K 111 29.24 -1.35 54.41
N GLN K 112 30.37 -0.70 54.64
CA GLN K 112 31.15 -0.98 55.84
C GLN K 112 31.34 0.32 56.59
N VAL K 113 30.54 1.32 56.23
CA VAL K 113 30.60 2.63 56.87
C VAL K 113 29.22 3.08 57.38
N GLN K 114 29.16 3.55 58.62
CA GLN K 114 27.92 4.08 59.19
C GLN K 114 28.15 5.51 59.68
N TYR K 115 27.22 6.42 59.37
CA TYR K 115 27.40 7.84 59.71
C TYR K 115 26.31 8.38 60.63
N VAL K 116 26.63 8.46 61.91
CA VAL K 116 25.81 9.14 62.90
C VAL K 116 26.69 9.94 63.84
N TYR K 136 30.40 11.55 62.77
CA TYR K 136 31.13 10.50 63.44
C TYR K 136 31.00 9.19 62.63
N PHE K 137 32.04 8.87 61.87
CA PHE K 137 32.01 7.76 60.93
C PHE K 137 32.43 6.43 61.56
N ILE K 138 31.58 5.42 61.42
CA ILE K 138 31.83 4.10 61.97
C ILE K 138 32.27 3.13 60.88
N TYR K 139 33.56 3.02 60.65
CA TYR K 139 34.07 2.10 59.65
C TYR K 139 34.14 0.69 60.19
N ASP K 140 33.20 -0.16 59.78
CA ASP K 140 33.27 -1.58 60.09
C ASP K 140 34.40 -2.21 59.27
N THR K 141 35.18 -3.06 59.91
CA THR K 141 36.30 -3.70 59.24
C THR K 141 36.04 -5.18 58.97
N ALA K 142 36.01 -5.55 57.70
CA ALA K 142 35.97 -6.95 57.31
C ALA K 142 37.39 -7.39 57.01
N HIS K 143 37.92 -8.33 57.80
CA HIS K 143 39.29 -8.77 57.59
C HIS K 143 40.19 -7.62 58.03
N GLU K 144 41.44 -7.58 57.55
CA GLU K 144 42.33 -6.48 57.92
C GLU K 144 42.61 -5.59 56.71
N SER K 145 42.32 -4.30 56.83
CA SER K 145 42.54 -3.36 55.71
C SER K 145 43.74 -2.42 55.80
N TYR K 146 43.90 -1.70 56.91
CA TYR K 146 45.03 -0.78 57.05
C TYR K 146 45.43 -0.45 58.49
N ALA K 147 46.68 -0.01 58.65
CA ALA K 147 47.21 0.35 59.97
C ALA K 147 47.26 1.86 60.26
N CYS K 148 46.81 2.68 59.32
CA CYS K 148 46.84 4.12 59.50
C CYS K 148 48.18 4.49 60.11
N ASP K 149 48.29 5.71 60.63
CA ASP K 149 49.53 6.15 61.26
C ASP K 149 49.86 5.33 62.51
N GLY K 150 48.83 5.00 63.28
CA GLY K 150 48.97 4.26 64.51
C GLY K 150 47.62 3.83 65.04
N ARG K 151 47.61 2.84 65.94
CA ARG K 151 48.84 2.21 66.40
C ARG K 151 49.22 1.01 65.54
N MET K 152 48.22 0.28 65.05
CA MET K 152 48.45 -0.93 64.26
C MET K 152 47.14 -1.36 63.60
N TYR K 153 47.23 -2.25 62.62
CA TYR K 153 46.06 -2.72 61.88
C TYR K 153 45.03 -3.43 62.74
N GLU K 154 43.86 -2.82 62.87
CA GLU K 154 42.75 -3.41 63.60
C GLU K 154 42.15 -4.56 62.80
N ALA K 155 41.50 -5.49 63.49
CA ALA K 155 40.95 -6.68 62.83
C ALA K 155 39.56 -7.05 63.33
N GLY K 156 38.56 -6.91 62.46
CA GLY K 156 37.21 -7.32 62.77
C GLY K 156 36.43 -6.37 63.66
N THR K 157 37.03 -5.22 63.98
CA THR K 157 36.41 -4.28 64.92
C THR K 157 35.97 -2.97 64.26
N LYS K 158 34.89 -2.39 64.77
CA LYS K 158 34.37 -1.12 64.28
C LYS K 158 35.26 0.04 64.73
N ILE K 159 36.12 0.51 63.84
CA ILE K 159 36.99 1.64 64.16
C ILE K 159 36.28 2.95 63.84
N LYS K 160 36.47 3.95 64.68
CA LYS K 160 35.77 5.22 64.52
C LYS K 160 36.69 6.32 64.00
N ILE K 161 36.28 6.95 62.91
CA ILE K 161 37.01 8.08 62.36
C ILE K 161 36.17 9.34 62.45
N PRO K 162 36.78 10.47 62.82
CA PRO K 162 36.06 11.75 62.90
C PRO K 162 35.60 12.26 61.53
N LYS K 163 34.51 13.04 61.51
CA LYS K 163 33.91 13.58 60.29
C LYS K 163 34.86 14.50 59.54
N ALA K 164 36.06 14.63 60.08
CA ALA K 164 37.22 15.12 59.36
C ALA K 164 38.39 14.30 59.87
N ALA K 165 39.26 13.85 58.97
CA ALA K 165 39.16 14.17 57.56
C ALA K 165 38.85 12.92 56.76
N VAL K 166 37.59 12.81 56.32
CA VAL K 166 37.14 11.77 55.39
C VAL K 166 36.22 12.39 54.35
N VAL K 167 36.56 12.31 53.07
CA VAL K 167 35.70 12.94 52.07
C VAL K 167 34.49 12.04 51.85
N TYR K 168 33.30 12.60 52.01
CA TYR K 168 32.07 11.84 51.87
C TYR K 168 31.23 12.48 50.78
N ALA K 169 31.21 11.86 49.62
CA ALA K 169 30.45 12.41 48.52
C ALA K 169 29.20 11.59 48.25
N HIS K 170 28.05 12.23 48.35
CA HIS K 170 26.80 11.51 48.15
C HIS K 170 26.01 12.08 46.97
N SER K 171 25.34 11.19 46.24
CA SER K 171 24.36 11.59 45.24
C SER K 171 23.26 12.42 45.91
N GLY K 172 23.25 13.74 45.68
CA GLY K 172 22.38 14.61 46.45
C GLY K 172 20.87 14.35 46.44
N LEU K 173 20.46 13.14 46.80
CA LEU K 173 19.02 12.81 46.78
C LEU K 173 18.34 12.50 48.13
N VAL K 174 17.24 13.21 48.38
CA VAL K 174 16.44 13.06 49.61
C VAL K 174 15.71 11.73 49.83
N ASP K 175 15.14 11.16 48.76
CA ASP K 175 14.39 9.90 48.82
C ASP K 175 12.91 10.12 49.17
N CYS K 176 12.13 9.03 49.27
CA CYS K 176 10.70 9.13 49.58
C CYS K 176 10.44 9.75 50.95
N CYS K 177 11.21 9.31 51.94
CA CYS K 177 11.12 9.85 53.30
C CYS K 177 12.46 10.39 53.80
N GLY K 178 12.46 11.63 54.26
CA GLY K 178 13.66 12.25 54.79
C GLY K 178 14.10 11.66 56.11
N LYS K 179 15.41 11.53 56.32
CA LYS K 179 16.39 11.88 55.33
C LYS K 179 17.20 10.61 55.08
N ASN K 180 17.21 10.16 53.84
CA ASN K 180 17.94 8.96 53.48
C ASN K 180 18.61 9.19 52.13
N ILE K 181 19.70 8.49 51.85
CA ILE K 181 20.36 8.72 50.56
C ILE K 181 19.99 7.66 49.52
N ILE K 182 19.58 8.11 48.34
CA ILE K 182 19.19 7.21 47.25
C ILE K 182 19.58 7.71 45.85
N GLY K 183 19.65 6.79 44.90
CA GLY K 183 19.97 7.12 43.52
C GLY K 183 21.45 7.13 43.13
N TYR K 184 21.70 7.46 41.86
CA TYR K 184 20.63 7.79 40.95
C TYR K 184 20.02 6.60 40.24
N LEU K 185 20.41 5.40 40.61
CA LEU K 185 19.93 4.24 39.88
C LEU K 185 18.55 3.81 40.33
N HIS K 186 18.15 4.22 41.53
CA HIS K 186 16.89 3.81 42.17
C HIS K 186 15.66 3.79 41.27
N ARG K 187 15.33 4.91 40.66
CA ARG K 187 14.10 4.94 39.86
C ARG K 187 14.03 3.81 38.84
N ALA K 188 15.18 3.33 38.40
CA ALA K 188 15.21 2.25 37.41
C ALA K 188 15.35 0.81 37.96
N VAL K 189 15.34 0.66 39.28
CA VAL K 189 15.46 -0.65 39.90
C VAL K 189 14.21 -1.52 39.73
N LYS K 190 13.05 -0.92 39.99
CA LYS K 190 11.78 -1.63 39.85
C LYS K 190 11.53 -1.93 38.39
N PRO K 191 11.84 -0.88 37.53
CA PRO K 191 11.60 -1.19 36.11
C PRO K 191 12.50 -2.30 35.61
N ALA K 192 13.76 -2.31 36.05
CA ALA K 192 14.69 -3.32 35.58
C ALA K 192 14.35 -4.71 36.06
N ASN K 193 13.81 -4.80 37.26
CA ASN K 193 13.44 -6.09 37.80
C ASN K 193 12.23 -6.68 37.08
N GLN K 194 11.52 -5.88 36.30
CA GLN K 194 10.34 -6.42 35.65
C GLN K 194 10.49 -6.38 34.15
N LEU K 195 11.63 -5.94 33.65
CA LEU K 195 11.89 -6.16 32.22
C LEU K 195 12.38 -7.58 32.03
N LYS K 196 13.17 -8.05 32.99
CA LYS K 196 13.73 -9.39 33.00
C LYS K 196 12.71 -10.45 33.42
N LEU K 197 11.76 -10.03 34.23
CA LEU K 197 10.63 -10.87 34.63
C LEU K 197 9.68 -11.15 33.47
N LEU K 198 10.16 -10.87 32.27
CA LEU K 198 9.43 -11.07 31.06
C LEU K 198 10.30 -11.90 30.15
N GLU K 199 11.61 -11.68 30.25
CA GLU K 199 12.61 -12.38 29.46
C GLU K 199 12.83 -13.80 29.94
N ASP K 200 12.44 -14.04 31.19
CA ASP K 200 12.40 -15.39 31.70
C ASP K 200 11.04 -16.01 31.37
N ALA K 201 10.01 -15.18 31.40
CA ALA K 201 8.71 -15.57 30.93
C ALA K 201 8.73 -15.92 29.46
N VAL K 202 9.38 -15.13 28.61
CA VAL K 202 9.34 -15.39 27.18
C VAL K 202 10.14 -16.61 26.76
N VAL K 203 11.21 -16.93 27.50
CA VAL K 203 11.92 -18.16 27.19
C VAL K 203 11.22 -19.31 27.88
N ILE K 204 10.59 -19.07 29.03
CA ILE K 204 10.00 -20.18 29.74
C ILE K 204 8.80 -20.72 28.96
N TYR K 205 8.13 -19.84 28.25
CA TYR K 205 7.03 -20.30 27.47
C TYR K 205 7.56 -21.18 26.35
N ARG K 206 8.69 -20.78 25.75
CA ARG K 206 9.19 -21.49 24.57
C ARG K 206 10.02 -22.73 24.84
N ILE K 207 10.94 -22.66 25.80
CA ILE K 207 11.67 -23.84 26.26
C ILE K 207 10.72 -24.97 26.49
N THR K 208 9.77 -24.75 27.40
CA THR K 208 8.75 -25.73 27.73
C THR K 208 7.79 -25.82 26.56
N ARG K 209 7.40 -27.05 26.23
CA ARG K 209 6.50 -27.31 25.12
C ARG K 209 7.29 -27.30 23.81
N ALA K 210 8.58 -27.00 23.91
CA ALA K 210 9.45 -26.99 22.76
C ALA K 210 9.47 -28.42 22.29
N PRO K 211 9.51 -29.32 23.27
CA PRO K 211 9.50 -30.76 23.01
C PRO K 211 8.09 -31.29 23.13
N ASP K 212 7.61 -32.08 22.17
CA ASP K 212 6.22 -32.56 22.27
C ASP K 212 6.14 -33.57 23.40
N ARG K 213 5.16 -33.37 24.26
CA ARG K 213 4.95 -34.27 25.39
C ARG K 213 3.67 -35.04 25.16
N ARG K 214 3.67 -36.31 25.55
CA ARG K 214 2.50 -37.13 25.35
C ARG K 214 2.20 -37.96 26.58
N VAL K 215 0.94 -37.91 27.03
CA VAL K 215 0.53 -38.66 28.20
C VAL K 215 -0.21 -39.93 27.82
N TRP K 216 0.42 -41.08 28.11
CA TRP K 216 -0.10 -42.37 27.69
C TRP K 216 -0.96 -43.00 28.76
N TYR K 217 -2.27 -43.05 28.56
CA TYR K 217 -3.12 -43.71 29.53
C TYR K 217 -3.37 -45.15 29.10
N VAL K 218 -2.88 -46.12 29.88
CA VAL K 218 -3.20 -47.54 29.67
C VAL K 218 -3.86 -48.09 30.93
N ASP K 219 -4.95 -48.83 30.78
CA ASP K 219 -5.74 -49.25 31.93
C ASP K 219 -5.54 -50.73 32.30
N THR K 220 -5.71 -51.02 33.59
CA THR K 220 -5.67 -52.38 34.11
C THR K 220 -6.61 -52.49 35.32
N GLY K 221 -7.75 -53.15 35.12
CA GLY K 221 -8.71 -53.31 36.19
C GLY K 221 -8.56 -54.62 36.93
N ASN K 222 -8.65 -54.55 38.26
CA ASN K 222 -8.69 -55.72 39.13
C ASN K 222 -7.41 -56.56 39.11
N MET K 223 -6.26 -55.90 39.13
CA MET K 223 -4.99 -56.58 39.35
C MET K 223 -4.15 -55.75 40.30
N PRO K 224 -3.53 -56.41 41.29
CA PRO K 224 -2.79 -55.73 42.36
C PRO K 224 -1.68 -54.83 41.81
N ALA K 225 -1.40 -53.71 42.47
CA ALA K 225 -0.37 -52.78 42.02
C ALA K 225 1.01 -53.43 42.01
N ARG K 226 1.17 -54.49 42.78
CA ARG K 226 2.41 -55.26 42.80
C ARG K 226 2.68 -55.90 41.44
N LYS K 227 1.63 -56.42 40.80
CA LYS K 227 1.78 -57.13 39.53
C LYS K 227 1.18 -56.33 38.36
N ALA K 228 0.43 -55.28 38.67
CA ALA K 228 -0.11 -54.39 37.63
C ALA K 228 1.01 -53.56 37.03
N ALA K 229 1.95 -53.16 37.86
CA ALA K 229 3.10 -52.40 37.42
C ALA K 229 3.97 -53.21 36.45
N GLU K 230 3.84 -54.53 36.48
CA GLU K 230 4.54 -55.40 35.56
C GLU K 230 3.96 -55.29 34.14
N HIS K 231 2.71 -54.86 34.06
CA HIS K 231 2.06 -54.62 32.78
C HIS K 231 2.40 -53.20 32.30
N MET K 232 3.15 -52.49 33.14
CA MET K 232 3.65 -51.18 32.78
C MET K 232 5.13 -51.24 32.44
N GLN K 233 5.84 -52.20 33.02
CA GLN K 233 7.25 -52.39 32.71
C GLN K 233 7.44 -52.89 31.29
N HIS K 234 6.38 -53.45 30.69
CA HIS K 234 6.47 -54.03 29.36
C HIS K 234 6.18 -53.03 28.25
N VAL K 235 5.39 -51.99 28.52
CA VAL K 235 5.10 -50.99 27.51
C VAL K 235 6.20 -49.94 27.41
N MET K 236 7.10 -49.93 28.40
CA MET K 236 8.29 -49.08 28.30
C MET K 236 9.37 -49.79 27.47
N ASN K 237 9.81 -50.95 27.95
CA ASN K 237 10.90 -51.70 27.32
C ASN K 237 10.63 -52.13 25.87
N THR K 238 9.44 -51.82 25.35
CA THR K 238 9.07 -52.19 23.99
C THR K 238 8.80 -50.98 23.10
N MET K 239 8.44 -49.85 23.70
CA MET K 239 7.97 -48.71 22.92
C MET K 239 8.53 -47.37 23.38
N LYS K 240 9.46 -47.42 24.33
CA LYS K 240 10.07 -46.20 24.88
C LYS K 240 10.96 -45.54 23.84
N ASN K 241 10.95 -44.21 23.76
CA ASN K 241 11.77 -43.52 22.77
C ASN K 241 13.06 -42.90 23.30
N ARG K 242 14.19 -43.32 22.74
CA ARG K 242 15.50 -42.82 23.14
C ARG K 242 16.03 -41.66 22.28
N VAL K 243 15.29 -41.32 21.22
CA VAL K 243 15.70 -40.24 20.34
C VAL K 243 16.06 -38.99 21.15
N VAL K 244 17.26 -38.46 20.93
CA VAL K 244 17.77 -37.30 21.66
C VAL K 244 18.35 -36.24 20.72
N TYR K 245 18.37 -34.99 21.17
CA TYR K 245 19.06 -33.93 20.45
C TYR K 245 20.03 -33.23 21.39
N ASP K 246 21.32 -33.24 21.06
CA ASP K 246 22.32 -32.64 21.94
C ASP K 246 22.84 -31.33 21.38
N ALA K 247 22.91 -30.32 22.26
CA ALA K 247 23.24 -28.94 21.89
C ALA K 247 24.75 -28.70 21.67
N SER K 248 25.57 -29.69 21.99
CA SER K 248 27.00 -29.61 21.70
C SER K 248 27.19 -29.62 20.19
N THR K 249 26.84 -30.76 19.60
CA THR K 249 26.88 -30.96 18.17
C THR K 249 25.42 -31.24 17.90
N GLY K 250 24.84 -30.59 16.90
CA GLY K 250 23.43 -30.80 16.64
C GLY K 250 23.15 -32.04 15.82
N LYS K 251 23.35 -33.22 16.44
CA LYS K 251 23.07 -34.44 15.73
C LYS K 251 22.07 -35.20 16.57
N ILE K 252 21.44 -36.20 15.98
CA ILE K 252 20.45 -36.97 16.72
C ILE K 252 21.08 -38.29 17.14
N LYS K 253 21.48 -38.33 18.41
CA LYS K 253 22.26 -39.42 18.97
C LYS K 253 21.57 -40.78 18.86
N ASN K 254 22.37 -41.84 18.72
CA ASN K 254 21.88 -43.21 18.57
C ASN K 254 20.97 -43.41 17.36
N GLN K 255 21.03 -42.49 16.41
CA GLN K 255 20.26 -42.63 15.19
C GLN K 255 21.14 -42.36 13.96
N GLN K 256 22.07 -43.27 13.72
CA GLN K 256 22.95 -43.18 12.56
C GLN K 256 22.80 -44.48 11.77
N HIS K 257 22.48 -44.36 10.48
CA HIS K 257 22.33 -43.07 9.83
C HIS K 257 20.97 -42.91 9.15
N ASN K 258 20.58 -41.65 8.94
CA ASN K 258 19.32 -41.27 8.31
C ASN K 258 18.18 -41.10 9.32
N MET K 259 17.03 -40.64 8.85
CA MET K 259 15.88 -40.41 9.73
C MET K 259 14.61 -41.14 9.30
N SER K 260 13.96 -41.78 10.26
CA SER K 260 12.73 -42.51 10.03
C SER K 260 11.77 -41.57 9.30
N MET K 261 11.14 -42.07 8.25
CA MET K 261 10.16 -41.29 7.52
C MET K 261 8.93 -41.14 8.38
N THR K 262 8.65 -42.15 9.22
CA THR K 262 7.46 -42.08 10.06
C THR K 262 7.51 -43.06 11.25
N GLU K 263 6.74 -42.75 12.29
CA GLU K 263 6.73 -43.52 13.55
C GLU K 263 5.59 -44.51 13.66
N ASP K 264 5.68 -45.40 14.64
CA ASP K 264 4.64 -46.42 14.80
C ASP K 264 4.52 -46.93 16.25
N TYR K 265 3.50 -46.46 16.96
CA TYR K 265 3.26 -46.86 18.34
C TYR K 265 2.04 -47.77 18.43
N TRP K 266 2.16 -48.85 19.21
CA TRP K 266 1.14 -49.93 19.25
C TRP K 266 0.52 -50.21 20.64
N LEU K 267 -0.69 -49.71 20.87
CA LEU K 267 -1.37 -49.86 22.15
C LEU K 267 -2.61 -50.74 22.03
N GLN K 268 -2.93 -51.46 23.10
CA GLN K 268 -4.02 -52.45 23.06
C GLN K 268 -5.02 -52.25 24.18
N ARG K 269 -6.15 -51.63 23.85
CA ARG K 269 -7.24 -51.45 24.78
C ARG K 269 -7.80 -52.83 25.15
N ARG K 270 -7.36 -53.37 26.28
CA ARG K 270 -7.71 -54.73 26.68
C ARG K 270 -9.21 -54.95 26.83
N ASP K 271 -9.91 -53.95 27.37
CA ASP K 271 -11.37 -53.97 27.46
C ASP K 271 -11.99 -53.74 26.09
N GLY K 272 -13.28 -54.02 25.96
CA GLY K 272 -13.99 -53.69 24.74
C GLY K 272 -14.49 -52.25 24.78
N LYS K 273 -13.61 -51.30 25.11
CA LYS K 273 -13.98 -49.88 25.16
C LYS K 273 -12.78 -48.93 25.09
N ALA K 274 -13.01 -47.77 24.49
CA ALA K 274 -11.94 -46.84 24.08
C ALA K 274 -11.36 -46.01 25.23
N VAL K 275 -10.56 -46.64 26.07
CA VAL K 275 -10.05 -45.96 27.26
C VAL K 275 -8.51 -45.77 27.28
N THR K 276 -7.79 -46.60 26.52
CA THR K 276 -6.34 -46.48 26.39
C THR K 276 -5.94 -45.64 25.18
N GLU K 277 -5.25 -44.52 25.42
CA GLU K 277 -4.91 -43.62 24.33
C GLU K 277 -3.82 -42.63 24.68
N VAL K 278 -3.23 -42.05 23.63
CA VAL K 278 -2.25 -41.00 23.75
C VAL K 278 -2.91 -39.65 23.49
N ASP K 279 -2.80 -38.76 24.46
CA ASP K 279 -3.27 -37.39 24.27
C ASP K 279 -2.09 -36.45 24.32
N THR K 280 -1.69 -35.95 23.16
CA THR K 280 -0.65 -34.97 23.10
C THR K 280 -1.05 -33.72 23.87
N LEU K 281 -0.12 -33.22 24.67
CA LEU K 281 -0.32 -31.94 25.37
C LEU K 281 -0.03 -30.79 24.40
N PRO K 282 -0.72 -29.64 24.59
CA PRO K 282 -0.73 -28.56 23.60
C PRO K 282 0.66 -28.14 23.12
N GLY K 283 0.74 -27.75 21.86
CA GLY K 283 1.96 -27.19 21.33
C GLY K 283 1.94 -25.70 21.61
N ALA K 284 3.13 -25.14 21.79
CA ALA K 284 3.28 -23.70 22.00
C ALA K 284 3.02 -22.94 20.72
N ASP K 285 1.76 -22.57 20.49
CA ASP K 285 1.41 -21.82 19.31
C ASP K 285 1.86 -20.40 19.56
N ASN K 286 2.60 -19.83 18.62
CA ASN K 286 3.10 -18.48 18.79
C ASN K 286 2.12 -17.40 18.36
N THR K 287 1.05 -17.20 19.11
CA THR K 287 0.12 -16.14 18.73
C THR K 287 0.82 -14.79 18.94
N GLY K 288 1.37 -14.58 20.15
CA GLY K 288 2.16 -13.40 20.49
C GLY K 288 3.16 -13.02 19.41
N ASN K 289 3.00 -11.92 18.67
CA ASN K 289 2.21 -10.69 18.95
C ASN K 289 2.90 -9.89 20.05
N MET K 290 4.23 -9.93 20.06
CA MET K 290 5.03 -9.40 21.18
C MET K 290 5.45 -7.92 21.07
N GLU K 291 4.52 -7.01 21.33
CA GLU K 291 4.83 -5.58 21.44
C GLU K 291 4.90 -5.22 22.91
N ASP K 292 5.16 -6.24 23.72
CA ASP K 292 5.00 -6.17 25.17
C ASP K 292 6.27 -5.84 25.95
N ILE K 293 7.26 -6.71 25.82
CA ILE K 293 8.62 -6.45 26.27
C ILE K 293 9.17 -5.20 25.57
N ARG K 294 8.84 -5.02 24.31
CA ARG K 294 9.27 -3.82 23.63
C ARG K 294 8.71 -2.58 24.31
N TRP K 295 7.74 -2.75 25.21
CA TRP K 295 7.21 -1.62 25.99
C TRP K 295 8.12 -1.34 27.16
N PHE K 296 8.43 -2.39 27.91
CA PHE K 296 9.17 -2.25 29.15
C PHE K 296 10.66 -2.01 28.95
N ARG K 297 11.15 -2.25 27.75
CA ARG K 297 12.52 -1.91 27.52
C ARG K 297 12.61 -0.42 27.27
N GLN K 298 11.61 0.17 26.61
CA GLN K 298 11.65 1.62 26.43
C GLN K 298 11.45 2.34 27.77
N ALA K 299 10.78 1.67 28.70
CA ALA K 299 10.63 2.24 30.03
C ALA K 299 12.00 2.25 30.69
N LEU K 300 12.52 1.09 31.06
CA LEU K 300 13.81 1.00 31.76
C LEU K 300 14.86 1.94 31.18
N TYR K 301 14.76 2.20 29.89
CA TYR K 301 15.67 3.09 29.21
C TYR K 301 15.40 4.60 29.45
N MET K 302 14.16 4.95 29.80
CA MET K 302 13.81 6.33 30.11
C MET K 302 14.08 6.58 31.54
N ALA K 303 14.13 5.49 32.29
CA ALA K 303 14.27 5.59 33.71
C ALA K 303 15.72 5.70 34.08
N LEU K 304 16.60 5.30 33.17
CA LEU K 304 18.04 5.34 33.39
C LEU K 304 18.58 6.77 33.44
N ARG K 305 18.05 7.62 32.57
CA ARG K 305 18.48 9.01 32.43
C ARG K 305 19.35 9.21 31.19
N VAL K 306 19.62 8.11 30.47
CA VAL K 306 20.36 8.20 29.25
C VAL K 306 19.36 8.56 28.14
N PRO K 307 19.72 9.52 27.27
CA PRO K 307 18.84 9.97 26.19
C PRO K 307 18.44 8.82 25.28
N LEU K 308 17.23 8.85 24.73
CA LEU K 308 16.79 7.74 23.88
C LEU K 308 17.41 7.80 22.49
N SER K 309 18.00 8.95 22.16
CA SER K 309 18.57 9.17 20.84
C SER K 309 19.89 8.39 20.65
N ARG K 310 20.36 7.75 21.73
CA ARG K 310 21.50 6.87 21.59
C ARG K 310 20.67 5.88 20.78
N ILE K 311 21.27 5.07 19.93
CA ILE K 311 20.47 4.14 19.09
C ILE K 311 20.08 2.75 19.60
N PRO K 312 19.09 2.66 20.59
CA PRO K 312 18.76 1.29 20.99
C PRO K 312 18.06 0.53 19.85
N GLN K 313 17.18 1.22 19.15
CA GLN K 313 16.42 0.66 18.05
C GLN K 313 17.31 0.40 16.84
N ASP K 314 16.87 -0.49 15.96
CA ASP K 314 17.64 -0.83 14.77
C ASP K 314 17.83 0.44 13.97
N GLN K 315 16.79 1.27 13.91
CA GLN K 315 16.86 2.53 13.19
C GLN K 315 17.33 2.39 11.75
N GLN K 316 16.73 1.47 11.00
CA GLN K 316 17.13 1.29 9.61
C GLN K 316 16.93 2.64 8.93
N GLY K 317 17.91 3.03 8.11
CA GLY K 317 17.85 4.32 7.46
C GLY K 317 17.58 5.41 8.50
N GLY K 318 16.49 6.16 8.32
CA GLY K 318 15.58 6.04 7.20
C GLY K 318 16.04 6.37 5.78
N VAL K 319 16.75 7.47 5.56
CA VAL K 319 17.18 8.40 6.61
C VAL K 319 16.20 9.57 6.78
N MET K 320 16.52 10.46 7.71
CA MET K 320 15.60 11.51 8.14
C MET K 320 15.18 12.56 7.09
N PHE K 321 16.10 13.24 6.38
CA PHE K 321 17.54 12.98 6.37
C PHE K 321 18.39 14.25 6.43
N ASP K 322 19.61 14.11 6.90
CA ASP K 322 20.60 15.20 6.88
C ASP K 322 22.00 14.60 6.90
N SER K 323 22.96 15.31 6.32
CA SER K 323 24.33 14.80 6.21
C SER K 323 25.07 14.89 7.55
N GLY K 324 24.68 15.85 8.38
CA GLY K 324 25.26 16.03 9.69
C GLY K 324 24.21 15.99 10.78
N THR K 325 24.31 15.03 11.69
CA THR K 325 23.33 14.86 12.75
C THR K 325 23.34 16.07 13.68
N SER K 326 22.15 16.61 13.93
CA SER K 326 22.00 17.86 14.65
C SER K 326 21.91 17.66 16.16
N ILE K 327 21.99 18.77 16.89
CA ILE K 327 21.76 18.72 18.33
C ILE K 327 20.26 18.71 18.58
N THR K 328 19.77 17.61 19.12
CA THR K 328 18.37 17.48 19.48
C THR K 328 18.19 18.17 20.81
N ARG K 329 16.97 18.24 21.34
CA ARG K 329 16.81 18.83 22.66
C ARG K 329 17.06 17.75 23.70
N ASP K 330 16.85 16.50 23.30
CA ASP K 330 17.17 15.33 24.13
C ASP K 330 18.60 15.37 24.61
N GLU K 331 19.51 15.29 23.64
CA GLU K 331 20.94 15.28 23.91
C GLU K 331 21.38 16.50 24.69
N LEU K 332 20.82 17.64 24.33
CA LEU K 332 21.13 18.91 25.00
C LEU K 332 20.74 18.89 26.47
N THR K 333 19.57 18.33 26.77
CA THR K 333 19.10 18.11 28.15
C THR K 333 20.15 17.35 28.95
N PHE K 334 20.51 16.18 28.43
CA PHE K 334 21.44 15.25 29.08
C PHE K 334 22.79 15.87 29.43
N ALA K 335 23.30 16.76 28.58
CA ALA K 335 24.56 17.39 28.88
C ALA K 335 24.36 18.12 30.21
N LYS K 336 23.18 18.71 30.36
CA LYS K 336 22.81 19.43 31.59
C LYS K 336 22.74 18.49 32.81
N PHE K 337 22.18 17.30 32.61
CA PHE K 337 22.05 16.34 33.71
C PHE K 337 23.45 15.95 34.19
N ILE K 338 24.33 15.75 33.22
CA ILE K 338 25.74 15.44 33.47
C ILE K 338 26.44 16.56 34.21
N ARG K 339 26.48 17.74 33.61
CA ARG K 339 27.21 18.83 34.22
C ARG K 339 26.63 19.17 35.58
N GLU K 340 25.46 18.62 35.90
CA GLU K 340 24.98 18.73 37.26
C GLU K 340 25.61 17.66 38.15
N LEU K 341 25.81 16.47 37.59
CA LEU K 341 26.52 15.41 38.31
C LEU K 341 27.92 15.85 38.68
N GLN K 342 28.75 16.12 37.66
CA GLN K 342 30.10 16.62 37.84
C GLN K 342 30.20 17.64 38.96
N HIS K 343 29.16 18.44 39.14
CA HIS K 343 29.13 19.40 40.24
C HIS K 343 28.78 18.79 41.59
N LYS K 344 28.46 17.50 41.61
CA LYS K 344 28.22 16.79 42.87
C LYS K 344 29.47 16.00 43.23
N PHE K 345 30.08 15.46 42.20
CA PHE K 345 31.35 14.75 42.29
C PHE K 345 32.47 15.79 42.30
N GLU K 346 32.09 17.06 42.22
CA GLU K 346 33.03 18.16 42.41
C GLU K 346 33.62 18.08 43.82
N GLU K 347 32.78 17.65 44.74
CA GLU K 347 33.13 17.58 46.16
C GLU K 347 34.38 16.77 46.42
N VAL K 348 34.54 15.65 45.74
CA VAL K 348 35.67 14.75 45.99
C VAL K 348 37.03 15.38 45.67
N PHE K 349 37.00 16.58 45.10
CA PHE K 349 38.24 17.30 44.83
C PHE K 349 38.47 18.46 45.81
N LEU K 350 37.39 19.09 46.25
CA LEU K 350 37.53 20.32 47.03
C LEU K 350 37.73 20.12 48.53
N ASP K 351 37.34 18.97 49.09
CA ASP K 351 37.68 18.73 50.50
C ASP K 351 38.94 17.87 50.70
N PRO K 352 39.49 17.22 49.65
CA PRO K 352 40.85 16.83 49.94
C PRO K 352 41.82 17.98 49.73
N LEU K 353 41.44 18.93 48.87
CA LEU K 353 42.29 20.08 48.57
C LEU K 353 42.27 21.11 49.71
N LYS K 354 41.07 21.52 50.14
CA LYS K 354 40.95 22.59 51.14
C LYS K 354 41.51 22.18 52.50
N THR K 355 41.39 20.91 52.86
CA THR K 355 41.96 20.45 54.12
C THR K 355 43.46 20.21 53.98
N ASN K 356 43.94 20.16 52.74
CA ASN K 356 45.38 20.02 52.47
C ASN K 356 46.00 21.38 52.24
N LEU K 357 45.17 22.36 51.91
CA LEU K 357 45.58 23.74 51.68
C LEU K 357 45.40 24.56 52.95
N LEU K 358 45.17 23.86 54.05
CA LEU K 358 45.05 24.43 55.38
C LEU K 358 46.02 23.68 56.26
N LEU K 359 46.11 22.37 56.01
CA LEU K 359 47.13 21.52 56.61
C LEU K 359 48.50 22.06 56.25
N LYS K 360 48.68 22.38 54.97
CA LYS K 360 49.97 22.83 54.43
C LYS K 360 50.27 24.29 54.80
N GLY K 361 49.22 25.08 54.92
CA GLY K 361 49.39 26.49 55.24
C GLY K 361 48.78 27.35 54.14
N ILE K 362 49.41 28.49 53.88
CA ILE K 362 48.88 29.51 52.96
C ILE K 362 47.49 29.97 53.43
N ILE K 363 46.46 29.83 52.58
CA ILE K 363 45.14 30.40 52.87
C ILE K 363 44.41 29.75 54.05
N THR K 364 43.82 30.58 54.91
CA THR K 364 43.03 30.08 56.04
C THR K 364 41.58 29.83 55.65
N GLU K 365 40.82 29.20 56.56
CA GLU K 365 39.42 28.89 56.31
C GLU K 365 38.58 30.16 56.16
N ASP K 366 38.94 31.21 56.90
CA ASP K 366 38.21 32.47 56.86
C ASP K 366 38.39 33.22 55.54
N GLU K 367 39.44 32.87 54.80
CA GLU K 367 39.68 33.45 53.49
C GLU K 367 38.99 32.64 52.40
N TRP K 368 38.96 31.34 52.60
CA TRP K 368 38.39 30.39 51.65
C TRP K 368 36.90 30.65 51.37
N ASN K 369 36.17 31.04 52.42
CA ASN K 369 34.73 31.23 52.33
C ASN K 369 34.28 32.19 51.23
N ASP K 370 35.12 33.18 50.94
CA ASP K 370 34.78 34.22 49.96
C ASP K 370 35.12 33.78 48.54
N GLU K 371 36.11 32.89 48.42
CA GLU K 371 36.58 32.44 47.11
C GLU K 371 35.57 31.55 46.39
N ILE K 372 34.73 30.85 47.15
CA ILE K 372 33.72 30.00 46.56
C ILE K 372 32.36 30.17 47.23
N ASN K 373 31.48 30.97 46.64
CA ASN K 373 31.76 31.71 45.41
C ASN K 373 32.15 30.85 44.21
N ASN K 374 33.23 31.25 43.54
CA ASN K 374 33.73 30.54 42.38
C ASN K 374 35.21 30.18 42.42
N ILE K 375 35.46 28.88 42.55
CA ILE K 375 36.76 28.30 42.22
C ILE K 375 36.44 27.06 41.38
N LYS K 376 35.96 27.31 40.16
CA LYS K 376 35.42 26.29 39.28
C LYS K 376 36.38 25.15 38.97
N ILE K 377 35.89 23.92 39.09
CA ILE K 377 36.61 22.75 38.60
C ILE K 377 36.04 22.32 37.26
N GLU K 378 36.76 22.65 36.20
CA GLU K 378 36.33 22.30 34.85
C GLU K 378 36.63 20.85 34.51
N PHE K 379 35.60 20.06 34.26
CA PHE K 379 35.79 18.79 33.59
C PHE K 379 35.99 19.08 32.11
N HIS K 380 36.70 18.20 31.41
CA HIS K 380 36.86 18.34 29.98
C HIS K 380 35.69 17.65 29.33
N ARG K 381 35.13 18.24 28.28
CA ARG K 381 34.03 17.61 27.54
C ARG K 381 34.59 16.76 26.42
N ASP K 382 33.75 16.25 25.54
CA ASP K 382 34.30 15.53 24.39
C ASP K 382 34.65 16.53 23.32
N SER K 383 35.95 16.55 22.99
CA SER K 383 36.49 17.38 21.94
C SER K 383 35.66 17.34 20.65
N TYR K 384 35.14 16.17 20.30
CA TYR K 384 34.45 16.04 19.02
C TYR K 384 33.10 16.73 18.99
N PHE K 385 32.36 16.73 20.09
CA PHE K 385 31.00 17.25 20.03
C PHE K 385 30.88 18.65 20.57
N ALA K 386 31.98 19.16 21.08
CA ALA K 386 32.08 20.58 21.26
C ALA K 386 32.00 21.18 19.86
N GLU K 387 32.86 20.71 18.97
CA GLU K 387 32.86 21.16 17.58
C GLU K 387 31.51 20.95 16.93
N LEU K 388 31.02 19.72 16.93
CA LEU K 388 29.83 19.37 16.19
C LEU K 388 28.56 20.05 16.71
N LYS K 389 28.63 20.60 17.93
CA LYS K 389 27.59 21.49 18.42
C LYS K 389 27.84 22.92 17.96
N GLU K 390 29.05 23.41 18.22
CA GLU K 390 29.47 24.75 17.80
C GLU K 390 29.55 24.92 16.30
N ALA K 391 29.05 23.95 15.57
CA ALA K 391 29.05 24.04 14.13
C ALA K 391 27.66 24.28 13.64
N GLU K 392 26.67 23.94 14.46
CA GLU K 392 25.27 24.20 14.11
C GLU K 392 24.85 25.58 14.61
N ILE K 393 25.35 25.94 15.79
CA ILE K 393 25.21 27.30 16.30
C ILE K 393 25.73 28.28 15.25
N LEU K 394 26.98 28.10 14.85
CA LEU K 394 27.60 29.01 13.90
C LEU K 394 27.04 28.88 12.48
N GLU K 395 26.55 27.70 12.12
CA GLU K 395 25.90 27.52 10.82
C GLU K 395 24.64 28.39 10.72
N ARG K 396 23.88 28.45 11.80
CA ARG K 396 22.64 29.21 11.83
C ARG K 396 22.87 30.72 11.93
N ARG K 397 23.94 31.13 12.61
CA ARG K 397 24.22 32.54 12.78
C ARG K 397 24.70 33.14 11.49
N ILE K 398 25.33 32.32 10.64
CA ILE K 398 25.74 32.83 9.35
C ILE K 398 24.55 32.80 8.40
N ASN K 399 23.68 31.81 8.55
CA ASN K 399 22.50 31.69 7.71
C ASN K 399 21.53 32.85 7.91
N MET K 400 21.45 33.31 9.16
CA MET K 400 20.75 34.54 9.51
C MET K 400 21.43 35.72 8.86
N LEU K 401 22.75 35.77 9.04
CA LEU K 401 23.53 36.91 8.62
C LEU K 401 23.54 37.09 7.09
N THR K 402 23.49 36.00 6.32
CA THR K 402 23.42 36.13 4.87
C THR K 402 22.03 36.62 4.50
N MET K 403 21.05 36.10 5.25
CA MET K 403 19.63 36.36 4.99
C MET K 403 19.23 37.80 5.30
N ALA K 404 19.73 38.32 6.42
CA ALA K 404 19.47 39.69 6.82
C ALA K 404 20.63 40.59 6.50
N GLU K 405 21.23 40.38 5.34
CA GLU K 405 22.41 41.14 4.94
C GLU K 405 22.14 42.43 4.15
N PRO K 406 21.18 42.43 3.18
CA PRO K 406 21.08 43.66 2.40
C PRO K 406 20.62 44.84 3.24
N PHE K 407 20.05 44.56 4.40
CA PHE K 407 19.56 45.59 5.29
C PHE K 407 20.59 46.06 6.31
N ILE K 408 21.77 45.45 6.35
CA ILE K 408 22.74 45.75 7.40
C ILE K 408 23.34 47.14 7.19
N GLY K 409 23.26 47.66 5.97
CA GLY K 409 23.64 49.04 5.81
C GLY K 409 22.51 49.98 6.19
N LYS K 410 21.29 49.59 5.85
CA LYS K 410 20.16 50.50 5.90
C LYS K 410 19.46 50.62 7.25
N TYR K 411 19.27 49.50 7.94
CA TYR K 411 18.42 49.54 9.14
C TYR K 411 19.14 49.22 10.46
N ILE K 412 19.80 48.07 10.50
CA ILE K 412 20.59 47.62 11.65
C ILE K 412 22.06 47.94 11.45
N SER K 413 22.75 48.53 12.41
CA SER K 413 24.15 48.89 12.19
C SER K 413 25.01 47.67 11.94
N HIS K 414 26.28 47.90 11.62
CA HIS K 414 27.20 46.77 11.53
C HIS K 414 27.51 46.28 12.95
N ARG K 415 27.85 47.21 13.83
CA ARG K 415 28.10 46.90 15.22
C ARG K 415 26.92 46.17 15.85
N THR K 416 25.72 46.57 15.49
CA THR K 416 24.52 46.07 16.13
C THR K 416 24.23 44.63 15.73
N ALA K 417 24.44 44.30 14.46
CA ALA K 417 24.24 42.92 14.00
C ALA K 417 25.36 42.02 14.52
N MET K 418 26.58 42.51 14.45
CA MET K 418 27.76 41.78 14.87
C MET K 418 27.65 41.30 16.32
N LYS K 419 26.81 41.96 17.10
CA LYS K 419 26.74 41.71 18.54
C LYS K 419 25.43 41.02 18.94
N ASP K 420 24.48 40.92 18.00
CA ASP K 420 23.24 40.21 18.30
C ASP K 420 22.83 39.22 17.20
N ILE K 421 23.51 39.24 16.07
CA ILE K 421 23.33 38.18 15.08
C ILE K 421 24.47 37.17 15.23
N LEU K 422 25.65 37.66 15.62
CA LEU K 422 26.79 36.78 15.83
C LEU K 422 27.00 36.45 17.30
N GLN K 423 26.36 37.21 18.19
CA GLN K 423 26.40 36.98 19.63
C GLN K 423 27.81 37.13 20.19
N MET K 424 28.63 37.92 19.52
CA MET K 424 29.94 38.25 20.06
C MET K 424 29.80 39.19 21.25
N THR K 425 30.94 39.60 21.80
CA THR K 425 30.94 40.67 22.79
C THR K 425 31.86 41.80 22.34
N ASP K 426 31.83 42.90 23.07
CA ASP K 426 32.52 44.13 22.67
C ASP K 426 34.03 43.99 22.54
N GLU K 427 34.67 43.46 23.57
CA GLU K 427 36.13 43.35 23.57
C GLU K 427 36.60 42.30 22.56
N GLU K 428 35.68 41.48 22.07
CA GLU K 428 35.98 40.56 20.97
C GLU K 428 36.01 41.30 19.64
N ILE K 429 35.11 42.27 19.48
CA ILE K 429 35.11 43.12 18.31
C ILE K 429 36.25 44.12 18.37
N GLU K 430 36.49 44.68 19.56
CA GLU K 430 37.63 45.55 19.78
C GLU K 430 38.92 44.86 19.36
N GLN K 431 39.19 43.73 20.01
CA GLN K 431 40.38 42.92 19.75
C GLN K 431 40.51 42.58 18.27
N GLU K 432 39.40 42.20 17.65
CA GLU K 432 39.44 41.77 16.26
C GLU K 432 39.68 42.92 15.30
N ALA K 433 39.00 44.04 15.52
CA ALA K 433 39.12 45.20 14.64
C ALA K 433 40.58 45.68 14.52
N LYS K 434 41.30 45.65 15.65
CA LYS K 434 42.71 45.98 15.67
C LYS K 434 43.54 44.93 14.91
N GLN K 435 43.21 43.67 15.17
CA GLN K 435 43.90 42.53 14.58
C GLN K 435 43.80 42.51 13.05
N ILE K 436 42.58 42.67 12.56
CA ILE K 436 42.27 42.52 11.15
C ILE K 436 42.94 43.57 10.27
N GLU K 437 43.51 44.60 10.89
CA GLU K 437 44.20 45.64 10.13
C GLU K 437 45.45 45.09 9.44
N GLU K 438 46.18 44.20 10.11
CA GLU K 438 47.46 43.74 9.61
C GLU K 438 47.29 42.61 8.61
N GLU K 439 46.15 41.94 8.68
CA GLU K 439 45.76 40.97 7.66
C GLU K 439 45.81 41.64 6.30
N SER K 440 45.41 42.90 6.27
CA SER K 440 45.34 43.67 5.03
C SER K 440 46.69 44.31 4.71
N LYS K 441 47.76 43.79 5.30
CA LYS K 441 49.08 44.37 5.05
C LYS K 441 50.22 43.39 4.71
N GLU K 442 50.25 42.86 3.48
CA GLU K 442 49.22 43.07 2.48
C GLU K 442 48.73 41.70 1.99
N ALA K 443 49.71 40.83 1.72
CA ALA K 443 49.47 39.46 1.26
C ALA K 443 48.97 38.62 2.44
N ARG K 444 48.40 37.45 2.17
CA ARG K 444 48.27 36.86 0.83
C ARG K 444 46.83 36.87 0.31
N PHE K 445 45.93 37.52 1.03
CA PHE K 445 44.51 37.43 0.71
C PHE K 445 44.00 38.55 -0.21
N GLN K 446 44.89 39.46 -0.59
CA GLN K 446 44.51 40.55 -1.49
C GLN K 446 44.26 40.01 -2.89
N ASP K 447 43.01 40.07 -3.34
CA ASP K 447 42.60 39.48 -4.62
C ASP K 447 42.51 40.50 -5.75
N ASN L 1 -2.32 17.50 59.92
CA ASN L 1 -2.14 16.08 59.64
C ASN L 1 -2.54 15.69 58.22
N TRP L 2 -3.71 16.14 57.80
CA TRP L 2 -4.17 15.91 56.43
C TRP L 2 -3.24 16.58 55.43
N ILE L 3 -2.78 17.77 55.81
CA ILE L 3 -1.73 18.48 55.10
C ILE L 3 -0.49 17.61 54.96
N SER L 4 -0.18 16.88 56.04
CA SER L 4 1.03 16.07 56.12
C SER L 4 0.93 14.76 55.35
N GLU L 5 -0.26 14.19 55.29
CA GLU L 5 -0.47 12.97 54.50
C GLU L 5 -0.43 13.29 52.99
N LEU L 6 -0.80 14.51 52.66
CA LEU L 6 -0.80 14.99 51.29
C LEU L 6 0.61 15.09 50.75
N ILE L 7 1.49 15.72 51.52
CA ILE L 7 2.87 15.88 51.08
C ILE L 7 3.58 14.53 51.11
N ASP L 8 2.93 13.51 51.66
CA ASP L 8 3.47 12.17 51.56
C ASP L 8 3.23 11.66 50.14
N THR L 9 1.96 11.60 49.76
CA THR L 9 1.59 11.01 48.47
C THR L 9 2.17 11.72 47.25
N TYR L 10 2.44 13.02 47.37
CA TYR L 10 3.16 13.75 46.32
C TYR L 10 4.57 13.21 46.20
N ARG L 11 5.19 12.94 47.35
CA ARG L 11 6.58 12.51 47.35
C ARG L 11 6.66 11.04 47.03
N ASN L 12 5.50 10.37 47.04
CA ASN L 12 5.46 9.01 46.54
C ASN L 12 4.87 8.99 45.14
N LEU L 13 4.85 10.17 44.53
CA LEU L 13 4.55 10.33 43.12
C LEU L 13 5.88 10.50 42.42
N MET L 14 6.82 11.11 43.12
CA MET L 14 8.14 11.33 42.60
C MET L 14 8.93 10.05 42.60
N ASN L 15 8.54 9.13 43.49
CA ASN L 15 9.28 7.87 43.71
C ASN L 15 9.32 7.09 42.42
N ASN L 16 8.16 7.15 41.75
CA ASN L 16 7.89 6.56 40.45
C ASN L 16 8.69 7.33 39.39
N TYR L 17 8.87 6.71 38.23
CA TYR L 17 9.70 7.27 37.18
C TYR L 17 8.78 8.04 36.24
N GLU L 18 9.34 8.90 35.39
CA GLU L 18 8.55 9.66 34.44
C GLU L 18 8.01 10.87 35.16
N VAL L 19 7.39 10.66 36.32
CA VAL L 19 6.90 11.77 37.11
C VAL L 19 8.18 12.53 37.48
N ASP L 20 9.20 11.76 37.81
CA ASP L 20 10.52 12.28 38.13
C ASP L 20 11.11 12.93 36.88
N ASN L 21 10.91 12.29 35.73
CA ASN L 21 11.43 12.85 34.49
C ASN L 21 10.74 14.18 34.14
N ALA L 22 9.43 14.24 34.33
CA ALA L 22 8.61 15.41 33.95
C ALA L 22 8.67 16.55 34.97
N VAL L 23 8.83 16.22 36.26
CA VAL L 23 8.95 17.24 37.28
C VAL L 23 10.29 17.94 37.19
N SER L 24 11.32 17.17 36.85
CA SER L 24 12.64 17.74 36.69
C SER L 24 12.84 18.23 35.30
N GLU L 25 11.80 18.12 34.50
CA GLU L 25 11.76 18.87 33.26
C GLU L 25 11.64 20.36 33.60
N ILE L 26 10.61 20.67 34.38
CA ILE L 26 10.33 21.99 34.93
C ILE L 26 11.52 22.63 35.67
N VAL L 27 11.99 21.98 36.72
CA VAL L 27 13.00 22.58 37.58
C VAL L 27 14.30 22.73 36.84
N SER L 28 14.42 22.06 35.71
CA SER L 28 15.60 22.20 34.89
C SER L 28 15.58 23.52 34.15
N ASP L 29 14.39 24.04 33.93
CA ASP L 29 14.28 25.37 33.30
C ASP L 29 13.41 26.36 34.08
N ALA L 30 12.99 25.99 35.28
CA ALA L 30 12.33 26.96 36.15
C ALA L 30 13.36 27.72 36.95
N ILE L 31 14.57 27.15 37.08
CA ILE L 31 15.77 27.89 37.50
C ILE L 31 17.00 27.33 36.82
N VAL L 32 17.45 27.92 35.73
CA VAL L 32 18.51 27.25 34.98
C VAL L 32 19.91 27.83 35.14
N TYR L 33 20.74 27.11 35.90
CA TYR L 33 22.14 27.45 36.02
C TYR L 33 22.76 27.49 34.65
N GLU L 34 23.59 28.50 34.41
CA GLU L 34 24.45 28.48 33.24
C GLU L 34 25.83 28.94 33.67
N ASP L 35 26.82 28.64 32.83
CA ASP L 35 28.20 29.03 33.12
C ASP L 35 28.36 30.54 32.98
N ASP L 36 29.11 31.15 33.89
CA ASP L 36 29.35 32.59 33.83
C ASP L 36 28.09 33.36 34.22
N THR L 37 27.00 33.11 33.50
CA THR L 37 25.73 33.77 33.75
C THR L 37 25.17 33.42 35.12
N GLU L 38 24.56 34.41 35.77
CA GLU L 38 23.98 34.21 37.10
C GLU L 38 22.49 33.87 37.06
N VAL L 39 21.99 33.37 38.18
CA VAL L 39 20.60 32.97 38.34
C VAL L 39 19.94 33.91 39.38
N VAL L 40 18.64 34.15 39.25
CA VAL L 40 17.86 34.98 40.19
C VAL L 40 18.26 36.44 40.52
N ALA L 41 18.55 37.27 39.51
CA ALA L 41 18.94 38.67 39.73
C ALA L 41 17.79 39.59 40.22
N LEU L 42 18.14 40.65 40.95
CA LEU L 42 17.17 41.60 41.48
C LEU L 42 17.08 42.82 40.60
N ASN L 43 16.29 42.72 39.52
CA ASN L 43 16.12 43.84 38.61
C ASN L 43 15.46 45.00 39.33
N LEU L 44 16.18 46.13 39.39
CA LEU L 44 15.62 47.31 39.99
C LEU L 44 15.37 48.28 38.85
N ASP L 45 14.11 48.45 38.51
CA ASP L 45 13.74 49.37 37.43
C ASP L 45 12.58 50.19 37.93
N LYS L 46 12.84 50.98 38.97
CA LYS L 46 11.82 51.82 39.56
C LYS L 46 12.47 52.97 40.30
N SER L 47 11.69 54.03 40.52
CA SER L 47 12.17 55.21 41.23
C SER L 47 12.70 54.85 42.62
N LYS L 48 14.01 55.02 42.79
CA LYS L 48 14.65 54.80 44.07
C LYS L 48 15.43 56.04 44.47
N PHE L 49 15.49 56.30 45.77
CA PHE L 49 16.04 57.56 46.27
C PHE L 49 17.50 57.79 45.88
N SER L 50 18.34 56.77 46.04
CA SER L 50 19.76 56.92 45.78
C SER L 50 20.26 55.96 44.71
N PRO L 51 21.23 56.40 43.90
CA PRO L 51 21.95 55.53 42.98
C PRO L 51 22.79 54.52 43.74
N LYS L 52 23.08 54.83 45.02
CA LYS L 52 23.86 53.94 45.87
C LYS L 52 22.99 52.89 46.56
N ILE L 53 21.79 53.27 47.00
CA ILE L 53 20.92 52.31 47.68
C ILE L 53 20.40 51.22 46.73
N LYS L 54 20.13 51.59 45.48
CA LYS L 54 19.60 50.62 44.51
C LYS L 54 20.65 49.55 44.21
N ASN L 55 21.93 49.94 44.24
CA ASN L 55 23.01 48.97 44.09
C ASN L 55 23.42 48.41 45.45
N MET L 56 22.95 49.04 46.52
CA MET L 56 23.30 48.59 47.86
C MET L 56 22.61 47.27 48.18
N MET L 57 21.49 47.02 47.52
CA MET L 57 20.75 45.77 47.72
C MET L 57 21.59 44.54 47.43
N LEU L 58 22.62 44.69 46.61
CA LEU L 58 23.44 43.55 46.24
C LEU L 58 24.21 43.06 47.47
N ASP L 59 24.63 44.01 48.31
CA ASP L 59 25.22 43.69 49.61
C ASP L 59 24.20 42.92 50.44
N GLU L 60 22.92 43.22 50.20
CA GLU L 60 21.83 42.56 50.88
C GLU L 60 21.38 41.31 50.14
N PHE L 61 21.17 41.44 48.82
CA PHE L 61 20.53 40.39 48.04
C PHE L 61 21.50 39.32 47.52
N SER L 62 22.66 39.74 47.00
CA SER L 62 23.67 38.76 46.58
C SER L 62 24.17 37.97 47.81
N ASP L 63 23.81 38.44 48.99
CA ASP L 63 24.12 37.78 50.24
C ASP L 63 22.93 36.95 50.76
N VAL L 64 21.71 37.34 50.42
CA VAL L 64 20.54 36.60 50.91
C VAL L 64 20.39 35.27 50.16
N LEU L 65 21.06 35.20 49.00
CA LEU L 65 21.14 33.95 48.26
C LEU L 65 22.10 32.98 48.96
N ASN L 66 23.21 33.53 49.44
CA ASN L 66 24.21 32.76 50.16
C ASN L 66 23.62 31.96 51.32
N HIS L 67 22.64 32.54 52.01
CA HIS L 67 22.01 31.90 53.16
C HIS L 67 21.20 30.70 52.71
N LEU L 68 20.58 30.83 51.55
CA LEU L 68 19.88 29.71 50.94
C LEU L 68 20.90 28.77 50.33
N SER L 69 22.15 29.24 50.30
CA SER L 69 23.22 28.60 49.55
C SER L 69 22.70 28.31 48.14
N PHE L 70 21.97 29.27 47.60
CA PHE L 70 21.14 29.06 46.42
C PHE L 70 21.91 28.63 45.17
N GLN L 71 23.19 28.99 45.08
CA GLN L 71 23.95 28.75 43.86
C GLN L 71 24.17 27.26 43.56
N ARG L 72 24.27 26.44 44.60
CA ARG L 72 24.42 25.00 44.39
C ARG L 72 23.27 24.22 45.01
N LYS L 73 22.37 24.94 45.68
CA LYS L 73 21.24 24.31 46.37
C LYS L 73 19.91 24.89 45.96
N GLY L 74 19.85 25.46 44.75
CA GLY L 74 18.62 26.09 44.29
C GLY L 74 17.61 25.13 43.70
N SER L 75 18.07 24.30 42.77
CA SER L 75 17.18 23.42 42.03
C SER L 75 16.77 22.25 42.91
N ASP L 76 17.01 22.37 44.20
CA ASP L 76 16.43 21.41 45.11
C ASP L 76 15.38 22.12 45.96
N HIS L 77 15.69 23.36 46.37
CA HIS L 77 14.75 24.16 47.17
C HIS L 77 13.46 24.42 46.41
N PHE L 78 13.56 24.56 45.10
CA PHE L 78 12.43 24.82 44.22
C PHE L 78 11.69 23.53 43.89
N ARG L 79 12.45 22.53 43.49
CA ARG L 79 11.92 21.20 43.28
C ARG L 79 11.27 20.67 44.53
N ARG L 80 11.59 21.26 45.67
CA ARG L 80 10.88 20.91 46.88
C ARG L 80 9.57 21.70 47.01
N TRP L 81 9.60 22.99 46.68
CA TRP L 81 8.42 23.87 46.69
C TRP L 81 7.31 23.31 45.84
N TYR L 82 7.71 22.84 44.66
CA TYR L 82 6.79 22.41 43.63
C TYR L 82 6.20 21.08 44.01
N VAL L 83 7.01 20.18 44.53
CA VAL L 83 6.53 18.84 44.75
C VAL L 83 5.97 18.63 46.16
N ASP L 84 6.56 19.34 47.11
CA ASP L 84 6.18 19.34 48.52
C ASP L 84 4.77 19.91 48.70
N SER L 85 4.48 20.94 47.91
CA SER L 85 3.22 21.67 47.95
C SER L 85 3.29 22.79 49.00
N ARG L 86 4.47 22.98 49.56
CA ARG L 86 4.72 24.01 50.55
C ARG L 86 6.21 24.03 50.88
N ILE L 87 6.71 25.15 51.41
CA ILE L 87 8.13 25.18 51.75
C ILE L 87 8.31 26.27 52.79
N PHE L 88 8.91 25.92 53.91
CA PHE L 88 9.06 26.85 55.02
C PHE L 88 10.53 27.05 55.36
N PHE L 89 10.97 28.29 55.39
CA PHE L 89 12.29 28.58 55.94
C PHE L 89 12.14 29.33 57.26
N HIS L 90 12.65 28.73 58.33
CA HIS L 90 12.72 29.41 59.61
C HIS L 90 13.80 30.48 59.56
N LYS L 91 13.57 31.59 60.23
CA LYS L 91 14.53 32.68 60.19
C LYS L 91 15.10 32.94 61.57
N ILE L 92 16.42 32.85 61.65
CA ILE L 92 17.13 33.13 62.88
C ILE L 92 17.53 34.60 62.93
N ILE L 93 16.91 35.34 63.85
CA ILE L 93 17.29 36.72 64.10
C ILE L 93 16.84 37.11 65.51
N ASP L 94 17.76 37.70 66.27
CA ASP L 94 19.09 37.96 65.74
C ASP L 94 20.26 37.38 66.57
N PRO L 95 20.14 37.26 67.91
CA PRO L 95 19.19 37.61 68.98
C PRO L 95 19.36 39.05 69.44
N LYS L 96 20.57 39.54 69.21
CA LYS L 96 20.97 40.91 69.47
C LYS L 96 22.36 41.03 68.85
N ARG L 97 22.71 42.21 68.33
CA ARG L 97 21.92 43.42 68.44
C ARG L 97 21.01 43.55 67.22
N PRO L 98 20.00 44.43 67.26
CA PRO L 98 19.23 44.64 66.03
C PRO L 98 20.12 45.19 64.91
N LYS L 99 19.69 45.00 63.66
CA LYS L 99 20.42 45.46 62.48
C LYS L 99 21.84 44.87 62.40
N GLU L 100 22.03 43.70 63.01
CA GLU L 100 23.33 43.04 62.97
C GLU L 100 23.74 42.64 61.55
N GLY L 101 22.82 42.04 60.80
CA GLY L 101 21.50 41.65 61.27
C GLY L 101 21.08 40.31 60.68
N ILE L 102 20.35 39.50 61.46
CA ILE L 102 19.83 38.19 61.04
C ILE L 102 20.85 37.03 61.08
N LYS L 103 20.42 35.83 60.67
CA LYS L 103 21.28 34.68 60.64
C LYS L 103 20.75 33.67 59.64
N GLU L 104 21.40 32.52 59.58
CA GLU L 104 21.10 31.50 58.58
C GLU L 104 19.62 31.08 58.53
N LEU L 105 19.10 30.90 57.33
CA LEU L 105 17.74 30.40 57.15
C LEU L 105 17.76 28.89 57.00
N ARG L 106 17.10 28.21 57.93
CA ARG L 106 17.08 26.76 57.93
C ARG L 106 15.76 26.22 57.39
N ARG L 107 15.85 25.37 56.38
CA ARG L 107 14.67 24.74 55.79
C ARG L 107 13.94 23.97 56.87
N LEU L 108 12.61 23.94 56.81
CA LEU L 108 11.83 23.09 57.69
C LEU L 108 11.18 21.99 56.88
N ASP L 109 11.13 20.79 57.44
CA ASP L 109 10.38 19.71 56.83
C ASP L 109 8.92 20.12 56.81
N PRO L 110 8.31 20.20 55.62
CA PRO L 110 6.85 20.22 55.66
C PRO L 110 6.36 18.91 56.26
N ARG L 111 5.11 18.86 56.72
CA ARG L 111 4.52 17.73 57.46
C ARG L 111 4.82 17.82 58.97
N GLN L 112 5.63 18.79 59.35
CA GLN L 112 5.91 18.98 60.77
C GLN L 112 5.52 20.40 61.14
N VAL L 113 4.76 21.05 60.26
CA VAL L 113 4.32 22.42 60.46
C VAL L 113 2.81 22.56 60.33
N GLN L 114 2.17 23.22 61.28
CA GLN L 114 0.72 23.49 61.21
C GLN L 114 0.47 25.00 61.31
N TYR L 115 -0.41 25.53 60.47
CA TYR L 115 -0.64 26.97 60.41
C TYR L 115 -2.08 27.36 60.70
N VAL L 116 -2.32 27.78 61.95
CA VAL L 116 -3.59 28.39 62.35
C VAL L 116 -3.31 29.57 63.26
N TYR L 136 0.15 31.92 63.08
CA TYR L 136 0.74 31.26 64.23
C TYR L 136 1.18 29.84 63.85
N PHE L 137 2.48 29.68 63.61
CA PHE L 137 3.02 28.44 63.08
C PHE L 137 3.41 27.44 64.17
N ILE L 138 2.88 26.22 64.05
CA ILE L 138 3.13 25.17 65.01
C ILE L 138 4.13 24.17 64.47
N TYR L 139 5.41 24.38 64.74
CA TYR L 139 6.44 23.46 64.27
C TYR L 139 6.55 22.26 65.20
N ASP L 140 6.02 21.12 64.76
CA ASP L 140 6.23 19.86 65.48
C ASP L 140 7.68 19.43 65.31
N THR L 141 8.28 18.98 66.40
CA THR L 141 9.68 18.55 66.36
C THR L 141 9.82 17.04 66.46
N ALA L 142 10.37 16.43 65.41
CA ALA L 142 10.75 15.03 65.47
C ALA L 142 12.23 14.95 65.80
N HIS L 143 12.56 14.38 66.96
CA HIS L 143 13.96 14.31 67.36
C HIS L 143 14.38 15.73 67.73
N GLU L 144 15.68 16.03 67.70
CA GLU L 144 16.13 17.38 68.01
C GLU L 144 16.70 18.06 66.76
N SER L 145 16.15 19.21 66.40
CA SER L 145 16.63 19.93 65.20
C SER L 145 17.50 21.17 65.42
N TYR L 146 17.06 22.11 66.25
CA TYR L 146 17.85 23.32 66.48
C TYR L 146 17.58 24.03 67.81
N ALA L 147 18.54 24.83 68.25
CA ALA L 147 18.44 25.58 69.51
C ALA L 147 18.09 27.07 69.35
N CYS L 148 17.90 27.52 68.11
CA CYS L 148 17.59 28.92 67.86
C CYS L 148 18.49 29.76 68.76
N ASP L 149 18.16 31.04 68.91
CA ASP L 149 18.93 31.93 69.75
C ASP L 149 18.89 31.50 71.22
N GLY L 150 17.71 31.06 71.66
CA GLY L 150 17.49 30.64 73.03
C GLY L 150 16.14 29.97 73.18
N ARG L 151 15.96 29.21 74.26
CA ARG L 151 17.00 29.07 75.27
C ARG L 151 17.90 27.87 74.98
N MET L 152 17.33 26.81 74.42
CA MET L 152 18.07 25.58 74.14
C MET L 152 17.23 24.68 73.23
N TYR L 153 17.87 23.67 72.65
CA TYR L 153 17.22 22.74 71.72
C TYR L 153 16.06 21.97 72.36
N GLU L 154 14.86 22.24 71.90
CA GLU L 154 13.68 21.52 72.36
C GLU L 154 13.67 20.10 71.76
N ALA L 155 12.98 19.18 72.43
CA ALA L 155 12.97 17.79 72.00
C ALA L 155 11.59 17.15 72.09
N GLY L 156 11.02 16.82 70.93
CA GLY L 156 9.75 16.12 70.87
C GLY L 156 8.52 16.98 71.14
N THR L 157 8.72 18.28 71.29
CA THR L 157 7.61 19.18 71.64
C THR L 157 7.25 20.15 70.52
N LYS L 158 5.96 20.49 70.45
CA LYS L 158 5.46 21.44 69.47
C LYS L 158 5.86 22.86 69.83
N ILE L 159 6.90 23.38 69.19
CA ILE L 159 7.35 24.74 69.43
C ILE L 159 6.59 25.71 68.52
N LYS L 160 6.25 26.87 69.05
CA LYS L 160 5.44 27.83 68.30
C LYS L 160 6.28 29.02 67.83
N ILE L 161 6.22 29.29 66.53
CA ILE L 161 6.90 30.44 65.96
C ILE L 161 5.87 31.40 65.38
N PRO L 162 6.06 32.71 65.60
CA PRO L 162 5.14 33.72 65.04
C PRO L 162 5.19 33.79 63.51
N LYS L 163 4.07 34.22 62.91
CA LYS L 163 3.92 34.32 61.46
C LYS L 163 4.91 35.28 60.83
N ALA L 164 5.74 35.86 61.69
CA ALA L 164 6.97 36.50 61.28
C ALA L 164 7.98 36.17 62.38
N ALA L 165 9.20 35.82 62.01
CA ALA L 165 9.61 35.80 60.61
C ALA L 165 9.89 34.37 60.14
N VAL L 166 8.95 33.83 59.36
CA VAL L 166 9.10 32.55 58.68
C VAL L 166 8.57 32.67 57.26
N VAL L 167 9.41 32.43 56.26
CA VAL L 167 8.92 32.58 54.88
C VAL L 167 8.09 31.35 54.54
N TYR L 168 6.85 31.57 54.13
CA TYR L 168 5.94 30.48 53.80
C TYR L 168 5.51 30.63 52.36
N ALA L 169 6.07 29.80 51.49
CA ALA L 169 5.72 29.89 50.10
C ALA L 169 4.85 28.72 49.66
N HIS L 170 3.66 29.01 49.18
CA HIS L 170 2.75 27.95 48.79
C HIS L 170 2.41 28.02 47.31
N SER L 171 2.26 26.86 46.69
CA SER L 171 1.70 26.76 45.34
C SER L 171 0.30 27.36 45.33
N GLY L 172 0.14 28.55 44.74
CA GLY L 172 -1.11 29.28 44.88
C GLY L 172 -2.42 28.61 44.44
N LEU L 173 -2.71 27.42 44.96
CA LEU L 173 -3.93 26.70 44.56
C LEU L 173 -5.02 26.49 45.63
N VAL L 174 -6.24 26.90 45.28
CA VAL L 174 -7.42 26.78 46.14
C VAL L 174 -7.92 25.37 46.49
N ASP L 175 -7.90 24.46 45.51
CA ASP L 175 -8.37 23.07 45.68
C ASP L 175 -9.88 22.93 45.42
N CYS L 176 -10.42 21.72 45.57
CA CYS L 176 -11.84 21.46 45.33
C CYS L 176 -12.74 22.25 46.30
N CYS L 177 -12.37 22.25 47.56
CA CYS L 177 -13.08 23.00 48.59
C CYS L 177 -12.17 23.98 49.34
N GLY L 178 -12.60 25.24 49.39
CA GLY L 178 -11.84 26.27 50.08
C GLY L 178 -11.86 26.09 51.59
N LYS L 179 -10.75 26.38 52.25
CA LYS L 179 -9.53 26.80 51.59
C LYS L 179 -8.48 25.78 52.02
N ASN L 180 -7.87 25.12 51.05
CA ASN L 180 -6.85 24.11 51.31
C ASN L 180 -5.77 24.26 50.26
N ILE L 181 -4.55 23.86 50.58
CA ILE L 181 -3.49 24.00 49.58
C ILE L 181 -3.20 22.68 48.84
N ILE L 182 -3.18 22.76 47.51
CA ILE L 182 -2.93 21.59 46.67
C ILE L 182 -2.12 21.89 45.40
N GLY L 183 -1.50 20.86 44.84
CA GLY L 183 -0.71 20.98 43.63
C GLY L 183 0.75 21.33 43.76
N TYR L 184 1.42 21.46 42.62
CA TYR L 184 0.76 21.28 41.34
C TYR L 184 0.72 19.86 40.85
N LEU L 185 1.14 18.91 41.67
CA LEU L 185 1.23 17.55 41.19
C LEU L 185 -0.12 16.84 41.25
N HIS L 186 -1.03 17.35 42.07
CA HIS L 186 -2.35 16.74 42.34
C HIS L 186 -3.09 16.20 41.12
N ARG L 187 -3.35 17.03 40.13
CA ARG L 187 -4.14 16.55 39.00
C ARG L 187 -3.59 15.27 38.39
N ALA L 188 -2.29 15.06 38.52
CA ALA L 188 -1.66 13.86 37.97
C ALA L 188 -1.50 12.65 38.92
N VAL L 189 -2.00 12.77 40.15
CA VAL L 189 -1.90 11.69 41.12
C VAL L 189 -2.79 10.49 40.80
N LYS L 190 -4.04 10.78 40.47
CA LYS L 190 -5.01 9.73 40.12
C LYS L 190 -4.58 9.08 38.82
N PRO L 191 -4.16 9.98 37.85
CA PRO L 191 -3.76 9.35 36.59
C PRO L 191 -2.53 8.46 36.76
N ALA L 192 -1.59 8.89 37.59
CA ALA L 192 -0.37 8.12 37.77
C ALA L 192 -0.62 6.81 38.49
N ASN L 193 -1.57 6.81 39.41
CA ASN L 193 -1.88 5.61 40.14
C ASN L 193 -2.55 4.56 39.26
N GLN L 194 -3.03 4.96 38.09
CA GLN L 194 -3.73 3.99 37.27
C GLN L 194 -3.01 3.77 35.97
N LEU L 195 -1.87 4.40 35.77
CA LEU L 195 -1.02 3.98 34.65
C LEU L 195 -0.26 2.75 35.05
N LYS L 196 0.17 2.73 36.32
CA LYS L 196 0.92 1.63 36.91
C LYS L 196 0.03 0.43 37.24
N LEU L 197 -1.23 0.72 37.53
CA LEU L 197 -2.24 -0.31 37.75
C LEU L 197 -2.59 -1.07 36.47
N LEU L 198 -1.73 -0.91 35.48
CA LEU L 198 -1.87 -1.55 34.21
C LEU L 198 -0.57 -2.26 33.93
N GLU L 199 0.53 -1.66 34.40
CA GLU L 199 1.87 -2.20 34.23
C GLU L 199 2.14 -3.37 35.15
N ASP L 200 1.33 -3.46 36.20
CA ASP L 200 1.34 -4.63 37.04
C ASP L 200 0.37 -5.66 36.47
N ALA L 201 -0.73 -5.16 35.91
CA ALA L 201 -1.63 -6.00 35.16
C ALA L 201 -0.95 -6.62 33.95
N VAL L 202 -0.18 -5.85 33.19
CA VAL L 202 0.40 -6.40 31.96
C VAL L 202 1.51 -7.40 32.22
N VAL L 203 2.23 -7.25 33.33
CA VAL L 203 3.22 -8.26 33.66
C VAL L 203 2.53 -9.40 34.37
N ILE L 204 1.47 -9.13 35.12
CA ILE L 204 0.85 -10.20 35.87
C ILE L 204 0.19 -11.19 34.93
N TYR L 205 -0.29 -10.70 33.81
CA TYR L 205 -0.88 -11.60 32.88
C TYR L 205 0.21 -12.50 32.31
N ARG L 206 1.38 -11.93 32.04
CA ARG L 206 2.43 -12.68 31.36
C ARG L 206 3.30 -13.56 32.24
N ILE L 207 3.73 -13.05 33.39
CA ILE L 207 4.41 -13.85 34.39
C ILE L 207 3.68 -15.14 34.60
N THR L 208 2.44 -15.02 35.03
CA THR L 208 1.57 -16.16 35.27
C THR L 208 1.18 -16.75 33.92
N ARG L 209 1.19 -18.07 33.85
CA ARG L 209 0.87 -18.80 32.63
C ARG L 209 2.10 -18.82 31.72
N ALA L 210 3.17 -18.16 32.17
CA ALA L 210 4.41 -18.13 31.43
C ALA L 210 4.87 -19.57 31.42
N PRO L 211 4.68 -20.20 32.58
CA PRO L 211 5.04 -21.60 32.76
C PRO L 211 3.82 -22.48 32.54
N ASP L 212 3.92 -23.55 31.76
CA ASP L 212 2.73 -24.37 31.52
C ASP L 212 2.39 -25.11 32.80
N ARG L 213 1.13 -25.03 33.18
CA ARG L 213 0.66 -25.71 34.39
C ARG L 213 -0.26 -26.84 33.98
N ARG L 214 -0.17 -27.95 34.69
CA ARG L 214 -0.99 -29.10 34.35
C ARG L 214 -1.61 -29.70 35.60
N VAL L 215 -2.92 -29.93 35.56
CA VAL L 215 -3.63 -30.51 36.69
C VAL L 215 -3.89 -31.99 36.47
N TRP L 216 -3.24 -32.83 37.27
CA TRP L 216 -3.30 -34.28 37.09
C TRP L 216 -4.39 -34.90 37.95
N TYR L 217 -5.47 -35.35 37.34
CA TYR L 217 -6.50 -36.02 38.12
C TYR L 217 -6.28 -37.53 38.06
N VAL L 218 -5.98 -38.14 39.21
CA VAL L 218 -5.92 -39.60 39.32
C VAL L 218 -6.91 -40.06 40.39
N ASP L 219 -7.69 -41.10 40.10
CA ASP L 219 -8.78 -41.48 40.99
C ASP L 219 -8.48 -42.73 41.82
N THR L 220 -9.09 -42.80 43.01
CA THR L 220 -9.01 -43.96 43.89
C THR L 220 -10.31 -44.09 44.67
N GLY L 221 -11.14 -45.07 44.30
CA GLY L 221 -12.40 -45.28 44.98
C GLY L 221 -12.32 -46.32 46.09
N ASN L 222 -12.94 -46.01 47.21
CA ASN L 222 -13.11 -46.95 48.32
C ASN L 222 -11.79 -47.38 48.99
N MET L 223 -10.89 -46.43 49.20
CA MET L 223 -9.71 -46.68 50.02
C MET L 223 -9.48 -45.46 50.91
N PRO L 224 -9.20 -45.71 52.20
CA PRO L 224 -9.10 -44.64 53.21
C PRO L 224 -8.04 -43.61 52.82
N ALA L 225 -8.27 -42.34 53.19
CA ALA L 225 -7.33 -41.27 52.87
C ALA L 225 -5.96 -41.49 53.50
N ARG L 226 -5.93 -42.29 54.57
CA ARG L 226 -4.69 -42.66 55.22
C ARG L 226 -3.78 -43.46 54.29
N LYS L 227 -4.38 -44.36 53.51
CA LYS L 227 -3.60 -45.24 52.63
C LYS L 227 -3.83 -44.90 51.14
N ALA L 228 -4.81 -44.05 50.86
CA ALA L 228 -5.05 -43.58 49.50
C ALA L 228 -3.96 -42.61 49.09
N ALA L 229 -3.51 -41.80 50.04
CA ALA L 229 -2.45 -40.85 49.81
C ALA L 229 -1.14 -41.56 49.47
N GLU L 230 -1.02 -42.83 49.83
CA GLU L 230 0.15 -43.63 49.50
C GLU L 230 0.17 -43.97 48.02
N HIS L 231 -1.01 -43.95 47.38
CA HIS L 231 -1.13 -44.15 45.94
C HIS L 231 -0.89 -42.82 45.23
N MET L 232 -0.69 -41.77 46.02
CA MET L 232 -0.34 -40.47 45.48
C MET L 232 1.15 -40.19 45.69
N GLN L 233 1.73 -40.77 46.74
CA GLN L 233 3.15 -40.61 46.99
C GLN L 233 3.99 -41.31 45.92
N HIS L 234 3.38 -42.25 45.21
CA HIS L 234 4.09 -43.04 44.20
C HIS L 234 4.09 -42.41 42.81
N VAL L 235 3.08 -41.60 42.50
CA VAL L 235 3.03 -40.94 41.19
C VAL L 235 3.87 -39.66 41.18
N MET L 236 4.29 -39.20 42.36
CA MET L 236 5.23 -38.09 42.43
C MET L 236 6.66 -38.62 42.26
N ASN L 237 7.08 -39.49 43.17
CA ASN L 237 8.45 -40.01 43.20
C ASN L 237 8.87 -40.77 41.94
N THR L 238 7.95 -40.93 40.98
CA THR L 238 8.24 -41.65 39.74
C THR L 238 8.11 -40.77 38.50
N MET L 239 7.34 -39.68 38.58
CA MET L 239 7.02 -38.91 37.39
C MET L 239 7.09 -37.40 37.62
N LYS L 240 7.56 -36.99 38.79
CA LYS L 240 7.67 -35.57 39.12
C LYS L 240 8.76 -34.91 38.30
N ASN L 241 8.53 -33.67 37.84
CA ASN L 241 9.54 -33.00 37.04
C ASN L 241 10.37 -31.94 37.77
N ARG L 242 11.69 -32.13 37.76
CA ARG L 242 12.61 -31.21 38.42
C ARG L 242 13.22 -30.15 37.48
N VAL L 243 12.91 -30.25 36.20
CA VAL L 243 13.43 -29.29 35.22
C VAL L 243 13.19 -27.85 35.70
N VAL L 244 14.27 -27.06 35.76
CA VAL L 244 14.22 -25.69 36.25
C VAL L 244 14.92 -24.72 35.30
N TYR L 245 14.54 -23.45 35.34
CA TYR L 245 15.24 -22.40 34.63
C TYR L 245 15.61 -21.29 35.59
N ASP L 246 16.90 -21.00 35.72
CA ASP L 246 17.34 -19.98 36.67
C ASP L 246 17.78 -18.71 35.98
N ALA L 247 17.31 -17.57 36.49
CA ALA L 247 17.50 -16.26 35.87
C ALA L 247 18.89 -15.65 36.11
N SER L 248 19.69 -16.29 36.96
CA SER L 248 21.07 -15.86 37.16
C SER L 248 21.85 -16.12 35.87
N THR L 249 21.98 -17.40 35.55
CA THR L 249 22.62 -17.86 34.35
C THR L 249 21.48 -18.60 33.69
N GLY L 250 21.23 -18.35 32.41
CA GLY L 250 20.10 -18.99 31.77
C GLY L 250 20.41 -20.41 31.31
N LYS L 251 20.56 -21.33 32.26
CA LYS L 251 20.82 -22.70 31.89
C LYS L 251 19.72 -23.52 32.53
N ILE L 252 19.58 -24.76 32.08
CA ILE L 252 18.54 -25.61 32.63
C ILE L 252 19.17 -26.59 33.61
N LYS L 253 19.04 -26.26 34.89
CA LYS L 253 19.72 -26.95 35.97
C LYS L 253 19.40 -28.44 36.04
N ASN L 254 20.37 -29.24 36.49
CA ASN L 254 20.24 -30.69 36.59
C ASN L 254 19.94 -31.38 35.27
N GLN L 255 20.20 -30.68 34.17
CA GLN L 255 20.03 -31.28 32.85
C GLN L 255 21.26 -31.03 31.97
N GLN L 256 22.36 -31.67 32.33
CA GLN L 256 23.58 -31.56 31.56
C GLN L 256 24.01 -32.98 31.18
N HIS L 257 24.21 -33.21 29.89
CA HIS L 257 24.10 -32.17 28.88
C HIS L 257 23.12 -32.54 27.76
N ASN L 258 22.62 -31.52 27.08
CA ASN L 258 21.66 -31.64 25.98
C ASN L 258 20.22 -31.60 26.46
N MET L 259 19.28 -31.58 25.51
CA MET L 259 17.86 -31.52 25.84
C MET L 259 17.03 -32.65 25.24
N SER L 260 16.17 -33.24 26.06
CA SER L 260 15.28 -34.31 25.65
C SER L 260 14.55 -33.85 24.40
N MET L 261 14.50 -34.71 23.40
CA MET L 261 13.77 -34.39 22.19
C MET L 261 12.29 -34.43 22.50
N THR L 262 11.88 -35.29 23.44
CA THR L 262 10.47 -35.40 23.78
C THR L 262 10.22 -36.05 25.15
N GLU L 263 9.06 -35.77 25.74
CA GLU L 263 8.70 -36.26 27.08
C GLU L 263 7.81 -37.48 27.08
N ASP L 264 7.66 -38.09 28.25
CA ASP L 264 6.85 -39.31 28.34
C ASP L 264 6.25 -39.53 29.74
N TYR L 265 4.96 -39.24 29.89
CA TYR L 265 4.28 -39.40 31.16
C TYR L 265 3.32 -40.60 31.10
N TRP L 266 3.31 -41.42 32.16
CA TRP L 266 2.57 -42.70 32.17
C TRP L 266 1.52 -42.87 33.28
N LEU L 267 0.24 -42.69 32.93
CA LEU L 267 -0.85 -42.76 33.89
C LEU L 267 -1.75 -43.97 33.62
N GLN L 268 -2.33 -44.53 34.67
CA GLN L 268 -3.11 -45.77 34.56
C GLN L 268 -4.49 -45.64 35.17
N ARG L 269 -5.48 -45.44 34.31
CA ARG L 269 -6.87 -45.39 34.73
C ARG L 269 -7.27 -46.77 35.27
N ARG L 270 -7.23 -46.92 36.59
CA ARG L 270 -7.45 -48.22 37.23
C ARG L 270 -8.82 -48.82 36.92
N ASP L 271 -9.85 -47.97 36.87
CA ASP L 271 -11.19 -48.39 36.46
C ASP L 271 -11.24 -48.62 34.97
N GLY L 272 -12.29 -49.27 34.50
CA GLY L 272 -12.51 -49.39 33.07
C GLY L 272 -13.24 -48.18 32.52
N LYS L 273 -12.75 -46.98 32.83
CA LYS L 273 -13.37 -45.74 32.34
C LYS L 273 -12.44 -44.52 32.41
N ALA L 274 -12.61 -43.62 31.44
CA ALA L 274 -11.66 -42.53 31.18
C ALA L 274 -11.76 -41.36 32.16
N VAL L 275 -11.26 -41.55 33.37
CA VAL L 275 -11.40 -40.53 34.40
C VAL L 275 -10.06 -39.92 34.88
N THR L 276 -8.96 -40.65 34.68
CA THR L 276 -7.63 -40.14 35.03
C THR L 276 -6.93 -39.50 33.82
N GLU L 277 -6.62 -38.20 33.95
CA GLU L 277 -6.05 -37.47 32.83
C GLU L 277 -5.39 -36.16 33.22
N VAL L 278 -4.55 -35.67 32.31
CA VAL L 278 -3.91 -34.38 32.45
C VAL L 278 -4.65 -33.35 31.60
N ASP L 279 -5.10 -32.29 32.24
CA ASP L 279 -5.70 -31.19 31.51
C ASP L 279 -4.83 -29.95 31.69
N THR L 280 -4.11 -29.61 30.63
CA THR L 280 -3.33 -28.40 30.64
C THR L 280 -4.23 -27.19 30.83
N LEU L 281 -3.81 -26.29 31.72
CA LEU L 281 -4.50 -25.01 31.91
C LEU L 281 -4.06 -24.05 30.80
N PRO L 282 -4.97 -23.12 30.41
CA PRO L 282 -4.78 -22.31 29.20
C PRO L 282 -3.43 -21.62 29.12
N GLY L 283 -2.93 -21.48 27.90
CA GLY L 283 -1.72 -20.71 27.68
C GLY L 283 -2.12 -19.27 27.48
N ALA L 284 -1.23 -18.37 27.88
CA ALA L 284 -1.44 -16.94 27.71
C ALA L 284 -1.31 -16.55 26.25
N ASP L 285 -2.41 -16.61 25.51
CA ASP L 285 -2.40 -16.23 24.11
C ASP L 285 -2.35 -14.73 24.09
N ASN L 286 -1.42 -14.17 23.32
CA ASN L 286 -1.30 -12.73 23.25
C ASN L 286 -2.20 -12.07 22.22
N THR L 287 -3.50 -12.04 22.47
CA THR L 287 -4.37 -11.39 21.51
C THR L 287 -4.08 -9.88 21.54
N GLY L 288 -4.11 -9.29 22.74
CA GLY L 288 -3.75 -7.88 22.97
C GLY L 288 -2.49 -7.47 22.23
N ASN L 289 -2.54 -6.62 21.20
CA ASN L 289 -3.60 -5.64 20.83
C ASN L 289 -3.56 -4.47 21.81
N MET L 290 -2.35 -4.13 22.28
CA MET L 290 -2.19 -3.18 23.39
C MET L 290 -2.04 -1.70 23.01
N GLU L 291 -3.15 -1.05 22.65
CA GLU L 291 -3.18 0.40 22.44
C GLU L 291 -3.76 1.04 23.68
N ASP L 292 -3.67 0.32 24.79
CA ASP L 292 -4.40 0.63 26.01
C ASP L 292 -3.63 1.45 27.04
N ILE L 293 -2.53 0.89 27.51
CA ILE L 293 -1.54 1.61 28.30
C ILE L 293 -1.00 2.80 27.50
N ARG L 294 -0.82 2.62 26.20
CA ARG L 294 -0.40 3.74 25.39
C ARG L 294 -1.39 4.88 25.45
N TRP L 295 -2.59 4.62 25.98
CA TRP L 295 -3.58 5.69 26.17
C TRP L 295 -3.28 6.45 27.44
N PHE L 296 -3.11 5.70 28.52
CA PHE L 296 -2.96 6.28 29.85
C PHE L 296 -1.60 6.88 30.10
N ARG L 297 -0.63 6.56 29.25
CA ARG L 297 0.63 7.22 29.42
C ARG L 297 0.53 8.60 28.78
N GLN L 298 -0.21 8.74 27.69
CA GLN L 298 -0.37 10.07 27.12
C GLN L 298 -1.22 10.96 28.04
N ALA L 299 -2.07 10.33 28.84
CA ALA L 299 -2.84 11.08 29.82
C ALA L 299 -1.88 11.61 30.86
N LEU L 300 -1.34 10.73 31.72
CA LEU L 300 -0.43 11.15 32.79
C LEU L 300 0.56 12.22 32.37
N TYR L 301 0.94 12.18 31.09
CA TYR L 301 1.86 13.14 30.54
C TYR L 301 1.24 14.52 30.22
N MET L 302 -0.08 14.57 30.01
CA MET L 302 -0.77 15.83 29.77
C MET L 302 -1.15 16.43 31.07
N ALA L 303 -1.20 15.57 32.07
CA ALA L 303 -1.66 15.99 33.36
C ALA L 303 -0.52 16.57 34.15
N LEU L 304 0.70 16.26 33.75
CA LEU L 304 1.90 16.76 34.42
C LEU L 304 2.11 18.25 34.23
N ARG L 305 1.81 18.73 33.02
CA ARG L 305 2.00 20.13 32.64
C ARG L 305 3.25 20.30 31.76
N VAL L 306 3.97 19.22 31.54
CA VAL L 306 5.12 19.26 30.67
C VAL L 306 4.60 19.10 29.24
N PRO L 307 5.08 19.93 28.30
CA PRO L 307 4.64 19.87 26.89
C PRO L 307 4.85 18.51 26.28
N LEU L 308 3.99 18.08 25.37
CA LEU L 308 4.13 16.75 24.79
C LEU L 308 5.23 16.71 23.74
N SER L 309 5.68 17.89 23.31
CA SER L 309 6.68 17.98 22.24
C SER L 309 8.08 17.60 22.76
N ARG L 310 8.20 17.34 24.06
CA ARG L 310 9.42 16.81 24.57
C ARG L 310 9.20 15.49 23.86
N ILE L 311 10.23 14.72 23.54
CA ILE L 311 10.01 13.46 22.78
C ILE L 311 9.71 12.14 23.52
N PRO L 312 8.45 11.98 24.10
CA PRO L 312 8.25 10.67 24.74
C PRO L 312 8.22 9.54 23.71
N GLN L 313 7.57 9.81 22.59
CA GLN L 313 7.44 8.83 21.50
C GLN L 313 8.77 8.60 20.80
N ASP L 314 8.89 7.47 20.12
CA ASP L 314 10.11 7.13 19.42
C ASP L 314 10.36 8.22 18.38
N GLN L 315 9.30 8.69 17.74
CA GLN L 315 9.42 9.75 16.76
C GLN L 315 10.44 9.46 15.67
N GLN L 316 10.37 8.29 15.06
CA GLN L 316 11.32 7.95 14.01
C GLN L 316 11.16 9.02 12.94
N GLY L 317 12.28 9.51 12.42
CA GLY L 317 12.26 10.58 11.44
C GLY L 317 11.41 11.72 11.96
N GLY L 318 10.36 12.09 11.23
CA GLY L 318 10.01 11.49 9.94
C GLY L 318 10.94 11.65 8.74
N VAL L 319 11.44 12.84 8.46
CA VAL L 319 11.24 14.04 9.26
C VAL L 319 10.08 14.90 8.75
N MET L 320 9.84 16.01 9.43
CA MET L 320 8.63 16.83 9.19
C MET L 320 8.48 17.49 7.80
N PHE L 321 9.48 18.23 7.29
CA PHE L 321 10.82 18.39 7.83
C PHE L 321 11.32 19.83 7.80
N ASP L 322 12.26 20.14 8.68
CA ASP L 322 12.95 21.43 8.68
C ASP L 322 14.32 21.27 9.35
N SER L 323 15.28 22.09 8.95
CA SER L 323 16.64 21.98 9.46
C SER L 323 16.76 22.54 10.87
N GLY L 324 15.89 23.49 11.20
CA GLY L 324 15.87 24.09 12.53
C GLY L 324 14.49 23.98 13.15
N THR L 325 14.41 23.28 14.28
CA THR L 325 13.12 23.06 14.95
C THR L 325 12.54 24.38 15.43
N SER L 326 11.28 24.60 15.10
CA SER L 326 10.61 25.88 15.34
C SER L 326 9.97 25.97 16.71
N ILE L 327 9.55 27.17 17.07
CA ILE L 327 8.78 27.36 18.29
C ILE L 327 7.33 26.97 18.03
N THR L 328 6.89 25.90 18.65
CA THR L 328 5.50 25.47 18.54
C THR L 328 4.68 26.33 19.48
N ARG L 329 3.36 26.15 19.52
CA ARG L 329 2.58 26.92 20.47
C ARG L 329 2.60 26.19 21.80
N ASP L 330 2.80 24.87 21.73
CA ASP L 330 2.97 24.03 22.92
C ASP L 330 4.05 24.57 23.81
N GLU L 331 5.27 24.57 23.29
CA GLU L 331 6.45 25.01 24.01
C GLU L 331 6.31 26.43 24.50
N LEU L 332 5.74 27.27 23.66
CA LEU L 332 5.52 28.68 23.99
C LEU L 332 4.58 28.85 25.19
N THR L 333 3.52 28.04 25.22
CA THR L 333 2.59 27.99 26.37
C THR L 333 3.35 27.73 27.66
N PHE L 334 4.10 26.63 27.66
CA PHE L 334 4.85 26.15 28.82
C PHE L 334 5.80 27.18 29.40
N ALA L 335 6.43 27.99 28.56
CA ALA L 335 7.34 29.00 29.07
C ALA L 335 6.49 29.88 29.99
N LYS L 336 5.26 30.14 29.55
CA LYS L 336 4.31 30.96 30.31
C LYS L 336 3.93 30.29 31.65
N PHE L 337 3.72 28.99 31.64
CA PHE L 337 3.35 28.26 32.86
C PHE L 337 4.49 28.39 33.87
N ILE L 338 5.71 28.25 33.36
CA ILE L 338 6.93 28.42 34.15
C ILE L 338 7.05 29.80 34.72
N ARG L 339 7.11 30.81 33.85
CA ARG L 339 7.32 32.16 34.32
C ARG L 339 6.20 32.58 35.24
N GLU L 340 5.12 31.81 35.30
CA GLU L 340 4.12 32.04 36.33
C GLU L 340 4.53 31.40 37.65
N LEU L 341 5.16 30.22 37.56
CA LEU L 341 5.71 29.56 38.75
C LEU L 341 6.73 30.45 39.43
N GLN L 342 7.82 30.73 38.71
CA GLN L 342 8.88 31.62 39.18
C GLN L 342 8.34 32.83 39.92
N HIS L 343 7.17 33.32 39.50
CA HIS L 343 6.53 34.43 40.19
C HIS L 343 5.80 34.03 41.46
N LYS L 344 5.74 32.73 41.75
CA LYS L 344 5.16 32.25 43.00
C LYS L 344 6.27 31.93 43.97
N PHE L 345 7.35 31.39 43.42
CA PHE L 345 8.58 31.10 44.13
C PHE L 345 9.39 32.39 44.22
N GLU L 346 8.84 33.47 43.65
CA GLU L 346 9.41 34.80 43.82
C GLU L 346 9.39 35.17 45.30
N GLU L 347 8.35 34.71 45.98
CA GLU L 347 8.11 35.02 47.37
C GLU L 347 9.28 34.68 48.27
N VAL L 348 9.91 33.53 48.04
CA VAL L 348 10.99 33.06 48.91
C VAL L 348 12.21 33.96 48.89
N PHE L 349 12.19 34.98 48.03
CA PHE L 349 13.28 35.94 47.99
C PHE L 349 12.88 37.29 48.61
N LEU L 350 11.62 37.67 48.47
CA LEU L 350 11.21 39.01 48.84
C LEU L 350 10.82 39.18 50.31
N ASP L 351 10.46 38.11 51.02
CA ASP L 351 10.26 38.26 52.46
C ASP L 351 11.47 37.85 53.32
N PRO L 352 12.49 37.18 52.74
CA PRO L 352 13.68 37.25 53.59
C PRO L 352 14.42 38.58 53.39
N LEU L 353 14.25 39.18 52.22
CA LEU L 353 14.92 40.44 51.90
C LEU L 353 14.25 41.63 52.61
N LYS L 354 12.92 41.76 52.47
CA LYS L 354 12.22 42.92 53.01
C LYS L 354 12.25 42.97 54.54
N THR L 355 12.24 41.82 55.19
CA THR L 355 12.34 41.79 56.64
C THR L 355 13.78 41.97 57.09
N ASN L 356 14.73 41.81 56.16
CA ASN L 356 16.14 42.02 56.44
C ASN L 356 16.55 43.43 56.05
N LEU L 357 15.74 44.05 55.18
CA LEU L 357 15.96 45.42 54.72
C LEU L 357 15.13 46.39 55.57
N LEU L 358 14.62 45.89 56.67
CA LEU L 358 13.87 46.65 57.65
C LEU L 358 14.54 46.39 58.99
N LEU L 359 14.95 45.14 59.18
CA LEU L 359 15.79 44.75 60.31
C LEU L 359 17.06 45.58 60.29
N LYS L 360 17.68 45.66 59.11
CA LYS L 360 18.96 46.36 58.94
C LYS L 360 18.82 47.87 58.93
N GLY L 361 17.68 48.35 58.47
CA GLY L 361 17.44 49.78 58.38
C GLY L 361 17.18 50.21 56.96
N ILE L 362 17.64 51.40 56.60
CA ILE L 362 17.35 52.02 55.30
C ILE L 362 15.82 52.16 55.11
N ILE L 363 15.26 51.57 54.06
CA ILE L 363 13.85 51.78 53.70
C ILE L 363 12.84 51.21 54.70
N THR L 364 11.82 51.99 55.03
CA THR L 364 10.75 51.52 55.92
C THR L 364 9.65 50.79 55.15
N GLU L 365 8.73 50.17 55.89
CA GLU L 365 7.62 49.44 55.29
C GLU L 365 6.69 50.37 54.50
N ASP L 366 6.53 51.60 54.98
CA ASP L 366 5.65 52.57 54.33
C ASP L 366 6.20 53.07 52.99
N GLU L 367 7.51 52.88 52.78
CA GLU L 367 8.14 53.23 51.52
C GLU L 367 8.10 52.06 50.55
N TRP L 368 8.24 50.87 51.10
CA TRP L 368 8.27 49.63 50.33
C TRP L 368 7.00 49.40 49.51
N ASN L 369 5.86 49.77 50.08
CA ASN L 369 4.56 49.52 49.46
C ASN L 369 4.42 50.07 48.05
N ASP L 370 5.11 51.19 47.78
CA ASP L 370 5.00 51.86 46.49
C ASP L 370 5.95 51.27 45.46
N GLU L 371 7.05 50.69 45.94
CA GLU L 371 8.08 50.15 45.07
C GLU L 371 7.63 48.87 44.34
N ILE L 372 6.70 48.14 44.95
CA ILE L 372 6.18 46.93 44.32
C ILE L 372 4.66 46.85 44.41
N ASN L 373 3.96 47.22 43.35
CA ASN L 373 4.56 47.75 42.11
C ASN L 373 5.56 46.82 41.43
N ASN L 374 6.72 47.37 41.09
CA ASN L 374 7.76 46.61 40.42
C ASN L 374 9.14 46.70 41.06
N ILE L 375 9.55 45.58 41.64
CA ILE L 375 10.96 45.33 41.95
C ILE L 375 11.24 43.90 41.45
N LYS L 376 11.25 43.76 40.12
CA LYS L 376 11.29 42.48 39.45
C LYS L 376 12.49 41.62 39.83
N ILE L 377 12.24 40.35 40.13
CA ILE L 377 13.29 39.36 40.28
C ILE L 377 13.40 38.53 39.01
N GLU L 378 14.41 38.83 38.21
CA GLU L 378 14.63 38.10 36.96
C GLU L 378 15.30 36.76 37.17
N PHE L 379 14.60 35.69 36.83
CA PHE L 379 15.29 34.41 36.66
C PHE L 379 16.00 34.44 35.32
N HIS L 380 17.08 33.68 35.20
CA HIS L 380 17.77 33.57 33.93
C HIS L 380 17.11 32.47 33.16
N ARG L 381 16.91 32.65 31.85
CA ARG L 381 16.34 31.60 31.00
C ARG L 381 17.45 30.74 30.45
N ASP L 382 17.13 29.84 29.51
CA ASP L 382 18.21 29.10 28.88
C ASP L 382 18.78 29.92 27.75
N SER L 383 20.07 30.23 27.88
CA SER L 383 20.82 30.96 26.88
C SER L 383 20.60 30.44 25.46
N TYR L 384 20.49 29.12 25.32
CA TYR L 384 20.39 28.55 23.98
C TYR L 384 19.06 28.81 23.30
N PHE L 385 17.97 28.82 24.03
CA PHE L 385 16.67 28.91 23.35
C PHE L 385 16.08 30.30 23.39
N ALA L 386 16.78 31.19 24.07
CA ALA L 386 16.53 32.59 23.86
C ALA L 386 16.91 32.85 22.41
N GLU L 387 18.13 32.47 22.04
CA GLU L 387 18.60 32.61 20.66
C GLU L 387 17.68 31.91 19.68
N LEU L 388 17.47 30.62 19.88
CA LEU L 388 16.76 29.81 18.91
C LEU L 388 15.28 30.20 18.76
N LYS L 389 14.77 30.97 19.70
CA LYS L 389 13.46 31.62 19.54
C LYS L 389 13.61 32.93 18.79
N GLU L 390 14.50 33.79 19.29
CA GLU L 390 14.80 35.08 18.67
C GLU L 390 15.44 34.96 17.30
N ALA L 391 15.46 33.75 16.75
CA ALA L 391 16.02 33.57 15.44
C ALA L 391 14.92 33.30 14.46
N GLU L 392 13.77 32.86 14.96
CA GLU L 392 12.61 32.65 14.11
C GLU L 392 11.77 33.91 14.01
N ILE L 393 11.68 34.63 15.13
CA ILE L 393 11.10 35.97 15.14
C ILE L 393 11.80 36.83 14.10
N LEU L 394 13.12 36.93 14.21
CA LEU L 394 13.90 37.77 13.31
C LEU L 394 13.99 37.21 11.89
N GLU L 395 13.90 35.89 11.73
CA GLU L 395 13.87 35.29 10.41
C GLU L 395 12.61 35.72 9.63
N ARG L 396 11.49 35.78 10.33
CA ARG L 396 10.22 36.16 9.72
C ARG L 396 10.11 37.65 9.45
N ARG L 397 10.72 38.47 10.30
CA ARG L 397 10.65 39.91 10.13
C ARG L 397 11.49 40.35 8.97
N ILE L 398 12.53 39.59 8.66
CA ILE L 398 13.32 39.93 7.49
C ILE L 398 12.64 39.37 6.24
N ASN L 399 11.98 38.23 6.38
CA ASN L 399 11.28 37.62 5.26
C ASN L 399 10.11 38.48 4.78
N MET L 400 9.47 39.13 5.74
CA MET L 400 8.45 40.16 5.45
C MET L 400 9.12 41.33 4.76
N LEU L 401 10.22 41.78 5.34
CA LEU L 401 10.87 42.99 4.89
C LEU L 401 11.47 42.85 3.48
N THR L 402 11.93 41.67 3.10
CA THR L 402 12.42 41.47 1.73
C THR L 402 11.22 41.47 0.79
N MET L 403 10.13 40.86 1.27
CA MET L 403 8.93 40.65 0.50
C MET L 403 8.17 41.95 0.23
N ALA L 404 8.09 42.80 1.24
CA ALA L 404 7.43 44.09 1.11
C ALA L 404 8.44 45.20 0.95
N GLU L 405 9.48 44.93 0.18
CA GLU L 405 10.56 45.91 -0.01
C GLU L 405 10.39 46.89 -1.19
N PRO L 406 9.91 46.42 -2.36
CA PRO L 406 9.91 47.40 -3.46
C PRO L 406 8.95 48.54 -3.21
N PHE L 407 8.02 48.35 -2.28
CA PHE L 407 7.03 49.35 -1.95
C PHE L 407 7.47 50.29 -0.82
N ILE L 408 8.63 50.05 -0.22
CA ILE L 408 9.02 50.82 0.97
C ILE L 408 9.39 52.25 0.58
N GLY L 409 9.71 52.47 -0.68
CA GLY L 409 9.86 53.84 -1.11
C GLY L 409 8.52 54.48 -1.42
N LYS L 410 7.62 53.71 -2.03
CA LYS L 410 6.42 54.26 -2.63
C LYS L 410 5.24 54.44 -1.69
N TYR L 411 5.00 53.47 -0.81
CA TYR L 411 3.75 53.50 -0.04
C TYR L 411 3.92 53.66 1.47
N ILE L 412 4.71 52.78 2.07
CA ILE L 412 5.04 52.82 3.51
C ILE L 412 6.40 53.49 3.72
N SER L 413 6.51 54.43 4.65
CA SER L 413 7.79 55.12 4.82
C SER L 413 8.89 54.17 5.24
N HIS L 414 10.13 54.67 5.31
CA HIS L 414 11.19 53.86 5.87
C HIS L 414 10.99 53.78 7.39
N ARG L 415 10.78 54.91 8.02
CA ARG L 415 10.50 54.96 9.44
C ARG L 415 9.33 54.07 9.82
N THR L 416 8.32 54.04 8.97
CA THR L 416 7.09 53.36 9.29
C THR L 416 7.24 51.85 9.25
N ALA L 417 8.00 51.35 8.29
CA ALA L 417 8.26 49.91 8.22
C ALA L 417 9.22 49.47 9.32
N MET L 418 10.26 50.27 9.51
CA MET L 418 11.29 49.99 10.51
C MET L 418 10.70 49.80 11.89
N LYS L 419 9.51 50.34 12.13
CA LYS L 419 8.92 50.37 13.46
C LYS L 419 7.71 49.43 13.58
N ASP L 420 7.25 48.89 12.46
CA ASP L 420 6.15 47.94 12.51
C ASP L 420 6.40 46.67 11.67
N ILE L 421 7.46 46.65 10.88
CA ILE L 421 7.89 45.40 10.24
C ILE L 421 9.04 44.82 11.06
N LEU L 422 9.85 45.69 11.65
CA LEU L 422 10.95 45.23 12.50
C LEU L 422 10.62 45.26 13.98
N GLN L 423 9.54 45.97 14.33
CA GLN L 423 9.05 46.05 15.70
C GLN L 423 10.06 46.70 16.64
N MET L 424 10.93 47.55 16.09
CA MET L 424 11.83 48.32 16.91
C MET L 424 11.05 49.41 17.66
N THR L 425 11.78 50.23 18.41
CA THR L 425 11.19 51.43 18.99
C THR L 425 11.99 52.65 18.57
N ASP L 426 11.47 53.83 18.90
CA ASP L 426 12.01 55.10 18.41
C ASP L 426 13.46 55.36 18.84
N GLU L 427 13.72 55.25 20.14
CA GLU L 427 15.04 55.56 20.66
C GLU L 427 16.07 54.51 20.22
N GLU L 428 15.58 53.38 19.70
CA GLU L 428 16.47 52.38 19.10
C GLU L 428 16.88 52.82 17.69
N ILE L 429 15.96 53.45 16.97
CA ILE L 429 16.26 54.01 15.67
C ILE L 429 17.09 55.29 15.83
N GLU L 430 16.71 56.11 16.80
CA GLU L 430 17.49 57.30 17.13
C GLU L 430 18.96 56.92 17.39
N GLN L 431 19.15 56.07 18.40
CA GLN L 431 20.46 55.60 18.80
C GLN L 431 21.25 55.01 17.62
N GLU L 432 20.56 54.22 16.79
CA GLU L 432 21.23 53.56 15.70
C GLU L 432 21.61 54.51 14.58
N ALA L 433 20.70 55.42 14.22
CA ALA L 433 20.95 56.36 13.14
C ALA L 433 22.22 57.19 13.38
N LYS L 434 22.42 57.60 14.64
CA LYS L 434 23.63 58.30 15.03
C LYS L 434 24.85 57.40 14.94
N GLN L 435 24.69 56.17 15.43
CA GLN L 435 25.77 55.19 15.47
C GLN L 435 26.29 54.84 14.07
N ILE L 436 25.36 54.55 13.18
CA ILE L 436 25.66 54.03 11.85
C ILE L 436 26.43 55.03 10.99
N GLU L 437 26.50 56.28 11.43
CA GLU L 437 27.23 57.30 10.69
C GLU L 437 28.73 57.00 10.64
N GLU L 438 29.28 56.51 11.76
CA GLU L 438 30.73 56.34 11.87
C GLU L 438 31.17 55.03 11.24
N GLU L 439 30.24 54.09 11.12
CA GLU L 439 30.48 52.87 10.36
C GLU L 439 30.94 53.23 8.95
N SER L 440 30.36 54.30 8.43
CA SER L 440 30.66 54.76 7.07
C SER L 440 31.87 55.68 7.06
N LYS L 441 32.70 55.60 8.09
CA LYS L 441 33.88 56.47 8.16
C LYS L 441 35.22 55.81 8.51
N GLU L 442 35.83 55.07 7.58
CA GLU L 442 35.26 54.78 6.27
C GLU L 442 35.27 53.26 6.08
N ALA L 443 36.41 52.67 6.42
CA ALA L 443 36.64 51.22 6.33
C ALA L 443 35.87 50.52 7.45
N ARG L 444 35.69 49.22 7.36
CA ARG L 444 36.21 48.36 6.29
C ARG L 444 35.13 47.86 5.34
N PHE L 445 33.91 48.35 5.48
CA PHE L 445 32.79 47.81 4.74
C PHE L 445 32.49 48.53 3.42
N GLN L 446 33.27 49.56 3.12
CA GLN L 446 33.07 50.30 1.88
C GLN L 446 33.51 49.44 0.69
N ASP L 447 32.55 49.06 -0.16
CA ASP L 447 32.81 48.13 -1.26
C ASP L 447 32.98 48.85 -2.61
#